data_8U1H
#
_entry.id   8U1H
#
_cell.length_a   1.00
_cell.length_b   1.00
_cell.length_c   1.00
_cell.angle_alpha   90.00
_cell.angle_beta   90.00
_cell.angle_gamma   90.00
#
_symmetry.space_group_name_H-M   'P 1'
#
loop_
_entity.id
_entity.type
_entity.pdbx_description
1 polymer 'ATP synthase subunit alpha'
2 polymer 'ATP synthase subunit beta'
3 polymer 'ATP synthase gamma chain'
4 non-polymer 'PHOSPHOAMINOPHOSPHONIC ACID-ADENYLATE ESTER'
5 non-polymer 'MAGNESIUM ION'
6 non-polymer "ADENOSINE-5'-DIPHOSPHATE"
7 non-polymer 'PHOSPHATE ION'
#
loop_
_entity_poly.entity_id
_entity_poly.type
_entity_poly.pdbx_seq_one_letter_code
_entity_poly.pdbx_strand_id
1 'polypeptide(L)'
;MSIRAEEISALIKQQIENYESQIQVSDVGTVIQVGDGIARAHGLDNVMSGELVEFANGVMGMALNLEENNVGIVILGPYT
GIKEGDEVRRTGRIMEVPVGEALIGRVVNPLGQPVDGLGPVETTETRPIESRAPGVMDRRSVHEPLQTGIKAIDALVPIG
RGQRELIIGDRQTGKTSVAIDTIINQKDQNMISIYVAIGQKESTVRTVVETLRKHGALDYTIVVTASASQPAPLLFLAPY
AGVAMGEYFMYKGKHVLVVYDDLSKQAAAYRELSLLLRRPPGREAYPGDIFYLHSRLLERAAKLSDAKGGGSLTALPFVE
TQAGDISAYIPTNVISITDGQIFLQSDLFFSGVRPAINAGLSVSRVGGAAQIKAMKKVAGTLRLDLAAYRELEAFAQFGS
DLDKATQAKLARGARTVEVLKQDLHQPIPVEKQVLIIYALTRGFLDDIPVEDVRRFEKEFYLFLDQNGQHLLEHIRTTKD
LPNEDDLNKAIEAFKKTFVVSQ
;
A,B,C
2 'polypeptide(L)'
;MHHHHHHHHHHMTRGRVIQVMGPVVDVKFENGHLPAIYNALKIQHKARNENEVDIDLTLEVALHLGDDTVRTIAMASTDG
LIRGMEVIDTGAPISVPVGEVTLGRVFNVLGEPIDLEGDIPADARRDPIHRPAPKFEELATEVEILETGIKVVDLLAPYI
KGGKIGLFGGAGVGKTVLIQELIHNIAQEHGGISVFAGVGERTREGNDLYHEMKDSGVISKTAMVFGQMNEPPGARMRVA
LTGLTMAEYFRDEQGQDVLLFIDNIFRFTQAGSEVSALLGRMPSAVGYQPTLATEMGQLQERITSTAKGSITSIQAIYVP
ADDYTDPAPATTFSHLDATTNLERKLAEMGIYPAVDPLASTSRALAPEIVGEEHYQVARKVQQTLQRYKELQDIIAILGM
DELSDEDKLVVHRARRIQFFLSQNFHVAEQFTGQPGSYVPVKETVRGFKEILEGKYDHLPEDAFRLVGRIEEVVEKAKAM
GVEV
;
D,E,F
3 'polypeptide(L)'
;MDIKTRINATKKTSQITKAMEMVSTSKLNRAEQNAKSFVPYMEKIQEVVANVALGAGGASHPMLVSRPVKKTGYLVITSD
RGLAGAYNSNVLRLVYQTIQKRHACPDEYAIIVIGRVGLSFFRKRNMPVILDITRLPDQPSFADIKEIARKTVGLFADGT
FDELYMYYNHYVSAIQQEVTERKLLPLTDLAENWSHPQFEKQRTVYEFEPSQEECLDVLLPQYAESLIYGALLDAKASEH
AARMTAMKNATDNANELIRTLTL
;
G
#
# COMPACT_ATOMS: atom_id res chain seq x y z
N ASP A 27 -32.93 -0.56 -41.01
CA ASP A 27 -31.96 -1.00 -40.02
C ASP A 27 -31.93 -0.05 -38.83
N VAL A 28 -32.55 -0.46 -37.73
CA VAL A 28 -32.69 0.37 -36.54
C VAL A 28 -32.80 -0.55 -35.33
N GLY A 29 -32.11 -0.18 -34.24
CA GLY A 29 -32.05 -1.02 -33.07
C GLY A 29 -32.96 -0.56 -31.95
N THR A 30 -33.25 -1.47 -31.03
CA THR A 30 -34.04 -1.19 -29.84
C THR A 30 -33.17 -1.46 -28.61
N VAL A 31 -33.07 -0.47 -27.73
CA VAL A 31 -32.24 -0.62 -26.55
C VAL A 31 -32.83 -1.69 -25.63
N ILE A 32 -32.01 -2.67 -25.26
CA ILE A 32 -32.48 -3.77 -24.41
C ILE A 32 -32.07 -3.58 -22.96
N GLN A 33 -31.11 -2.70 -22.66
CA GLN A 33 -30.89 -2.35 -21.26
C GLN A 33 -30.15 -1.02 -21.19
N VAL A 34 -30.34 -0.32 -20.08
CA VAL A 34 -29.72 0.98 -19.84
C VAL A 34 -29.09 0.97 -18.46
N GLY A 35 -27.87 1.50 -18.35
CA GLY A 35 -27.13 1.53 -17.12
C GLY A 35 -26.68 2.93 -16.77
N ASP A 36 -25.54 2.99 -16.07
CA ASP A 36 -24.96 4.26 -15.64
C ASP A 36 -24.25 4.92 -16.82
N GLY A 37 -25.06 5.43 -17.75
CA GLY A 37 -24.54 6.09 -18.93
C GLY A 37 -24.14 5.17 -20.06
N ILE A 38 -24.30 3.86 -19.89
CA ILE A 38 -23.96 2.87 -20.91
C ILE A 38 -25.21 2.06 -21.20
N ALA A 39 -25.62 2.04 -22.46
CA ALA A 39 -26.77 1.26 -22.89
C ALA A 39 -26.30 0.09 -23.73
N ARG A 40 -27.18 -0.89 -23.89
CA ARG A 40 -26.95 -2.00 -24.79
C ARG A 40 -28.22 -2.23 -25.57
N ALA A 41 -28.08 -2.26 -26.90
CA ALA A 41 -29.20 -2.33 -27.83
C ALA A 41 -29.10 -3.60 -28.67
N HIS A 42 -30.10 -3.81 -29.51
CA HIS A 42 -30.21 -5.04 -30.28
C HIS A 42 -30.86 -4.72 -31.62
N GLY A 43 -30.10 -4.81 -32.70
CA GLY A 43 -30.67 -4.65 -34.02
C GLY A 43 -29.92 -3.73 -34.95
N LEU A 44 -28.82 -3.14 -34.48
CA LEU A 44 -27.98 -2.30 -35.33
C LEU A 44 -27.06 -3.21 -36.14
N ASP A 45 -27.66 -3.86 -37.14
CA ASP A 45 -26.98 -4.95 -37.84
C ASP A 45 -25.70 -4.49 -38.50
N ASN A 46 -25.74 -3.36 -39.20
CA ASN A 46 -24.62 -2.88 -39.99
C ASN A 46 -23.86 -1.75 -39.34
N VAL A 47 -24.05 -1.53 -38.03
CA VAL A 47 -23.33 -0.47 -37.36
C VAL A 47 -21.83 -0.75 -37.41
N MET A 48 -21.05 0.31 -37.56
CA MET A 48 -19.60 0.20 -37.60
C MET A 48 -19.01 0.50 -36.23
N SER A 49 -17.84 -0.06 -35.96
CA SER A 49 -17.17 0.21 -34.70
C SER A 49 -16.82 1.69 -34.62
N GLY A 50 -17.14 2.31 -33.49
CA GLY A 50 -16.92 3.72 -33.31
C GLY A 50 -17.94 4.63 -33.97
N GLU A 51 -18.95 4.06 -34.64
CA GLU A 51 -19.93 4.86 -35.33
C GLU A 51 -20.84 5.60 -34.36
N LEU A 52 -21.32 6.76 -34.79
CA LEU A 52 -22.30 7.52 -34.03
C LEU A 52 -23.69 6.94 -34.25
N VAL A 53 -24.45 6.84 -33.17
CA VAL A 53 -25.84 6.43 -33.21
C VAL A 53 -26.67 7.51 -32.52
N GLU A 54 -27.94 7.59 -32.90
CA GLU A 54 -28.82 8.65 -32.41
C GLU A 54 -30.03 8.03 -31.74
N PHE A 55 -30.27 8.39 -30.48
CA PHE A 55 -31.45 7.88 -29.81
C PHE A 55 -32.68 8.71 -30.21
N ALA A 56 -33.86 8.21 -29.83
CA ALA A 56 -35.09 8.88 -30.19
C ALA A 56 -35.19 10.28 -29.60
N ASN A 57 -34.50 10.54 -28.50
CA ASN A 57 -34.49 11.84 -27.85
C ASN A 57 -33.47 12.79 -28.46
N GLY A 58 -32.70 12.34 -29.46
CA GLY A 58 -31.67 13.15 -30.05
C GLY A 58 -30.33 13.10 -29.36
N VAL A 59 -30.19 12.27 -28.33
CA VAL A 59 -28.93 12.14 -27.61
C VAL A 59 -28.02 11.22 -28.40
N MET A 60 -26.83 11.70 -28.73
CA MET A 60 -25.89 10.93 -29.52
C MET A 60 -25.10 9.97 -28.63
N GLY A 61 -24.84 8.78 -29.16
CA GLY A 61 -24.01 7.82 -28.48
C GLY A 61 -23.00 7.21 -29.44
N MET A 62 -21.99 6.57 -28.87
CA MET A 62 -20.93 5.94 -29.64
C MET A 62 -21.07 4.43 -29.53
N ALA A 63 -21.15 3.75 -30.67
CA ALA A 63 -21.20 2.30 -30.66
C ALA A 63 -19.83 1.75 -30.31
N LEU A 64 -19.58 1.50 -29.03
CA LEU A 64 -18.23 1.21 -28.57
C LEU A 64 -17.79 -0.19 -29.00
N ASN A 65 -18.48 -1.21 -28.52
CA ASN A 65 -18.15 -2.59 -28.84
C ASN A 65 -19.36 -3.27 -29.48
N LEU A 66 -19.09 -4.14 -30.44
CA LEU A 66 -20.13 -4.78 -31.24
C LEU A 66 -20.15 -6.26 -30.89
N GLU A 67 -20.93 -6.63 -29.89
CA GLU A 67 -21.02 -8.02 -29.48
C GLU A 67 -21.78 -8.83 -30.53
N GLU A 68 -21.88 -10.14 -30.29
CA GLU A 68 -22.42 -11.04 -31.31
C GLU A 68 -23.89 -10.74 -31.59
N ASN A 69 -24.70 -10.61 -30.55
CA ASN A 69 -26.14 -10.44 -30.71
C ASN A 69 -26.65 -9.09 -30.22
N ASN A 70 -25.76 -8.20 -29.79
CA ASN A 70 -26.18 -6.91 -29.27
C ASN A 70 -25.03 -5.92 -29.46
N VAL A 71 -25.36 -4.64 -29.41
CA VAL A 71 -24.39 -3.56 -29.59
C VAL A 71 -24.28 -2.77 -28.30
N GLY A 72 -23.07 -2.61 -27.80
CA GLY A 72 -22.84 -1.82 -26.62
C GLY A 72 -22.64 -0.36 -26.95
N ILE A 73 -23.62 0.47 -26.62
CA ILE A 73 -23.62 1.89 -26.93
C ILE A 73 -23.23 2.66 -25.68
N VAL A 74 -22.39 3.67 -25.84
CA VAL A 74 -21.95 4.52 -24.75
C VAL A 74 -22.56 5.89 -24.99
N ILE A 75 -23.45 6.32 -24.11
CA ILE A 75 -24.25 7.52 -24.33
C ILE A 75 -23.44 8.76 -23.99
N LEU A 76 -23.46 9.74 -24.89
CA LEU A 76 -22.65 10.94 -24.77
C LEU A 76 -23.45 12.14 -24.24
N GLY A 77 -24.37 11.90 -23.32
CA GLY A 77 -25.17 12.95 -22.77
C GLY A 77 -26.12 12.46 -21.69
N PRO A 78 -27.17 13.23 -21.42
CA PRO A 78 -28.16 12.80 -20.42
C PRO A 78 -28.88 11.53 -20.82
N TYR A 79 -28.65 10.45 -20.08
CA TYR A 79 -29.24 9.16 -20.38
C TYR A 79 -30.55 8.92 -19.66
N THR A 80 -30.97 9.84 -18.78
CA THR A 80 -32.18 9.65 -18.01
C THR A 80 -33.44 9.67 -18.86
N GLY A 81 -33.35 10.10 -20.11
CA GLY A 81 -34.47 10.06 -21.02
C GLY A 81 -34.56 8.82 -21.87
N ILE A 82 -33.66 7.86 -21.68
CA ILE A 82 -33.61 6.64 -22.48
C ILE A 82 -34.07 5.48 -21.60
N LYS A 83 -35.04 4.72 -22.10
CA LYS A 83 -35.58 3.56 -21.40
C LYS A 83 -35.35 2.32 -22.24
N GLU A 84 -35.41 1.17 -21.57
CA GLU A 84 -35.38 -0.10 -22.30
C GLU A 84 -36.56 -0.16 -23.26
N GLY A 85 -36.29 -0.53 -24.50
CA GLY A 85 -37.30 -0.51 -25.55
C GLY A 85 -37.30 0.72 -26.41
N ASP A 86 -36.50 1.74 -26.06
CA ASP A 86 -36.40 2.93 -26.89
C ASP A 86 -35.67 2.62 -28.18
N GLU A 87 -35.70 3.58 -29.10
CA GLU A 87 -35.19 3.38 -30.45
C GLU A 87 -33.84 4.07 -30.63
N VAL A 88 -32.93 3.39 -31.30
CA VAL A 88 -31.61 3.92 -31.62
C VAL A 88 -31.37 3.73 -33.11
N ARG A 89 -30.91 4.78 -33.77
CA ARG A 89 -30.81 4.84 -35.22
C ARG A 89 -29.35 4.98 -35.63
N ARG A 90 -29.06 4.47 -36.83
CA ARG A 90 -27.71 4.42 -37.36
C ARG A 90 -27.42 5.68 -38.17
N THR A 91 -26.42 6.46 -37.74
CA THR A 91 -26.04 7.67 -38.45
C THR A 91 -25.07 7.41 -39.59
N GLY A 92 -24.21 6.41 -39.44
CA GLY A 92 -23.33 6.00 -40.51
C GLY A 92 -21.99 6.69 -40.58
N ARG A 93 -21.59 7.42 -39.54
CA ARG A 93 -20.32 8.13 -39.52
C ARG A 93 -19.52 7.71 -38.30
N ILE A 94 -18.20 7.54 -38.50
CA ILE A 94 -17.30 7.42 -37.36
C ILE A 94 -17.41 8.68 -36.52
N MET A 95 -17.01 8.59 -35.25
CA MET A 95 -17.18 9.69 -34.33
C MET A 95 -16.56 10.96 -34.93
N GLU A 96 -17.41 11.91 -35.29
CA GLU A 96 -17.02 13.05 -36.11
C GLU A 96 -17.10 14.33 -35.29
N VAL A 97 -16.18 15.25 -35.57
CA VAL A 97 -16.19 16.59 -35.01
C VAL A 97 -16.18 17.57 -36.17
N PRO A 98 -17.16 18.48 -36.28
CA PRO A 98 -17.08 19.51 -37.31
C PRO A 98 -15.94 20.47 -37.02
N VAL A 99 -15.22 20.84 -38.08
CA VAL A 99 -14.07 21.73 -37.97
C VAL A 99 -14.15 22.78 -39.07
N GLY A 100 -13.44 23.87 -38.87
CA GLY A 100 -13.40 24.94 -39.85
C GLY A 100 -13.14 26.26 -39.17
N GLU A 101 -13.32 27.33 -39.95
CA GLU A 101 -13.07 28.67 -39.44
C GLU A 101 -14.14 29.07 -38.42
N ALA A 102 -15.38 28.65 -38.63
CA ALA A 102 -16.49 29.17 -37.83
C ALA A 102 -16.34 28.81 -36.35
N LEU A 103 -15.69 27.69 -36.03
CA LEU A 103 -15.50 27.34 -34.63
C LEU A 103 -14.67 28.37 -33.88
N ILE A 104 -13.88 29.17 -34.58
CA ILE A 104 -13.08 30.20 -33.92
C ILE A 104 -14.01 31.23 -33.29
N GLY A 105 -13.84 31.46 -32.00
CA GLY A 105 -14.68 32.39 -31.27
C GLY A 105 -15.93 31.79 -30.68
N ARG A 106 -16.02 30.47 -30.58
CA ARG A 106 -17.21 29.80 -30.09
C ARG A 106 -16.84 28.87 -28.95
N VAL A 107 -17.80 28.66 -28.04
CA VAL A 107 -17.68 27.70 -26.96
C VAL A 107 -18.51 26.48 -27.34
N VAL A 108 -17.86 25.32 -27.41
CA VAL A 108 -18.48 24.13 -27.96
C VAL A 108 -18.25 22.96 -27.01
N ASN A 109 -19.08 21.93 -27.17
CA ASN A 109 -18.87 20.66 -26.50
C ASN A 109 -18.14 19.70 -27.43
N PRO A 110 -17.59 18.61 -26.92
CA PRO A 110 -16.78 17.72 -27.77
C PRO A 110 -17.53 17.15 -28.96
N LEU A 111 -18.86 17.20 -28.98
CA LEU A 111 -19.61 16.83 -30.16
C LEU A 111 -19.71 17.96 -31.17
N GLY A 112 -19.13 19.12 -30.87
CA GLY A 112 -19.17 20.26 -31.76
C GLY A 112 -20.38 21.15 -31.62
N GLN A 113 -21.35 20.77 -30.80
CA GLN A 113 -22.53 21.60 -30.62
C GLN A 113 -22.21 22.77 -29.71
N PRO A 114 -22.55 23.99 -30.10
CA PRO A 114 -22.21 25.15 -29.26
C PRO A 114 -23.00 25.14 -27.96
N VAL A 115 -22.38 25.68 -26.91
CA VAL A 115 -23.05 25.84 -25.62
C VAL A 115 -23.38 27.28 -25.30
N ASP A 116 -22.84 28.24 -26.05
CA ASP A 116 -23.21 29.63 -25.87
C ASP A 116 -24.50 29.93 -26.64
N GLY A 117 -25.01 31.14 -26.45
CA GLY A 117 -26.25 31.54 -27.09
C GLY A 117 -26.04 32.27 -28.40
N LEU A 118 -24.86 32.10 -29.00
CA LEU A 118 -24.49 32.80 -30.22
C LEU A 118 -24.93 32.06 -31.48
N GLY A 119 -25.92 31.17 -31.37
CA GLY A 119 -26.44 30.48 -32.52
C GLY A 119 -25.59 29.28 -32.93
N PRO A 120 -26.00 28.60 -34.00
CA PRO A 120 -25.26 27.41 -34.43
C PRO A 120 -23.95 27.74 -35.12
N VAL A 121 -23.19 26.70 -35.47
CA VAL A 121 -21.93 26.83 -36.18
C VAL A 121 -22.12 26.31 -37.59
N GLU A 122 -21.60 27.04 -38.57
CA GLU A 122 -21.88 26.80 -39.98
C GLU A 122 -20.72 26.13 -40.71
N THR A 123 -19.92 25.33 -40.00
CA THR A 123 -18.84 24.61 -40.65
C THR A 123 -19.38 23.43 -41.46
N THR A 124 -18.63 23.05 -42.49
CA THR A 124 -18.97 21.94 -43.36
C THR A 124 -18.02 20.77 -43.24
N GLU A 125 -16.71 21.02 -43.26
CA GLU A 125 -15.73 19.95 -43.14
C GLU A 125 -15.73 19.38 -41.73
N THR A 126 -15.63 18.05 -41.65
CA THR A 126 -15.60 17.33 -40.39
C THR A 126 -14.27 16.58 -40.27
N ARG A 127 -14.10 15.90 -39.14
CA ARG A 127 -12.88 15.13 -38.95
C ARG A 127 -13.14 14.02 -37.94
N PRO A 128 -12.69 12.80 -38.19
CA PRO A 128 -12.80 11.74 -37.18
C PRO A 128 -11.99 12.08 -35.94
N ILE A 129 -12.53 11.74 -34.78
CA ILE A 129 -11.87 12.04 -33.51
C ILE A 129 -10.64 11.18 -33.32
N GLU A 130 -10.75 9.88 -33.60
CA GLU A 130 -9.65 8.95 -33.47
C GLU A 130 -9.04 8.71 -34.85
N SER A 131 -7.84 9.22 -35.06
CA SER A 131 -7.14 9.08 -36.33
C SER A 131 -5.65 8.90 -36.05
N ARG A 132 -4.95 8.39 -37.06
CA ARG A 132 -3.53 8.10 -36.91
C ARG A 132 -2.74 9.39 -36.69
N ALA A 133 -1.80 9.34 -35.76
CA ALA A 133 -0.86 10.43 -35.58
C ALA A 133 0.16 10.42 -36.71
N PRO A 134 0.73 11.58 -37.03
CA PRO A 134 1.78 11.60 -38.06
C PRO A 134 2.96 10.73 -37.67
N GLY A 135 3.51 10.03 -38.66
CA GLY A 135 4.54 9.04 -38.43
C GLY A 135 5.88 9.67 -38.12
N VAL A 136 6.90 8.80 -38.08
CA VAL A 136 8.25 9.27 -37.80
C VAL A 136 8.79 10.09 -38.97
N MET A 137 8.36 9.78 -40.20
CA MET A 137 8.87 10.48 -41.37
C MET A 137 8.19 11.82 -41.60
N ASP A 138 7.06 12.06 -40.96
CA ASP A 138 6.23 13.23 -41.22
C ASP A 138 6.54 14.39 -40.30
N ARG A 139 7.56 14.29 -39.47
CA ARG A 139 7.84 15.29 -38.45
C ARG A 139 9.24 15.86 -38.64
N ARG A 140 9.60 16.81 -37.78
CA ARG A 140 10.92 17.41 -37.78
C ARG A 140 11.14 18.08 -36.43
N SER A 141 12.39 18.48 -36.20
CA SER A 141 12.72 19.16 -34.96
C SER A 141 12.02 20.52 -34.90
N VAL A 142 11.72 20.96 -33.69
CA VAL A 142 10.93 22.17 -33.49
C VAL A 142 11.77 23.40 -33.82
N HIS A 143 11.53 23.99 -34.99
CA HIS A 143 12.34 25.12 -35.43
C HIS A 143 11.96 26.41 -34.72
N GLU A 144 10.66 26.65 -34.53
CA GLU A 144 10.18 27.97 -34.13
C GLU A 144 9.80 28.00 -32.66
N PRO A 145 9.98 29.14 -32.00
CA PRO A 145 9.54 29.26 -30.60
C PRO A 145 8.04 29.47 -30.51
N LEU A 146 7.54 29.35 -29.29
CA LEU A 146 6.16 29.66 -28.96
C LEU A 146 6.17 30.59 -27.76
N GLN A 147 5.89 31.88 -28.00
CA GLN A 147 6.00 32.89 -26.95
C GLN A 147 4.78 32.82 -26.05
N THR A 148 4.96 32.31 -24.84
CA THR A 148 3.88 32.30 -23.86
C THR A 148 3.68 33.66 -23.20
N GLY A 149 4.67 34.54 -23.27
CA GLY A 149 4.58 35.84 -22.65
C GLY A 149 4.92 35.87 -21.18
N ILE A 150 5.20 34.73 -20.57
CA ILE A 150 5.56 34.65 -19.15
C ILE A 150 7.07 34.59 -19.06
N LYS A 151 7.65 35.46 -18.22
CA LYS A 151 9.09 35.59 -18.18
C LYS A 151 9.75 34.27 -17.77
N ALA A 152 9.24 33.64 -16.71
CA ALA A 152 9.85 32.41 -16.24
C ALA A 152 9.75 31.29 -17.27
N ILE A 153 8.59 31.15 -17.90
CA ILE A 153 8.41 30.10 -18.91
C ILE A 153 9.25 30.40 -20.14
N ASP A 154 9.19 31.64 -20.64
CA ASP A 154 9.91 31.97 -21.86
C ASP A 154 11.40 32.07 -21.66
N ALA A 155 11.88 32.08 -20.41
CA ALA A 155 13.31 32.14 -20.13
C ALA A 155 13.90 30.81 -19.73
N LEU A 156 13.30 30.13 -18.74
CA LEU A 156 13.88 28.90 -18.21
C LEU A 156 13.34 27.65 -18.87
N VAL A 157 12.08 27.66 -19.29
CA VAL A 157 11.47 26.46 -19.87
C VAL A 157 10.89 26.82 -21.23
N PRO A 158 11.72 27.05 -22.24
CA PRO A 158 11.19 27.49 -23.54
C PRO A 158 10.35 26.41 -24.20
N ILE A 159 9.40 26.85 -25.02
CA ILE A 159 8.49 25.97 -25.73
C ILE A 159 8.68 26.18 -27.22
N GLY A 160 8.61 25.09 -27.98
CA GLY A 160 8.63 25.19 -29.43
C GLY A 160 7.30 24.74 -30.01
N ARG A 161 6.99 25.20 -31.23
CA ARG A 161 5.72 24.83 -31.85
C ARG A 161 5.75 23.38 -32.28
N GLY A 162 4.91 22.56 -31.65
CA GLY A 162 4.93 21.12 -31.83
C GLY A 162 5.41 20.37 -30.61
N GLN A 163 5.82 21.07 -29.56
CA GLN A 163 6.30 20.43 -28.33
C GLN A 163 5.12 20.13 -27.41
N ARG A 164 5.18 18.96 -26.77
CA ARG A 164 4.23 18.60 -25.73
C ARG A 164 4.86 18.97 -24.38
N GLU A 165 4.35 20.01 -23.75
CA GLU A 165 4.87 20.48 -22.47
C GLU A 165 3.81 20.29 -21.39
N LEU A 166 4.00 19.29 -20.55
CA LEU A 166 3.10 19.07 -19.42
C LEU A 166 3.17 20.21 -18.43
N ILE A 167 2.01 20.65 -17.96
CA ILE A 167 1.91 21.60 -16.86
C ILE A 167 1.31 20.87 -15.67
N ILE A 168 2.08 20.77 -14.60
CA ILE A 168 1.75 19.89 -13.47
C ILE A 168 1.76 20.71 -12.20
N GLY A 169 0.74 20.51 -11.37
CA GLY A 169 0.65 21.33 -10.17
C GLY A 169 -0.40 20.82 -9.21
N ASP A 170 -0.64 21.63 -8.19
CA ASP A 170 -1.60 21.33 -7.13
C ASP A 170 -2.95 21.94 -7.48
N ARG A 171 -3.85 21.99 -6.50
CA ARG A 171 -5.22 22.44 -6.76
C ARG A 171 -5.26 23.91 -7.16
N GLN A 172 -4.51 24.77 -6.46
CA GLN A 172 -4.52 26.21 -6.72
C GLN A 172 -3.06 26.69 -6.80
N THR A 173 -2.47 26.60 -7.99
CA THR A 173 -1.10 27.04 -8.21
C THR A 173 -0.94 27.90 -9.46
N GLY A 174 -2.04 28.36 -10.06
CA GLY A 174 -1.94 29.21 -11.23
C GLY A 174 -1.78 28.49 -12.54
N LYS A 175 -2.21 27.23 -12.62
CA LYS A 175 -2.11 26.49 -13.88
C LYS A 175 -2.98 27.13 -14.96
N THR A 176 -4.25 27.35 -14.66
CA THR A 176 -5.14 27.98 -15.64
C THR A 176 -4.73 29.41 -15.92
N SER A 177 -4.16 30.10 -14.94
CA SER A 177 -3.63 31.43 -15.18
C SER A 177 -2.51 31.39 -16.22
N VAL A 178 -1.60 30.42 -16.09
CA VAL A 178 -0.52 30.28 -17.06
C VAL A 178 -1.08 29.97 -18.44
N ALA A 179 -2.07 29.08 -18.50
CA ALA A 179 -2.67 28.75 -19.80
C ALA A 179 -3.32 29.97 -20.44
N ILE A 180 -4.02 30.78 -19.64
CA ILE A 180 -4.70 31.94 -20.20
C ILE A 180 -3.70 33.02 -20.63
N ASP A 181 -2.63 33.22 -19.86
CA ASP A 181 -1.56 34.12 -20.31
C ASP A 181 -1.00 33.66 -21.64
N THR A 182 -0.73 32.36 -21.77
CA THR A 182 -0.18 31.84 -23.02
C THR A 182 -1.13 32.03 -24.18
N ILE A 183 -2.43 31.81 -23.95
CA ILE A 183 -3.40 31.99 -25.04
C ILE A 183 -3.50 33.46 -25.43
N ILE A 184 -3.54 34.37 -24.44
CA ILE A 184 -3.70 35.78 -24.73
C ILE A 184 -2.50 36.31 -25.50
N ASN A 185 -1.29 35.85 -25.13
CA ASN A 185 -0.09 36.36 -25.79
C ASN A 185 -0.05 36.07 -27.28
N GLN A 186 -0.84 35.10 -27.75
CA GLN A 186 -0.78 34.63 -29.14
C GLN A 186 -1.52 35.53 -30.11
N LYS A 187 -1.89 36.75 -29.74
CA LYS A 187 -2.77 37.56 -30.57
C LYS A 187 -2.14 37.87 -31.92
N ASP A 188 -0.87 38.27 -31.91
CA ASP A 188 -0.18 38.67 -33.13
C ASP A 188 0.82 37.64 -33.63
N GLN A 189 0.77 36.42 -33.11
CA GLN A 189 1.75 35.40 -33.42
C GLN A 189 1.26 34.37 -34.43
N ASN A 190 0.13 34.64 -35.10
CA ASN A 190 -0.41 33.76 -36.13
C ASN A 190 -0.68 32.36 -35.60
N MET A 191 -1.07 32.25 -34.34
CA MET A 191 -1.28 30.97 -33.67
C MET A 191 -2.75 30.84 -33.31
N ILE A 192 -3.37 29.76 -33.74
CA ILE A 192 -4.73 29.42 -33.34
C ILE A 192 -4.67 28.66 -32.04
N SER A 193 -5.55 28.98 -31.11
CA SER A 193 -5.53 28.37 -29.78
C SER A 193 -6.83 27.63 -29.52
N ILE A 194 -6.73 26.53 -28.78
CA ILE A 194 -7.88 25.70 -28.42
C ILE A 194 -7.77 25.37 -26.94
N TYR A 195 -8.67 25.93 -26.14
CA TYR A 195 -8.71 25.68 -24.71
C TYR A 195 -9.79 24.65 -24.41
N VAL A 196 -9.41 23.57 -23.73
CA VAL A 196 -10.30 22.44 -23.49
C VAL A 196 -10.49 22.31 -21.98
N ALA A 197 -11.75 22.26 -21.56
CA ALA A 197 -12.12 22.17 -20.15
C ALA A 197 -12.65 20.77 -19.89
N ILE A 198 -11.96 20.01 -19.03
CA ILE A 198 -12.34 18.66 -18.64
C ILE A 198 -12.89 18.72 -17.23
N GLY A 199 -14.17 18.39 -17.07
CA GLY A 199 -14.75 18.28 -15.74
C GLY A 199 -14.65 19.54 -14.91
N GLN A 200 -14.41 20.69 -15.53
CA GLN A 200 -14.21 21.91 -14.80
C GLN A 200 -15.52 22.45 -14.26
N LYS A 201 -15.44 23.20 -13.17
CA LYS A 201 -16.61 23.92 -12.68
C LYS A 201 -17.08 24.89 -13.76
N GLU A 202 -18.37 24.78 -14.11
CA GLU A 202 -18.86 25.48 -15.30
C GLU A 202 -18.74 26.99 -15.14
N SER A 203 -18.87 27.50 -13.92
CA SER A 203 -18.68 28.93 -13.69
C SER A 203 -17.26 29.36 -14.02
N THR A 204 -16.28 28.50 -13.73
CA THR A 204 -14.90 28.81 -14.08
C THR A 204 -14.72 28.88 -15.59
N VAL A 205 -15.37 27.99 -16.33
CA VAL A 205 -15.28 28.03 -17.79
C VAL A 205 -15.96 29.28 -18.34
N ARG A 206 -17.10 29.67 -17.76
CA ARG A 206 -17.74 30.91 -18.16
C ARG A 206 -16.83 32.10 -17.89
N THR A 207 -16.18 32.11 -16.74
CA THR A 207 -15.24 33.19 -16.43
C THR A 207 -14.07 33.20 -17.40
N VAL A 208 -13.57 32.02 -17.77
CA VAL A 208 -12.46 31.95 -18.72
C VAL A 208 -12.87 32.51 -20.07
N VAL A 209 -14.06 32.14 -20.55
CA VAL A 209 -14.54 32.66 -21.83
C VAL A 209 -14.69 34.18 -21.74
N GLU A 210 -15.21 34.69 -20.64
CA GLU A 210 -15.42 36.12 -20.50
C GLU A 210 -14.10 36.88 -20.42
N THR A 211 -13.09 36.32 -19.73
CA THR A 211 -11.81 36.99 -19.64
C THR A 211 -10.99 36.86 -20.92
N LEU A 212 -11.27 35.86 -21.75
CA LEU A 212 -10.71 35.84 -23.09
C LEU A 212 -11.38 36.90 -23.96
N ARG A 213 -12.69 37.11 -23.75
CA ARG A 213 -13.36 38.21 -24.44
C ARG A 213 -12.77 39.55 -24.03
N LYS A 214 -12.47 39.73 -22.75
CA LYS A 214 -11.98 41.00 -22.25
C LYS A 214 -10.65 41.38 -22.89
N HIS A 215 -9.75 40.42 -23.04
CA HIS A 215 -8.43 40.67 -23.59
C HIS A 215 -8.35 40.42 -25.10
N GLY A 216 -9.48 40.20 -25.75
CA GLY A 216 -9.49 40.06 -27.20
C GLY A 216 -8.79 38.83 -27.72
N ALA A 217 -9.02 37.67 -27.11
CA ALA A 217 -8.46 36.41 -27.60
C ALA A 217 -9.45 35.58 -28.38
N LEU A 218 -10.76 35.77 -28.17
CA LEU A 218 -11.75 34.93 -28.83
C LEU A 218 -11.73 35.08 -30.34
N ASP A 219 -11.10 36.13 -30.87
CA ASP A 219 -11.00 36.25 -32.32
C ASP A 219 -10.12 35.18 -32.93
N TYR A 220 -9.38 34.41 -32.13
CA TYR A 220 -8.59 33.31 -32.68
C TYR A 220 -8.62 32.05 -31.82
N THR A 221 -9.42 32.02 -30.76
CA THR A 221 -9.40 30.93 -29.80
C THR A 221 -10.73 30.19 -29.80
N ILE A 222 -10.67 28.87 -29.88
CA ILE A 222 -11.83 28.02 -29.68
C ILE A 222 -11.79 27.49 -28.26
N VAL A 223 -12.97 27.23 -27.69
CA VAL A 223 -13.08 26.71 -26.34
C VAL A 223 -13.99 25.48 -26.40
N VAL A 224 -13.41 24.32 -26.19
CA VAL A 224 -14.17 23.08 -26.00
C VAL A 224 -14.39 22.91 -24.51
N THR A 225 -15.61 22.54 -24.11
CA THR A 225 -15.92 22.45 -22.70
C THR A 225 -16.81 21.25 -22.42
N ALA A 226 -16.44 20.46 -21.41
CA ALA A 226 -17.33 19.49 -20.80
C ALA A 226 -17.27 19.72 -19.31
N SER A 227 -18.40 20.03 -18.69
CA SER A 227 -18.43 20.38 -17.29
C SER A 227 -18.38 19.12 -16.41
N ALA A 228 -18.20 19.34 -15.11
CA ALA A 228 -18.13 18.22 -14.18
C ALA A 228 -19.44 17.43 -14.17
N SER A 229 -20.57 18.12 -14.29
CA SER A 229 -21.86 17.45 -14.30
C SER A 229 -22.08 16.59 -15.54
N GLN A 230 -21.30 16.82 -16.59
CA GLN A 230 -21.47 16.08 -17.83
C GLN A 230 -21.05 14.62 -17.64
N PRO A 231 -21.60 13.71 -18.45
CA PRO A 231 -21.26 12.29 -18.31
C PRO A 231 -19.78 12.03 -18.55
N ALA A 232 -19.32 10.91 -18.00
CA ALA A 232 -17.92 10.52 -18.17
C ALA A 232 -17.47 10.42 -19.62
N PRO A 233 -18.24 9.82 -20.55
CA PRO A 233 -17.74 9.74 -21.94
C PRO A 233 -17.44 11.09 -22.55
N LEU A 234 -18.24 12.11 -22.25
CA LEU A 234 -17.98 13.44 -22.77
C LEU A 234 -16.67 14.00 -22.24
N LEU A 235 -16.40 13.82 -20.95
CA LEU A 235 -15.13 14.26 -20.37
C LEU A 235 -13.96 13.51 -20.98
N PHE A 236 -14.17 12.22 -21.29
CA PHE A 236 -13.10 11.41 -21.87
C PHE A 236 -12.85 11.77 -23.33
N LEU A 237 -13.88 12.20 -24.06
CA LEU A 237 -13.73 12.53 -25.47
C LEU A 237 -13.43 13.99 -25.74
N ALA A 238 -13.52 14.87 -24.73
CA ALA A 238 -13.24 16.28 -24.97
C ALA A 238 -11.82 16.55 -25.45
N PRO A 239 -10.76 16.04 -24.82
CA PRO A 239 -9.41 16.34 -25.34
C PRO A 239 -9.18 15.85 -26.76
N TYR A 240 -9.75 14.70 -27.13
CA TYR A 240 -9.59 14.22 -28.49
C TYR A 240 -10.38 15.07 -29.47
N ALA A 241 -11.53 15.61 -29.06
CA ALA A 241 -12.23 16.57 -29.90
C ALA A 241 -11.40 17.82 -30.10
N GLY A 242 -10.73 18.30 -29.05
CA GLY A 242 -9.86 19.45 -29.19
C GLY A 242 -8.69 19.20 -30.12
N VAL A 243 -8.07 18.02 -30.00
CA VAL A 243 -6.97 17.67 -30.89
C VAL A 243 -7.45 17.58 -32.33
N ALA A 244 -8.61 16.96 -32.55
CA ALA A 244 -9.16 16.87 -33.91
C ALA A 244 -9.48 18.25 -34.46
N MET A 245 -9.93 19.17 -33.61
CA MET A 245 -10.14 20.54 -34.05
C MET A 245 -8.84 21.21 -34.46
N GLY A 246 -7.79 21.01 -33.67
CA GLY A 246 -6.50 21.62 -34.01
C GLY A 246 -5.83 21.01 -35.21
N GLU A 247 -6.11 19.73 -35.48
CA GLU A 247 -5.47 19.05 -36.60
C GLU A 247 -5.90 19.63 -37.94
N TYR A 248 -7.11 20.20 -38.01
CA TYR A 248 -7.55 20.83 -39.24
C TYR A 248 -6.63 21.98 -39.62
N PHE A 249 -6.30 22.84 -38.65
CA PHE A 249 -5.40 23.95 -38.92
C PHE A 249 -3.95 23.53 -38.95
N MET A 250 -3.59 22.39 -38.34
CA MET A 250 -2.19 21.96 -38.38
C MET A 250 -1.86 21.26 -39.69
N TYR A 251 -2.81 20.58 -40.33
CA TYR A 251 -2.58 20.04 -41.66
C TYR A 251 -2.47 21.13 -42.71
N LYS A 252 -3.33 22.15 -42.63
CA LYS A 252 -3.37 23.17 -43.67
C LYS A 252 -2.14 24.06 -43.67
N GLY A 253 -1.28 23.97 -42.66
CA GLY A 253 -0.07 24.76 -42.61
C GLY A 253 -0.03 25.78 -41.51
N LYS A 254 -1.15 26.02 -40.83
CA LYS A 254 -1.17 26.98 -39.72
C LYS A 254 -0.50 26.37 -38.50
N HIS A 255 -0.47 27.12 -37.41
CA HIS A 255 0.11 26.67 -36.16
C HIS A 255 -0.95 26.71 -35.08
N VAL A 256 -1.05 25.64 -34.31
CA VAL A 256 -2.09 25.48 -33.30
C VAL A 256 -1.45 25.26 -31.94
N LEU A 257 -2.16 25.68 -30.90
CA LEU A 257 -1.76 25.44 -29.52
C LEU A 257 -2.99 24.97 -28.76
N VAL A 258 -2.96 23.71 -28.32
CA VAL A 258 -4.09 23.12 -27.61
C VAL A 258 -3.70 22.96 -26.15
N VAL A 259 -4.56 23.45 -25.27
CA VAL A 259 -4.37 23.39 -23.83
C VAL A 259 -5.48 22.55 -23.23
N TYR A 260 -5.14 21.56 -22.42
CA TYR A 260 -6.12 20.77 -21.67
C TYR A 260 -5.96 21.15 -20.21
N ASP A 261 -6.99 21.78 -19.63
CA ASP A 261 -6.83 22.34 -18.29
C ASP A 261 -6.71 21.27 -17.22
N ASP A 262 -7.08 20.03 -17.51
CA ASP A 262 -6.86 18.91 -16.59
C ASP A 262 -6.95 17.61 -17.36
N LEU A 263 -5.85 16.87 -17.41
CA LEU A 263 -5.87 15.52 -17.94
C LEU A 263 -6.17 14.48 -16.87
N SER A 264 -5.95 14.82 -15.60
CA SER A 264 -6.30 13.90 -14.52
C SER A 264 -7.80 13.66 -14.46
N LYS A 265 -8.61 14.70 -14.71
CA LYS A 265 -10.05 14.52 -14.76
C LYS A 265 -10.44 13.60 -15.92
N GLN A 266 -9.78 13.73 -17.06
CA GLN A 266 -10.04 12.82 -18.17
C GLN A 266 -9.65 11.39 -17.81
N ALA A 267 -8.54 11.21 -17.10
CA ALA A 267 -8.15 9.88 -16.65
C ALA A 267 -9.19 9.29 -15.72
N ALA A 268 -9.71 10.10 -14.79
CA ALA A 268 -10.75 9.62 -13.89
C ALA A 268 -12.03 9.28 -14.65
N ALA A 269 -12.37 10.08 -15.66
CA ALA A 269 -13.55 9.79 -16.47
C ALA A 269 -13.38 8.48 -17.23
N TYR A 270 -12.19 8.24 -17.77
CA TYR A 270 -11.97 6.97 -18.46
C TYR A 270 -11.99 5.80 -17.48
N ARG A 271 -11.45 5.99 -16.27
CA ARG A 271 -11.57 4.97 -15.24
C ARG A 271 -13.03 4.65 -14.97
N GLU A 272 -13.86 5.68 -14.82
CA GLU A 272 -15.28 5.48 -14.59
C GLU A 272 -15.92 4.72 -15.74
N LEU A 273 -15.63 5.12 -16.97
CA LEU A 273 -16.23 4.46 -18.13
C LEU A 273 -15.82 3.01 -18.21
N SER A 274 -14.55 2.72 -17.96
CA SER A 274 -14.06 1.34 -18.04
C SER A 274 -14.66 0.47 -16.94
N LEU A 275 -14.69 0.99 -15.70
CA LEU A 275 -15.25 0.21 -14.61
C LEU A 275 -16.75 0.01 -14.76
N LEU A 276 -17.42 0.93 -15.44
CA LEU A 276 -18.82 0.68 -15.80
C LEU A 276 -18.96 -0.31 -16.95
N LEU A 277 -17.85 -0.66 -17.60
CA LEU A 277 -17.83 -1.67 -18.66
C LEU A 277 -17.31 -3.01 -18.17
N ARG A 278 -17.18 -3.19 -16.85
CA ARG A 278 -16.73 -4.43 -16.23
C ARG A 278 -15.31 -4.80 -16.63
N ARG A 279 -14.52 -3.84 -17.11
CA ARG A 279 -13.13 -4.12 -17.41
C ARG A 279 -12.33 -4.19 -16.11
N PRO A 280 -11.54 -5.24 -15.90
CA PRO A 280 -10.78 -5.36 -14.66
C PRO A 280 -9.79 -4.22 -14.50
N PRO A 281 -9.61 -3.71 -13.29
CA PRO A 281 -8.71 -2.58 -13.08
C PRO A 281 -7.26 -2.97 -13.30
N GLY A 282 -6.46 -1.98 -13.65
CA GLY A 282 -5.05 -2.19 -13.90
C GLY A 282 -4.19 -2.00 -12.67
N ARG A 283 -3.14 -1.19 -12.79
CA ARG A 283 -2.11 -1.16 -11.75
C ARG A 283 -2.63 -0.53 -10.46
N GLU A 284 -3.02 0.73 -10.49
CA GLU A 284 -3.49 1.43 -9.30
C GLU A 284 -4.86 2.04 -9.59
N ALA A 285 -5.89 1.20 -9.52
CA ALA A 285 -7.30 1.60 -9.66
C ALA A 285 -7.61 2.12 -11.06
N TYR A 286 -6.57 2.34 -11.90
CA TYR A 286 -6.71 2.84 -13.25
C TYR A 286 -6.59 1.70 -14.25
N PRO A 287 -7.27 1.80 -15.40
CA PRO A 287 -7.21 0.70 -16.37
C PRO A 287 -5.81 0.51 -16.92
N GLY A 288 -5.66 -0.57 -17.71
CA GLY A 288 -4.39 -0.82 -18.37
C GLY A 288 -4.13 0.12 -19.54
N ASP A 289 -5.16 0.72 -20.09
CA ASP A 289 -5.03 1.62 -21.23
C ASP A 289 -4.70 3.05 -20.82
N ILE A 290 -4.59 3.33 -19.52
CA ILE A 290 -4.54 4.71 -19.07
C ILE A 290 -3.25 5.39 -19.51
N PHE A 291 -2.21 4.63 -19.81
CA PHE A 291 -1.06 5.19 -20.51
C PHE A 291 -1.41 5.46 -21.97
N TYR A 292 -1.84 4.43 -22.68
CA TYR A 292 -2.19 4.54 -24.09
C TYR A 292 -3.17 5.69 -24.32
N LEU A 293 -4.23 5.74 -23.51
CA LEU A 293 -5.21 6.83 -23.54
C LEU A 293 -4.55 8.19 -23.71
N HIS A 294 -3.56 8.50 -22.87
CA HIS A 294 -2.92 9.81 -22.96
C HIS A 294 -1.93 9.87 -24.12
N SER A 295 -1.19 8.79 -24.36
CA SER A 295 -0.21 8.81 -25.44
C SER A 295 -0.90 9.01 -26.79
N ARG A 296 -1.97 8.25 -27.03
CA ARG A 296 -2.75 8.42 -28.25
C ARG A 296 -3.22 9.85 -28.42
N LEU A 297 -3.40 10.57 -27.30
CA LEU A 297 -3.63 12.00 -27.36
C LEU A 297 -2.35 12.75 -27.72
N LEU A 298 -1.34 12.65 -26.86
CA LEU A 298 -0.19 13.54 -26.94
C LEU A 298 0.76 13.17 -28.07
N GLU A 299 0.54 12.05 -28.75
CA GLU A 299 1.30 11.74 -29.95
C GLU A 299 0.74 12.43 -31.18
N ARG A 300 -0.42 13.07 -31.08
CA ARG A 300 -0.99 13.82 -32.19
C ARG A 300 -0.52 15.27 -32.21
N ALA A 301 0.34 15.67 -31.28
CA ALA A 301 0.91 17.00 -31.23
C ALA A 301 2.31 16.93 -31.84
N ALA A 302 2.43 17.39 -33.08
CA ALA A 302 3.69 17.23 -33.82
C ALA A 302 3.95 18.45 -34.67
N LYS A 303 5.22 18.62 -35.04
CA LYS A 303 5.65 19.64 -35.99
C LYS A 303 5.92 18.95 -37.32
N LEU A 304 5.06 19.21 -38.31
CA LEU A 304 5.19 18.55 -39.59
C LEU A 304 6.34 19.15 -40.40
N SER A 305 6.91 18.32 -41.27
CA SER A 305 8.01 18.75 -42.12
C SER A 305 7.49 19.61 -43.26
N ASP A 306 8.42 20.07 -44.10
CA ASP A 306 8.03 20.86 -45.26
C ASP A 306 7.20 20.04 -46.24
N ALA A 307 7.52 18.75 -46.38
CA ALA A 307 6.79 17.90 -47.32
C ALA A 307 5.32 17.76 -46.96
N LYS A 308 4.97 17.94 -45.69
CA LYS A 308 3.58 17.87 -45.26
C LYS A 308 2.99 19.25 -44.96
N GLY A 309 3.75 20.32 -45.18
CA GLY A 309 3.34 21.64 -44.77
C GLY A 309 3.88 21.94 -43.39
N GLY A 310 4.40 23.15 -43.19
CA GLY A 310 5.13 23.47 -41.97
C GLY A 310 4.28 23.61 -40.73
N GLY A 311 3.11 22.99 -40.72
CA GLY A 311 2.21 23.10 -39.59
C GLY A 311 2.78 22.51 -38.32
N SER A 312 2.12 22.85 -37.21
CA SER A 312 2.53 22.35 -35.91
C SER A 312 1.34 22.45 -34.96
N LEU A 313 1.34 21.60 -33.93
CA LEU A 313 0.28 21.56 -32.93
C LEU A 313 0.95 21.40 -31.57
N THR A 314 1.24 22.52 -30.91
CA THR A 314 1.74 22.48 -29.55
C THR A 314 0.66 21.97 -28.61
N ALA A 315 1.09 21.22 -27.60
CA ALA A 315 0.18 20.67 -26.60
C ALA A 315 0.61 21.11 -25.21
N LEU A 316 -0.38 21.44 -24.38
CA LEU A 316 -0.18 21.79 -22.97
C LEU A 316 -1.14 20.94 -22.15
N PRO A 317 -0.77 19.70 -21.85
CA PRO A 317 -1.55 18.92 -20.90
C PRO A 317 -1.35 19.43 -19.49
N PHE A 318 -2.39 19.26 -18.67
CA PHE A 318 -2.35 19.66 -17.28
C PHE A 318 -2.62 18.44 -16.40
N VAL A 319 -1.85 18.33 -15.32
CA VAL A 319 -2.03 17.27 -14.34
C VAL A 319 -2.07 17.89 -12.95
N GLU A 320 -3.06 17.49 -12.16
CA GLU A 320 -3.21 17.94 -10.78
C GLU A 320 -2.61 16.91 -9.85
N THR A 321 -1.77 17.36 -8.92
CA THR A 321 -1.08 16.49 -7.99
C THR A 321 -1.56 16.73 -6.57
N GLN A 322 -1.57 15.65 -5.78
CA GLN A 322 -1.96 15.71 -4.38
C GLN A 322 -0.71 15.97 -3.54
N ALA A 323 -0.67 17.13 -2.88
CA ALA A 323 0.47 17.54 -2.06
C ALA A 323 1.75 17.61 -2.87
N GLY A 324 1.64 17.91 -4.15
CA GLY A 324 2.80 18.00 -5.02
C GLY A 324 3.53 16.70 -5.23
N ASP A 325 2.80 15.60 -5.38
CA ASP A 325 3.39 14.28 -5.57
C ASP A 325 3.52 14.01 -7.06
N ILE A 326 4.64 14.44 -7.65
CA ILE A 326 4.92 14.15 -9.04
C ILE A 326 5.18 12.67 -9.29
N SER A 327 5.37 11.89 -8.25
CA SER A 327 5.67 10.47 -8.37
C SER A 327 4.44 9.59 -8.43
N ALA A 328 3.25 10.19 -8.49
CA ALA A 328 2.02 9.42 -8.58
C ALA A 328 1.94 8.73 -9.94
N TYR A 329 0.85 8.00 -10.16
CA TYR A 329 0.73 7.20 -11.38
C TYR A 329 0.53 8.07 -12.60
N ILE A 330 -0.57 8.83 -12.64
CA ILE A 330 -0.85 9.68 -13.79
C ILE A 330 0.23 10.73 -14.03
N PRO A 331 0.72 11.46 -13.01
CA PRO A 331 1.82 12.40 -13.27
C PRO A 331 3.02 11.74 -13.90
N THR A 332 3.38 10.53 -13.45
CA THR A 332 4.54 9.85 -14.01
C THR A 332 4.28 9.42 -15.45
N ASN A 333 3.06 8.92 -15.73
CA ASN A 333 2.71 8.56 -17.10
C ASN A 333 2.88 9.75 -18.03
N VAL A 334 2.26 10.88 -17.68
CA VAL A 334 2.27 12.02 -18.60
C VAL A 334 3.65 12.67 -18.63
N ILE A 335 4.43 12.57 -17.54
CA ILE A 335 5.80 13.06 -17.58
C ILE A 335 6.62 12.25 -18.58
N SER A 336 6.46 10.93 -18.55
CA SER A 336 7.18 10.10 -19.51
C SER A 336 6.74 10.40 -20.94
N ILE A 337 5.44 10.62 -21.15
CA ILE A 337 4.94 10.83 -22.51
C ILE A 337 5.44 12.14 -23.09
N THR A 338 5.34 13.22 -22.33
CA THR A 338 5.60 14.55 -22.87
C THR A 338 7.09 14.79 -23.08
N ASP A 339 7.40 15.93 -23.71
CA ASP A 339 8.76 16.34 -24.01
C ASP A 339 9.31 17.32 -22.99
N GLY A 340 8.59 17.52 -21.89
CA GLY A 340 9.04 18.44 -20.86
C GLY A 340 7.98 18.56 -19.80
N GLN A 341 8.21 19.46 -18.85
CA GLN A 341 7.24 19.68 -17.79
C GLN A 341 7.49 21.03 -17.15
N ILE A 342 6.41 21.67 -16.70
CA ILE A 342 6.46 22.87 -15.91
C ILE A 342 5.80 22.55 -14.58
N PHE A 343 6.59 22.53 -13.51
CA PHE A 343 6.08 22.17 -12.19
C PHE A 343 5.73 23.44 -11.43
N LEU A 344 4.45 23.57 -11.08
CA LEU A 344 3.98 24.72 -10.31
C LEU A 344 3.79 24.30 -8.86
N GLN A 345 4.56 24.92 -7.97
CA GLN A 345 4.66 24.49 -6.58
C GLN A 345 3.86 25.43 -5.69
N SER A 346 3.04 24.86 -4.81
CA SER A 346 2.22 25.65 -3.91
C SER A 346 3.02 26.29 -2.79
N ASP A 347 4.17 25.69 -2.42
CA ASP A 347 5.01 26.29 -1.39
C ASP A 347 5.50 27.68 -1.83
N LEU A 348 5.93 27.81 -3.07
CA LEU A 348 6.28 29.12 -3.61
C LEU A 348 5.05 29.99 -3.79
N PHE A 349 3.94 29.39 -4.20
CA PHE A 349 2.74 30.15 -4.50
C PHE A 349 2.20 30.88 -3.27
N PHE A 350 2.19 30.20 -2.12
CA PHE A 350 1.60 30.80 -0.93
C PHE A 350 2.38 32.03 -0.48
N SER A 351 3.68 32.08 -0.76
CA SER A 351 4.51 33.22 -0.39
C SER A 351 4.38 34.38 -1.38
N GLY A 352 3.37 34.36 -2.25
CA GLY A 352 3.12 35.44 -3.17
C GLY A 352 3.84 35.34 -4.50
N VAL A 353 4.70 34.35 -4.68
CA VAL A 353 5.47 34.20 -5.92
C VAL A 353 4.53 33.61 -6.97
N ARG A 354 3.96 34.48 -7.80
CA ARG A 354 3.01 34.06 -8.83
C ARG A 354 3.42 34.66 -10.17
N PRO A 355 3.52 33.86 -11.23
CA PRO A 355 3.28 32.41 -11.32
C PRO A 355 4.38 31.62 -10.63
N ALA A 356 4.03 30.49 -10.01
CA ALA A 356 4.96 29.76 -9.13
C ALA A 356 5.61 28.64 -9.91
N ILE A 357 6.62 28.99 -10.70
CA ILE A 357 7.37 27.99 -11.47
C ILE A 357 8.48 27.43 -10.60
N ASN A 358 8.53 26.09 -10.51
CA ASN A 358 9.66 25.40 -9.87
C ASN A 358 10.73 25.22 -10.93
N ALA A 359 11.54 26.27 -11.11
CA ALA A 359 12.53 26.28 -12.18
C ALA A 359 13.64 25.27 -11.98
N GLY A 360 13.76 24.68 -10.78
CA GLY A 360 14.73 23.63 -10.56
C GLY A 360 14.21 22.26 -10.95
N LEU A 361 12.89 22.13 -11.03
CA LEU A 361 12.27 20.86 -11.38
C LEU A 361 11.48 20.90 -12.68
N SER A 362 11.49 22.03 -13.39
CA SER A 362 10.82 22.18 -14.67
C SER A 362 11.87 22.24 -15.76
N VAL A 363 11.75 21.35 -16.75
CA VAL A 363 12.72 21.25 -17.82
C VAL A 363 12.00 21.16 -19.15
N SER A 364 12.70 21.53 -20.22
CA SER A 364 12.20 21.40 -21.58
C SER A 364 13.31 20.78 -22.42
N ARG A 365 13.03 19.65 -23.06
CA ARG A 365 14.03 18.97 -23.86
C ARG A 365 14.16 19.61 -25.24
N VAL A 366 13.08 19.58 -26.02
CA VAL A 366 13.14 20.10 -27.38
C VAL A 366 13.08 21.62 -27.46
N GLY A 367 12.71 22.29 -26.38
CA GLY A 367 12.58 23.73 -26.43
C GLY A 367 13.86 24.51 -26.33
N GLY A 368 14.96 23.85 -25.93
CA GLY A 368 16.21 24.57 -25.73
C GLY A 368 16.73 25.22 -26.99
N ALA A 369 16.53 24.58 -28.14
CA ALA A 369 16.96 25.14 -29.41
C ALA A 369 15.87 25.98 -30.08
N ALA A 370 14.64 25.95 -29.57
CA ALA A 370 13.58 26.77 -30.13
C ALA A 370 13.69 28.22 -29.70
N GLN A 371 14.43 28.51 -28.64
CA GLN A 371 14.62 29.89 -28.20
C GLN A 371 15.30 30.71 -29.29
N ILE A 372 14.88 31.97 -29.41
CA ILE A 372 15.61 32.92 -30.24
C ILE A 372 16.97 33.20 -29.60
N LYS A 373 17.94 33.58 -30.44
CA LYS A 373 19.30 33.81 -29.96
C LYS A 373 19.33 34.83 -28.83
N ALA A 374 18.47 35.85 -28.92
CA ALA A 374 18.43 36.88 -27.90
C ALA A 374 18.08 36.30 -26.54
N MET A 375 17.09 35.41 -26.49
CA MET A 375 16.71 34.79 -25.23
C MET A 375 17.80 33.85 -24.72
N LYS A 376 18.47 33.14 -25.64
CA LYS A 376 19.51 32.20 -25.24
C LYS A 376 20.70 32.89 -24.63
N LYS A 377 21.04 34.09 -25.13
CA LYS A 377 22.22 34.77 -24.62
C LYS A 377 22.10 35.21 -23.17
N VAL A 378 20.89 35.16 -22.59
CA VAL A 378 20.68 35.58 -21.21
C VAL A 378 20.04 34.51 -20.33
N ALA A 379 19.38 33.50 -20.91
CA ALA A 379 18.70 32.50 -20.10
C ALA A 379 19.68 31.71 -19.26
N GLY A 380 20.87 31.45 -19.79
CA GLY A 380 21.85 30.68 -19.03
C GLY A 380 22.26 31.38 -17.74
N THR A 381 22.60 32.66 -17.83
CA THR A 381 22.97 33.42 -16.64
C THR A 381 21.79 33.53 -15.68
N LEU A 382 20.60 33.77 -16.22
CA LEU A 382 19.42 33.85 -15.35
C LEU A 382 19.24 32.55 -14.57
N ARG A 383 19.39 31.42 -15.26
CA ARG A 383 19.28 30.12 -14.60
C ARG A 383 20.36 29.96 -13.53
N LEU A 384 21.60 30.38 -13.84
CA LEU A 384 22.68 30.19 -12.89
C LEU A 384 22.41 30.93 -11.58
N ASP A 385 22.11 32.23 -11.67
CA ASP A 385 21.84 32.97 -10.43
C ASP A 385 20.57 32.49 -9.73
N LEU A 386 19.51 32.18 -10.50
CA LEU A 386 18.28 31.73 -9.87
C LEU A 386 18.49 30.43 -9.10
N ALA A 387 19.21 29.48 -9.71
CA ALA A 387 19.47 28.21 -9.03
C ALA A 387 20.40 28.39 -7.86
N ALA A 388 21.39 29.28 -7.97
CA ALA A 388 22.31 29.52 -6.86
C ALA A 388 21.56 30.06 -5.65
N TYR A 389 20.66 31.03 -5.87
CA TYR A 389 19.91 31.58 -4.74
C TYR A 389 18.87 30.60 -4.22
N ARG A 390 18.11 29.97 -5.13
CA ARG A 390 17.01 29.10 -4.74
C ARG A 390 17.51 27.91 -3.93
N GLU A 391 18.74 27.47 -4.18
CA GLU A 391 19.30 26.34 -3.43
C GLU A 391 19.44 26.67 -1.95
N LEU A 392 19.58 27.95 -1.61
CA LEU A 392 20.05 28.33 -0.28
C LEU A 392 19.24 29.47 0.35
N GLU A 393 18.01 29.72 -0.13
CA GLU A 393 17.23 30.81 0.44
C GLU A 393 16.94 30.60 1.92
N ALA A 394 16.87 29.34 2.36
CA ALA A 394 16.55 29.07 3.76
C ALA A 394 17.66 29.53 4.70
N PHE A 395 18.89 29.58 4.22
CA PHE A 395 19.99 30.07 5.05
C PHE A 395 19.80 31.53 5.43
N ALA A 396 19.34 32.35 4.48
CA ALA A 396 19.29 33.79 4.69
C ALA A 396 18.28 34.18 5.76
N GLN A 397 17.12 33.52 5.78
CA GLN A 397 16.00 33.98 6.58
C GLN A 397 16.29 34.00 8.07
N PHE A 398 17.31 33.28 8.53
CA PHE A 398 17.67 33.27 9.94
C PHE A 398 18.69 34.34 10.29
N GLY A 399 19.10 35.19 9.34
CA GLY A 399 20.00 36.27 9.62
C GLY A 399 21.44 35.84 9.74
N SER A 400 22.30 36.82 10.04
CA SER A 400 23.74 36.62 10.21
C SER A 400 24.34 35.94 8.98
N ASP A 401 24.27 36.69 7.87
CA ASP A 401 24.54 36.13 6.55
C ASP A 401 25.96 35.59 6.45
N LEU A 402 26.18 34.76 5.43
CA LEU A 402 27.46 34.14 5.15
C LEU A 402 28.38 35.11 4.42
N ASP A 403 29.44 34.58 3.80
CA ASP A 403 30.46 35.37 3.12
C ASP A 403 29.86 36.38 2.14
N LYS A 404 30.62 37.42 1.81
CA LYS A 404 30.13 38.49 0.94
C LYS A 404 29.64 37.94 -0.40
N ALA A 405 30.27 36.88 -0.90
CA ALA A 405 29.77 36.24 -2.12
C ALA A 405 28.37 35.68 -1.89
N THR A 406 28.13 35.07 -0.73
CA THR A 406 26.80 34.56 -0.42
C THR A 406 25.79 35.70 -0.29
N GLN A 407 26.19 36.82 0.30
CA GLN A 407 25.29 37.97 0.41
C GLN A 407 24.95 38.53 -0.97
N ALA A 408 25.94 38.60 -1.86
CA ALA A 408 25.68 39.03 -3.23
C ALA A 408 24.74 38.07 -3.95
N LYS A 409 24.95 36.75 -3.75
CA LYS A 409 24.04 35.78 -4.33
C LYS A 409 22.62 35.97 -3.81
N LEU A 410 22.48 36.22 -2.51
CA LEU A 410 21.15 36.42 -1.94
C LEU A 410 20.47 37.64 -2.53
N ALA A 411 21.21 38.76 -2.64
CA ALA A 411 20.63 39.97 -3.21
C ALA A 411 20.23 39.75 -4.66
N ARG A 412 21.11 39.12 -5.45
CA ARG A 412 20.79 38.88 -6.85
C ARG A 412 19.60 37.96 -7.01
N GLY A 413 19.51 36.93 -6.16
CA GLY A 413 18.37 36.03 -6.24
C GLY A 413 17.07 36.70 -5.82
N ALA A 414 17.12 37.58 -4.82
CA ALA A 414 15.93 38.34 -4.47
C ALA A 414 15.48 39.19 -5.65
N ARG A 415 16.42 39.87 -6.31
CA ARG A 415 16.06 40.64 -7.49
C ARG A 415 15.48 39.73 -8.57
N THR A 416 16.05 38.55 -8.75
CA THR A 416 15.59 37.63 -9.80
C THR A 416 14.16 37.19 -9.55
N VAL A 417 13.86 36.75 -8.32
CA VAL A 417 12.52 36.28 -8.02
C VAL A 417 11.51 37.42 -8.08
N GLU A 418 11.92 38.64 -7.68
CA GLU A 418 11.01 39.76 -7.81
C GLU A 418 10.80 40.16 -9.26
N VAL A 419 11.78 39.89 -10.12
CA VAL A 419 11.63 40.20 -11.54
C VAL A 419 10.70 39.21 -12.21
N LEU A 420 10.87 37.91 -11.92
CA LEU A 420 10.10 36.89 -12.61
C LEU A 420 8.63 36.85 -12.20
N LYS A 421 8.23 37.64 -11.19
CA LYS A 421 6.84 37.68 -10.77
C LYS A 421 6.05 38.60 -11.71
N GLN A 422 4.95 38.08 -12.25
CA GLN A 422 4.12 38.80 -13.21
C GLN A 422 2.75 39.08 -12.63
N ASP A 423 2.05 40.04 -13.24
CA ASP A 423 0.76 40.51 -12.74
C ASP A 423 -0.37 39.88 -13.54
N LEU A 424 -0.65 38.62 -13.23
CA LEU A 424 -1.86 37.91 -13.65
C LEU A 424 -1.98 37.94 -15.17
N HIS A 425 -3.08 38.43 -15.75
CA HIS A 425 -3.46 38.15 -17.13
C HIS A 425 -2.70 38.98 -18.16
N GLN A 426 -1.71 39.78 -17.75
CA GLN A 426 -1.02 40.63 -18.71
C GLN A 426 0.32 40.01 -19.08
N PRO A 427 0.48 39.50 -20.30
CA PRO A 427 1.78 38.98 -20.72
C PRO A 427 2.75 40.11 -21.06
N ILE A 428 3.99 39.72 -21.32
CA ILE A 428 5.06 40.66 -21.66
C ILE A 428 5.67 40.22 -22.98
N PRO A 429 5.81 41.12 -23.96
CA PRO A 429 6.38 40.71 -25.24
C PRO A 429 7.83 40.26 -25.07
N VAL A 430 8.25 39.33 -25.93
CA VAL A 430 9.56 38.71 -25.79
C VAL A 430 10.66 39.76 -25.93
N GLU A 431 10.48 40.74 -26.82
CA GLU A 431 11.46 41.81 -26.95
C GLU A 431 11.67 42.54 -25.63
N LYS A 432 10.59 42.71 -24.86
CA LYS A 432 10.73 43.32 -23.54
C LYS A 432 11.37 42.37 -22.56
N GLN A 433 11.05 41.08 -22.67
CA GLN A 433 11.58 40.08 -21.74
C GLN A 433 13.10 40.01 -21.81
N VAL A 434 13.64 39.95 -23.04
CA VAL A 434 15.08 39.79 -23.17
C VAL A 434 15.82 41.00 -22.62
N LEU A 435 15.26 42.21 -22.81
CA LEU A 435 15.94 43.39 -22.31
C LEU A 435 15.79 43.56 -20.81
N ILE A 436 14.65 43.20 -20.22
CA ILE A 436 14.54 43.30 -18.77
C ILE A 436 15.48 42.28 -18.12
N ILE A 437 15.61 41.09 -18.71
CA ILE A 437 16.54 40.13 -18.16
C ILE A 437 17.98 40.57 -18.39
N TYR A 438 18.26 41.25 -19.50
CA TYR A 438 19.57 41.87 -19.69
C TYR A 438 19.86 42.85 -18.56
N ALA A 439 18.89 43.70 -18.24
CA ALA A 439 19.08 44.65 -17.14
C ALA A 439 19.31 43.94 -15.82
N LEU A 440 18.60 42.83 -15.60
CA LEU A 440 18.72 42.11 -14.34
C LEU A 440 20.09 41.44 -14.20
N THR A 441 20.52 40.73 -15.24
CA THR A 441 21.65 39.82 -15.10
C THR A 441 22.99 40.53 -15.01
N ARG A 442 23.16 41.63 -15.75
CA ARG A 442 24.47 42.24 -15.90
C ARG A 442 24.85 43.18 -14.75
N GLY A 443 24.20 43.05 -13.59
CA GLY A 443 24.57 43.85 -12.44
C GLY A 443 24.13 45.29 -12.54
N PHE A 444 22.84 45.51 -12.67
CA PHE A 444 22.25 46.85 -12.71
C PHE A 444 21.15 47.03 -11.68
N LEU A 445 20.36 45.99 -11.41
CA LEU A 445 19.31 46.07 -10.40
C LEU A 445 19.84 45.91 -8.99
N ASP A 446 21.12 45.57 -8.83
CA ASP A 446 21.71 45.41 -7.51
C ASP A 446 21.78 46.71 -6.72
N ASP A 447 21.58 47.85 -7.36
CA ASP A 447 21.55 49.14 -6.69
C ASP A 447 20.13 49.59 -6.36
N ILE A 448 19.15 48.71 -6.54
CA ILE A 448 17.73 49.07 -6.36
C ILE A 448 17.14 48.23 -5.24
N PRO A 449 16.32 48.81 -4.36
CA PRO A 449 15.70 48.02 -3.29
C PRO A 449 14.82 46.92 -3.86
N VAL A 450 14.70 45.84 -3.08
CA VAL A 450 14.05 44.63 -3.56
C VAL A 450 12.61 44.92 -3.97
N GLU A 451 11.86 45.62 -3.12
CA GLU A 451 10.46 45.88 -3.42
C GLU A 451 10.28 46.79 -4.63
N ASP A 452 11.27 47.60 -4.96
CA ASP A 452 11.11 48.59 -6.01
C ASP A 452 11.48 48.09 -7.39
N VAL A 453 12.01 46.86 -7.52
CA VAL A 453 12.39 46.39 -8.84
C VAL A 453 11.17 46.09 -9.70
N ARG A 454 10.02 45.79 -9.07
CA ARG A 454 8.80 45.58 -9.86
C ARG A 454 8.35 46.88 -10.51
N ARG A 455 8.31 47.96 -9.75
CA ARG A 455 8.00 49.26 -10.33
C ARG A 455 9.09 49.70 -11.30
N PHE A 456 10.34 49.32 -11.05
CA PHE A 456 11.41 49.60 -12.01
C PHE A 456 11.14 48.92 -13.34
N GLU A 457 10.70 47.66 -13.31
CA GLU A 457 10.34 46.97 -14.55
C GLU A 457 9.14 47.65 -15.22
N LYS A 458 8.13 48.03 -14.43
CA LYS A 458 6.95 48.65 -15.00
C LYS A 458 7.28 49.96 -15.70
N GLU A 459 8.17 50.76 -15.10
CA GLU A 459 8.60 52.00 -15.74
C GLU A 459 9.56 51.73 -16.90
N PHE A 460 10.38 50.69 -16.78
CA PHE A 460 11.32 50.35 -17.83
C PHE A 460 10.59 50.00 -19.12
N TYR A 461 9.47 49.27 -19.00
CA TYR A 461 8.73 48.85 -20.18
C TYR A 461 8.25 50.04 -20.99
N LEU A 462 7.55 50.98 -20.35
CA LEU A 462 7.04 52.10 -21.12
C LEU A 462 8.14 53.10 -21.49
N PHE A 463 9.22 53.18 -20.70
CA PHE A 463 10.35 54.01 -21.11
C PHE A 463 10.98 53.47 -22.39
N LEU A 464 11.13 52.16 -22.49
CA LEU A 464 11.64 51.55 -23.72
C LEU A 464 10.64 51.71 -24.86
N ASP A 465 9.35 51.60 -24.57
CA ASP A 465 8.35 51.78 -25.62
C ASP A 465 8.41 53.20 -26.19
N GLN A 466 8.64 54.19 -25.34
CA GLN A 466 8.67 55.57 -25.81
C GLN A 466 10.02 55.93 -26.42
N ASN A 467 11.09 55.90 -25.62
CA ASN A 467 12.38 56.44 -26.00
C ASN A 467 13.41 55.38 -26.32
N GLY A 468 13.05 54.09 -26.27
CA GLY A 468 14.00 53.04 -26.57
C GLY A 468 13.53 52.13 -27.68
N GLN A 469 12.91 52.71 -28.70
CA GLN A 469 12.30 51.91 -29.76
C GLN A 469 13.34 51.24 -30.65
N HIS A 470 14.57 51.75 -30.70
CA HIS A 470 15.55 51.18 -31.62
C HIS A 470 16.04 49.81 -31.14
N LEU A 471 16.28 49.66 -29.84
CA LEU A 471 16.69 48.36 -29.31
C LEU A 471 15.61 47.32 -29.53
N LEU A 472 14.36 47.66 -29.20
CA LEU A 472 13.26 46.72 -29.38
C LEU A 472 13.06 46.39 -30.86
N GLU A 473 13.19 47.38 -31.73
CA GLU A 473 13.05 47.13 -33.16
C GLU A 473 14.13 46.19 -33.67
N HIS A 474 15.37 46.37 -33.20
CA HIS A 474 16.44 45.50 -33.65
C HIS A 474 16.21 44.08 -33.13
N ILE A 475 15.74 43.95 -31.88
CA ILE A 475 15.37 42.64 -31.35
C ILE A 475 14.31 41.97 -32.23
N ARG A 476 13.29 42.75 -32.62
CA ARG A 476 12.24 42.20 -33.47
C ARG A 476 12.80 41.75 -34.81
N THR A 477 13.68 42.56 -35.40
CA THR A 477 14.14 42.29 -36.76
C THR A 477 15.07 41.07 -36.80
N THR A 478 16.05 41.01 -35.89
CA THR A 478 17.09 40.00 -35.99
C THR A 478 17.10 38.99 -34.86
N LYS A 479 16.31 39.18 -33.81
CA LYS A 479 16.21 38.24 -32.70
C LYS A 479 17.55 38.04 -31.99
N ASP A 480 18.37 39.09 -31.94
CA ASP A 480 19.62 39.07 -31.20
C ASP A 480 19.76 40.37 -30.41
N LEU A 481 20.61 40.34 -29.39
CA LEU A 481 20.70 41.48 -28.48
C LEU A 481 21.20 42.72 -29.22
N PRO A 482 20.78 43.91 -28.78
CA PRO A 482 21.27 45.14 -29.40
C PRO A 482 22.75 45.33 -29.10
N ASN A 483 23.32 46.35 -29.73
CA ASN A 483 24.71 46.70 -29.48
C ASN A 483 24.90 46.97 -27.99
N GLU A 484 25.95 46.38 -27.42
CA GLU A 484 26.08 46.35 -25.96
C GLU A 484 26.17 47.76 -25.39
N ASP A 485 26.98 48.62 -26.01
CA ASP A 485 27.15 49.98 -25.51
C ASP A 485 25.84 50.76 -25.59
N ASP A 486 25.08 50.59 -26.67
CA ASP A 486 23.85 51.36 -26.85
C ASP A 486 22.80 51.00 -25.82
N LEU A 487 22.52 49.71 -25.65
CA LEU A 487 21.55 49.32 -24.63
C LEU A 487 22.07 49.67 -23.24
N ASN A 488 23.38 49.56 -23.02
CA ASN A 488 23.95 49.93 -21.74
C ASN A 488 23.71 51.40 -21.41
N LYS A 489 24.00 52.29 -22.37
CA LYS A 489 23.80 53.71 -22.11
C LYS A 489 22.31 54.03 -21.95
N ALA A 490 21.45 53.35 -22.73
CA ALA A 490 20.02 53.58 -22.59
C ALA A 490 19.53 53.23 -21.19
N ILE A 491 19.88 52.03 -20.71
CA ILE A 491 19.41 51.63 -19.39
C ILE A 491 20.10 52.43 -18.29
N GLU A 492 21.35 52.87 -18.50
CA GLU A 492 21.98 53.71 -17.49
C GLU A 492 21.29 55.07 -17.40
N ALA A 493 20.90 55.64 -18.55
CA ALA A 493 20.14 56.88 -18.52
C ALA A 493 18.79 56.68 -17.84
N PHE A 494 18.12 55.56 -18.12
CA PHE A 494 16.85 55.28 -17.46
C PHE A 494 17.02 55.16 -15.96
N LYS A 495 18.08 54.48 -15.52
CA LYS A 495 18.35 54.36 -14.09
C LYS A 495 18.65 55.73 -13.49
N LYS A 496 19.33 56.60 -14.24
CA LYS A 496 19.58 57.95 -13.75
C LYS A 496 18.28 58.73 -13.57
N THR A 497 17.35 58.60 -14.53
CA THR A 497 16.07 59.32 -14.42
C THR A 497 15.02 58.57 -13.62
N PHE A 498 15.28 57.31 -13.27
CA PHE A 498 14.31 56.55 -12.48
C PHE A 498 14.21 57.12 -11.07
N VAL A 499 12.99 57.22 -10.57
CA VAL A 499 12.72 57.78 -9.25
C VAL A 499 12.46 56.59 -8.31
N VAL A 500 13.46 56.27 -7.50
CA VAL A 500 13.35 55.16 -6.56
C VAL A 500 12.62 55.60 -5.29
N ASP B 27 -12.62 -43.87 -26.70
CA ASP B 27 -11.90 -43.11 -25.69
C ASP B 27 -11.08 -41.99 -26.32
N VAL B 28 -11.60 -41.42 -27.41
CA VAL B 28 -10.99 -40.28 -28.07
C VAL B 28 -11.97 -39.11 -28.00
N GLY B 29 -11.41 -37.90 -28.01
CA GLY B 29 -12.21 -36.70 -27.91
C GLY B 29 -11.83 -35.69 -28.97
N THR B 30 -12.61 -34.61 -29.04
CA THR B 30 -12.34 -33.50 -29.94
C THR B 30 -12.14 -32.24 -29.13
N VAL B 31 -11.05 -31.52 -29.41
CA VAL B 31 -10.77 -30.28 -28.72
C VAL B 31 -11.82 -29.24 -29.09
N ILE B 32 -12.43 -28.62 -28.09
CA ILE B 32 -13.40 -27.56 -28.33
C ILE B 32 -12.85 -26.18 -28.01
N GLN B 33 -11.86 -26.05 -27.14
CA GLN B 33 -11.20 -24.78 -26.92
C GLN B 33 -9.71 -25.02 -26.77
N VAL B 34 -8.91 -24.05 -27.24
CA VAL B 34 -7.46 -24.10 -27.02
C VAL B 34 -6.96 -22.67 -26.83
N GLY B 35 -6.46 -22.37 -25.64
CA GLY B 35 -6.00 -21.03 -25.33
C GLY B 35 -4.49 -20.93 -25.28
N ASP B 36 -3.97 -20.29 -24.23
CA ASP B 36 -2.52 -20.10 -24.09
C ASP B 36 -1.91 -21.31 -23.39
N GLY B 37 -1.92 -22.43 -24.11
CA GLY B 37 -1.39 -23.67 -23.58
C GLY B 37 -2.33 -24.43 -22.68
N ILE B 38 -3.61 -24.10 -22.68
CA ILE B 38 -4.63 -24.84 -21.95
C ILE B 38 -5.80 -25.08 -22.88
N ALA B 39 -6.24 -26.33 -22.98
CA ALA B 39 -7.32 -26.72 -23.87
C ALA B 39 -8.48 -27.31 -23.09
N ARG B 40 -9.61 -27.38 -23.76
CA ARG B 40 -10.79 -28.06 -23.26
C ARG B 40 -11.28 -28.98 -24.37
N ALA B 41 -11.47 -30.25 -24.05
CA ALA B 41 -11.87 -31.26 -25.01
C ALA B 41 -13.23 -31.83 -24.61
N HIS B 42 -13.82 -32.56 -25.55
CA HIS B 42 -15.17 -33.09 -25.42
C HIS B 42 -15.15 -34.56 -25.80
N GLY B 43 -15.69 -35.40 -24.93
CA GLY B 43 -15.89 -36.80 -25.26
C GLY B 43 -14.90 -37.77 -24.66
N LEU B 44 -13.98 -37.31 -23.82
CA LEU B 44 -13.03 -38.20 -23.15
C LEU B 44 -13.71 -38.81 -21.93
N ASP B 45 -14.53 -39.82 -22.19
CA ASP B 45 -15.41 -40.36 -21.16
C ASP B 45 -14.64 -41.05 -20.05
N ASN B 46 -13.63 -41.84 -20.40
CA ASN B 46 -12.95 -42.70 -19.44
C ASN B 46 -11.60 -42.14 -18.98
N VAL B 47 -11.37 -40.85 -19.18
CA VAL B 47 -10.07 -40.27 -18.84
C VAL B 47 -9.92 -40.17 -17.33
N MET B 48 -8.82 -40.72 -16.82
CA MET B 48 -8.47 -40.58 -15.42
C MET B 48 -7.93 -39.18 -15.16
N SER B 49 -8.19 -38.67 -13.96
CA SER B 49 -7.58 -37.41 -13.57
C SER B 49 -6.07 -37.54 -13.53
N GLY B 50 -5.37 -36.57 -14.11
CA GLY B 50 -3.93 -36.63 -14.18
C GLY B 50 -3.38 -37.58 -15.22
N GLU B 51 -4.19 -37.98 -16.19
CA GLU B 51 -3.74 -38.88 -17.23
C GLU B 51 -2.82 -38.16 -18.20
N LEU B 52 -2.34 -38.91 -19.19
CA LEU B 52 -1.61 -38.35 -20.33
C LEU B 52 -2.44 -38.54 -21.59
N VAL B 53 -2.50 -37.49 -22.41
CA VAL B 53 -3.31 -37.51 -23.62
C VAL B 53 -2.44 -37.07 -24.79
N GLU B 54 -2.73 -37.63 -25.96
CA GLU B 54 -1.94 -37.40 -27.17
C GLU B 54 -2.74 -36.55 -28.14
N PHE B 55 -2.17 -35.43 -28.55
CA PHE B 55 -2.80 -34.59 -29.57
C PHE B 55 -2.42 -35.10 -30.96
N ALA B 56 -3.20 -34.65 -31.95
CA ALA B 56 -3.08 -35.19 -33.30
C ALA B 56 -1.68 -35.03 -33.87
N ASN B 57 -0.96 -34.00 -33.44
CA ASN B 57 0.39 -33.74 -33.93
C ASN B 57 1.46 -34.30 -33.01
N GLY B 58 1.08 -35.09 -32.02
CA GLY B 58 2.05 -35.74 -31.15
C GLY B 58 2.51 -34.93 -29.97
N VAL B 59 1.76 -33.91 -29.55
CA VAL B 59 2.12 -33.10 -28.39
C VAL B 59 1.41 -33.66 -27.16
N MET B 60 2.20 -33.95 -26.13
CA MET B 60 1.67 -34.54 -24.91
C MET B 60 0.86 -33.52 -24.13
N GLY B 61 -0.12 -34.01 -23.38
CA GLY B 61 -0.88 -33.14 -22.49
C GLY B 61 -1.34 -33.92 -21.28
N MET B 62 -1.69 -33.18 -20.22
CA MET B 62 -2.13 -33.79 -18.97
C MET B 62 -3.53 -33.32 -18.63
N ALA B 63 -4.41 -34.26 -18.32
CA ALA B 63 -5.80 -33.94 -18.02
C ALA B 63 -5.90 -33.49 -16.56
N LEU B 64 -6.27 -32.22 -16.36
CA LEU B 64 -6.30 -31.64 -15.02
C LEU B 64 -7.67 -31.77 -14.37
N ASN B 65 -8.70 -31.22 -15.00
CA ASN B 65 -10.03 -31.16 -14.44
C ASN B 65 -11.01 -31.91 -15.32
N LEU B 66 -11.87 -32.70 -14.70
CA LEU B 66 -12.93 -33.42 -15.41
C LEU B 66 -14.27 -32.85 -14.96
N GLU B 67 -15.06 -32.36 -15.92
CA GLU B 67 -16.35 -31.78 -15.62
C GLU B 67 -17.46 -32.65 -16.20
N GLU B 68 -18.70 -32.17 -16.10
CA GLU B 68 -19.86 -32.97 -16.50
C GLU B 68 -19.80 -33.32 -17.97
N ASN B 69 -19.45 -32.36 -18.83
CA ASN B 69 -19.50 -32.55 -20.27
C ASN B 69 -18.15 -32.42 -20.97
N ASN B 70 -17.17 -31.76 -20.36
CA ASN B 70 -15.90 -31.51 -21.01
C ASN B 70 -14.77 -31.82 -20.05
N VAL B 71 -13.59 -32.05 -20.63
CA VAL B 71 -12.38 -32.37 -19.87
C VAL B 71 -11.35 -31.27 -20.10
N GLY B 72 -10.77 -30.76 -19.02
CA GLY B 72 -9.76 -29.74 -19.11
C GLY B 72 -8.38 -30.37 -19.25
N ILE B 73 -7.64 -29.93 -20.27
CA ILE B 73 -6.33 -30.46 -20.59
C ILE B 73 -5.32 -29.33 -20.53
N VAL B 74 -4.11 -29.66 -20.12
CA VAL B 74 -3.00 -28.72 -20.07
C VAL B 74 -1.93 -29.21 -21.03
N ILE B 75 -1.57 -28.38 -22.00
CA ILE B 75 -0.62 -28.78 -23.03
C ILE B 75 0.79 -28.81 -22.46
N LEU B 76 1.59 -29.76 -22.94
CA LEU B 76 2.96 -29.91 -22.47
C LEU B 76 3.95 -29.76 -23.60
N GLY B 77 3.79 -28.71 -24.41
CA GLY B 77 4.67 -28.46 -25.53
C GLY B 77 4.17 -27.34 -26.41
N PRO B 78 4.58 -27.36 -27.68
CA PRO B 78 4.10 -26.32 -28.61
C PRO B 78 2.62 -26.47 -28.94
N TYR B 79 1.81 -25.55 -28.44
CA TYR B 79 0.37 -25.61 -28.60
C TYR B 79 -0.12 -24.87 -29.84
N THR B 80 0.78 -24.21 -30.59
CA THR B 80 0.34 -23.47 -31.76
C THR B 80 -0.12 -24.39 -32.87
N GLY B 81 0.37 -25.63 -32.90
CA GLY B 81 -0.08 -26.58 -33.89
C GLY B 81 -1.39 -27.26 -33.56
N ILE B 82 -1.89 -27.07 -32.35
CA ILE B 82 -3.16 -27.66 -31.93
C ILE B 82 -4.28 -26.66 -32.19
N LYS B 83 -5.32 -27.11 -32.88
CA LYS B 83 -6.46 -26.27 -33.23
C LYS B 83 -7.74 -26.97 -32.80
N GLU B 84 -8.79 -26.18 -32.66
CA GLU B 84 -10.10 -26.73 -32.34
C GLU B 84 -10.54 -27.71 -33.41
N GLY B 85 -11.06 -28.86 -32.97
CA GLY B 85 -11.44 -29.93 -33.85
C GLY B 85 -10.40 -31.03 -33.98
N ASP B 86 -9.17 -30.77 -33.55
CA ASP B 86 -8.13 -31.79 -33.59
C ASP B 86 -8.46 -32.90 -32.61
N GLU B 87 -8.34 -34.15 -33.05
CA GLU B 87 -8.64 -35.28 -32.20
C GLU B 87 -7.58 -35.43 -31.12
N VAL B 88 -7.99 -35.96 -29.98
CA VAL B 88 -7.10 -36.24 -28.86
C VAL B 88 -7.35 -37.67 -28.39
N ARG B 89 -6.28 -38.45 -28.25
CA ARG B 89 -6.35 -39.84 -27.84
C ARG B 89 -5.93 -39.97 -26.38
N ARG B 90 -6.34 -41.08 -25.78
CA ARG B 90 -6.06 -41.40 -24.38
C ARG B 90 -4.94 -42.42 -24.31
N THR B 91 -3.85 -42.06 -23.63
CA THR B 91 -2.71 -42.97 -23.50
C THR B 91 -2.96 -44.10 -22.50
N GLY B 92 -3.87 -43.90 -21.55
CA GLY B 92 -4.12 -44.90 -20.54
C GLY B 92 -3.11 -44.94 -19.42
N ARG B 93 -2.23 -43.94 -19.33
CA ARG B 93 -1.19 -43.91 -18.32
C ARG B 93 -1.26 -42.59 -17.56
N ILE B 94 -0.98 -42.65 -16.26
CA ILE B 94 -0.93 -41.46 -15.42
C ILE B 94 0.34 -40.70 -15.74
N MET B 95 0.45 -39.47 -15.23
CA MET B 95 1.61 -38.62 -15.48
C MET B 95 2.89 -39.33 -15.05
N GLU B 96 3.72 -39.71 -16.02
CA GLU B 96 4.90 -40.51 -15.76
C GLU B 96 6.08 -39.95 -16.53
N VAL B 97 7.28 -40.24 -16.04
CA VAL B 97 8.51 -39.87 -16.73
C VAL B 97 9.39 -41.10 -16.84
N PRO B 98 10.05 -41.30 -17.98
CA PRO B 98 10.96 -42.45 -18.10
C PRO B 98 12.17 -42.25 -17.22
N VAL B 99 12.76 -43.36 -16.79
CA VAL B 99 13.88 -43.33 -15.86
C VAL B 99 14.66 -44.62 -16.01
N GLY B 100 15.91 -44.59 -15.57
CA GLY B 100 16.78 -45.74 -15.69
C GLY B 100 18.24 -45.29 -15.56
N GLU B 101 19.13 -46.15 -16.04
CA GLU B 101 20.54 -45.81 -16.05
C GLU B 101 20.96 -45.00 -17.26
N ALA B 102 20.18 -45.07 -18.35
CA ALA B 102 20.56 -44.39 -19.58
C ALA B 102 20.49 -42.87 -19.46
N LEU B 103 19.69 -42.35 -18.51
CA LEU B 103 19.59 -40.90 -18.36
C LEU B 103 20.88 -40.28 -17.86
N ILE B 104 21.82 -41.07 -17.37
CA ILE B 104 23.06 -40.53 -16.81
C ILE B 104 23.86 -39.84 -17.91
N GLY B 105 24.21 -38.58 -17.69
CA GLY B 105 24.95 -37.80 -18.65
C GLY B 105 24.12 -37.18 -19.75
N ARG B 106 22.81 -37.37 -19.76
CA ARG B 106 21.94 -36.88 -20.82
C ARG B 106 21.19 -35.64 -20.37
N VAL B 107 20.74 -34.86 -21.35
CA VAL B 107 19.92 -33.68 -21.12
C VAL B 107 18.56 -33.94 -21.75
N VAL B 108 17.51 -33.88 -20.93
CA VAL B 108 16.15 -34.21 -21.36
C VAL B 108 15.22 -33.09 -20.90
N ASN B 109 14.07 -33.01 -21.56
CA ASN B 109 13.02 -32.09 -21.16
C ASN B 109 12.24 -32.72 -20.01
N PRO B 110 11.27 -32.02 -19.42
CA PRO B 110 10.50 -32.61 -18.32
C PRO B 110 9.77 -33.90 -18.70
N LEU B 111 9.50 -34.13 -19.98
CA LEU B 111 8.85 -35.36 -20.40
C LEU B 111 9.83 -36.47 -20.70
N GLY B 112 11.12 -36.26 -20.48
CA GLY B 112 12.12 -37.27 -20.70
C GLY B 112 12.63 -37.39 -22.12
N GLN B 113 12.12 -36.60 -23.04
CA GLN B 113 12.61 -36.63 -24.41
C GLN B 113 13.95 -35.91 -24.48
N PRO B 114 14.98 -36.53 -25.07
CA PRO B 114 16.29 -35.90 -25.11
C PRO B 114 16.26 -34.61 -25.94
N VAL B 115 17.04 -33.63 -25.49
CA VAL B 115 17.15 -32.36 -26.20
C VAL B 115 18.55 -32.10 -26.71
N ASP B 116 19.56 -32.85 -26.27
CA ASP B 116 20.89 -32.72 -26.84
C ASP B 116 20.99 -33.55 -28.12
N GLY B 117 22.06 -33.32 -28.87
CA GLY B 117 22.26 -34.03 -30.12
C GLY B 117 22.99 -35.34 -29.94
N LEU B 118 22.67 -36.07 -28.87
CA LEU B 118 23.32 -37.34 -28.55
C LEU B 118 22.42 -38.53 -28.77
N GLY B 119 21.37 -38.38 -29.58
CA GLY B 119 20.49 -39.48 -29.90
C GLY B 119 19.46 -39.73 -28.82
N PRO B 120 18.69 -40.80 -28.97
CA PRO B 120 17.63 -41.11 -28.02
C PRO B 120 18.18 -41.69 -26.72
N VAL B 121 17.30 -41.74 -25.72
CA VAL B 121 17.61 -42.36 -24.43
C VAL B 121 16.81 -43.65 -24.34
N GLU B 122 17.51 -44.77 -24.18
CA GLU B 122 16.88 -46.08 -24.14
C GLU B 122 16.63 -46.48 -22.69
N THR B 123 15.37 -46.44 -22.28
CA THR B 123 14.98 -46.77 -20.91
C THR B 123 13.95 -47.88 -20.91
N THR B 124 13.73 -48.46 -19.73
CA THR B 124 12.78 -49.54 -19.55
C THR B 124 11.72 -49.26 -18.49
N GLU B 125 12.01 -48.41 -17.52
CA GLU B 125 11.10 -48.16 -16.41
C GLU B 125 10.58 -46.73 -16.44
N THR B 126 9.38 -46.55 -15.90
CA THR B 126 8.76 -45.24 -15.78
C THR B 126 8.33 -45.01 -14.33
N ARG B 127 8.36 -43.75 -13.91
CA ARG B 127 7.92 -43.41 -12.57
C ARG B 127 6.84 -42.34 -12.62
N PRO B 128 5.81 -42.45 -11.79
CA PRO B 128 4.75 -41.43 -11.81
C PRO B 128 5.26 -40.08 -11.33
N ILE B 129 4.65 -39.03 -11.88
CA ILE B 129 5.07 -37.66 -11.57
C ILE B 129 4.70 -37.30 -10.15
N GLU B 130 3.48 -37.62 -9.73
CA GLU B 130 2.93 -37.16 -8.45
C GLU B 130 2.89 -38.27 -7.40
N SER B 131 3.91 -39.11 -7.37
CA SER B 131 3.94 -40.25 -6.46
C SER B 131 3.90 -39.79 -5.01
N ARG B 132 3.35 -40.65 -4.15
CA ARG B 132 3.22 -40.34 -2.74
C ARG B 132 4.58 -40.34 -2.05
N ALA B 133 4.77 -39.39 -1.14
CA ALA B 133 5.99 -39.34 -0.35
C ALA B 133 6.03 -40.50 0.64
N PRO B 134 7.22 -40.91 1.07
CA PRO B 134 7.31 -41.96 2.10
C PRO B 134 6.65 -41.50 3.40
N GLY B 135 6.07 -42.47 4.11
CA GLY B 135 5.37 -42.17 5.34
C GLY B 135 6.30 -41.70 6.44
N VAL B 136 5.72 -41.50 7.63
CA VAL B 136 6.49 -41.00 8.75
C VAL B 136 7.35 -42.08 9.40
N MET B 137 7.01 -43.35 9.19
CA MET B 137 7.78 -44.46 9.73
C MET B 137 8.86 -44.96 8.76
N ASP B 138 8.87 -44.48 7.52
CA ASP B 138 9.80 -44.96 6.52
C ASP B 138 11.12 -44.21 6.51
N ARG B 139 11.24 -43.13 7.28
CA ARG B 139 12.42 -42.29 7.25
C ARG B 139 13.26 -42.51 8.50
N ARG B 140 14.42 -41.85 8.52
CA ARG B 140 15.30 -41.88 9.68
C ARG B 140 16.07 -40.58 9.73
N SER B 141 16.64 -40.29 10.90
CA SER B 141 17.38 -39.06 11.08
C SER B 141 18.62 -39.04 10.18
N VAL B 142 19.01 -37.84 9.77
CA VAL B 142 20.14 -37.66 8.86
C VAL B 142 21.41 -38.07 9.62
N HIS B 143 22.07 -39.12 9.15
CA HIS B 143 23.21 -39.71 9.85
C HIS B 143 24.53 -39.51 9.15
N GLU B 144 24.55 -38.99 7.92
CA GLU B 144 25.74 -38.95 7.11
C GLU B 144 25.85 -37.61 6.40
N PRO B 145 27.06 -37.17 6.09
CA PRO B 145 27.24 -35.87 5.44
C PRO B 145 27.13 -35.92 3.93
N LEU B 146 26.75 -34.79 3.36
CA LEU B 146 26.80 -34.54 1.93
C LEU B 146 27.85 -33.44 1.73
N GLN B 147 29.08 -33.86 1.47
CA GLN B 147 30.21 -32.93 1.38
C GLN B 147 30.06 -32.09 0.13
N THR B 148 29.52 -30.89 0.28
CA THR B 148 29.34 -30.00 -0.86
C THR B 148 30.68 -29.57 -1.44
N GLY B 149 31.64 -29.25 -0.59
CA GLY B 149 32.93 -28.78 -1.06
C GLY B 149 33.17 -27.30 -0.95
N ILE B 150 32.28 -26.56 -0.29
CA ILE B 150 32.47 -25.14 -0.03
C ILE B 150 32.64 -24.98 1.48
N LYS B 151 33.59 -24.13 1.87
CA LYS B 151 33.99 -24.05 3.27
C LYS B 151 32.80 -23.67 4.17
N ALA B 152 32.12 -22.57 3.84
CA ALA B 152 31.03 -22.11 4.69
C ALA B 152 29.86 -23.09 4.68
N ILE B 153 29.56 -23.67 3.52
CA ILE B 153 28.41 -24.57 3.42
C ILE B 153 28.70 -25.86 4.17
N ASP B 154 29.94 -26.36 4.13
CA ASP B 154 30.26 -27.63 4.76
C ASP B 154 30.68 -27.47 6.22
N ALA B 155 30.92 -26.26 6.68
CA ALA B 155 31.38 -26.02 8.05
C ALA B 155 30.38 -25.22 8.87
N LEU B 156 29.69 -24.26 8.27
CA LEU B 156 28.81 -23.35 8.98
C LEU B 156 27.34 -23.69 8.83
N VAL B 157 26.93 -24.16 7.65
CA VAL B 157 25.54 -24.54 7.39
C VAL B 157 25.53 -25.95 6.83
N PRO B 158 25.77 -26.96 7.66
CA PRO B 158 25.99 -28.32 7.13
C PRO B 158 24.74 -28.88 6.45
N ILE B 159 24.99 -29.77 5.49
CA ILE B 159 23.94 -30.43 4.72
C ILE B 159 24.15 -31.94 4.81
N GLY B 160 23.07 -32.67 5.08
CA GLY B 160 23.12 -34.11 5.16
C GLY B 160 22.62 -34.77 3.89
N ARG B 161 22.68 -36.11 3.91
CA ARG B 161 22.35 -36.90 2.72
C ARG B 161 20.85 -37.03 2.49
N GLY B 162 20.01 -36.56 3.41
CA GLY B 162 18.58 -36.63 3.21
C GLY B 162 17.91 -35.29 3.44
N GLN B 163 18.72 -34.25 3.64
CA GLN B 163 18.20 -32.93 3.95
C GLN B 163 17.54 -32.31 2.72
N ARG B 164 16.72 -31.29 2.97
CA ARG B 164 16.21 -30.40 1.94
C ARG B 164 16.71 -29.01 2.33
N GLU B 165 17.84 -28.61 1.76
CA GLU B 165 18.46 -27.35 2.10
C GLU B 165 18.21 -26.35 0.98
N LEU B 166 17.58 -25.23 1.32
CA LEU B 166 17.20 -24.21 0.36
C LEU B 166 18.33 -23.23 0.15
N ILE B 167 18.62 -22.92 -1.12
CA ILE B 167 19.54 -21.85 -1.47
C ILE B 167 18.71 -20.67 -1.94
N ILE B 168 18.83 -19.54 -1.25
CA ILE B 168 17.98 -18.39 -1.47
C ILE B 168 18.85 -17.16 -1.64
N GLY B 169 18.55 -16.34 -2.63
CA GLY B 169 19.33 -15.14 -2.85
C GLY B 169 18.81 -14.38 -4.05
N ASP B 170 19.41 -13.21 -4.28
CA ASP B 170 19.02 -12.35 -5.38
C ASP B 170 19.62 -12.85 -6.69
N ARG B 171 19.53 -12.03 -7.73
CA ARG B 171 20.23 -12.32 -8.97
C ARG B 171 21.73 -12.27 -8.75
N GLN B 172 22.47 -12.99 -9.59
CA GLN B 172 23.90 -13.22 -9.41
C GLN B 172 24.05 -13.96 -8.09
N THR B 173 24.89 -13.49 -7.16
CA THR B 173 25.05 -14.06 -5.81
C THR B 173 25.54 -15.51 -5.82
N GLY B 174 25.80 -16.07 -7.00
CA GLY B 174 26.43 -17.36 -7.10
C GLY B 174 25.68 -18.53 -6.48
N LYS B 175 24.41 -18.72 -6.85
CA LYS B 175 23.67 -19.90 -6.41
C LYS B 175 23.89 -21.08 -7.34
N THR B 176 23.71 -20.86 -8.65
CA THR B 176 24.02 -21.89 -9.62
C THR B 176 25.47 -22.33 -9.51
N SER B 177 26.37 -21.41 -9.17
CA SER B 177 27.76 -21.79 -8.93
C SER B 177 27.85 -22.77 -7.76
N VAL B 178 27.11 -22.52 -6.69
CA VAL B 178 27.12 -23.43 -5.55
C VAL B 178 26.62 -24.81 -5.97
N ALA B 179 25.53 -24.86 -6.75
CA ALA B 179 25.01 -26.15 -7.20
C ALA B 179 26.01 -26.88 -8.08
N ILE B 180 26.67 -26.17 -9.00
CA ILE B 180 27.64 -26.80 -9.89
C ILE B 180 28.81 -27.35 -9.08
N ASP B 181 29.30 -26.58 -8.11
CA ASP B 181 30.40 -27.09 -7.28
C ASP B 181 29.97 -28.30 -6.47
N THR B 182 28.73 -28.30 -5.97
CA THR B 182 28.22 -29.48 -5.26
C THR B 182 28.26 -30.71 -6.16
N ILE B 183 27.68 -30.58 -7.36
CA ILE B 183 27.61 -31.74 -8.26
C ILE B 183 29.01 -32.18 -8.68
N ILE B 184 29.92 -31.22 -8.85
CA ILE B 184 31.29 -31.56 -9.23
C ILE B 184 31.98 -32.31 -8.11
N ASN B 185 31.85 -31.84 -6.87
CA ASN B 185 32.50 -32.51 -5.75
C ASN B 185 31.88 -33.88 -5.48
N GLN B 186 30.63 -34.10 -5.90
CA GLN B 186 30.10 -35.44 -5.66
C GLN B 186 30.80 -36.53 -6.50
N LYS B 187 31.87 -36.23 -7.24
CA LYS B 187 32.48 -37.20 -8.12
C LYS B 187 33.02 -38.41 -7.36
N ASP B 188 33.84 -38.15 -6.33
CA ASP B 188 34.40 -39.26 -5.58
C ASP B 188 33.36 -39.96 -4.72
N GLN B 189 32.30 -39.26 -4.33
CA GLN B 189 31.20 -39.89 -3.62
C GLN B 189 30.43 -40.82 -4.55
N ASN B 190 29.76 -41.80 -3.95
CA ASN B 190 28.98 -42.78 -4.71
C ASN B 190 27.52 -42.36 -4.79
N MET B 191 27.30 -41.13 -5.26
CA MET B 191 25.97 -40.53 -5.26
C MET B 191 25.64 -39.98 -6.64
N ILE B 192 24.45 -40.33 -7.14
CA ILE B 192 23.96 -39.76 -8.39
C ILE B 192 23.52 -38.32 -8.15
N SER B 193 23.64 -37.49 -9.18
CA SER B 193 23.24 -36.09 -9.09
C SER B 193 22.28 -35.76 -10.23
N ILE B 194 21.38 -34.81 -9.96
CA ILE B 194 20.40 -34.36 -10.93
C ILE B 194 20.35 -32.85 -10.90
N TYR B 195 20.27 -32.24 -12.08
CA TYR B 195 20.14 -30.79 -12.22
C TYR B 195 18.85 -30.48 -12.96
N VAL B 196 17.97 -29.73 -12.32
CA VAL B 196 16.70 -29.33 -12.92
C VAL B 196 16.76 -27.84 -13.17
N ALA B 197 16.61 -27.44 -14.43
CA ALA B 197 16.67 -26.05 -14.84
C ALA B 197 15.26 -25.55 -15.12
N ILE B 198 14.77 -24.64 -14.28
CA ILE B 198 13.44 -24.08 -14.41
C ILE B 198 13.56 -22.65 -14.90
N GLY B 199 13.07 -22.39 -16.10
CA GLY B 199 12.97 -21.04 -16.61
C GLY B 199 14.31 -20.37 -16.91
N GLN B 200 15.40 -21.10 -16.73
CA GLN B 200 16.71 -20.54 -17.00
C GLN B 200 16.91 -20.40 -18.51
N LYS B 201 17.81 -19.48 -18.88
CA LYS B 201 18.16 -19.31 -20.28
C LYS B 201 18.79 -20.59 -20.81
N GLU B 202 18.36 -21.01 -22.00
CA GLU B 202 18.90 -22.24 -22.58
C GLU B 202 20.39 -22.12 -22.85
N SER B 203 20.88 -20.92 -23.13
CA SER B 203 22.32 -20.73 -23.28
C SER B 203 23.04 -20.98 -21.96
N THR B 204 22.48 -20.49 -20.84
CA THR B 204 23.09 -20.74 -19.55
C THR B 204 23.07 -22.22 -19.19
N VAL B 205 21.97 -22.91 -19.54
CA VAL B 205 21.90 -24.35 -19.31
C VAL B 205 22.95 -25.07 -20.13
N ARG B 206 23.15 -24.63 -21.39
CA ARG B 206 24.20 -25.22 -22.22
C ARG B 206 25.58 -25.02 -21.60
N THR B 207 25.84 -23.80 -21.10
CA THR B 207 27.12 -23.52 -20.47
C THR B 207 27.33 -24.38 -19.23
N VAL B 208 26.29 -24.54 -18.41
CA VAL B 208 26.40 -25.36 -17.21
C VAL B 208 26.65 -26.83 -17.58
N VAL B 209 25.94 -27.32 -18.60
CA VAL B 209 26.13 -28.71 -19.02
C VAL B 209 27.55 -28.93 -19.52
N GLU B 210 28.08 -27.98 -20.29
CA GLU B 210 29.45 -28.14 -20.77
C GLU B 210 30.47 -28.00 -19.64
N THR B 211 30.17 -27.18 -18.63
CA THR B 211 31.04 -27.12 -17.45
C THR B 211 31.06 -28.45 -16.72
N LEU B 212 29.89 -29.08 -16.55
CA LEU B 212 29.84 -30.39 -15.93
C LEU B 212 30.57 -31.44 -16.79
N ARG B 213 30.48 -31.31 -18.11
CA ARG B 213 31.21 -32.22 -18.98
C ARG B 213 32.71 -32.07 -18.83
N LYS B 214 33.20 -30.84 -18.76
CA LYS B 214 34.64 -30.62 -18.66
C LYS B 214 35.20 -31.06 -17.31
N HIS B 215 34.36 -31.14 -16.27
CA HIS B 215 34.79 -31.62 -14.97
C HIS B 215 34.40 -33.08 -14.74
N GLY B 216 33.87 -33.75 -15.76
CA GLY B 216 33.50 -35.14 -15.63
C GLY B 216 32.23 -35.38 -14.84
N ALA B 217 31.50 -34.31 -14.48
CA ALA B 217 30.30 -34.48 -13.67
C ALA B 217 29.20 -35.20 -14.42
N LEU B 218 29.21 -35.18 -15.75
CA LEU B 218 28.19 -35.90 -16.51
C LEU B 218 28.36 -37.40 -16.46
N ASP B 219 29.46 -37.89 -15.87
CA ASP B 219 29.62 -39.33 -15.68
C ASP B 219 28.58 -39.90 -14.73
N TYR B 220 27.91 -39.04 -13.95
CA TYR B 220 26.89 -39.50 -13.02
C TYR B 220 25.68 -38.57 -12.92
N THR B 221 25.60 -37.51 -13.72
CA THR B 221 24.61 -36.47 -13.54
C THR B 221 23.59 -36.49 -14.67
N ILE B 222 22.32 -36.34 -14.31
CA ILE B 222 21.23 -36.12 -15.26
C ILE B 222 20.87 -34.65 -15.21
N VAL B 223 20.50 -34.10 -16.37
CA VAL B 223 20.11 -32.69 -16.47
C VAL B 223 18.72 -32.63 -17.10
N VAL B 224 17.79 -32.01 -16.39
CA VAL B 224 16.43 -31.78 -16.87
C VAL B 224 16.27 -30.29 -17.14
N THR B 225 15.87 -29.93 -18.35
CA THR B 225 15.85 -28.55 -18.78
C THR B 225 14.45 -28.11 -19.17
N ALA B 226 14.09 -26.89 -18.76
CA ALA B 226 12.85 -26.26 -19.19
C ALA B 226 13.14 -24.76 -19.25
N SER B 227 13.44 -24.26 -20.45
CA SER B 227 13.90 -22.89 -20.61
C SER B 227 12.74 -21.91 -20.58
N ALA B 228 13.07 -20.62 -20.67
CA ALA B 228 12.06 -19.58 -20.56
C ALA B 228 11.07 -19.64 -21.72
N SER B 229 11.55 -19.92 -22.93
CA SER B 229 10.67 -19.98 -24.09
C SER B 229 9.66 -21.10 -23.98
N GLN B 230 9.90 -22.09 -23.13
CA GLN B 230 8.98 -23.20 -22.99
C GLN B 230 7.68 -22.74 -22.33
N PRO B 231 6.58 -23.44 -22.58
CA PRO B 231 5.32 -23.08 -21.95
C PRO B 231 5.39 -23.20 -20.44
N ALA B 232 4.51 -22.47 -19.76
CA ALA B 232 4.41 -22.55 -18.31
C ALA B 232 4.18 -23.97 -17.79
N PRO B 233 3.35 -24.81 -18.41
CA PRO B 233 3.18 -26.17 -17.87
C PRO B 233 4.46 -26.97 -17.75
N LEU B 234 5.37 -26.84 -18.71
CA LEU B 234 6.63 -27.57 -18.63
C LEU B 234 7.49 -27.07 -17.47
N LEU B 235 7.54 -25.75 -17.26
CA LEU B 235 8.27 -25.21 -16.13
C LEU B 235 7.66 -25.67 -14.82
N PHE B 236 6.34 -25.73 -14.76
CA PHE B 236 5.63 -26.24 -13.58
C PHE B 236 5.93 -27.71 -13.34
N LEU B 237 6.07 -28.49 -14.40
CA LEU B 237 6.19 -29.93 -14.32
C LEU B 237 7.61 -30.43 -14.13
N ALA B 238 8.62 -29.63 -14.50
CA ALA B 238 10.00 -30.13 -14.50
C ALA B 238 10.49 -30.65 -13.16
N PRO B 239 10.35 -29.92 -12.04
CA PRO B 239 10.90 -30.44 -10.78
C PRO B 239 10.27 -31.74 -10.34
N TYR B 240 9.00 -31.98 -10.69
CA TYR B 240 8.40 -33.28 -10.41
C TYR B 240 9.09 -34.39 -11.19
N ALA B 241 9.43 -34.12 -12.46
CA ALA B 241 10.18 -35.10 -13.24
C ALA B 241 11.55 -35.37 -12.63
N GLY B 242 12.24 -34.31 -12.18
CA GLY B 242 13.52 -34.51 -11.53
C GLY B 242 13.41 -35.31 -10.26
N VAL B 243 12.39 -35.03 -9.46
CA VAL B 243 12.18 -35.75 -8.21
C VAL B 243 11.90 -37.23 -8.48
N ALA B 244 11.07 -37.51 -9.49
CA ALA B 244 10.80 -38.92 -9.82
C ALA B 244 12.06 -39.62 -10.32
N MET B 245 12.86 -38.93 -11.14
CA MET B 245 14.09 -39.52 -11.63
C MET B 245 15.03 -39.85 -10.48
N GLY B 246 15.12 -38.96 -9.49
CA GLY B 246 15.88 -39.29 -8.30
C GLY B 246 15.25 -40.37 -7.45
N GLU B 247 13.93 -40.44 -7.45
CA GLU B 247 13.22 -41.45 -6.66
C GLU B 247 13.57 -42.85 -7.15
N TYR B 248 13.69 -43.01 -8.47
CA TYR B 248 14.05 -44.32 -9.00
C TYR B 248 15.36 -44.82 -8.40
N PHE B 249 16.34 -43.93 -8.26
CA PHE B 249 17.63 -44.33 -7.67
C PHE B 249 17.56 -44.46 -6.15
N MET B 250 16.75 -43.63 -5.49
CA MET B 250 16.72 -43.69 -4.02
C MET B 250 16.00 -44.94 -3.54
N TYR B 251 14.87 -45.28 -4.16
CA TYR B 251 14.16 -46.50 -3.78
C TYR B 251 14.93 -47.76 -4.14
N LYS B 252 15.91 -47.66 -5.04
CA LYS B 252 16.78 -48.77 -5.37
C LYS B 252 17.93 -48.93 -4.39
N GLY B 253 18.06 -48.03 -3.43
CA GLY B 253 19.13 -48.05 -2.46
C GLY B 253 20.23 -47.05 -2.71
N LYS B 254 20.31 -46.48 -3.91
CA LYS B 254 21.33 -45.51 -4.22
C LYS B 254 20.99 -44.16 -3.58
N HIS B 255 21.94 -43.23 -3.66
CA HIS B 255 21.78 -41.89 -3.11
C HIS B 255 21.76 -40.87 -4.25
N VAL B 256 20.90 -39.86 -4.11
CA VAL B 256 20.66 -38.90 -5.17
C VAL B 256 20.81 -37.49 -4.60
N LEU B 257 21.09 -36.54 -5.50
CA LEU B 257 21.10 -35.13 -5.17
C LEU B 257 20.37 -34.40 -6.30
N VAL B 258 19.32 -33.66 -5.96
CA VAL B 258 18.48 -32.98 -6.94
C VAL B 258 18.55 -31.49 -6.69
N VAL B 259 18.78 -30.72 -7.74
CA VAL B 259 18.88 -29.27 -7.66
C VAL B 259 17.82 -28.68 -8.59
N TYR B 260 16.97 -27.82 -8.04
CA TYR B 260 16.03 -27.05 -8.84
C TYR B 260 16.61 -25.65 -9.04
N ASP B 261 16.82 -25.27 -10.30
CA ASP B 261 17.61 -24.08 -10.58
C ASP B 261 16.89 -22.80 -10.14
N ASP B 262 15.57 -22.81 -10.09
CA ASP B 262 14.83 -21.73 -9.46
C ASP B 262 13.42 -22.24 -9.18
N LEU B 263 13.06 -22.31 -7.89
CA LEU B 263 11.69 -22.64 -7.54
C LEU B 263 10.77 -21.43 -7.64
N SER B 264 11.33 -20.23 -7.57
CA SER B 264 10.52 -19.03 -7.77
C SER B 264 9.93 -18.99 -9.18
N LYS B 265 10.72 -19.39 -10.17
CA LYS B 265 10.22 -19.42 -11.53
C LYS B 265 9.16 -20.50 -11.73
N GLN B 266 9.31 -21.64 -11.06
CA GLN B 266 8.24 -22.65 -11.10
C GLN B 266 6.97 -22.11 -10.46
N ALA B 267 7.11 -21.38 -9.36
CA ALA B 267 5.93 -20.79 -8.73
C ALA B 267 5.26 -19.78 -9.64
N ALA B 268 6.05 -18.96 -10.35
CA ALA B 268 5.48 -18.02 -11.30
C ALA B 268 4.77 -18.74 -12.44
N ALA B 269 5.37 -19.83 -12.94
CA ALA B 269 4.73 -20.60 -14.00
C ALA B 269 3.41 -21.20 -13.53
N TYR B 270 3.38 -21.71 -12.30
CA TYR B 270 2.14 -22.25 -11.77
C TYR B 270 1.10 -21.17 -11.56
N ARG B 271 1.52 -19.98 -11.13
CA ARG B 271 0.59 -18.87 -11.00
C ARG B 271 -0.03 -18.53 -12.35
N GLU B 272 0.80 -18.48 -13.41
CA GLU B 272 0.27 -18.21 -14.74
C GLU B 272 -0.71 -19.30 -15.18
N LEU B 273 -0.32 -20.56 -14.98
CA LEU B 273 -1.17 -21.67 -15.41
C LEU B 273 -2.51 -21.66 -14.67
N SER B 274 -2.49 -21.30 -13.38
CA SER B 274 -3.73 -21.24 -12.62
C SER B 274 -4.61 -20.08 -13.06
N LEU B 275 -4.00 -18.89 -13.24
CA LEU B 275 -4.78 -17.73 -13.65
C LEU B 275 -5.40 -17.94 -15.03
N LEU B 276 -4.70 -18.65 -15.91
CA LEU B 276 -5.30 -19.00 -17.20
C LEU B 276 -6.53 -19.88 -17.02
N LEU B 277 -6.60 -20.60 -15.91
CA LEU B 277 -7.74 -21.46 -15.59
C LEU B 277 -8.83 -20.72 -14.83
N ARG B 278 -8.68 -19.40 -14.67
CA ARG B 278 -9.67 -18.56 -13.99
C ARG B 278 -9.85 -18.99 -12.53
N ARG B 279 -8.73 -19.16 -11.84
CA ARG B 279 -8.72 -19.41 -10.41
C ARG B 279 -8.37 -18.13 -9.67
N PRO B 280 -9.18 -17.70 -8.71
CA PRO B 280 -8.91 -16.44 -8.01
C PRO B 280 -7.57 -16.49 -7.29
N PRO B 281 -6.83 -15.39 -7.29
CA PRO B 281 -5.48 -15.41 -6.74
C PRO B 281 -5.44 -15.20 -5.24
N GLY B 282 -4.24 -15.16 -4.67
CA GLY B 282 -4.08 -15.02 -3.24
C GLY B 282 -3.27 -13.80 -2.82
N ARG B 283 -2.23 -14.02 -2.00
CA ARG B 283 -1.53 -12.90 -1.38
C ARG B 283 -0.82 -12.04 -2.42
N GLU B 284 -0.01 -12.66 -3.28
CA GLU B 284 0.73 -11.92 -4.28
C GLU B 284 0.38 -12.43 -5.67
N ALA B 285 -0.92 -12.62 -5.93
CA ALA B 285 -1.50 -13.17 -7.14
C ALA B 285 -1.24 -14.67 -7.28
N TYR B 286 -0.48 -15.27 -6.37
CA TYR B 286 -0.28 -16.71 -6.40
C TYR B 286 -1.55 -17.43 -5.96
N PRO B 287 -1.74 -18.67 -6.38
CA PRO B 287 -2.96 -19.39 -6.00
C PRO B 287 -2.94 -19.79 -4.53
N GLY B 288 -3.96 -20.53 -4.09
CA GLY B 288 -3.92 -21.13 -2.78
C GLY B 288 -3.02 -22.34 -2.68
N ASP B 289 -2.78 -23.03 -3.81
CA ASP B 289 -1.98 -24.24 -3.82
C ASP B 289 -0.49 -23.97 -3.82
N ILE B 290 -0.06 -22.71 -3.92
CA ILE B 290 1.34 -22.41 -4.17
C ILE B 290 2.24 -22.91 -3.04
N PHE B 291 1.69 -23.10 -1.84
CA PHE B 291 2.44 -23.79 -0.81
C PHE B 291 2.46 -25.29 -1.08
N TYR B 292 1.27 -25.89 -1.17
CA TYR B 292 1.15 -27.32 -1.40
C TYR B 292 1.93 -27.75 -2.63
N LEU B 293 1.90 -26.93 -3.68
CA LEU B 293 2.63 -27.24 -4.91
C LEU B 293 4.10 -27.55 -4.62
N HIS B 294 4.73 -26.73 -3.78
CA HIS B 294 6.11 -27.02 -3.42
C HIS B 294 6.20 -28.15 -2.39
N SER B 295 5.23 -28.20 -1.48
CA SER B 295 5.32 -29.14 -0.36
C SER B 295 5.42 -30.58 -0.85
N ARG B 296 4.38 -31.05 -1.54
CA ARG B 296 4.39 -32.40 -2.10
C ARG B 296 5.60 -32.67 -2.98
N LEU B 297 6.34 -31.63 -3.37
CA LEU B 297 7.61 -31.83 -4.04
C LEU B 297 8.71 -32.12 -3.03
N LEU B 298 8.98 -31.17 -2.14
CA LEU B 298 10.15 -31.28 -1.28
C LEU B 298 9.95 -32.29 -0.16
N GLU B 299 8.75 -32.80 0.04
CA GLU B 299 8.54 -33.89 0.98
C GLU B 299 8.85 -35.24 0.37
N ARG B 300 9.06 -35.32 -0.94
CA ARG B 300 9.51 -36.57 -1.56
C ARG B 300 11.01 -36.76 -1.42
N ALA B 301 11.72 -35.75 -0.93
CA ALA B 301 13.14 -35.86 -0.63
C ALA B 301 13.27 -36.31 0.82
N ALA B 302 13.81 -37.52 1.02
CA ALA B 302 13.87 -38.08 2.35
C ALA B 302 15.06 -39.02 2.46
N LYS B 303 15.41 -39.34 3.71
CA LYS B 303 16.43 -40.34 4.01
C LYS B 303 15.68 -41.57 4.54
N LEU B 304 15.58 -42.58 3.69
CA LEU B 304 14.80 -43.76 4.05
C LEU B 304 15.50 -44.56 5.14
N SER B 305 14.71 -45.37 5.85
CA SER B 305 15.24 -46.17 6.94
C SER B 305 16.10 -47.30 6.39
N ASP B 306 16.69 -48.08 7.32
CA ASP B 306 17.48 -49.22 6.91
C ASP B 306 16.61 -50.32 6.30
N ALA B 307 15.36 -50.42 6.76
CA ALA B 307 14.45 -51.42 6.19
C ALA B 307 14.08 -51.07 4.75
N LYS B 308 13.96 -49.78 4.45
CA LYS B 308 13.57 -49.32 3.12
C LYS B 308 14.72 -49.31 2.12
N GLY B 309 15.85 -49.92 2.46
CA GLY B 309 17.00 -49.98 1.57
C GLY B 309 18.09 -48.99 1.91
N GLY B 310 17.81 -47.99 2.74
CA GLY B 310 18.81 -47.03 3.13
C GLY B 310 19.08 -45.92 2.14
N GLY B 311 18.31 -45.85 1.06
CA GLY B 311 18.53 -44.80 0.08
C GLY B 311 18.12 -43.44 0.60
N SER B 312 18.44 -42.41 -0.20
CA SER B 312 18.16 -41.05 0.20
C SER B 312 18.07 -40.18 -1.04
N LEU B 313 17.52 -38.98 -0.86
CA LEU B 313 17.38 -38.02 -1.95
C LEU B 313 17.52 -36.63 -1.35
N THR B 314 18.71 -36.05 -1.46
CA THR B 314 18.90 -34.67 -1.03
C THR B 314 18.28 -33.72 -2.05
N ALA B 315 17.85 -32.55 -1.56
CA ALA B 315 17.22 -31.55 -2.41
C ALA B 315 17.85 -30.20 -2.15
N LEU B 316 18.02 -29.42 -3.22
CA LEU B 316 18.59 -28.07 -3.15
C LEU B 316 17.69 -27.11 -3.91
N PRO B 317 16.54 -26.75 -3.35
CA PRO B 317 15.70 -25.74 -4.01
C PRO B 317 16.38 -24.39 -4.07
N PHE B 318 16.09 -23.66 -5.14
CA PHE B 318 16.60 -22.31 -5.34
C PHE B 318 15.45 -21.32 -5.32
N VAL B 319 15.64 -20.20 -4.63
CA VAL B 319 14.65 -19.14 -4.59
C VAL B 319 15.35 -17.81 -4.83
N GLU B 320 14.76 -16.98 -5.70
CA GLU B 320 15.27 -15.65 -5.98
C GLU B 320 14.43 -14.61 -5.27
N THR B 321 15.09 -13.75 -4.50
CA THR B 321 14.42 -12.73 -3.71
C THR B 321 14.60 -11.36 -4.36
N GLN B 322 13.52 -10.59 -4.38
CA GLN B 322 13.57 -9.23 -4.91
C GLN B 322 14.15 -8.30 -3.84
N ALA B 323 15.26 -7.65 -4.17
CA ALA B 323 15.94 -6.71 -3.26
C ALA B 323 16.36 -7.38 -1.96
N GLY B 324 16.59 -8.69 -1.99
CA GLY B 324 17.01 -9.40 -0.81
C GLY B 324 15.97 -9.54 0.27
N ASP B 325 14.71 -9.18 -0.01
CA ASP B 325 13.65 -9.32 0.97
C ASP B 325 13.28 -10.79 1.10
N ILE B 326 13.56 -11.37 2.27
CA ILE B 326 13.26 -12.78 2.48
C ILE B 326 11.87 -12.99 3.05
N SER B 327 11.29 -11.97 3.68
CA SER B 327 9.97 -12.09 4.30
C SER B 327 8.84 -12.03 3.29
N ALA B 328 9.12 -12.32 2.02
CA ALA B 328 8.10 -12.34 0.99
C ALA B 328 7.29 -13.63 1.10
N TYR B 329 6.45 -13.90 0.11
CA TYR B 329 5.48 -14.99 0.18
C TYR B 329 6.10 -16.33 -0.21
N ILE B 330 6.61 -16.43 -1.44
CA ILE B 330 7.25 -17.69 -1.88
C ILE B 330 8.49 -18.02 -1.05
N PRO B 331 9.39 -17.08 -0.75
CA PRO B 331 10.53 -17.44 0.12
C PRO B 331 10.11 -18.02 1.45
N THR B 332 9.08 -17.46 2.09
CA THR B 332 8.63 -17.99 3.36
C THR B 332 7.94 -19.34 3.20
N ASN B 333 7.22 -19.54 2.10
CA ASN B 333 6.67 -20.87 1.82
C ASN B 333 7.78 -21.91 1.77
N VAL B 334 8.81 -21.65 0.96
CA VAL B 334 9.86 -22.64 0.77
C VAL B 334 10.65 -22.83 2.07
N ILE B 335 10.87 -21.76 2.83
CA ILE B 335 11.55 -21.91 4.12
C ILE B 335 10.71 -22.76 5.06
N SER B 336 9.39 -22.59 5.03
CA SER B 336 8.52 -23.44 5.83
C SER B 336 8.61 -24.90 5.40
N ILE B 337 8.92 -25.14 4.13
CA ILE B 337 8.97 -26.52 3.64
C ILE B 337 10.34 -27.16 3.84
N THR B 338 11.43 -26.41 3.67
CA THR B 338 12.76 -26.99 3.70
C THR B 338 13.30 -27.08 5.13
N ASP B 339 14.43 -27.77 5.26
CA ASP B 339 15.09 -28.03 6.55
C ASP B 339 16.25 -27.07 6.78
N GLY B 340 16.08 -25.81 6.39
CA GLY B 340 17.13 -24.82 6.54
C GLY B 340 17.22 -23.93 5.32
N GLN B 341 18.16 -22.98 5.33
CA GLN B 341 18.34 -22.12 4.17
C GLN B 341 19.74 -21.54 4.19
N ILE B 342 20.23 -21.18 3.01
CA ILE B 342 21.51 -20.52 2.82
C ILE B 342 21.22 -19.19 2.14
N PHE B 343 21.38 -18.09 2.87
CA PHE B 343 21.06 -16.77 2.34
C PHE B 343 22.32 -16.18 1.73
N LEU B 344 22.38 -16.15 0.40
CA LEU B 344 23.48 -15.53 -0.32
C LEU B 344 23.08 -14.09 -0.61
N GLN B 345 23.62 -13.16 0.17
CA GLN B 345 23.24 -11.76 0.02
C GLN B 345 24.01 -11.12 -1.13
N SER B 346 23.44 -10.03 -1.66
CA SER B 346 23.90 -9.43 -2.91
C SER B 346 25.30 -8.84 -2.80
N ASP B 347 25.85 -8.69 -1.59
CA ASP B 347 27.15 -8.05 -1.39
C ASP B 347 28.27 -9.01 -1.78
N LEU B 348 28.32 -9.32 -3.08
CA LEU B 348 29.36 -10.19 -3.63
C LEU B 348 30.26 -9.45 -4.61
N PHE B 349 29.69 -8.86 -5.66
CA PHE B 349 30.47 -8.30 -6.75
C PHE B 349 30.61 -6.78 -6.66
N PHE B 350 30.09 -6.17 -5.60
CA PHE B 350 30.46 -4.83 -5.21
C PHE B 350 30.97 -4.79 -3.77
N SER B 351 31.13 -5.94 -3.13
CA SER B 351 31.66 -6.03 -1.79
C SER B 351 32.71 -7.11 -1.59
N GLY B 352 32.91 -8.01 -2.54
CA GLY B 352 33.93 -9.04 -2.41
C GLY B 352 33.50 -10.17 -1.49
N VAL B 353 34.52 -10.90 -1.01
CA VAL B 353 34.40 -12.01 -0.06
C VAL B 353 33.34 -13.02 -0.51
N ARG B 354 33.11 -13.10 -1.81
CA ARG B 354 32.11 -14.00 -2.35
C ARG B 354 32.54 -15.45 -2.17
N PRO B 355 31.61 -16.35 -1.85
CA PRO B 355 30.19 -16.10 -1.57
C PRO B 355 29.96 -15.68 -0.13
N ALA B 356 29.54 -14.44 0.09
CA ALA B 356 29.23 -13.98 1.43
C ALA B 356 28.03 -14.74 1.99
N ILE B 357 28.09 -15.02 3.28
CA ILE B 357 27.05 -15.80 3.97
C ILE B 357 26.46 -14.93 5.07
N ASN B 358 25.14 -14.77 5.04
CA ASN B 358 24.44 -14.10 6.13
C ASN B 358 24.09 -15.13 7.20
N ALA B 359 25.14 -15.53 7.93
CA ALA B 359 25.03 -16.64 8.87
C ALA B 359 24.00 -16.40 9.95
N GLY B 360 23.68 -15.15 10.26
CA GLY B 360 22.57 -14.87 11.15
C GLY B 360 21.23 -15.32 10.59
N LEU B 361 21.16 -15.62 9.31
CA LEU B 361 19.95 -16.13 8.67
C LEU B 361 20.16 -17.48 8.01
N SER B 362 21.34 -17.76 7.49
CA SER B 362 21.65 -19.08 6.94
C SER B 362 21.79 -20.06 8.09
N VAL B 363 20.76 -20.87 8.31
CA VAL B 363 20.74 -21.84 9.40
C VAL B 363 20.37 -23.20 8.84
N SER B 364 21.07 -24.24 9.29
CA SER B 364 20.77 -25.61 8.93
C SER B 364 20.02 -26.28 10.07
N ARG B 365 18.84 -26.80 9.78
CA ARG B 365 17.98 -27.35 10.81
C ARG B 365 18.36 -28.78 11.20
N VAL B 366 19.12 -29.48 10.35
CA VAL B 366 19.65 -30.78 10.76
C VAL B 366 20.79 -30.61 11.75
N GLY B 367 21.70 -29.69 11.46
CA GLY B 367 22.73 -29.32 12.41
C GLY B 367 23.92 -30.27 12.49
N GLY B 368 24.47 -30.41 13.69
CA GLY B 368 25.72 -31.14 13.89
C GLY B 368 25.64 -32.61 13.59
N ALA B 369 24.44 -33.16 13.43
CA ALA B 369 24.33 -34.55 13.02
C ALA B 369 24.85 -34.76 11.62
N ALA B 370 24.82 -33.71 10.78
CA ALA B 370 25.27 -33.87 9.40
C ALA B 370 26.79 -33.94 9.32
N GLN B 371 27.49 -33.12 10.10
CA GLN B 371 28.95 -33.05 10.01
C GLN B 371 29.59 -34.35 10.50
N ILE B 372 30.90 -34.43 10.31
CA ILE B 372 31.71 -35.49 10.91
C ILE B 372 32.00 -35.07 12.35
N LYS B 373 32.53 -35.99 13.15
CA LYS B 373 32.79 -35.68 14.55
C LYS B 373 33.82 -34.55 14.68
N ALA B 374 34.86 -34.57 13.85
CA ALA B 374 35.91 -33.58 13.95
C ALA B 374 35.39 -32.19 13.62
N MET B 375 34.63 -32.07 12.53
CA MET B 375 34.07 -30.76 12.16
C MET B 375 33.11 -30.26 13.22
N LYS B 376 32.25 -31.14 13.73
CA LYS B 376 31.31 -30.74 14.77
C LYS B 376 32.05 -30.25 16.01
N LYS B 377 33.16 -30.92 16.36
CA LYS B 377 33.96 -30.49 17.50
C LYS B 377 34.57 -29.11 17.25
N VAL B 378 35.18 -28.92 16.08
CA VAL B 378 36.00 -27.73 15.88
C VAL B 378 35.13 -26.49 15.62
N ALA B 379 34.08 -26.62 14.81
CA ALA B 379 33.36 -25.46 14.29
C ALA B 379 31.88 -25.47 14.69
N GLY B 380 31.60 -25.79 15.95
CA GLY B 380 30.22 -25.76 16.41
C GLY B 380 29.72 -24.42 16.89
N THR B 381 30.61 -23.42 16.95
CA THR B 381 30.27 -22.12 17.53
C THR B 381 30.32 -20.97 16.52
N LEU B 382 30.61 -21.25 15.25
CA LEU B 382 30.79 -20.18 14.28
C LEU B 382 29.51 -19.38 14.05
N ARG B 383 28.37 -20.08 13.94
CA ARG B 383 27.14 -19.41 13.50
C ARG B 383 26.66 -18.41 14.54
N LEU B 384 26.64 -18.79 15.82
CA LEU B 384 26.22 -17.87 16.87
C LEU B 384 27.16 -16.68 16.97
N ASP B 385 28.47 -16.92 16.84
CA ASP B 385 29.42 -15.82 16.86
C ASP B 385 29.17 -14.86 15.69
N LEU B 386 28.90 -15.40 14.51
CA LEU B 386 28.62 -14.55 13.35
C LEU B 386 27.34 -13.75 13.53
N ALA B 387 26.29 -14.38 14.06
CA ALA B 387 25.05 -13.67 14.31
C ALA B 387 25.24 -12.54 15.31
N ALA B 388 25.97 -12.81 16.40
CA ALA B 388 26.23 -11.78 17.39
C ALA B 388 27.07 -10.65 16.82
N TYR B 389 28.06 -10.98 16.00
CA TYR B 389 28.90 -9.95 15.37
C TYR B 389 28.08 -9.09 14.43
N ARG B 390 27.20 -9.70 13.63
CA ARG B 390 26.35 -8.92 12.74
C ARG B 390 25.40 -8.04 13.54
N GLU B 391 24.94 -8.53 14.71
CA GLU B 391 24.11 -7.69 15.56
C GLU B 391 24.88 -6.50 16.11
N LEU B 392 26.11 -6.72 16.57
CA LEU B 392 26.87 -5.64 17.20
C LEU B 392 27.38 -4.61 16.19
N GLU B 393 27.39 -4.92 14.90
CA GLU B 393 27.75 -3.95 13.88
C GLU B 393 26.57 -3.08 13.47
N ALA B 394 25.53 -3.01 14.30
CA ALA B 394 24.35 -2.22 13.99
C ALA B 394 24.68 -0.74 13.87
N THR B 406 33.99 -5.50 24.52
CA THR B 406 33.69 -6.44 23.45
C THR B 406 34.62 -6.25 22.27
N GLN B 407 35.75 -5.59 22.51
CA GLN B 407 36.75 -5.43 21.46
C GLN B 407 37.28 -6.78 21.00
N ALA B 408 37.56 -7.67 21.95
CA ALA B 408 38.03 -9.00 21.60
C ALA B 408 36.98 -9.77 20.79
N LYS B 409 35.71 -9.64 21.18
CA LYS B 409 34.66 -10.32 20.43
C LYS B 409 34.58 -9.80 19.00
N LEU B 410 34.67 -8.49 18.81
CA LEU B 410 34.60 -7.93 17.46
C LEU B 410 35.81 -8.36 16.63
N ALA B 411 37.00 -8.36 17.23
CA ALA B 411 38.18 -8.81 16.50
C ALA B 411 38.04 -10.26 16.08
N ARG B 412 37.61 -11.13 17.00
CA ARG B 412 37.44 -12.53 16.67
C ARG B 412 36.34 -12.73 15.65
N GLY B 413 35.28 -11.91 15.71
CA GLY B 413 34.22 -12.03 14.72
C GLY B 413 34.67 -11.65 13.33
N ALA B 414 35.45 -10.57 13.22
CA ALA B 414 35.99 -10.21 11.91
C ALA B 414 36.94 -11.29 11.40
N ARG B 415 37.70 -11.91 12.31
CA ARG B 415 38.54 -13.03 11.91
C ARG B 415 37.70 -14.20 11.40
N THR B 416 36.59 -14.49 12.08
CA THR B 416 35.69 -15.55 11.61
C THR B 416 35.06 -15.20 10.28
N VAL B 417 34.85 -13.92 10.01
CA VAL B 417 34.33 -13.50 8.70
C VAL B 417 35.39 -13.74 7.63
N GLU B 418 36.64 -13.35 7.89
CA GLU B 418 37.66 -13.42 6.86
C GLU B 418 38.15 -14.85 6.62
N VAL B 419 38.10 -15.73 7.62
CA VAL B 419 38.70 -17.05 7.46
C VAL B 419 37.93 -17.86 6.41
N LEU B 420 36.62 -17.70 6.35
CA LEU B 420 35.77 -18.48 5.46
C LEU B 420 35.78 -17.99 4.02
N LYS B 421 36.78 -17.19 3.63
CA LYS B 421 36.91 -16.76 2.25
C LYS B 421 37.05 -17.98 1.35
N GLN B 422 36.48 -17.88 0.15
CA GLN B 422 36.37 -19.02 -0.74
C GLN B 422 36.89 -18.68 -2.13
N ASP B 423 37.28 -19.73 -2.85
CA ASP B 423 37.87 -19.66 -4.16
C ASP B 423 36.85 -19.99 -5.24
N LEU B 424 37.34 -20.25 -6.46
CA LEU B 424 36.51 -20.50 -7.63
C LEU B 424 35.92 -21.90 -7.60
N HIS B 425 35.45 -22.38 -8.75
CA HIS B 425 34.61 -23.57 -8.84
C HIS B 425 35.31 -24.85 -8.39
N GLN B 426 36.51 -24.74 -7.84
CA GLN B 426 37.23 -25.92 -7.34
C GLN B 426 36.64 -26.40 -6.00
N PRO B 427 36.22 -27.65 -5.89
CA PRO B 427 35.93 -28.21 -4.56
C PRO B 427 37.17 -28.23 -3.69
N ILE B 428 36.97 -28.04 -2.40
CA ILE B 428 38.02 -28.16 -1.39
C ILE B 428 37.66 -29.31 -0.47
N PRO B 429 38.54 -30.28 -0.27
CA PRO B 429 38.20 -31.43 0.60
C PRO B 429 38.11 -31.04 2.06
N VAL B 430 37.22 -31.73 2.77
CA VAL B 430 36.96 -31.43 4.18
C VAL B 430 38.13 -31.88 5.06
N GLU B 431 38.82 -32.94 4.66
CA GLU B 431 39.78 -33.58 5.55
C GLU B 431 40.94 -32.65 5.89
N LYS B 432 41.44 -31.90 4.92
CA LYS B 432 42.48 -30.91 5.21
C LYS B 432 41.91 -29.57 5.66
N GLN B 433 40.60 -29.36 5.54
CA GLN B 433 39.99 -28.10 5.93
C GLN B 433 39.56 -28.06 7.38
N VAL B 434 39.34 -29.21 8.00
CA VAL B 434 38.89 -29.23 9.40
C VAL B 434 39.95 -28.60 10.30
N LEU B 435 41.22 -28.97 10.11
CA LEU B 435 42.27 -28.40 10.95
C LEU B 435 42.53 -26.93 10.61
N ILE B 436 42.34 -26.54 9.34
CA ILE B 436 42.44 -25.13 8.97
C ILE B 436 41.40 -24.32 9.73
N ILE B 437 40.18 -24.85 9.83
CA ILE B 437 39.16 -24.19 10.65
C ILE B 437 39.58 -24.19 12.12
N TYR B 438 40.10 -25.32 12.60
CA TYR B 438 40.50 -25.45 14.00
C TYR B 438 41.66 -24.53 14.37
N ALA B 439 42.38 -24.02 13.39
CA ALA B 439 43.51 -23.13 13.69
C ALA B 439 43.07 -21.93 14.50
N LEU B 440 41.97 -21.30 14.11
CA LEU B 440 41.43 -20.18 14.86
C LEU B 440 40.79 -20.65 16.16
N GLU B 457 43.50 -19.60 4.57
CA GLU B 457 44.83 -20.00 5.02
C GLU B 457 45.52 -20.91 4.01
N LYS B 458 45.80 -20.36 2.82
CA LYS B 458 46.43 -21.17 1.78
C LYS B 458 47.82 -21.64 2.20
N GLU B 459 48.53 -20.82 2.98
CA GLU B 459 49.82 -21.26 3.51
C GLU B 459 49.64 -22.46 4.42
N PHE B 460 48.60 -22.44 5.27
CA PHE B 460 48.28 -23.61 6.08
C PHE B 460 47.87 -24.77 5.20
N TYR B 461 47.11 -24.50 4.12
CA TYR B 461 46.66 -25.56 3.24
C TYR B 461 47.85 -26.32 2.64
N LEU B 462 48.86 -25.58 2.17
CA LEU B 462 50.03 -26.25 1.59
C LEU B 462 50.92 -26.86 2.66
N PHE B 463 51.05 -26.19 3.81
CA PHE B 463 51.91 -26.70 4.87
C PHE B 463 51.39 -28.01 5.44
N LEU B 464 50.07 -28.14 5.57
CA LEU B 464 49.47 -29.33 6.16
C LEU B 464 49.73 -30.56 5.32
N ASP B 465 49.61 -30.45 4.00
CA ASP B 465 49.69 -31.62 3.15
C ASP B 465 51.10 -31.88 2.63
N GLN B 466 51.86 -30.82 2.33
CA GLN B 466 53.20 -31.02 1.77
C GLN B 466 54.17 -31.60 2.80
N ASN B 467 53.90 -31.41 4.09
CA ASN B 467 54.67 -32.05 5.14
C ASN B 467 54.25 -33.50 5.38
N GLY B 468 53.49 -34.08 4.46
CA GLY B 468 53.02 -35.44 4.59
C GLY B 468 51.53 -35.50 4.87
N GLN B 469 51.00 -36.72 4.77
CA GLN B 469 49.59 -36.99 5.03
C GLN B 469 49.34 -37.55 6.42
N HIS B 470 50.33 -37.46 7.32
CA HIS B 470 50.20 -38.04 8.64
C HIS B 470 49.01 -37.45 9.42
N LEU B 471 48.57 -36.26 9.07
CA LEU B 471 47.32 -35.72 9.61
C LEU B 471 46.13 -36.01 8.71
N LEU B 472 46.35 -36.18 7.40
CA LEU B 472 45.25 -36.35 6.46
C LEU B 472 44.59 -37.70 6.61
N GLU B 473 45.38 -38.77 6.68
CA GLU B 473 44.83 -40.11 6.64
C GLU B 473 44.01 -40.44 7.88
N HIS B 474 44.42 -39.91 9.05
CA HIS B 474 43.70 -40.19 10.28
C HIS B 474 42.25 -39.74 10.20
N ILE B 475 42.02 -38.55 9.64
CA ILE B 475 40.65 -38.06 9.49
C ILE B 475 39.98 -38.60 8.24
N ARG B 476 40.76 -38.97 7.21
CA ARG B 476 40.17 -39.66 6.07
C ARG B 476 39.63 -41.02 6.43
N THR B 477 40.15 -41.64 7.50
CA THR B 477 39.65 -42.92 7.99
C THR B 477 38.52 -42.75 8.99
N THR B 478 38.61 -41.76 9.86
CA THR B 478 37.60 -41.53 10.88
C THR B 478 36.61 -40.44 10.47
N SER C 26 -47.87 -22.42 -1.23
CA SER C 26 -47.07 -21.21 -1.34
C SER C 26 -46.46 -20.85 0.01
N ASP C 27 -46.95 -21.48 1.07
CA ASP C 27 -46.41 -21.31 2.41
C ASP C 27 -45.41 -22.40 2.76
N VAL C 28 -45.13 -23.32 1.84
CA VAL C 28 -44.23 -24.44 2.08
C VAL C 28 -43.35 -24.63 0.86
N GLY C 29 -42.05 -24.85 1.09
CA GLY C 29 -41.11 -25.07 0.02
C GLY C 29 -40.20 -26.24 0.32
N THR C 30 -39.38 -26.57 -0.67
CA THR C 30 -38.37 -27.61 -0.55
C THR C 30 -36.99 -26.99 -0.71
N VAL C 31 -36.10 -27.25 0.24
CA VAL C 31 -34.75 -26.73 0.14
C VAL C 31 -34.01 -27.46 -0.98
N ILE C 32 -33.38 -26.68 -1.86
CA ILE C 32 -32.68 -27.24 -3.01
C ILE C 32 -31.17 -27.14 -2.87
N GLN C 33 -30.66 -26.36 -1.93
CA GLN C 33 -29.23 -26.32 -1.69
C GLN C 33 -28.98 -26.10 -0.21
N VAL C 34 -28.08 -26.88 0.37
CA VAL C 34 -27.68 -26.72 1.76
C VAL C 34 -26.16 -26.65 1.80
N GLY C 35 -25.62 -25.70 2.54
CA GLY C 35 -24.18 -25.66 2.66
C GLY C 35 -23.63 -24.51 3.48
N ASP C 36 -22.68 -24.83 4.34
CA ASP C 36 -21.80 -23.85 4.95
C ASP C 36 -22.62 -22.76 5.65
N GLY C 37 -23.65 -23.19 6.38
CA GLY C 37 -24.45 -22.29 7.18
C GLY C 37 -25.55 -21.55 6.44
N ILE C 38 -25.80 -21.87 5.17
CA ILE C 38 -26.86 -21.24 4.40
C ILE C 38 -27.65 -22.31 3.65
N ALA C 39 -28.78 -21.90 3.10
CA ALA C 39 -29.61 -22.77 2.29
C ALA C 39 -30.28 -21.94 1.20
N ARG C 40 -30.71 -22.63 0.15
CA ARG C 40 -31.48 -22.07 -0.94
C ARG C 40 -32.70 -22.95 -1.14
N ALA C 41 -33.87 -22.33 -1.20
CA ALA C 41 -35.13 -23.06 -1.24
C ALA C 41 -35.97 -22.60 -2.42
N HIS C 42 -36.87 -23.49 -2.84
CA HIS C 42 -37.87 -23.20 -3.87
C HIS C 42 -39.24 -23.05 -3.24
N GLY C 43 -40.03 -22.10 -3.77
CA GLY C 43 -41.45 -22.09 -3.52
C GLY C 43 -41.93 -21.41 -2.27
N LEU C 44 -41.09 -20.62 -1.59
CA LEU C 44 -41.57 -19.81 -0.48
C LEU C 44 -42.10 -18.48 -1.04
N ASP C 45 -43.22 -18.59 -1.75
CA ASP C 45 -43.70 -17.49 -2.57
C ASP C 45 -44.06 -16.27 -1.73
N ASN C 46 -44.72 -16.47 -0.61
CA ASN C 46 -45.26 -15.37 0.19
C ASN C 46 -44.37 -14.98 1.36
N VAL C 47 -43.12 -15.43 1.39
CA VAL C 47 -42.24 -15.11 2.50
C VAL C 47 -41.81 -13.65 2.42
N MET C 48 -41.69 -13.01 3.58
CA MET C 48 -41.24 -11.64 3.68
C MET C 48 -39.73 -11.59 3.90
N SER C 49 -39.13 -10.47 3.54
CA SER C 49 -37.72 -10.27 3.82
C SER C 49 -37.51 -10.19 5.33
N GLY C 50 -36.56 -10.98 5.83
CA GLY C 50 -36.30 -11.03 7.26
C GLY C 50 -37.23 -11.92 8.05
N GLU C 51 -38.15 -12.63 7.39
CA GLU C 51 -39.08 -13.50 8.08
C GLU C 51 -38.34 -14.67 8.72
N LEU C 52 -39.07 -15.49 9.46
CA LEU C 52 -38.55 -16.70 10.07
C LEU C 52 -39.16 -17.93 9.39
N VAL C 53 -38.33 -18.92 9.15
CA VAL C 53 -38.74 -20.17 8.53
C VAL C 53 -38.28 -21.32 9.41
N GLU C 54 -39.00 -22.44 9.32
CA GLU C 54 -38.74 -23.62 10.13
C GLU C 54 -38.44 -24.80 9.23
N PHE C 55 -37.41 -25.56 9.58
CA PHE C 55 -37.02 -26.74 8.83
C PHE C 55 -37.60 -28.00 9.45
N ALA C 56 -37.48 -29.11 8.72
CA ALA C 56 -38.07 -30.36 9.17
C ALA C 56 -37.51 -30.81 10.51
N ASN C 57 -36.27 -30.45 10.81
CA ASN C 57 -35.65 -30.79 12.09
C ASN C 57 -35.88 -29.73 13.16
N GLY C 58 -36.65 -28.69 12.86
CA GLY C 58 -36.98 -27.68 13.84
C GLY C 58 -36.00 -26.53 13.95
N VAL C 59 -34.94 -26.53 13.16
CA VAL C 59 -33.95 -25.45 13.21
C VAL C 59 -34.51 -24.22 12.51
N MET C 60 -34.40 -23.06 13.15
CA MET C 60 -34.91 -21.82 12.60
C MET C 60 -34.02 -21.33 11.46
N GLY C 61 -34.56 -20.41 10.68
CA GLY C 61 -33.77 -19.73 9.66
C GLY C 61 -34.41 -18.41 9.31
N MET C 62 -33.60 -17.52 8.74
CA MET C 62 -34.07 -16.21 8.31
C MET C 62 -34.02 -16.12 6.79
N ALA C 63 -35.15 -15.84 6.16
CA ALA C 63 -35.20 -15.68 4.71
C ALA C 63 -34.70 -14.28 4.38
N LEU C 64 -33.44 -14.18 3.96
CA LEU C 64 -32.83 -12.89 3.68
C LEU C 64 -32.91 -12.51 2.21
N ASN C 65 -32.40 -13.34 1.31
CA ASN C 65 -32.39 -13.04 -0.11
C ASN C 65 -33.61 -13.67 -0.77
N LEU C 66 -34.43 -12.83 -1.39
CA LEU C 66 -35.60 -13.27 -2.14
C LEU C 66 -35.32 -13.02 -3.63
N GLU C 67 -35.44 -14.06 -4.44
CA GLU C 67 -35.09 -13.98 -5.85
C GLU C 67 -36.21 -14.55 -6.70
N GLU C 68 -35.96 -14.63 -8.00
CA GLU C 68 -37.03 -14.90 -8.97
C GLU C 68 -37.65 -16.28 -8.74
N ASN C 69 -36.82 -17.30 -8.57
CA ASN C 69 -37.30 -18.65 -8.30
C ASN C 69 -36.49 -19.32 -7.22
N ASN C 70 -35.98 -18.53 -6.26
CA ASN C 70 -35.03 -19.02 -5.29
C ASN C 70 -35.10 -18.12 -4.07
N VAL C 71 -35.07 -18.71 -2.88
CA VAL C 71 -35.09 -17.97 -1.63
C VAL C 71 -33.83 -18.32 -0.86
N GLY C 72 -33.07 -17.28 -0.50
CA GLY C 72 -31.87 -17.48 0.29
C GLY C 72 -32.18 -17.45 1.77
N ILE C 73 -31.90 -18.55 2.45
CA ILE C 73 -32.18 -18.70 3.88
C ILE C 73 -30.85 -18.79 4.61
N VAL C 74 -30.75 -18.06 5.72
CA VAL C 74 -29.57 -18.08 6.57
C VAL C 74 -29.92 -18.92 7.80
N ILE C 75 -29.05 -19.87 8.12
CA ILE C 75 -29.38 -20.97 9.04
C ILE C 75 -29.03 -20.55 10.46
N LEU C 76 -30.02 -20.54 11.35
CA LEU C 76 -29.85 -20.11 12.74
C LEU C 76 -29.67 -21.28 13.70
N GLY C 77 -28.95 -22.32 13.27
CA GLY C 77 -28.67 -23.44 14.13
C GLY C 77 -27.67 -24.38 13.49
N PRO C 78 -27.53 -25.59 14.04
CA PRO C 78 -26.71 -26.62 13.39
C PRO C 78 -27.35 -27.07 12.08
N TYR C 79 -26.66 -26.81 10.97
CA TYR C 79 -27.19 -27.11 9.65
C TYR C 79 -26.82 -28.49 9.15
N THR C 80 -26.14 -29.30 9.96
CA THR C 80 -25.75 -30.64 9.52
C THR C 80 -26.98 -31.52 9.28
N GLY C 81 -28.05 -31.30 10.04
CA GLY C 81 -29.24 -32.11 9.91
C GLY C 81 -30.16 -31.75 8.76
N ILE C 82 -29.84 -30.72 8.00
CA ILE C 82 -30.65 -30.29 6.87
C ILE C 82 -30.04 -30.84 5.60
N LYS C 83 -30.87 -31.52 4.80
CA LYS C 83 -30.44 -32.09 3.54
C LYS C 83 -31.30 -31.55 2.41
N GLU C 84 -30.78 -31.65 1.19
CA GLU C 84 -31.52 -31.19 0.02
C GLU C 84 -32.82 -31.95 -0.12
N GLY C 85 -33.88 -31.23 -0.48
CA GLY C 85 -35.20 -31.82 -0.60
C GLY C 85 -36.02 -31.79 0.67
N ASP C 86 -35.46 -31.35 1.78
CA ASP C 86 -36.19 -31.29 3.03
C ASP C 86 -37.19 -30.13 3.03
N GLU C 87 -38.31 -30.36 3.70
CA GLU C 87 -39.37 -29.36 3.75
C GLU C 87 -38.94 -28.15 4.57
N VAL C 88 -39.41 -26.97 4.16
CA VAL C 88 -39.23 -25.74 4.90
C VAL C 88 -40.55 -24.98 4.90
N ARG C 89 -40.94 -24.46 6.05
CA ARG C 89 -42.25 -23.84 6.24
C ARG C 89 -42.07 -22.41 6.74
N ARG C 90 -42.75 -21.47 6.09
CA ARG C 90 -42.72 -20.10 6.57
C ARG C 90 -43.54 -19.96 7.84
N THR C 91 -43.06 -19.11 8.76
CA THR C 91 -43.74 -18.90 10.03
C THR C 91 -44.57 -17.64 10.08
N GLY C 92 -44.31 -16.68 9.19
CA GLY C 92 -45.03 -15.42 9.19
C GLY C 92 -44.80 -14.63 10.48
N ARG C 93 -43.55 -14.53 10.90
CA ARG C 93 -43.24 -13.87 12.16
C ARG C 93 -41.82 -13.35 12.12
N ILE C 94 -41.65 -12.04 12.26
CA ILE C 94 -40.32 -11.46 12.42
C ILE C 94 -39.73 -11.91 13.75
N MET C 95 -38.40 -12.06 13.78
CA MET C 95 -37.73 -12.45 15.01
C MET C 95 -38.08 -11.50 16.16
N GLU C 96 -38.48 -12.09 17.29
CA GLU C 96 -38.77 -11.34 18.50
C GLU C 96 -37.96 -11.91 19.64
N VAL C 97 -37.29 -11.04 20.38
CA VAL C 97 -36.47 -11.42 21.53
C VAL C 97 -37.32 -11.26 22.78
N PRO C 98 -37.50 -12.30 23.59
CA PRO C 98 -38.17 -12.12 24.88
C PRO C 98 -37.35 -11.18 25.77
N VAL C 99 -38.05 -10.35 26.53
CA VAL C 99 -37.41 -9.35 27.37
C VAL C 99 -38.29 -9.09 28.58
N GLY C 100 -37.65 -8.76 29.69
CA GLY C 100 -38.35 -8.45 30.92
C GLY C 100 -37.35 -8.15 32.00
N GLU C 101 -37.86 -7.94 33.21
CA GLU C 101 -36.98 -7.73 34.36
C GLU C 101 -36.34 -9.02 34.84
N ALA C 102 -36.77 -10.17 34.34
CA ALA C 102 -36.18 -11.44 34.76
C ALA C 102 -34.78 -11.64 34.20
N LEU C 103 -34.49 -11.06 33.04
CA LEU C 103 -33.21 -11.28 32.38
C LEU C 103 -32.03 -10.73 33.18
N ILE C 104 -32.28 -9.82 34.12
CA ILE C 104 -31.18 -9.19 34.84
C ILE C 104 -30.43 -10.22 35.66
N GLY C 105 -29.12 -10.30 35.45
CA GLY C 105 -28.30 -11.25 36.17
C GLY C 105 -28.10 -12.58 35.48
N ARG C 106 -28.52 -12.71 34.22
CA ARG C 106 -28.45 -13.97 33.51
C ARG C 106 -27.49 -13.85 32.33
N VAL C 107 -27.24 -15.00 31.70
CA VAL C 107 -26.44 -15.07 30.48
C VAL C 107 -27.26 -15.82 29.44
N VAL C 108 -27.55 -15.17 28.32
CA VAL C 108 -28.41 -15.72 27.29
C VAL C 108 -27.73 -15.57 25.93
N ASN C 109 -28.31 -16.21 24.94
CA ASN C 109 -27.91 -16.09 23.54
C ASN C 109 -28.81 -15.09 22.84
N PRO C 110 -28.51 -14.73 21.59
CA PRO C 110 -29.37 -13.77 20.88
C PRO C 110 -30.83 -14.16 20.81
N LEU C 111 -31.15 -15.46 20.76
CA LEU C 111 -32.54 -15.87 20.77
C LEU C 111 -33.19 -15.72 22.14
N GLY C 112 -32.43 -15.33 23.17
CA GLY C 112 -32.95 -15.14 24.49
C GLY C 112 -32.96 -16.37 25.38
N GLN C 113 -32.50 -17.51 24.87
CA GLN C 113 -32.47 -18.72 25.67
C GLN C 113 -31.25 -18.71 26.58
N PRO C 114 -31.40 -19.05 27.86
CA PRO C 114 -30.25 -18.99 28.77
C PRO C 114 -29.18 -20.02 28.40
N VAL C 115 -27.95 -19.66 28.69
CA VAL C 115 -26.81 -20.56 28.46
C VAL C 115 -26.20 -21.07 29.75
N ASP C 116 -26.53 -20.49 30.90
CA ASP C 116 -26.10 -21.05 32.16
C ASP C 116 -27.08 -22.12 32.62
N GLY C 117 -26.71 -22.81 33.69
CA GLY C 117 -27.54 -23.88 34.22
C GLY C 117 -28.56 -23.41 35.24
N LEU C 118 -28.79 -22.10 35.29
CA LEU C 118 -29.66 -21.50 36.31
C LEU C 118 -31.14 -21.59 35.97
N GLY C 119 -31.52 -22.43 35.00
CA GLY C 119 -32.92 -22.61 34.68
C GLY C 119 -33.43 -21.58 33.68
N PRO C 120 -34.67 -21.73 33.24
CA PRO C 120 -35.21 -20.83 32.23
C PRO C 120 -35.43 -19.42 32.77
N VAL C 121 -35.37 -18.45 31.86
CA VAL C 121 -35.71 -17.08 32.18
C VAL C 121 -37.21 -16.90 32.11
N GLU C 122 -37.80 -16.33 33.16
CA GLU C 122 -39.26 -16.19 33.24
C GLU C 122 -39.65 -14.77 32.85
N THR C 123 -39.62 -14.52 31.55
CA THR C 123 -40.16 -13.30 30.96
C THR C 123 -41.56 -13.57 30.43
N THR C 124 -42.30 -12.48 30.15
CA THR C 124 -43.66 -12.62 29.67
C THR C 124 -44.00 -11.63 28.56
N GLU C 125 -42.98 -11.04 27.92
CA GLU C 125 -43.22 -10.12 26.83
C GLU C 125 -42.04 -10.19 25.87
N THR C 126 -42.29 -9.88 24.60
CA THR C 126 -41.28 -9.95 23.56
C THR C 126 -41.20 -8.61 22.83
N ARG C 127 -40.00 -8.29 22.37
CA ARG C 127 -39.77 -7.11 21.56
C ARG C 127 -39.17 -7.50 20.22
N PRO C 128 -39.65 -6.94 19.11
CA PRO C 128 -39.06 -7.27 17.81
C PRO C 128 -37.58 -6.94 17.77
N ILE C 129 -36.80 -7.84 17.15
CA ILE C 129 -35.35 -7.66 17.12
C ILE C 129 -34.97 -6.50 16.19
N GLU C 130 -35.75 -6.26 15.15
CA GLU C 130 -35.53 -5.16 14.22
C GLU C 130 -36.65 -4.15 14.47
N SER C 131 -36.31 -3.06 15.16
CA SER C 131 -37.29 -2.07 15.55
C SER C 131 -36.76 -0.68 15.21
N ARG C 132 -37.69 0.26 15.05
CA ARG C 132 -37.32 1.62 14.72
C ARG C 132 -36.63 2.30 15.89
N ALA C 133 -35.62 3.11 15.58
CA ALA C 133 -35.01 3.95 16.58
C ALA C 133 -35.93 5.14 16.88
N PRO C 134 -35.84 5.70 18.09
CA PRO C 134 -36.66 6.88 18.40
C PRO C 134 -36.35 8.03 17.46
N GLY C 135 -37.38 8.77 17.08
CA GLY C 135 -37.26 9.80 16.09
C GLY C 135 -36.43 10.98 16.57
N VAL C 136 -36.40 12.02 15.73
CA VAL C 136 -35.63 13.21 16.05
C VAL C 136 -36.29 13.96 17.19
N MET C 137 -37.61 14.09 17.16
CA MET C 137 -38.34 14.84 18.18
C MET C 137 -38.58 14.04 19.45
N ASP C 138 -38.32 12.73 19.43
CA ASP C 138 -38.51 11.89 20.61
C ASP C 138 -37.31 11.93 21.53
N ARG C 139 -36.24 12.64 21.18
CA ARG C 139 -35.01 12.65 21.94
C ARG C 139 -34.84 13.97 22.68
N ARG C 140 -33.74 14.06 23.43
CA ARG C 140 -33.40 15.25 24.19
C ARG C 140 -31.89 15.36 24.23
N SER C 141 -31.38 16.58 24.34
CA SER C 141 -29.94 16.77 24.45
C SER C 141 -29.41 16.06 25.68
N VAL C 142 -28.42 15.20 25.49
CA VAL C 142 -27.91 14.40 26.59
C VAL C 142 -27.16 15.31 27.57
N HIS C 143 -27.51 15.21 28.85
CA HIS C 143 -27.01 16.15 29.84
C HIS C 143 -26.56 15.52 31.13
N GLU C 144 -26.89 14.27 31.40
CA GLU C 144 -26.49 13.65 32.66
C GLU C 144 -25.33 12.70 32.41
N PRO C 145 -24.26 12.78 33.20
CA PRO C 145 -23.06 12.00 32.88
C PRO C 145 -23.19 10.53 33.27
N LEU C 146 -22.62 9.67 32.44
CA LEU C 146 -22.43 8.26 32.76
C LEU C 146 -21.04 8.13 33.37
N GLN C 147 -20.99 7.94 34.68
CA GLN C 147 -19.73 8.01 35.41
C GLN C 147 -18.97 6.71 35.21
N THR C 148 -17.94 6.75 34.37
CA THR C 148 -17.19 5.55 34.02
C THR C 148 -16.37 5.05 35.20
N GLY C 149 -15.84 5.95 36.01
CA GLY C 149 -14.89 5.59 37.04
C GLY C 149 -13.45 5.58 36.59
N ILE C 150 -13.19 5.82 35.31
CA ILE C 150 -11.84 5.92 34.78
C ILE C 150 -11.51 7.40 34.62
N LYS C 151 -10.43 7.85 35.28
CA LYS C 151 -10.16 9.28 35.36
C LYS C 151 -9.91 9.89 33.99
N ALA C 152 -9.16 9.20 33.13
CA ALA C 152 -8.88 9.74 31.81
C ALA C 152 -10.16 9.89 31.00
N ILE C 153 -11.03 8.88 31.01
CA ILE C 153 -12.29 8.98 30.30
C ILE C 153 -13.20 10.00 30.96
N ASP C 154 -13.32 9.94 32.29
CA ASP C 154 -14.23 10.83 33.00
C ASP C 154 -13.83 12.29 32.86
N ALA C 155 -12.56 12.57 32.59
CA ALA C 155 -12.07 13.94 32.50
C ALA C 155 -11.97 14.41 31.05
N LEU C 156 -11.20 13.71 30.22
CA LEU C 156 -10.84 14.19 28.90
C LEU C 156 -11.76 13.66 27.80
N VAL C 157 -12.46 12.56 28.01
CA VAL C 157 -13.38 12.03 27.01
C VAL C 157 -14.72 11.78 27.68
N PRO C 158 -15.44 12.81 28.12
CA PRO C 158 -16.65 12.58 28.90
C PRO C 158 -17.72 11.85 28.09
N ILE C 159 -18.48 11.02 28.80
CA ILE C 159 -19.57 10.24 28.22
C ILE C 159 -20.84 10.54 29.00
N GLY C 160 -21.95 10.68 28.26
CA GLY C 160 -23.23 10.95 28.87
C GLY C 160 -24.27 9.94 28.45
N ARG C 161 -25.33 9.86 29.24
CA ARG C 161 -26.36 8.86 29.01
C ARG C 161 -27.14 9.19 27.75
N GLY C 162 -27.14 8.27 26.78
CA GLY C 162 -27.72 8.49 25.48
C GLY C 162 -26.70 8.65 24.37
N GLN C 163 -25.42 8.74 24.71
CA GLN C 163 -24.35 8.89 23.74
C GLN C 163 -24.02 7.56 23.08
N ARG C 164 -23.40 7.64 21.91
CA ARG C 164 -22.80 6.48 21.24
C ARG C 164 -21.29 6.72 21.21
N GLU C 165 -20.57 6.02 22.07
CA GLU C 165 -19.13 6.19 22.20
C GLU C 165 -18.42 4.91 21.78
N LEU C 166 -17.49 5.03 20.84
CA LEU C 166 -16.72 3.89 20.37
C LEU C 166 -15.41 3.79 21.14
N ILE C 167 -15.02 2.57 21.48
CA ILE C 167 -13.69 2.28 22.01
C ILE C 167 -12.97 1.47 20.95
N ILE C 168 -11.85 2.00 20.47
CA ILE C 168 -11.17 1.46 19.30
C ILE C 168 -9.70 1.31 19.62
N GLY C 169 -9.14 0.16 19.31
CA GLY C 169 -7.73 -0.06 19.63
C GLY C 169 -7.23 -1.36 19.04
N ASP C 170 -5.98 -1.68 19.37
CA ASP C 170 -5.38 -2.93 18.94
C ASP C 170 -5.77 -4.04 19.91
N ARG C 171 -5.37 -5.27 19.57
CA ARG C 171 -5.65 -6.40 20.44
C ARG C 171 -4.81 -6.32 21.71
N GLN C 172 -5.41 -6.72 22.82
CA GLN C 172 -4.76 -6.71 24.13
C GLN C 172 -4.28 -5.30 24.49
N THR C 173 -5.25 -4.40 24.60
CA THR C 173 -4.98 -3.02 25.02
C THR C 173 -5.90 -2.52 26.13
N GLY C 174 -7.03 -3.18 26.38
CA GLY C 174 -7.86 -2.81 27.52
C GLY C 174 -9.28 -2.42 27.17
N LYS C 175 -9.80 -2.90 26.04
CA LYS C 175 -11.17 -2.57 25.66
C LYS C 175 -12.17 -3.23 26.60
N THR C 176 -12.13 -4.56 26.67
CA THR C 176 -13.05 -5.29 27.52
C THR C 176 -12.87 -4.91 28.99
N SER C 177 -11.63 -4.66 29.40
CA SER C 177 -11.39 -4.23 30.77
C SER C 177 -12.04 -2.88 31.05
N VAL C 178 -11.95 -1.95 30.11
CA VAL C 178 -12.59 -0.64 30.29
C VAL C 178 -14.10 -0.80 30.38
N ALA C 179 -14.69 -1.61 29.50
CA ALA C 179 -16.14 -1.83 29.55
C ALA C 179 -16.56 -2.48 30.86
N ILE C 180 -15.79 -3.46 31.32
CA ILE C 180 -16.13 -4.16 32.56
C ILE C 180 -16.02 -3.20 33.74
N ASP C 181 -15.00 -2.35 33.76
CA ASP C 181 -14.89 -1.36 34.83
C ASP C 181 -16.05 -0.38 34.79
N THR C 182 -16.48 0.01 33.59
CA THR C 182 -17.65 0.85 33.46
C THR C 182 -18.87 0.18 34.08
N ILE C 183 -19.10 -1.09 33.76
CA ILE C 183 -20.26 -1.79 34.30
C ILE C 183 -20.13 -1.96 35.81
N ILE C 184 -18.91 -2.16 36.30
CA ILE C 184 -18.66 -2.28 37.73
C ILE C 184 -19.06 -0.99 38.44
N ASN C 185 -18.71 0.15 37.86
CA ASN C 185 -18.90 1.44 38.53
C ASN C 185 -20.36 1.83 38.70
N GLN C 186 -21.31 1.14 38.05
CA GLN C 186 -22.71 1.54 38.04
C GLN C 186 -23.51 0.93 39.18
N LYS C 187 -22.89 0.64 40.33
CA LYS C 187 -23.60 -0.05 41.41
C LYS C 187 -24.74 0.79 41.96
N ASP C 188 -24.45 2.03 42.34
CA ASP C 188 -25.41 2.90 43.03
C ASP C 188 -25.85 4.05 42.14
N GLN C 189 -25.99 3.79 40.84
CA GLN C 189 -26.37 4.81 39.89
C GLN C 189 -27.61 4.44 39.08
N ASN C 190 -28.35 3.41 39.51
CA ASN C 190 -29.56 2.96 38.82
C ASN C 190 -29.31 2.74 37.34
N MET C 191 -28.08 2.38 37.00
CA MET C 191 -27.59 2.48 35.64
C MET C 191 -27.51 1.06 35.07
N ILE C 192 -28.65 0.56 34.59
CA ILE C 192 -28.75 -0.82 34.15
C ILE C 192 -27.84 -1.06 32.95
N SER C 193 -27.16 -2.20 32.95
CA SER C 193 -26.15 -2.49 31.93
C SER C 193 -26.48 -3.78 31.20
N ILE C 194 -26.12 -3.81 29.91
CA ILE C 194 -26.19 -5.00 29.08
C ILE C 194 -24.83 -5.19 28.44
N TYR C 195 -24.33 -6.42 28.45
CA TYR C 195 -23.01 -6.74 27.92
C TYR C 195 -23.16 -7.80 26.84
N VAL C 196 -23.04 -7.38 25.58
CA VAL C 196 -23.18 -8.28 24.44
C VAL C 196 -21.78 -8.81 24.12
N ALA C 197 -21.52 -10.06 24.48
CA ALA C 197 -20.26 -10.71 24.18
C ALA C 197 -20.40 -11.44 22.86
N ILE C 198 -19.68 -10.96 21.84
CA ILE C 198 -19.83 -11.44 20.47
C ILE C 198 -18.48 -11.83 19.92
N GLY C 199 -18.39 -13.06 19.42
CA GLY C 199 -17.17 -13.54 18.80
C GLY C 199 -16.13 -14.06 19.75
N GLN C 200 -16.27 -13.80 21.05
CA GLN C 200 -15.29 -14.26 22.02
C GLN C 200 -15.46 -15.75 22.28
N LYS C 201 -14.35 -16.42 22.58
CA LYS C 201 -14.42 -17.81 22.99
C LYS C 201 -15.15 -17.93 24.31
N GLU C 202 -15.89 -19.03 24.45
CA GLU C 202 -16.81 -19.18 25.58
C GLU C 202 -16.09 -19.06 26.92
N SER C 203 -14.82 -19.48 26.98
CA SER C 203 -14.07 -19.34 28.23
C SER C 203 -13.88 -17.89 28.59
N THR C 204 -13.62 -17.03 27.61
CA THR C 204 -13.47 -15.60 27.88
C THR C 204 -14.79 -15.01 28.39
N VAL C 205 -15.91 -15.39 27.79
CA VAL C 205 -17.20 -14.88 28.24
C VAL C 205 -17.49 -15.37 29.65
N ARG C 206 -17.15 -16.63 29.94
CA ARG C 206 -17.38 -17.16 31.29
C ARG C 206 -16.51 -16.43 32.31
N THR C 207 -15.26 -16.17 31.97
CA THR C 207 -14.40 -15.40 32.87
C THR C 207 -14.95 -14.00 33.10
N VAL C 208 -15.46 -13.37 32.03
CA VAL C 208 -16.07 -12.04 32.15
C VAL C 208 -17.27 -12.10 33.08
N VAL C 209 -18.12 -13.12 32.93
CA VAL C 209 -19.29 -13.25 33.77
C VAL C 209 -18.88 -13.43 35.23
N GLU C 210 -17.89 -14.30 35.48
CA GLU C 210 -17.51 -14.58 36.86
C GLU C 210 -16.83 -13.37 37.51
N THR C 211 -16.05 -12.60 36.75
CA THR C 211 -15.43 -11.41 37.32
C THR C 211 -16.41 -10.26 37.49
N LEU C 212 -17.49 -10.23 36.68
CA LEU C 212 -18.58 -9.32 36.98
C LEU C 212 -19.31 -9.73 38.25
N ARG C 213 -19.51 -11.04 38.44
CA ARG C 213 -20.19 -11.54 39.63
C ARG C 213 -19.38 -11.26 40.89
N LYS C 214 -18.06 -11.44 40.81
CA LYS C 214 -17.22 -11.24 42.00
C LYS C 214 -17.33 -9.81 42.52
N HIS C 215 -17.42 -8.84 41.63
CA HIS C 215 -17.58 -7.45 42.02
C HIS C 215 -19.03 -7.04 42.19
N GLY C 216 -19.96 -7.96 42.05
CA GLY C 216 -21.36 -7.68 42.33
C GLY C 216 -22.14 -7.03 41.21
N ALA C 217 -21.61 -7.01 39.98
CA ALA C 217 -22.31 -6.35 38.88
C ALA C 217 -23.50 -7.17 38.39
N LEU C 218 -23.52 -8.48 38.63
CA LEU C 218 -24.58 -9.31 38.09
C LEU C 218 -25.96 -8.90 38.60
N ASP C 219 -26.01 -8.16 39.71
CA ASP C 219 -27.30 -7.70 40.22
C ASP C 219 -28.00 -6.74 39.26
N TYR C 220 -27.28 -6.17 38.28
CA TYR C 220 -27.92 -5.24 37.36
C TYR C 220 -27.43 -5.41 35.93
N THR C 221 -26.98 -6.60 35.57
CA THR C 221 -26.35 -6.82 34.27
C THR C 221 -27.02 -7.98 33.54
N ILE C 222 -27.21 -7.81 32.24
CA ILE C 222 -27.62 -8.87 31.34
C ILE C 222 -26.46 -9.13 30.39
N VAL C 223 -26.13 -10.40 30.18
CA VAL C 223 -25.04 -10.79 29.30
C VAL C 223 -25.61 -11.59 28.15
N VAL C 224 -25.36 -11.12 26.93
CA VAL C 224 -25.74 -11.82 25.70
C VAL C 224 -24.50 -12.45 25.11
N THR C 225 -24.55 -13.75 24.87
CA THR C 225 -23.40 -14.53 24.44
C THR C 225 -23.60 -15.02 23.02
N ALA C 226 -22.63 -14.71 22.15
CA ALA C 226 -22.56 -15.27 20.79
C ALA C 226 -21.10 -15.62 20.57
N SER C 227 -20.74 -16.86 20.86
CA SER C 227 -19.36 -17.31 20.77
C SER C 227 -19.01 -17.66 19.32
N ALA C 228 -17.74 -18.00 19.10
CA ALA C 228 -17.25 -18.26 17.76
C ALA C 228 -17.90 -19.50 17.16
N SER C 229 -18.10 -20.55 17.96
CA SER C 229 -18.66 -21.79 17.43
C SER C 229 -20.13 -21.64 17.05
N GLN C 230 -20.80 -20.61 17.52
CA GLN C 230 -22.20 -20.39 17.18
C GLN C 230 -22.31 -20.08 15.69
N PRO C 231 -23.46 -20.40 15.07
CA PRO C 231 -23.65 -20.05 13.67
C PRO C 231 -23.51 -18.55 13.48
N ALA C 232 -22.91 -18.17 12.36
CA ALA C 232 -22.61 -16.76 12.08
C ALA C 232 -23.81 -15.83 12.18
N PRO C 233 -25.03 -16.21 11.75
CA PRO C 233 -26.18 -15.32 11.97
C PRO C 233 -26.43 -14.98 13.42
N LEU C 234 -26.15 -15.88 14.36
CA LEU C 234 -26.29 -15.51 15.76
C LEU C 234 -25.32 -14.42 16.13
N LEU C 235 -24.08 -14.49 15.63
CA LEU C 235 -23.13 -13.41 15.81
C LEU C 235 -23.66 -12.12 15.20
N PHE C 236 -24.24 -12.20 14.00
CA PHE C 236 -24.77 -11.02 13.33
C PHE C 236 -25.91 -10.40 14.14
N LEU C 237 -26.79 -11.24 14.70
CA LEU C 237 -27.98 -10.77 15.41
C LEU C 237 -27.72 -10.38 16.85
N ALA C 238 -26.58 -10.76 17.44
CA ALA C 238 -26.39 -10.55 18.87
C ALA C 238 -26.54 -9.09 19.30
N PRO C 239 -25.90 -8.10 18.66
CA PRO C 239 -26.14 -6.72 19.08
C PRO C 239 -27.57 -6.27 18.91
N TYR C 240 -28.27 -6.77 17.89
CA TYR C 240 -29.69 -6.47 17.74
C TYR C 240 -30.48 -6.97 18.95
N ALA C 241 -30.20 -8.19 19.39
CA ALA C 241 -30.89 -8.73 20.56
C ALA C 241 -30.55 -7.92 21.81
N GLY C 242 -29.28 -7.54 21.96
CA GLY C 242 -28.90 -6.76 23.13
C GLY C 242 -29.59 -5.41 23.18
N VAL C 243 -29.61 -4.71 22.05
CA VAL C 243 -30.27 -3.40 22.03
C VAL C 243 -31.78 -3.56 22.16
N ALA C 244 -32.34 -4.66 21.66
CA ALA C 244 -33.77 -4.89 21.86
C ALA C 244 -34.10 -5.10 23.33
N MET C 245 -33.25 -5.84 24.05
CA MET C 245 -33.45 -5.98 25.49
C MET C 245 -33.29 -4.64 26.20
N GLY C 246 -32.33 -3.83 25.77
CA GLY C 246 -32.12 -2.53 26.39
C GLY C 246 -33.25 -1.56 26.16
N GLU C 247 -33.88 -1.61 24.99
CA GLU C 247 -34.96 -0.68 24.68
C GLU C 247 -36.14 -0.87 25.61
N TYR C 248 -36.36 -2.09 26.10
CA TYR C 248 -37.46 -2.35 27.03
C TYR C 248 -37.29 -1.54 28.30
N PHE C 249 -36.08 -1.51 28.85
CA PHE C 249 -35.84 -0.71 30.04
C PHE C 249 -35.73 0.77 29.71
N MET C 250 -35.29 1.12 28.49
CA MET C 250 -35.25 2.52 28.10
C MET C 250 -36.64 3.12 28.07
N TYR C 251 -37.63 2.39 27.53
CA TYR C 251 -38.98 2.91 27.39
C TYR C 251 -39.73 3.00 28.71
N LYS C 252 -39.20 2.44 29.79
CA LYS C 252 -39.84 2.50 31.10
C LYS C 252 -39.23 3.60 31.98
N GLY C 253 -38.38 4.44 31.42
CA GLY C 253 -37.72 5.47 32.18
C GLY C 253 -36.40 5.07 32.79
N LYS C 254 -36.02 3.80 32.70
CA LYS C 254 -34.74 3.35 33.22
C LYS C 254 -33.62 3.72 32.25
N HIS C 255 -32.41 3.80 32.78
CA HIS C 255 -31.22 4.09 31.99
C HIS C 255 -30.50 2.78 31.70
N VAL C 256 -30.13 2.58 30.44
CA VAL C 256 -29.56 1.33 29.97
C VAL C 256 -28.21 1.60 29.33
N LEU C 257 -27.26 0.68 29.56
CA LEU C 257 -25.95 0.71 28.91
C LEU C 257 -25.76 -0.61 28.18
N VAL C 258 -25.46 -0.54 26.90
CA VAL C 258 -25.22 -1.72 26.08
C VAL C 258 -23.80 -1.66 25.56
N VAL C 259 -23.05 -2.73 25.76
CA VAL C 259 -21.66 -2.81 25.34
C VAL C 259 -21.52 -3.99 24.39
N TYR C 260 -21.01 -3.72 23.19
CA TYR C 260 -20.69 -4.76 22.23
C TYR C 260 -19.17 -4.94 22.21
N ASP C 261 -18.70 -6.14 22.58
CA ASP C 261 -17.28 -6.33 22.82
C ASP C 261 -16.47 -6.33 21.53
N ASP C 262 -17.10 -6.55 20.38
CA ASP C 262 -16.43 -6.29 19.10
C ASP C 262 -17.49 -6.22 18.01
N LEU C 263 -17.64 -5.04 17.41
CA LEU C 263 -18.44 -4.93 16.20
C LEU C 263 -17.68 -5.41 14.97
N SER C 264 -16.35 -5.52 15.07
CA SER C 264 -15.56 -6.04 13.96
C SER C 264 -15.96 -7.47 13.62
N LYS C 265 -16.15 -8.30 14.64
CA LYS C 265 -16.54 -9.69 14.40
C LYS C 265 -17.96 -9.80 13.89
N GLN C 266 -18.86 -8.91 14.32
CA GLN C 266 -20.19 -8.86 13.73
C GLN C 266 -20.12 -8.51 12.25
N ALA C 267 -19.28 -7.53 11.91
CA ALA C 267 -19.11 -7.17 10.51
C ALA C 267 -18.55 -8.33 9.71
N ALA C 268 -17.58 -9.04 10.28
CA ALA C 268 -17.00 -10.20 9.59
C ALA C 268 -18.06 -11.28 9.35
N ALA C 269 -18.89 -11.55 10.36
CA ALA C 269 -19.94 -12.56 10.20
C ALA C 269 -20.97 -12.13 9.15
N TYR C 270 -21.35 -10.86 9.14
CA TYR C 270 -22.30 -10.40 8.12
C TYR C 270 -21.69 -10.46 6.73
N ARG C 271 -20.40 -10.12 6.59
CA ARG C 271 -19.74 -10.26 5.31
C ARG C 271 -19.72 -11.71 4.86
N GLU C 272 -19.47 -12.63 5.80
CA GLU C 272 -19.49 -14.05 5.47
C GLU C 272 -20.87 -14.46 4.97
N LEU C 273 -21.93 -14.02 5.66
CA LEU C 273 -23.28 -14.33 5.22
C LEU C 273 -23.56 -13.79 3.82
N SER C 274 -23.18 -12.53 3.58
CA SER C 274 -23.45 -11.92 2.29
C SER C 274 -22.69 -12.64 1.17
N LEU C 275 -21.41 -12.96 1.41
CA LEU C 275 -20.63 -13.65 0.39
C LEU C 275 -21.22 -15.03 0.10
N LEU C 276 -21.64 -15.75 1.13
CA LEU C 276 -22.30 -17.03 0.90
C LEU C 276 -23.61 -16.86 0.15
N LEU C 277 -24.35 -15.80 0.43
CA LEU C 277 -25.61 -15.52 -0.24
C LEU C 277 -25.42 -14.89 -1.62
N ARG C 278 -24.18 -14.81 -2.10
CA ARG C 278 -23.85 -14.27 -3.42
C ARG C 278 -24.30 -12.81 -3.55
N ARG C 279 -23.86 -11.98 -2.60
CA ARG C 279 -24.08 -10.55 -2.74
C ARG C 279 -22.80 -9.87 -3.20
N PRO C 280 -22.90 -8.83 -4.02
CA PRO C 280 -21.70 -8.19 -4.57
C PRO C 280 -20.84 -7.63 -3.46
N PRO C 281 -19.52 -7.79 -3.57
CA PRO C 281 -18.63 -7.26 -2.53
C PRO C 281 -18.57 -5.74 -2.58
N GLY C 282 -17.91 -5.18 -1.57
CA GLY C 282 -17.74 -3.75 -1.47
C GLY C 282 -16.29 -3.32 -1.39
N ARG C 283 -15.94 -2.58 -0.34
CA ARG C 283 -14.60 -2.03 -0.23
C ARG C 283 -13.56 -3.11 0.05
N GLU C 284 -13.84 -3.99 1.01
CA GLU C 284 -12.93 -5.06 1.39
C GLU C 284 -13.67 -6.38 1.45
N ALA C 285 -14.46 -6.64 0.41
CA ALA C 285 -15.43 -7.74 0.32
C ALA C 285 -16.57 -7.56 1.30
N TYR C 286 -16.57 -6.49 2.10
CA TYR C 286 -17.69 -6.20 2.98
C TYR C 286 -18.91 -5.86 2.14
N PRO C 287 -20.11 -6.17 2.64
CA PRO C 287 -21.32 -5.92 1.85
C PRO C 287 -21.54 -4.43 1.63
N GLY C 288 -22.38 -4.13 0.65
CA GLY C 288 -22.69 -2.75 0.35
C GLY C 288 -23.40 -2.04 1.49
N ASP C 289 -24.24 -2.76 2.22
CA ASP C 289 -25.05 -2.17 3.28
C ASP C 289 -24.46 -2.36 4.67
N ILE C 290 -23.19 -2.77 4.77
CA ILE C 290 -22.59 -3.01 6.08
C ILE C 290 -22.67 -1.76 6.94
N PHE C 291 -22.41 -0.59 6.36
CA PHE C 291 -22.54 0.67 7.08
C PHE C 291 -23.94 0.78 7.68
N TYR C 292 -24.95 0.58 6.84
CA TYR C 292 -26.33 0.57 7.31
C TYR C 292 -26.47 -0.32 8.52
N LEU C 293 -25.92 -1.55 8.43
CA LEU C 293 -26.07 -2.52 9.50
C LEU C 293 -25.55 -1.98 10.82
N HIS C 294 -24.43 -1.26 10.81
CA HIS C 294 -23.98 -0.69 12.07
C HIS C 294 -24.83 0.50 12.47
N SER C 295 -25.14 1.37 11.51
CA SER C 295 -25.75 2.66 11.86
C SER C 295 -27.11 2.46 12.50
N ARG C 296 -27.99 1.71 11.84
CA ARG C 296 -29.32 1.47 12.39
C ARG C 296 -29.25 0.74 13.73
N LEU C 297 -28.12 0.10 14.02
CA LEU C 297 -27.92 -0.43 15.37
C LEU C 297 -27.56 0.70 16.32
N LEU C 298 -26.47 1.42 16.04
CA LEU C 298 -25.95 2.38 17.00
C LEU C 298 -26.93 3.51 17.25
N GLU C 299 -27.55 4.02 16.19
CA GLU C 299 -28.52 5.10 16.37
C GLU C 299 -29.76 4.68 17.14
N ARG C 300 -29.86 3.41 17.54
CA ARG C 300 -30.92 3.01 18.47
C ARG C 300 -30.61 3.36 19.91
N ALA C 301 -29.40 3.86 20.17
CA ALA C 301 -29.01 4.31 21.50
C ALA C 301 -29.28 5.81 21.59
N ALA C 302 -30.27 6.18 22.40
CA ALA C 302 -30.73 7.56 22.45
C ALA C 302 -31.15 7.92 23.86
N LYS C 303 -31.17 9.22 24.13
CA LYS C 303 -31.74 9.77 25.35
C LYS C 303 -33.08 10.43 25.01
N LEU C 304 -34.12 10.05 25.72
CA LEU C 304 -35.46 10.48 25.40
C LEU C 304 -35.85 11.71 26.21
N SER C 305 -36.82 12.45 25.68
CA SER C 305 -37.34 13.64 26.35
C SER C 305 -38.34 13.25 27.42
N ASP C 306 -38.73 14.24 28.23
CA ASP C 306 -39.64 13.98 29.35
C ASP C 306 -41.00 13.50 28.90
N ALA C 307 -41.42 13.82 27.67
CA ALA C 307 -42.70 13.32 27.17
C ALA C 307 -42.68 11.80 27.02
N LYS C 308 -41.59 11.25 26.52
CA LYS C 308 -41.44 9.81 26.38
C LYS C 308 -40.85 9.15 27.63
N GLY C 309 -40.44 9.94 28.61
CA GLY C 309 -39.76 9.44 29.78
C GLY C 309 -38.26 9.67 29.69
N GLY C 310 -37.64 9.86 30.85
CA GLY C 310 -36.22 10.16 30.89
C GLY C 310 -35.32 9.00 30.52
N GLY C 311 -35.89 7.82 30.26
CA GLY C 311 -35.07 6.66 29.97
C GLY C 311 -34.17 6.87 28.78
N SER C 312 -32.93 6.41 28.91
CA SER C 312 -31.91 6.58 27.89
C SER C 312 -31.19 5.26 27.65
N LEU C 313 -30.43 5.21 26.57
CA LEU C 313 -29.59 4.07 26.25
C LEU C 313 -28.23 4.57 25.80
N THR C 314 -27.17 4.06 26.43
CA THR C 314 -25.81 4.44 26.11
C THR C 314 -25.09 3.25 25.48
N ALA C 315 -24.52 3.46 24.31
CA ALA C 315 -23.87 2.40 23.55
C ALA C 315 -22.36 2.54 23.65
N LEU C 316 -21.68 1.40 23.73
CA LEU C 316 -20.21 1.34 23.71
C LEU C 316 -19.77 0.28 22.70
N PRO C 317 -19.85 0.58 21.41
CA PRO C 317 -19.28 -0.33 20.41
C PRO C 317 -17.76 -0.42 20.54
N PHE C 318 -17.23 -1.56 20.16
CA PHE C 318 -15.80 -1.83 20.18
C PHE C 318 -15.30 -2.07 18.77
N VAL C 319 -14.07 -1.62 18.49
CA VAL C 319 -13.45 -1.88 17.20
C VAL C 319 -11.97 -2.21 17.41
N GLU C 320 -11.52 -3.28 16.76
CA GLU C 320 -10.11 -3.69 16.78
C GLU C 320 -9.46 -3.33 15.46
N THR C 321 -8.33 -2.65 15.54
CA THR C 321 -7.51 -2.28 14.40
C THR C 321 -6.27 -3.15 14.36
N GLN C 322 -5.82 -3.49 13.15
CA GLN C 322 -4.76 -4.49 13.03
C GLN C 322 -3.39 -3.89 13.29
N ALA C 323 -2.92 -3.05 12.37
CA ALA C 323 -1.67 -2.32 12.59
C ALA C 323 -1.95 -0.90 13.06
N GLY C 324 -2.79 -0.76 14.08
CA GLY C 324 -3.24 0.56 14.49
C GLY C 324 -3.81 1.34 13.33
N ASP C 325 -4.46 0.65 12.39
CA ASP C 325 -4.92 1.24 11.14
C ASP C 325 -6.40 1.57 11.28
N ILE C 326 -6.69 2.82 11.62
CA ILE C 326 -8.06 3.30 11.77
C ILE C 326 -8.63 3.69 10.42
N SER C 327 -7.86 3.43 9.36
CA SER C 327 -8.23 3.83 8.01
C SER C 327 -8.95 2.74 7.24
N ALA C 328 -9.34 1.65 7.88
CA ALA C 328 -10.00 0.55 7.20
C ALA C 328 -11.47 0.90 6.98
N TYR C 329 -12.26 -0.08 6.53
CA TYR C 329 -13.66 0.18 6.19
C TYR C 329 -14.53 0.24 7.44
N ILE C 330 -14.61 -0.87 8.18
CA ILE C 330 -15.43 -0.91 9.38
C ILE C 330 -14.97 0.10 10.43
N PRO C 331 -13.66 0.24 10.73
CA PRO C 331 -13.27 1.30 11.68
C PRO C 331 -13.70 2.68 11.25
N THR C 332 -13.58 3.01 9.96
CA THR C 332 -14.01 4.32 9.50
C THR C 332 -15.51 4.49 9.67
N ASN C 333 -16.30 3.46 9.32
CA ASN C 333 -17.75 3.55 9.49
C ASN C 333 -18.11 3.80 10.95
N VAL C 334 -17.56 3.00 11.86
CA VAL C 334 -17.95 3.13 13.26
C VAL C 334 -17.44 4.43 13.85
N ILE C 335 -16.29 4.92 13.38
CA ILE C 335 -15.83 6.24 13.81
C ILE C 335 -16.80 7.31 13.34
N SER C 336 -17.30 7.19 12.11
CA SER C 336 -18.25 8.16 11.58
C SER C 336 -19.54 8.17 12.38
N ILE C 337 -20.03 6.99 12.77
CA ILE C 337 -21.33 6.91 13.45
C ILE C 337 -21.27 7.56 14.83
N THR C 338 -20.23 7.25 15.59
CA THR C 338 -20.26 7.50 17.02
C THR C 338 -20.05 8.98 17.35
N ASP C 339 -20.48 9.36 18.55
CA ASP C 339 -20.32 10.71 19.06
C ASP C 339 -18.96 10.96 19.66
N GLY C 340 -18.11 9.94 19.73
CA GLY C 340 -16.77 10.10 20.25
C GLY C 340 -16.05 8.77 20.18
N GLN C 341 -14.72 8.87 20.14
CA GLN C 341 -13.89 7.68 20.02
C GLN C 341 -12.76 7.74 21.03
N ILE C 342 -12.61 6.66 21.79
CA ILE C 342 -11.50 6.50 22.72
C ILE C 342 -10.50 5.55 22.06
N PHE C 343 -9.32 6.08 21.74
CA PHE C 343 -8.30 5.31 21.05
C PHE C 343 -7.35 4.71 22.08
N LEU C 344 -7.33 3.38 22.15
CA LEU C 344 -6.40 2.65 22.99
C LEU C 344 -5.20 2.22 22.15
N GLN C 345 -4.01 2.52 22.64
CA GLN C 345 -2.79 2.30 21.88
C GLN C 345 -1.92 1.24 22.54
N SER C 346 -1.40 0.33 21.73
CA SER C 346 -0.51 -0.71 22.25
C SER C 346 0.76 -0.12 22.82
N ASP C 347 1.34 0.87 22.11
CA ASP C 347 2.57 1.49 22.60
C ASP C 347 2.35 2.23 23.92
N LEU C 348 1.14 2.74 24.14
CA LEU C 348 0.84 3.32 25.44
C LEU C 348 0.62 2.24 26.49
N PHE C 349 0.01 1.12 26.11
CA PHE C 349 -0.22 0.04 27.05
C PHE C 349 1.09 -0.53 27.56
N PHE C 350 2.07 -0.72 26.67
CA PHE C 350 3.34 -1.31 27.06
C PHE C 350 4.29 -0.33 27.72
N SER C 351 4.00 0.96 27.66
CA SER C 351 4.86 1.98 28.26
C SER C 351 4.48 2.29 29.70
N GLY C 352 3.55 1.53 30.28
CA GLY C 352 3.11 1.75 31.62
C GLY C 352 1.92 2.67 31.77
N VAL C 353 1.41 3.23 30.68
CA VAL C 353 0.24 4.10 30.73
C VAL C 353 -1.00 3.22 30.75
N ARG C 354 -1.72 3.22 31.87
CA ARG C 354 -2.91 2.41 32.00
C ARG C 354 -4.11 3.29 32.33
N PRO C 355 -5.26 3.05 31.70
CA PRO C 355 -5.59 1.97 30.76
C PRO C 355 -5.25 2.30 29.30
N ALA C 356 -4.20 3.08 29.06
CA ALA C 356 -3.71 3.36 27.71
C ALA C 356 -4.77 4.05 26.85
N ILE C 357 -5.19 5.23 27.31
CA ILE C 357 -6.14 6.06 26.59
C ILE C 357 -5.36 7.17 25.89
N ASN C 358 -5.51 7.27 24.58
CA ASN C 358 -4.86 8.33 23.80
C ASN C 358 -5.73 9.57 23.90
N ALA C 359 -5.50 10.36 24.94
CA ALA C 359 -6.29 11.56 25.18
C ALA C 359 -6.07 12.65 24.13
N GLY C 360 -4.99 12.56 23.35
CA GLY C 360 -4.75 13.51 22.29
C GLY C 360 -5.57 13.25 21.05
N LEU C 361 -5.73 11.98 20.70
CA LEU C 361 -6.50 11.59 19.53
C LEU C 361 -7.94 11.24 19.86
N SER C 362 -8.35 11.32 21.12
CA SER C 362 -9.71 11.00 21.50
C SER C 362 -10.61 12.23 21.41
N VAL C 363 -11.89 11.99 21.14
CA VAL C 363 -12.84 13.05 20.83
C VAL C 363 -14.15 12.76 21.55
N SER C 364 -14.86 13.82 21.92
CA SER C 364 -16.20 13.69 22.48
C SER C 364 -17.01 14.90 22.03
N ARG C 365 -18.04 14.65 21.21
CA ARG C 365 -18.92 15.72 20.76
C ARG C 365 -20.00 16.09 21.76
N VAL C 366 -20.13 15.32 22.85
CA VAL C 366 -20.98 15.75 23.95
C VAL C 366 -20.19 16.64 24.90
N GLY C 367 -18.96 16.26 25.21
CA GLY C 367 -18.07 17.11 25.99
C GLY C 367 -18.66 17.51 27.33
N GLY C 368 -18.57 18.81 27.63
CA GLY C 368 -18.99 19.32 28.93
C GLY C 368 -20.45 19.11 29.23
N ALA C 369 -21.27 18.86 28.22
CA ALA C 369 -22.67 18.57 28.46
C ALA C 369 -22.86 17.29 29.25
N ALA C 370 -21.83 16.44 29.33
CA ALA C 370 -21.90 15.18 30.05
C ALA C 370 -20.90 15.15 31.19
N GLN C 371 -20.77 16.26 31.90
CA GLN C 371 -19.87 16.34 33.04
C GLN C 371 -20.50 17.11 34.17
N ILE C 372 -20.07 16.80 35.39
CA ILE C 372 -20.39 17.63 36.53
C ILE C 372 -19.73 18.99 36.34
N LYS C 373 -20.36 20.04 36.86
CA LYS C 373 -19.78 21.37 36.75
C LYS C 373 -18.41 21.43 37.41
N ALA C 374 -18.28 20.81 38.58
CA ALA C 374 -16.97 20.72 39.22
C ALA C 374 -15.97 19.98 38.33
N MET C 375 -16.42 18.92 37.67
CA MET C 375 -15.53 18.19 36.77
C MET C 375 -15.18 19.03 35.55
N LYS C 376 -16.14 19.79 35.03
CA LYS C 376 -15.87 20.64 33.86
C LYS C 376 -14.81 21.68 34.17
N LYS C 377 -14.96 22.36 35.32
CA LYS C 377 -14.07 23.46 35.66
C LYS C 377 -12.61 23.04 35.75
N VAL C 378 -12.35 21.77 36.01
CA VAL C 378 -10.98 21.29 36.17
C VAL C 378 -10.55 20.54 34.90
N ALA C 379 -11.52 19.92 34.21
CA ALA C 379 -11.18 19.18 33.01
C ALA C 379 -10.81 20.10 31.86
N GLY C 380 -11.38 21.31 31.82
CA GLY C 380 -10.93 22.27 30.82
C GLY C 380 -9.46 22.62 30.97
N THR C 381 -9.04 22.92 32.21
CA THR C 381 -7.64 23.22 32.47
C THR C 381 -6.76 22.00 32.20
N LEU C 382 -7.25 20.80 32.54
CA LEU C 382 -6.49 19.59 32.25
C LEU C 382 -6.28 19.41 30.76
N ARG C 383 -7.33 19.65 29.96
CA ARG C 383 -7.19 19.55 28.51
C ARG C 383 -6.20 20.58 27.98
N LEU C 384 -6.23 21.80 28.52
CA LEU C 384 -5.25 22.80 28.11
C LEU C 384 -3.83 22.34 28.44
N ASP C 385 -3.64 21.77 29.63
CA ASP C 385 -2.32 21.28 30.02
C ASP C 385 -1.83 20.18 29.09
N LEU C 386 -2.72 19.24 28.75
CA LEU C 386 -2.31 18.15 27.87
C LEU C 386 -2.05 18.64 26.46
N ALA C 387 -2.83 19.60 25.98
CA ALA C 387 -2.56 20.18 24.67
C ALA C 387 -1.21 20.86 24.63
N ALA C 388 -0.87 21.59 25.70
CA ALA C 388 0.46 22.19 25.77
C ALA C 388 1.55 21.12 25.82
N TYR C 389 1.31 20.04 26.57
CA TYR C 389 2.33 19.01 26.72
C TYR C 389 2.58 18.25 25.43
N ARG C 390 1.53 18.02 24.64
CA ARG C 390 1.71 17.32 23.37
C ARG C 390 2.52 18.14 22.37
N GLU C 391 2.71 19.44 22.61
CA GLU C 391 3.50 20.29 21.75
C GLU C 391 4.98 20.27 22.09
N LEU C 392 5.37 19.56 23.15
CA LEU C 392 6.76 19.52 23.58
C LEU C 392 7.27 18.10 23.77
N GLU C 393 6.51 17.08 23.37
CA GLU C 393 7.00 15.72 23.45
C GLU C 393 8.18 15.50 22.49
N ALA C 394 8.04 16.00 21.26
CA ALA C 394 9.10 15.82 20.27
C ALA C 394 10.40 16.49 20.67
N PHE C 395 10.34 17.50 21.53
CA PHE C 395 11.54 18.17 22.01
C PHE C 395 12.16 17.48 23.22
N ALA C 396 11.49 16.49 23.80
CA ALA C 396 12.01 15.80 24.97
C ALA C 396 13.32 15.07 24.67
N GLN C 397 13.62 14.84 23.40
CA GLN C 397 14.90 14.24 23.03
C GLN C 397 16.06 15.13 23.46
N PHE C 398 15.84 16.44 23.53
CA PHE C 398 16.83 17.39 24.03
C PHE C 398 16.52 17.82 25.45
N GLY C 399 15.65 17.08 26.14
CA GLY C 399 15.04 17.54 27.38
C GLY C 399 16.01 17.86 28.49
N SER C 400 17.25 17.42 28.38
CA SER C 400 18.23 17.75 29.41
C SER C 400 18.57 19.24 29.40
N ASP C 401 18.56 19.87 28.24
CA ASP C 401 19.04 21.25 28.08
C ASP C 401 18.00 22.10 27.37
N LEU C 402 16.74 22.03 27.80
CA LEU C 402 15.68 22.79 27.16
C LEU C 402 15.38 24.08 27.92
N ASP C 403 14.38 24.80 27.44
CA ASP C 403 13.98 26.08 28.02
C ASP C 403 13.25 25.86 29.35
N LYS C 404 13.27 26.89 30.19
CA LYS C 404 12.64 26.80 31.50
C LYS C 404 11.14 26.58 31.38
N ALA C 405 10.48 27.36 30.52
CA ALA C 405 9.04 27.18 30.33
C ALA C 405 8.73 25.83 29.71
N THR C 406 9.54 25.41 28.74
CA THR C 406 9.36 24.08 28.15
C THR C 406 9.55 22.99 29.20
N GLN C 407 10.55 23.16 30.07
CA GLN C 407 10.79 22.18 31.12
C GLN C 407 9.62 22.12 32.10
N ALA C 408 9.06 23.29 32.45
CA ALA C 408 7.91 23.30 33.34
C ALA C 408 6.71 22.61 32.72
N LYS C 409 6.46 22.87 31.43
CA LYS C 409 5.36 22.20 30.75
C LYS C 409 5.57 20.69 30.69
N LEU C 410 6.81 20.27 30.41
CA LEU C 410 7.11 18.84 30.37
C LEU C 410 6.91 18.19 31.73
N ALA C 411 7.33 18.86 32.81
CA ALA C 411 7.14 18.32 34.14
C ALA C 411 5.66 18.20 34.48
N ARG C 412 4.87 19.23 34.14
CA ARG C 412 3.44 19.16 34.41
C ARG C 412 2.78 18.05 33.60
N GLY C 413 3.23 17.85 32.36
CA GLY C 413 2.70 16.75 31.57
C GLY C 413 3.06 15.39 32.14
N ALA C 414 4.28 15.25 32.67
CA ALA C 414 4.67 13.99 33.30
C ALA C 414 3.83 13.71 34.54
N ARG C 415 3.65 14.73 35.38
CA ARG C 415 2.78 14.57 36.54
C ARG C 415 1.36 14.22 36.12
N THR C 416 0.88 14.82 35.03
CA THR C 416 -0.47 14.55 34.56
C THR C 416 -0.62 13.10 34.10
N VAL C 417 0.35 12.62 33.32
CA VAL C 417 0.25 11.24 32.82
C VAL C 417 0.42 10.25 33.95
N GLU C 418 1.12 10.62 35.02
CA GLU C 418 1.14 9.74 36.19
C GLU C 418 -0.19 9.78 36.94
N VAL C 419 -0.82 10.95 37.02
CA VAL C 419 -2.11 11.07 37.70
C VAL C 419 -3.17 10.24 36.99
N LEU C 420 -3.20 10.32 35.66
CA LEU C 420 -4.23 9.61 34.90
C LEU C 420 -4.05 8.11 34.91
N LYS C 421 -2.92 7.60 35.41
CA LYS C 421 -2.70 6.16 35.47
C LYS C 421 -3.59 5.53 36.53
N GLN C 422 -4.26 4.45 36.16
CA GLN C 422 -5.14 3.72 37.06
C GLN C 422 -4.86 2.23 36.93
N ASP C 423 -5.35 1.46 37.91
CA ASP C 423 -5.18 0.03 37.92
C ASP C 423 -6.47 -0.68 37.49
N LEU C 424 -6.36 -1.98 37.29
CA LEU C 424 -7.50 -2.77 36.82
C LEU C 424 -8.51 -2.95 37.93
N HIS C 425 -9.80 -2.86 37.57
CA HIS C 425 -10.90 -3.08 38.50
C HIS C 425 -10.79 -2.18 39.73
N GLN C 426 -10.40 -0.93 39.51
CA GLN C 426 -10.23 0.06 40.57
C GLN C 426 -10.95 1.34 40.17
N PRO C 427 -12.29 1.34 40.18
CA PRO C 427 -13.01 2.58 39.90
C PRO C 427 -12.81 3.59 41.01
N ILE C 428 -12.86 4.87 40.63
CA ILE C 428 -12.64 5.98 41.55
C ILE C 428 -13.91 6.81 41.56
N PRO C 429 -14.41 7.21 42.73
CA PRO C 429 -15.61 8.07 42.77
C PRO C 429 -15.34 9.42 42.14
N VAL C 430 -16.40 10.03 41.62
CA VAL C 430 -16.28 11.24 40.81
C VAL C 430 -15.70 12.38 41.63
N GLU C 431 -16.14 12.52 42.88
CA GLU C 431 -15.66 13.62 43.71
C GLU C 431 -14.15 13.53 43.93
N LYS C 432 -13.63 12.33 44.15
CA LYS C 432 -12.19 12.19 44.35
C LYS C 432 -11.42 12.41 43.05
N GLN C 433 -12.00 12.02 41.90
CA GLN C 433 -11.39 12.37 40.62
C GLN C 433 -11.29 13.87 40.47
N VAL C 434 -12.38 14.58 40.79
CA VAL C 434 -12.38 16.03 40.68
C VAL C 434 -11.33 16.63 41.60
N LEU C 435 -11.21 16.11 42.82
CA LEU C 435 -10.27 16.68 43.77
C LEU C 435 -8.82 16.42 43.36
N ILE C 436 -8.52 15.22 42.85
CA ILE C 436 -7.15 14.95 42.44
C ILE C 436 -6.78 15.76 41.21
N ILE C 437 -7.74 15.94 40.28
CA ILE C 437 -7.47 16.76 39.11
C ILE C 437 -7.29 18.22 39.52
N TYR C 438 -8.06 18.68 40.50
CA TYR C 438 -7.88 20.03 41.03
C TYR C 438 -6.50 20.20 41.65
N ALA C 439 -6.06 19.21 42.43
CA ALA C 439 -4.73 19.28 43.02
C ALA C 439 -3.65 19.30 41.96
N LEU C 440 -3.83 18.50 40.89
CA LEU C 440 -2.84 18.47 39.82
C LEU C 440 -2.77 19.80 39.07
N THR C 441 -3.93 20.33 38.68
CA THR C 441 -3.93 21.54 37.85
C THR C 441 -3.46 22.76 38.62
N ARG C 442 -3.80 22.84 39.91
CA ARG C 442 -3.43 24.03 40.69
C ARG C 442 -1.95 24.09 41.02
N GLY C 443 -1.18 23.05 40.70
CA GLY C 443 0.25 23.09 40.91
C GLY C 443 0.72 22.60 42.26
N PHE C 444 -0.11 21.85 42.98
CA PHE C 444 0.32 21.29 44.25
C PHE C 444 1.19 20.05 44.09
N LEU C 445 1.24 19.47 42.90
CA LEU C 445 2.02 18.26 42.64
C LEU C 445 3.36 18.56 41.98
N ASP C 446 3.68 19.83 41.75
CA ASP C 446 4.92 20.17 41.06
C ASP C 446 6.15 20.03 41.96
N ASP C 447 5.97 19.83 43.26
CA ASP C 447 7.10 19.68 44.18
C ASP C 447 7.43 18.24 44.49
N ILE C 448 6.43 17.36 44.57
CA ILE C 448 6.65 15.95 44.86
C ILE C 448 7.33 15.30 43.66
N PRO C 449 8.08 14.21 43.83
CA PRO C 449 8.68 13.55 42.67
C PRO C 449 7.65 12.80 41.85
N VAL C 450 7.99 12.61 40.58
CA VAL C 450 7.03 12.07 39.62
C VAL C 450 6.62 10.64 40.01
N GLU C 451 7.60 9.79 40.33
CA GLU C 451 7.32 8.38 40.59
C GLU C 451 6.42 8.18 41.81
N ASP C 452 6.32 9.19 42.67
CA ASP C 452 5.47 9.08 43.86
C ASP C 452 4.02 9.46 43.60
N VAL C 453 3.70 10.00 42.42
CA VAL C 453 2.38 10.59 42.20
C VAL C 453 1.29 9.57 42.50
N ARG C 454 1.42 8.36 41.95
CA ARG C 454 0.45 7.31 42.21
C ARG C 454 0.23 7.11 43.70
N ARG C 455 1.32 6.98 44.45
CA ARG C 455 1.20 6.82 45.90
C ARG C 455 0.42 7.99 46.50
N PHE C 456 0.79 9.22 46.09
CA PHE C 456 0.01 10.39 46.45
C PHE C 456 -1.48 10.14 46.19
N GLU C 457 -1.81 9.81 44.93
CA GLU C 457 -3.20 9.64 44.54
C GLU C 457 -3.90 8.58 45.38
N LYS C 458 -3.14 7.63 45.94
CA LYS C 458 -3.72 6.69 46.88
C LYS C 458 -3.95 7.35 48.23
N GLU C 459 -2.85 7.79 48.87
CA GLU C 459 -2.93 8.20 50.26
C GLU C 459 -3.88 9.38 50.43
N PHE C 460 -3.78 10.38 49.56
CA PHE C 460 -4.66 11.53 49.61
C PHE C 460 -6.12 11.10 49.66
N TYR C 461 -6.50 10.09 48.87
CA TYR C 461 -7.88 9.62 48.87
C TYR C 461 -8.29 9.20 50.28
N LEU C 462 -7.47 8.37 50.92
CA LEU C 462 -7.77 7.99 52.30
C LEU C 462 -7.87 9.23 53.18
N PHE C 463 -6.95 10.17 52.99
CA PHE C 463 -7.00 11.42 53.74
C PHE C 463 -8.37 12.07 53.62
N LEU C 464 -8.91 12.12 52.40
CA LEU C 464 -10.25 12.66 52.20
C LEU C 464 -11.26 11.90 53.05
N ASP C 465 -11.27 10.57 52.92
CA ASP C 465 -12.24 9.76 53.67
C ASP C 465 -12.02 9.89 55.16
N GLN C 466 -10.87 10.40 55.58
CA GLN C 466 -10.67 10.67 56.99
C GLN C 466 -11.16 12.05 57.38
N ASN C 467 -10.90 13.06 56.56
CA ASN C 467 -11.11 14.43 56.99
C ASN C 467 -11.94 15.24 55.99
N GLY C 468 -11.82 14.94 54.71
CA GLY C 468 -12.44 15.77 53.70
C GLY C 468 -13.83 15.30 53.33
N GLN C 469 -14.54 14.70 54.28
CA GLN C 469 -15.88 14.18 53.99
C GLN C 469 -16.85 15.30 53.61
N HIS C 470 -16.69 16.48 54.19
CA HIS C 470 -17.57 17.60 53.85
C HIS C 470 -17.38 18.02 52.40
N LEU C 471 -16.14 18.06 51.92
CA LEU C 471 -15.90 18.43 50.52
C LEU C 471 -16.53 17.42 49.57
N LEU C 472 -16.36 16.13 49.85
CA LEU C 472 -16.96 15.10 49.00
C LEU C 472 -18.48 15.19 49.04
N GLU C 473 -19.05 15.43 50.21
CA GLU C 473 -20.50 15.54 50.32
C GLU C 473 -21.01 16.75 49.55
N HIS C 474 -20.29 17.87 49.62
CA HIS C 474 -20.69 19.06 48.86
C HIS C 474 -20.65 18.79 47.37
N ILE C 475 -19.60 18.11 46.90
CA ILE C 475 -19.51 17.79 45.47
C ILE C 475 -20.64 16.85 45.07
N ARG C 476 -20.94 15.85 45.90
CA ARG C 476 -21.97 14.88 45.58
C ARG C 476 -23.36 15.51 45.60
N THR C 477 -23.58 16.50 46.46
CA THR C 477 -24.90 17.13 46.55
C THR C 477 -25.09 18.19 45.48
N THR C 478 -24.24 19.23 45.50
CA THR C 478 -24.42 20.37 44.62
C THR C 478 -23.91 20.14 43.21
N LYS C 479 -23.12 19.09 42.99
CA LYS C 479 -22.51 18.82 41.69
C LYS C 479 -21.70 20.04 41.21
N ASP C 480 -20.92 20.61 42.12
CA ASP C 480 -20.15 21.80 41.80
C ASP C 480 -19.00 21.85 42.78
N LEU C 481 -17.93 22.54 42.38
CA LEU C 481 -16.72 22.58 43.18
C LEU C 481 -16.97 23.30 44.50
N PRO C 482 -16.44 22.81 45.61
CA PRO C 482 -16.64 23.48 46.89
C PRO C 482 -15.84 24.77 47.00
N ASN C 483 -15.88 25.41 48.16
CA ASN C 483 -15.10 26.63 48.37
C ASN C 483 -13.62 26.35 48.17
N GLU C 484 -12.97 27.20 47.37
CA GLU C 484 -11.62 26.90 46.91
C GLU C 484 -10.57 27.10 47.99
N ASP C 485 -10.76 28.04 48.90
CA ASP C 485 -9.76 28.25 49.95
C ASP C 485 -9.76 27.10 50.94
N ASP C 486 -10.94 26.55 51.25
CA ASP C 486 -11.00 25.36 52.10
C ASP C 486 -10.34 24.16 51.42
N LEU C 487 -10.56 24.02 50.11
CA LEU C 487 -9.90 22.95 49.36
C LEU C 487 -8.38 23.12 49.39
N ASN C 488 -7.91 24.34 49.22
CA ASN C 488 -6.47 24.59 49.29
C ASN C 488 -5.92 24.28 50.68
N LYS C 489 -6.68 24.63 51.72
CA LYS C 489 -6.24 24.33 53.08
C LYS C 489 -6.15 22.82 53.32
N ALA C 490 -7.14 22.07 52.81
CA ALA C 490 -7.09 20.62 52.93
C ALA C 490 -5.89 20.04 52.19
N ILE C 491 -5.62 20.56 50.99
CA ILE C 491 -4.49 20.09 50.22
C ILE C 491 -3.18 20.38 50.97
N GLU C 492 -3.06 21.58 51.53
CA GLU C 492 -1.84 21.93 52.28
C GLU C 492 -1.69 21.03 53.50
N ALA C 493 -2.78 20.76 54.20
CA ALA C 493 -2.71 19.87 55.36
C ALA C 493 -2.23 18.48 54.95
N PHE C 494 -2.76 17.95 53.84
CA PHE C 494 -2.30 16.64 53.39
C PHE C 494 -0.83 16.67 52.98
N LYS C 495 -0.42 17.73 52.28
CA LYS C 495 0.98 17.84 51.87
C LYS C 495 1.91 17.90 53.07
N LYS C 496 1.45 18.55 54.15
CA LYS C 496 2.18 18.46 55.42
C LYS C 496 2.22 17.02 55.93
N THR C 497 1.10 16.30 55.81
CA THR C 497 1.06 14.92 56.26
C THR C 497 1.96 14.03 55.42
N PHE C 498 1.98 14.23 54.12
CA PHE C 498 2.75 13.39 53.20
C PHE C 498 4.25 13.45 53.50
N ARG D 14 -48.80 -0.76 -13.51
CA ARG D 14 -48.36 -1.32 -12.24
C ARG D 14 -47.38 -2.46 -12.42
N GLY D 15 -46.26 -2.40 -11.72
CA GLY D 15 -45.29 -3.47 -11.70
C GLY D 15 -45.45 -4.38 -10.50
N ARG D 16 -44.51 -5.29 -10.35
CA ARG D 16 -44.49 -6.18 -9.19
C ARG D 16 -43.05 -6.48 -8.83
N VAL D 17 -42.79 -6.57 -7.53
CA VAL D 17 -41.43 -6.83 -7.05
C VAL D 17 -41.12 -8.31 -7.23
N ILE D 18 -39.97 -8.60 -7.85
CA ILE D 18 -39.57 -9.97 -8.11
C ILE D 18 -38.34 -10.39 -7.30
N GLN D 19 -37.45 -9.46 -6.95
CA GLN D 19 -36.26 -9.79 -6.19
C GLN D 19 -36.03 -8.74 -5.12
N VAL D 20 -35.71 -9.20 -3.91
CA VAL D 20 -35.37 -8.32 -2.79
C VAL D 20 -34.05 -8.81 -2.21
N MET D 21 -33.03 -7.96 -2.28
CA MET D 21 -31.72 -8.26 -1.70
C MET D 21 -31.31 -7.04 -0.87
N GLY D 22 -31.75 -7.01 0.38
CA GLY D 22 -31.49 -5.88 1.24
C GLY D 22 -32.16 -4.62 0.75
N PRO D 23 -31.42 -3.50 0.72
CA PRO D 23 -31.97 -2.24 0.23
C PRO D 23 -32.09 -2.13 -1.28
N VAL D 24 -31.96 -3.22 -2.02
CA VAL D 24 -32.07 -3.23 -3.47
C VAL D 24 -33.28 -4.05 -3.85
N VAL D 25 -34.16 -3.48 -4.68
CA VAL D 25 -35.40 -4.13 -5.06
C VAL D 25 -35.51 -4.16 -6.58
N ASP D 26 -35.82 -5.32 -7.14
CA ASP D 26 -36.03 -5.46 -8.57
C ASP D 26 -37.52 -5.53 -8.86
N VAL D 27 -37.99 -4.70 -9.78
CA VAL D 27 -39.41 -4.58 -10.09
C VAL D 27 -39.61 -4.86 -11.58
N LYS D 28 -40.56 -5.73 -11.89
CA LYS D 28 -40.88 -6.07 -13.26
C LYS D 28 -42.17 -5.38 -13.68
N PHE D 29 -42.17 -4.82 -14.87
CA PHE D 29 -43.27 -3.99 -15.37
C PHE D 29 -43.89 -4.62 -16.61
N GLU D 30 -44.78 -3.86 -17.26
CA GLU D 30 -45.37 -4.27 -18.52
C GLU D 30 -44.31 -4.28 -19.61
N ASN D 31 -44.65 -4.87 -20.75
CA ASN D 31 -43.67 -5.08 -21.82
C ASN D 31 -43.08 -3.77 -22.32
N GLY D 32 -43.89 -2.70 -22.35
CA GLY D 32 -43.39 -1.45 -22.91
C GLY D 32 -43.51 -0.25 -22.00
N HIS D 33 -44.24 -0.38 -20.90
CA HIS D 33 -44.52 0.76 -20.03
C HIS D 33 -43.58 0.80 -18.82
N LEU D 34 -42.29 0.84 -19.13
CA LEU D 34 -41.29 0.90 -18.08
C LEU D 34 -41.09 2.34 -17.60
N PRO D 35 -40.73 2.52 -16.33
CA PRO D 35 -40.43 3.87 -15.84
C PRO D 35 -39.03 4.31 -16.25
N ALA D 36 -38.79 5.61 -16.13
CA ALA D 36 -37.50 6.18 -16.45
C ALA D 36 -36.53 5.97 -15.29
N ILE D 37 -35.27 6.27 -15.54
CA ILE D 37 -34.25 6.21 -14.50
C ILE D 37 -34.42 7.39 -13.57
N TYR D 38 -34.24 7.15 -12.27
CA TYR D 38 -34.42 8.07 -11.15
C TYR D 38 -35.88 8.31 -10.85
N ASN D 39 -36.82 7.70 -11.58
CA ASN D 39 -38.23 7.84 -11.28
C ASN D 39 -38.55 7.23 -9.92
N ALA D 40 -39.53 7.83 -9.25
CA ALA D 40 -39.94 7.38 -7.92
C ALA D 40 -41.09 6.39 -8.04
N LEU D 41 -40.98 5.28 -7.31
CA LEU D 41 -42.00 4.25 -7.25
C LEU D 41 -42.46 4.09 -5.81
N LYS D 42 -43.76 3.84 -5.64
CA LYS D 42 -44.35 3.71 -4.32
C LYS D 42 -44.86 2.28 -4.12
N ILE D 43 -44.55 1.70 -2.97
CA ILE D 43 -45.13 0.44 -2.54
C ILE D 43 -45.94 0.74 -1.30
N GLN D 44 -47.27 0.76 -1.45
CA GLN D 44 -48.20 0.97 -0.35
C GLN D 44 -49.11 -0.24 -0.29
N HIS D 45 -48.87 -1.11 0.69
CA HIS D 45 -49.53 -2.40 0.79
C HIS D 45 -50.13 -2.56 2.18
N LYS D 46 -51.42 -2.88 2.23
CA LYS D 46 -52.09 -3.21 3.47
C LYS D 46 -52.01 -4.71 3.72
N ALA D 47 -51.69 -5.07 4.96
CA ALA D 47 -51.54 -6.47 5.32
C ALA D 47 -52.83 -7.23 5.06
N ARG D 48 -52.81 -8.14 4.09
CA ARG D 48 -54.00 -8.92 3.77
C ARG D 48 -54.33 -9.91 4.88
N ASN D 49 -53.32 -10.45 5.54
CA ASN D 49 -53.50 -11.40 6.64
C ASN D 49 -52.62 -10.97 7.81
N GLU D 50 -52.69 -11.73 8.89
CA GLU D 50 -51.89 -11.44 10.07
C GLU D 50 -50.46 -11.93 9.96
N ASN D 51 -50.12 -12.66 8.90
CA ASN D 51 -48.77 -13.18 8.71
C ASN D 51 -47.84 -12.17 8.03
N GLU D 52 -48.37 -11.04 7.58
CA GLU D 52 -47.58 -10.02 6.89
C GLU D 52 -47.78 -8.69 7.59
N VAL D 53 -47.09 -7.66 7.09
CA VAL D 53 -47.08 -6.34 7.71
C VAL D 53 -47.42 -5.29 6.66
N ASP D 54 -47.91 -4.15 7.15
CA ASP D 54 -48.18 -3.02 6.26
C ASP D 54 -46.88 -2.41 5.77
N ILE D 55 -46.86 -2.02 4.50
CA ILE D 55 -45.66 -1.55 3.83
C ILE D 55 -45.93 -0.18 3.24
N ASP D 56 -45.06 0.78 3.55
CA ASP D 56 -45.12 2.13 2.97
C ASP D 56 -43.67 2.46 2.63
N LEU D 57 -43.29 2.22 1.38
CA LEU D 57 -41.91 2.31 0.95
C LEU D 57 -41.82 3.07 -0.36
N THR D 58 -40.69 3.78 -0.55
CA THR D 58 -40.44 4.53 -1.77
C THR D 58 -39.10 4.09 -2.35
N LEU D 59 -39.10 3.82 -3.65
CA LEU D 59 -37.93 3.36 -4.38
C LEU D 59 -37.60 4.37 -5.47
N GLU D 60 -36.33 4.38 -5.88
CA GLU D 60 -35.88 5.19 -7.01
C GLU D 60 -35.26 4.27 -8.05
N VAL D 61 -35.76 4.35 -9.28
CA VAL D 61 -35.29 3.48 -10.35
C VAL D 61 -33.83 3.79 -10.63
N ALA D 62 -32.96 2.83 -10.33
CA ALA D 62 -31.53 3.03 -10.51
C ALA D 62 -31.07 2.68 -11.93
N LEU D 63 -31.48 1.52 -12.44
CA LEU D 63 -31.06 1.15 -13.79
C LEU D 63 -32.00 0.09 -14.33
N HIS D 64 -31.77 -0.29 -15.59
CA HIS D 64 -32.63 -1.20 -16.33
C HIS D 64 -31.89 -2.50 -16.61
N LEU D 65 -32.54 -3.62 -16.32
CA LEU D 65 -31.97 -4.94 -16.57
C LEU D 65 -32.47 -5.60 -17.84
N GLY D 66 -33.50 -5.05 -18.48
CA GLY D 66 -34.11 -5.71 -19.60
C GLY D 66 -35.10 -6.76 -19.14
N ASP D 67 -35.78 -7.35 -20.14
CA ASP D 67 -36.89 -8.26 -19.89
C ASP D 67 -37.96 -7.60 -19.00
N ASP D 68 -38.21 -6.31 -19.26
CA ASP D 68 -39.21 -5.53 -18.54
C ASP D 68 -38.93 -5.50 -17.04
N THR D 69 -37.67 -5.33 -16.68
CA THR D 69 -37.25 -5.35 -15.28
C THR D 69 -36.33 -4.16 -15.01
N VAL D 70 -36.55 -3.51 -13.87
CA VAL D 70 -35.70 -2.41 -13.41
C VAL D 70 -35.16 -2.75 -12.04
N ARG D 71 -33.97 -2.25 -11.76
CA ARG D 71 -33.34 -2.36 -10.46
C ARG D 71 -33.41 -1.01 -9.77
N THR D 72 -33.95 -0.98 -8.56
CA THR D 72 -34.30 0.23 -7.83
C THR D 72 -33.69 0.17 -6.43
N ILE D 73 -33.49 1.35 -5.86
CA ILE D 73 -32.89 1.51 -4.55
C ILE D 73 -33.96 2.01 -3.58
N ALA D 74 -34.00 1.43 -2.38
CA ALA D 74 -35.01 1.77 -1.39
C ALA D 74 -34.59 2.98 -0.57
N MET D 75 -35.56 3.83 -0.26
CA MET D 75 -35.39 4.94 0.66
C MET D 75 -36.03 4.69 2.02
N ALA D 76 -36.35 3.44 2.33
CA ALA D 76 -36.84 3.07 3.64
C ALA D 76 -36.48 1.60 3.90
N SER D 77 -36.88 1.10 5.05
CA SER D 77 -36.54 -0.26 5.42
C SER D 77 -37.29 -1.25 4.52
N THR D 78 -36.55 -2.21 3.96
CA THR D 78 -37.12 -3.17 3.03
C THR D 78 -37.69 -4.39 3.72
N ASP D 79 -37.56 -4.48 5.04
CA ASP D 79 -38.07 -5.64 5.77
C ASP D 79 -39.59 -5.74 5.61
N GLY D 80 -40.06 -6.96 5.32
CA GLY D 80 -41.47 -7.21 5.17
C GLY D 80 -41.99 -7.21 3.75
N LEU D 81 -41.11 -7.13 2.75
CA LEU D 81 -41.55 -7.12 1.37
C LEU D 81 -41.78 -8.54 0.87
N ILE D 82 -42.82 -8.71 0.05
CA ILE D 82 -43.22 -9.99 -0.48
C ILE D 82 -43.16 -9.90 -2.00
N ARG D 83 -42.55 -10.89 -2.64
CA ARG D 83 -42.50 -10.90 -4.09
C ARG D 83 -43.91 -10.96 -4.66
N GLY D 84 -44.20 -10.07 -5.60
CA GLY D 84 -45.48 -10.03 -6.28
C GLY D 84 -46.38 -8.88 -5.89
N MET D 85 -46.08 -8.15 -4.82
CA MET D 85 -46.95 -7.05 -4.43
C MET D 85 -46.73 -5.85 -5.35
N GLU D 86 -47.84 -5.18 -5.69
CA GLU D 86 -47.82 -4.19 -6.75
C GLU D 86 -47.00 -2.97 -6.37
N VAL D 87 -46.46 -2.31 -7.38
CA VAL D 87 -45.63 -1.12 -7.23
C VAL D 87 -46.23 -0.02 -8.07
N ILE D 88 -46.40 1.16 -7.47
CA ILE D 88 -47.00 2.30 -8.16
C ILE D 88 -45.92 3.08 -8.88
N ASP D 89 -46.08 3.27 -10.18
CA ASP D 89 -45.16 4.06 -10.98
C ASP D 89 -45.66 5.49 -11.04
N THR D 90 -44.98 6.39 -10.33
CA THR D 90 -45.42 7.78 -10.25
C THR D 90 -45.15 8.56 -11.53
N GLY D 91 -44.28 8.07 -12.40
CA GLY D 91 -44.01 8.74 -13.65
C GLY D 91 -43.11 9.95 -13.56
N ALA D 92 -42.53 10.21 -12.39
CA ALA D 92 -41.66 11.37 -12.21
C ALA D 92 -40.72 11.08 -11.04
N PRO D 93 -39.57 11.74 -10.97
CA PRO D 93 -38.67 11.53 -9.85
C PRO D 93 -39.25 11.99 -8.53
N ILE D 94 -38.48 11.87 -7.44
CA ILE D 94 -38.98 12.24 -6.13
C ILE D 94 -39.37 13.71 -6.15
N SER D 95 -40.61 14.00 -5.76
CA SER D 95 -41.13 15.35 -5.72
C SER D 95 -41.03 15.88 -4.29
N VAL D 96 -40.71 17.16 -4.17
CA VAL D 96 -40.44 17.78 -2.88
C VAL D 96 -41.21 19.08 -2.75
N PRO D 97 -41.92 19.32 -1.65
CA PRO D 97 -42.57 20.62 -1.46
C PRO D 97 -41.57 21.75 -1.44
N VAL D 98 -41.92 22.86 -2.09
CA VAL D 98 -41.03 23.99 -2.26
C VAL D 98 -41.77 25.27 -1.94
N GLY D 99 -41.08 26.20 -1.27
CA GLY D 99 -41.62 27.53 -1.09
C GLY D 99 -42.01 27.91 0.33
N GLU D 100 -43.04 28.73 0.44
CA GLU D 100 -43.45 29.26 1.75
C GLU D 100 -43.81 28.14 2.71
N VAL D 101 -44.53 27.12 2.23
CA VAL D 101 -44.90 26.00 3.09
C VAL D 101 -43.67 25.27 3.60
N THR D 102 -42.57 25.30 2.83
CA THR D 102 -41.38 24.58 3.23
C THR D 102 -40.69 25.24 4.43
N LEU D 103 -40.76 26.56 4.53
CA LEU D 103 -40.04 27.28 5.57
C LEU D 103 -40.50 26.86 6.96
N GLY D 104 -39.54 26.80 7.89
CA GLY D 104 -39.84 26.47 9.26
C GLY D 104 -40.30 25.05 9.49
N ARG D 105 -39.77 24.10 8.73
CA ARG D 105 -40.21 22.72 8.82
C ARG D 105 -39.03 21.78 8.62
N VAL D 106 -39.20 20.54 9.08
CA VAL D 106 -38.18 19.50 8.98
C VAL D 106 -38.75 18.37 8.13
N PHE D 107 -38.03 18.02 7.08
CA PHE D 107 -38.45 17.01 6.14
C PHE D 107 -37.42 15.88 6.08
N ASN D 108 -37.85 14.74 5.56
CA ASN D 108 -36.92 13.65 5.26
C ASN D 108 -36.49 13.77 3.80
N VAL D 109 -35.88 12.70 3.27
CA VAL D 109 -35.42 12.72 1.88
C VAL D 109 -36.59 12.83 0.92
N LEU D 110 -37.75 12.31 1.31
CA LEU D 110 -38.90 12.24 0.42
C LEU D 110 -39.75 13.50 0.46
N GLY D 111 -39.36 14.50 1.25
CA GLY D 111 -40.15 15.70 1.39
C GLY D 111 -41.28 15.59 2.38
N GLU D 112 -41.47 14.44 3.00
CA GLU D 112 -42.49 14.31 4.04
C GLU D 112 -42.01 15.00 5.30
N PRO D 113 -42.81 15.85 5.92
CA PRO D 113 -42.37 16.54 7.14
C PRO D 113 -42.35 15.58 8.32
N ILE D 114 -41.17 15.38 8.91
CA ILE D 114 -41.03 14.48 10.05
C ILE D 114 -41.26 15.19 11.37
N ASP D 115 -41.59 16.47 11.36
CA ASP D 115 -41.97 17.16 12.58
C ASP D 115 -43.40 16.83 12.95
N LEU D 116 -43.78 17.23 14.16
CA LEU D 116 -45.14 17.04 14.64
C LEU D 116 -46.01 18.27 14.39
N GLU D 117 -45.48 19.28 13.71
CA GLU D 117 -46.22 20.51 13.43
C GLU D 117 -47.04 20.37 12.15
N GLY D 118 -47.94 19.39 12.15
CA GLY D 118 -48.79 19.16 11.02
C GLY D 118 -48.05 18.53 9.85
N ASP D 119 -48.64 18.64 8.66
CA ASP D 119 -48.03 18.13 7.45
C ASP D 119 -48.29 19.12 6.31
N ILE D 120 -47.89 18.72 5.11
CA ILE D 120 -47.98 19.57 3.93
C ILE D 120 -49.26 19.23 3.17
N PRO D 121 -50.05 20.21 2.75
CA PRO D 121 -51.25 19.90 1.95
C PRO D 121 -50.89 19.26 0.63
N ALA D 122 -51.81 18.44 0.11
CA ALA D 122 -51.58 17.77 -1.16
C ALA D 122 -51.48 18.78 -2.31
N ASP D 123 -52.34 19.79 -2.32
CA ASP D 123 -52.36 20.77 -3.39
C ASP D 123 -51.30 21.83 -3.10
N ALA D 124 -50.06 21.48 -3.42
CA ALA D 124 -48.94 22.40 -3.28
C ALA D 124 -47.93 22.09 -4.37
N ARG D 125 -47.09 23.08 -4.67
CA ARG D 125 -46.08 22.89 -5.72
C ARG D 125 -44.98 21.98 -5.23
N ARG D 126 -44.70 20.93 -6.01
CA ARG D 126 -43.67 19.95 -5.70
C ARG D 126 -42.70 19.88 -6.85
N ASP D 127 -41.43 20.14 -6.57
CA ASP D 127 -40.41 20.11 -7.60
C ASP D 127 -39.70 18.78 -7.63
N PRO D 128 -39.35 18.26 -8.81
CA PRO D 128 -38.47 17.09 -8.87
C PRO D 128 -37.07 17.45 -8.38
N ILE D 129 -36.40 16.45 -7.81
CA ILE D 129 -35.07 16.68 -7.26
C ILE D 129 -33.95 16.38 -8.26
N HIS D 130 -34.27 15.74 -9.38
CA HIS D 130 -33.30 15.50 -10.44
C HIS D 130 -33.61 16.41 -11.61
N ARG D 131 -32.66 17.27 -11.96
CA ARG D 131 -32.83 18.18 -13.08
C ARG D 131 -31.46 18.58 -13.59
N PRO D 132 -31.32 18.82 -14.90
CA PRO D 132 -30.02 19.25 -15.43
C PRO D 132 -29.60 20.60 -14.84
N ALA D 133 -28.29 20.76 -14.68
CA ALA D 133 -27.75 21.98 -14.14
C ALA D 133 -27.96 23.14 -15.11
N PRO D 134 -27.96 24.38 -14.62
CA PRO D 134 -28.17 25.53 -15.52
C PRO D 134 -27.12 25.58 -16.61
N LYS D 135 -27.56 26.05 -17.79
CA LYS D 135 -26.76 26.00 -18.99
C LYS D 135 -25.60 26.99 -18.92
N PHE D 136 -24.79 27.01 -19.98
CA PHE D 136 -23.64 27.89 -20.05
C PHE D 136 -24.05 29.35 -20.13
N GLU D 137 -25.03 29.67 -20.98
CA GLU D 137 -25.48 31.04 -21.16
C GLU D 137 -26.49 31.49 -20.12
N GLU D 138 -27.01 30.57 -19.30
CA GLU D 138 -27.86 30.93 -18.19
C GLU D 138 -27.06 31.28 -16.93
N LEU D 139 -25.76 31.01 -16.92
CA LEU D 139 -24.92 31.31 -15.78
C LEU D 139 -24.70 32.81 -15.66
N ALA D 140 -24.10 33.20 -14.54
CA ALA D 140 -23.74 34.60 -14.31
C ALA D 140 -22.59 34.64 -13.32
N THR D 141 -21.44 35.15 -13.75
CA THR D 141 -20.29 35.30 -12.88
C THR D 141 -20.25 36.75 -12.39
N GLU D 142 -20.61 36.95 -11.12
CA GLU D 142 -20.63 38.27 -10.50
C GLU D 142 -20.09 38.10 -9.09
N VAL D 143 -18.79 38.33 -8.94
CA VAL D 143 -18.12 38.07 -7.67
C VAL D 143 -18.48 39.17 -6.67
N GLU D 144 -19.00 38.76 -5.52
CA GLU D 144 -19.28 39.70 -4.43
C GLU D 144 -19.06 38.98 -3.11
N ILE D 145 -18.34 39.63 -2.20
CA ILE D 145 -18.03 39.03 -0.91
C ILE D 145 -19.30 38.89 -0.09
N LEU D 146 -19.46 37.74 0.56
CA LEU D 146 -20.53 37.52 1.51
C LEU D 146 -19.98 37.68 2.92
N GLU D 147 -20.49 38.66 3.66
CA GLU D 147 -20.04 38.94 5.01
C GLU D 147 -20.73 37.98 5.97
N THR D 148 -19.93 37.24 6.75
CA THR D 148 -20.46 36.23 7.67
C THR D 148 -20.40 36.64 9.13
N GLY D 149 -19.46 37.50 9.51
CA GLY D 149 -19.32 37.93 10.88
C GLY D 149 -18.24 37.25 11.67
N ILE D 150 -17.48 36.34 11.06
CA ILE D 150 -16.41 35.61 11.73
C ILE D 150 -15.09 36.25 11.32
N LYS D 151 -14.30 36.66 12.31
CA LYS D 151 -13.10 37.45 12.03
C LYS D 151 -12.11 36.68 11.16
N VAL D 152 -11.76 35.47 11.55
CA VAL D 152 -10.76 34.70 10.81
C VAL D 152 -11.25 34.41 9.40
N VAL D 153 -12.52 34.03 9.26
CA VAL D 153 -13.09 33.75 7.94
C VAL D 153 -13.16 35.01 7.11
N ASP D 154 -13.67 36.10 7.68
CA ASP D 154 -13.80 37.33 6.92
C ASP D 154 -12.46 37.92 6.52
N LEU D 155 -11.38 37.59 7.24
CA LEU D 155 -10.07 38.15 6.96
C LEU D 155 -9.24 37.25 6.05
N LEU D 156 -8.94 36.04 6.49
CA LEU D 156 -7.97 35.20 5.82
C LEU D 156 -8.56 34.28 4.78
N ALA D 157 -9.89 34.24 4.64
CA ALA D 157 -10.52 33.38 3.64
C ALA D 157 -11.96 33.83 3.36
N PRO D 158 -12.17 35.02 2.80
CA PRO D 158 -13.53 35.52 2.63
C PRO D 158 -14.33 34.66 1.67
N TYR D 159 -15.64 34.64 1.89
CA TYR D 159 -16.58 33.89 1.06
C TYR D 159 -17.18 34.80 0.00
N ILE D 160 -17.71 34.19 -1.05
CA ILE D 160 -18.34 34.93 -2.14
C ILE D 160 -19.75 34.41 -2.34
N LYS D 161 -20.63 35.31 -2.79
CA LYS D 161 -22.00 34.91 -3.09
C LYS D 161 -22.01 33.96 -4.28
N GLY D 162 -22.75 32.87 -4.15
CA GLY D 162 -22.77 31.84 -5.17
C GLY D 162 -21.64 30.85 -5.10
N GLY D 163 -20.69 31.05 -4.18
CA GLY D 163 -19.56 30.14 -4.06
C GLY D 163 -19.87 28.90 -3.25
N LYS D 164 -18.96 27.94 -3.34
CA LYS D 164 -19.02 26.71 -2.56
C LYS D 164 -17.87 26.76 -1.55
N ILE D 165 -18.21 26.85 -0.28
CA ILE D 165 -17.22 26.99 0.79
C ILE D 165 -17.15 25.68 1.56
N GLY D 166 -15.99 25.06 1.56
CA GLY D 166 -15.80 23.77 2.21
C GLY D 166 -15.05 23.92 3.52
N LEU D 167 -15.61 23.31 4.56
CA LEU D 167 -15.01 23.27 5.88
C LEU D 167 -14.48 21.86 6.09
N PHE D 168 -13.20 21.67 5.84
CA PHE D 168 -12.58 20.36 6.02
C PHE D 168 -12.16 20.18 7.47
N GLY D 169 -12.31 18.97 7.99
CA GLY D 169 -11.93 18.76 9.37
C GLY D 169 -11.91 17.30 9.75
N GLY D 170 -11.45 17.08 10.99
CA GLY D 170 -11.41 15.76 11.59
C GLY D 170 -12.70 15.43 12.32
N ALA D 171 -12.59 14.88 13.53
CA ALA D 171 -13.74 14.33 14.24
C ALA D 171 -14.42 15.33 15.16
N GLY D 172 -13.67 16.16 15.88
CA GLY D 172 -14.28 17.10 16.79
C GLY D 172 -13.80 18.54 16.62
N VAL D 173 -13.51 18.92 15.37
CA VAL D 173 -12.89 20.21 15.13
C VAL D 173 -13.89 21.34 15.33
N GLY D 174 -15.15 21.15 14.95
CA GLY D 174 -16.10 22.23 15.03
C GLY D 174 -16.79 22.62 13.74
N LYS D 175 -16.99 21.64 12.84
CA LYS D 175 -17.67 21.94 11.58
C LYS D 175 -19.15 22.19 11.77
N THR D 176 -19.82 21.41 12.61
CA THR D 176 -21.26 21.55 12.76
C THR D 176 -21.64 22.79 13.56
N VAL D 177 -20.84 23.18 14.54
CA VAL D 177 -21.10 24.41 15.27
C VAL D 177 -20.82 25.63 14.40
N LEU D 178 -19.84 25.51 13.49
CA LEU D 178 -19.56 26.59 12.56
C LEU D 178 -20.69 26.74 11.53
N ILE D 179 -21.23 25.63 11.05
CA ILE D 179 -22.42 25.71 10.21
C ILE D 179 -23.58 26.35 10.97
N GLN D 180 -23.73 26.00 12.25
CA GLN D 180 -24.81 26.60 13.05
C GLN D 180 -24.64 28.11 13.16
N GLU D 181 -23.41 28.58 13.44
CA GLU D 181 -23.20 30.02 13.46
C GLU D 181 -23.44 30.66 12.11
N LEU D 182 -22.98 30.04 11.03
CA LEU D 182 -23.20 30.67 9.75
C LEU D 182 -24.69 30.85 9.48
N ILE D 183 -25.48 29.82 9.79
CA ILE D 183 -26.93 29.94 9.67
C ILE D 183 -27.44 31.09 10.52
N HIS D 184 -27.07 31.11 11.80
CA HIS D 184 -27.63 32.08 12.73
C HIS D 184 -27.22 33.50 12.36
N ASN D 185 -25.94 33.73 12.11
CA ASN D 185 -25.43 35.05 11.81
C ASN D 185 -26.04 35.58 10.52
N ILE D 186 -26.07 34.75 9.47
CA ILE D 186 -26.59 35.21 8.20
C ILE D 186 -28.10 35.48 8.30
N ALA D 187 -28.83 34.62 9.01
CA ALA D 187 -30.26 34.87 9.17
C ALA D 187 -30.52 36.15 9.96
N GLN D 188 -29.74 36.40 11.01
CA GLN D 188 -30.01 37.55 11.86
C GLN D 188 -29.56 38.86 11.24
N GLU D 189 -28.53 38.85 10.39
CA GLU D 189 -28.02 40.09 9.82
C GLU D 189 -28.43 40.32 8.37
N HIS D 190 -28.20 39.34 7.50
CA HIS D 190 -28.54 39.50 6.09
C HIS D 190 -29.98 39.10 5.77
N GLY D 191 -30.69 38.50 6.74
CA GLY D 191 -32.08 38.16 6.53
C GLY D 191 -32.32 37.20 5.39
N GLY D 192 -31.35 36.34 5.09
CA GLY D 192 -31.47 35.45 3.96
C GLY D 192 -32.16 34.14 4.28
N ILE D 193 -32.71 33.52 3.25
CA ILE D 193 -33.30 32.20 3.38
C ILE D 193 -32.19 31.17 3.43
N SER D 194 -32.28 30.26 4.38
CA SER D 194 -31.29 29.21 4.58
C SER D 194 -31.95 27.85 4.49
N VAL D 195 -31.28 26.90 3.85
CA VAL D 195 -31.71 25.52 3.77
C VAL D 195 -30.63 24.66 4.39
N PHE D 196 -31.03 23.65 5.15
CA PHE D 196 -30.09 22.74 5.80
C PHE D 196 -30.35 21.33 5.33
N ALA D 197 -29.31 20.66 4.84
CA ALA D 197 -29.39 19.30 4.34
C ALA D 197 -28.63 18.40 5.30
N GLY D 198 -29.36 17.62 6.08
CA GLY D 198 -28.75 16.68 7.00
C GLY D 198 -28.34 15.39 6.30
N VAL D 199 -27.24 15.44 5.57
CA VAL D 199 -26.76 14.28 4.84
C VAL D 199 -26.07 13.34 5.83
N GLY D 200 -26.66 12.16 6.05
CA GLY D 200 -26.15 11.25 7.04
C GLY D 200 -26.16 11.90 8.39
N GLU D 201 -27.26 12.55 8.74
CA GLU D 201 -27.37 13.30 9.97
C GLU D 201 -27.50 12.37 11.17
N ARG D 202 -26.79 12.73 12.24
CA ARG D 202 -26.90 12.07 13.52
C ARG D 202 -28.18 12.55 14.19
N THR D 203 -29.06 11.61 14.55
CA THR D 203 -30.35 11.99 15.13
C THR D 203 -30.18 12.83 16.38
N ARG D 204 -29.12 12.57 17.15
CA ARG D 204 -28.82 13.42 18.30
C ARG D 204 -28.46 14.84 17.85
N GLU D 205 -27.54 14.96 16.90
CA GLU D 205 -27.15 16.27 16.41
C GLU D 205 -28.28 16.94 15.64
N GLY D 206 -29.11 16.16 14.95
CA GLY D 206 -30.29 16.73 14.31
C GLY D 206 -31.26 17.32 15.32
N ASN D 207 -31.48 16.61 16.43
CA ASN D 207 -32.33 17.14 17.48
C ASN D 207 -31.75 18.40 18.08
N ASP D 208 -30.44 18.41 18.34
CA ASP D 208 -29.81 19.59 18.91
C ASP D 208 -29.89 20.78 17.96
N LEU D 209 -29.66 20.54 16.67
CA LEU D 209 -29.77 21.60 15.67
C LEU D 209 -31.18 22.16 15.61
N TYR D 210 -32.19 21.27 15.61
CA TYR D 210 -33.56 21.75 15.55
C TYR D 210 -33.90 22.57 16.78
N HIS D 211 -33.47 22.11 17.96
CA HIS D 211 -33.77 22.86 19.18
C HIS D 211 -33.09 24.21 19.18
N GLU D 212 -31.85 24.29 18.70
CA GLU D 212 -31.14 25.57 18.76
C GLU D 212 -31.60 26.51 17.65
N MET D 213 -32.06 25.98 16.51
CA MET D 213 -32.79 26.80 15.55
C MET D 213 -34.07 27.37 16.16
N LYS D 214 -34.84 26.51 16.83
CA LYS D 214 -36.14 26.93 17.36
C LYS D 214 -35.99 27.95 18.49
N ASP D 215 -34.97 27.79 19.32
CA ASP D 215 -34.82 28.65 20.48
C ASP D 215 -34.42 30.06 20.08
N SER D 216 -33.58 30.20 19.07
CA SER D 216 -33.05 31.50 18.67
C SER D 216 -33.87 32.20 17.60
N GLY D 217 -34.99 31.62 17.18
CA GLY D 217 -35.87 32.24 16.22
C GLY D 217 -35.49 32.06 14.77
N VAL D 218 -34.37 31.41 14.48
CA VAL D 218 -33.97 31.13 13.10
C VAL D 218 -34.88 30.10 12.45
N ILE D 219 -35.80 29.51 13.21
CA ILE D 219 -36.67 28.47 12.68
C ILE D 219 -37.47 28.97 11.48
N SER D 220 -37.86 30.25 11.50
CA SER D 220 -38.65 30.82 10.42
C SER D 220 -37.83 31.18 9.19
N LYS D 221 -36.50 31.23 9.32
CA LYS D 221 -35.62 31.55 8.20
C LYS D 221 -34.88 30.33 7.68
N THR D 222 -35.20 29.14 8.18
CA THR D 222 -34.49 27.92 7.81
C THR D 222 -35.49 26.80 7.57
N ALA D 223 -35.11 25.90 6.66
CA ALA D 223 -35.90 24.70 6.38
C ALA D 223 -34.95 23.51 6.41
N MET D 224 -35.16 22.60 7.35
CA MET D 224 -34.22 21.52 7.58
C MET D 224 -34.65 20.26 6.83
N VAL D 225 -33.68 19.62 6.19
CA VAL D 225 -33.89 18.34 5.53
C VAL D 225 -32.90 17.35 6.14
N PHE D 226 -33.42 16.29 6.74
CA PHE D 226 -32.60 15.32 7.45
C PHE D 226 -32.70 13.97 6.73
N GLY D 227 -31.55 13.48 6.28
CA GLY D 227 -31.43 12.10 5.86
C GLY D 227 -30.74 11.32 6.96
N GLN D 228 -31.51 10.57 7.73
CA GLN D 228 -31.01 10.00 8.98
C GLN D 228 -29.88 9.02 8.71
N MET D 229 -28.90 9.01 9.63
CA MET D 229 -27.77 8.10 9.50
C MET D 229 -28.22 6.65 9.51
N ASN D 230 -29.35 6.35 10.17
CA ASN D 230 -29.89 5.01 10.25
C ASN D 230 -30.86 4.70 9.12
N GLU D 231 -30.70 5.35 7.97
CA GLU D 231 -31.53 5.14 6.79
C GLU D 231 -30.71 4.51 5.68
N PRO D 232 -31.36 3.83 4.73
CA PRO D 232 -30.62 3.19 3.65
C PRO D 232 -29.80 4.22 2.88
N PRO D 233 -28.70 3.78 2.24
CA PRO D 233 -27.80 4.75 1.60
C PRO D 233 -28.46 5.61 0.54
N GLY D 234 -29.48 5.11 -0.16
CA GLY D 234 -30.15 5.93 -1.15
C GLY D 234 -30.74 7.20 -0.56
N ALA D 235 -31.37 7.09 0.61
CA ALA D 235 -31.90 8.28 1.27
C ALA D 235 -30.79 9.24 1.64
N ARG D 236 -29.69 8.72 2.19
CA ARG D 236 -28.58 9.57 2.62
C ARG D 236 -27.88 10.24 1.45
N MET D 237 -27.99 9.68 0.25
CA MET D 237 -27.37 10.28 -0.93
C MET D 237 -28.33 11.05 -1.82
N ARG D 238 -29.63 11.02 -1.52
CA ARG D 238 -30.60 11.88 -2.19
C ARG D 238 -31.09 13.05 -1.34
N VAL D 239 -30.83 13.02 -0.03
CA VAL D 239 -31.30 14.12 0.82
C VAL D 239 -30.57 15.42 0.48
N ALA D 240 -29.31 15.33 0.04
CA ALA D 240 -28.60 16.52 -0.41
C ALA D 240 -29.28 17.14 -1.62
N LEU D 241 -29.72 16.31 -2.57
CA LEU D 241 -30.45 16.81 -3.73
C LEU D 241 -31.78 17.42 -3.32
N THR D 242 -32.43 16.85 -2.30
CA THR D 242 -33.68 17.44 -1.81
C THR D 242 -33.44 18.85 -1.27
N GLY D 243 -32.43 19.00 -0.42
CA GLY D 243 -32.09 20.33 0.09
C GLY D 243 -31.71 21.29 -1.02
N LEU D 244 -30.98 20.80 -2.01
CA LEU D 244 -30.61 21.62 -3.16
C LEU D 244 -31.84 22.06 -3.94
N THR D 245 -32.84 21.19 -4.07
CA THR D 245 -34.07 21.57 -4.76
C THR D 245 -34.81 22.68 -4.03
N MET D 246 -34.89 22.57 -2.70
CA MET D 246 -35.49 23.66 -1.93
C MET D 246 -34.72 24.96 -2.14
N ALA D 247 -33.39 24.89 -2.06
CA ALA D 247 -32.58 26.10 -2.21
C ALA D 247 -32.72 26.69 -3.61
N GLU D 248 -32.84 25.84 -4.63
CA GLU D 248 -32.94 26.34 -6.00
C GLU D 248 -34.30 26.99 -6.26
N TYR D 249 -35.36 26.44 -5.67
CA TYR D 249 -36.63 27.16 -5.75
C TYR D 249 -36.51 28.53 -5.11
N PHE D 250 -35.91 28.58 -3.92
CA PHE D 250 -35.81 29.86 -3.22
C PHE D 250 -34.95 30.85 -4.00
N ARG D 251 -33.91 30.36 -4.67
CA ARG D 251 -33.09 31.25 -5.50
C ARG D 251 -33.89 31.80 -6.66
N ASP D 252 -34.56 30.92 -7.41
CA ASP D 252 -35.21 31.35 -8.64
C ASP D 252 -36.47 32.17 -8.36
N GLU D 253 -37.46 31.56 -7.72
CA GLU D 253 -38.77 32.21 -7.63
C GLU D 253 -38.84 33.27 -6.55
N GLN D 254 -37.83 33.41 -5.71
CA GLN D 254 -37.81 34.46 -4.69
C GLN D 254 -36.72 35.49 -4.93
N GLY D 255 -35.70 35.17 -5.70
CA GLY D 255 -34.72 36.16 -6.16
C GLY D 255 -33.56 36.49 -5.24
N GLN D 256 -33.84 36.79 -3.98
CA GLN D 256 -32.80 37.16 -3.03
C GLN D 256 -31.88 35.97 -2.77
N ASP D 257 -30.65 36.28 -2.32
CA ASP D 257 -29.66 35.24 -2.09
C ASP D 257 -30.18 34.18 -1.12
N VAL D 258 -29.86 32.94 -1.42
CA VAL D 258 -30.29 31.79 -0.63
C VAL D 258 -29.07 30.95 -0.31
N LEU D 259 -28.96 30.51 0.94
CA LEU D 259 -27.83 29.70 1.36
C LEU D 259 -28.26 28.26 1.55
N LEU D 260 -27.34 27.35 1.24
CA LEU D 260 -27.56 25.92 1.40
C LEU D 260 -26.40 25.34 2.19
N PHE D 261 -26.68 24.89 3.40
CA PHE D 261 -25.70 24.23 4.24
C PHE D 261 -25.90 22.73 4.13
N ILE D 262 -24.80 21.99 3.97
CA ILE D 262 -24.84 20.54 3.83
C ILE D 262 -24.05 19.93 4.98
N ASP D 263 -24.66 18.96 5.66
CA ASP D 263 -24.11 18.40 6.88
C ASP D 263 -22.70 17.87 6.69
N ASN D 264 -22.54 16.85 5.86
CA ASN D 264 -21.22 16.34 5.54
C ASN D 264 -21.23 15.78 4.12
N ILE D 265 -20.33 16.27 3.28
CA ILE D 265 -20.21 15.74 1.92
C ILE D 265 -19.67 14.32 1.96
N PHE D 266 -18.74 14.04 2.88
CA PHE D 266 -18.20 12.70 3.04
C PHE D 266 -19.29 11.66 3.18
N ARG D 267 -20.33 11.95 3.95
CA ARG D 267 -21.36 10.95 4.15
C ARG D 267 -22.24 10.78 2.91
N PHE D 268 -22.32 11.80 2.05
CA PHE D 268 -23.00 11.66 0.78
C PHE D 268 -22.19 10.83 -0.20
N THR D 269 -20.86 11.03 -0.24
CA THR D 269 -20.03 10.19 -1.09
C THR D 269 -20.05 8.74 -0.63
N GLN D 270 -20.02 8.51 0.69
CA GLN D 270 -20.09 7.13 1.17
C GLN D 270 -21.45 6.50 0.92
N ALA D 271 -22.53 7.28 1.04
CA ALA D 271 -23.84 6.73 0.67
C ALA D 271 -23.87 6.35 -0.80
N GLY D 272 -23.29 7.19 -1.67
CA GLY D 272 -23.21 6.84 -3.07
C GLY D 272 -22.36 5.60 -3.32
N SER D 273 -21.24 5.49 -2.60
CA SER D 273 -20.38 4.33 -2.74
C SER D 273 -21.09 3.05 -2.32
N GLU D 274 -21.82 3.11 -1.20
CA GLU D 274 -22.57 1.95 -0.74
C GLU D 274 -23.69 1.61 -1.71
N VAL D 275 -24.34 2.62 -2.30
CA VAL D 275 -25.40 2.37 -3.28
C VAL D 275 -24.82 1.65 -4.49
N SER D 276 -23.67 2.13 -4.98
CA SER D 276 -23.04 1.49 -6.12
C SER D 276 -22.63 0.06 -5.80
N ALA D 277 -22.07 -0.17 -4.62
CA ALA D 277 -21.68 -1.52 -4.23
C ALA D 277 -22.88 -2.44 -4.15
N LEU D 278 -24.00 -1.94 -3.63
CA LEU D 278 -25.22 -2.73 -3.57
C LEU D 278 -25.74 -3.04 -4.97
N LEU D 279 -25.64 -2.07 -5.89
CA LEU D 279 -26.05 -2.31 -7.27
C LEU D 279 -25.14 -3.28 -7.99
N GLY D 280 -23.90 -3.46 -7.50
CA GLY D 280 -22.99 -4.43 -8.06
C GLY D 280 -21.90 -3.89 -8.96
N ARG D 281 -21.73 -2.57 -9.03
CA ARG D 281 -20.70 -2.01 -9.88
C ARG D 281 -19.32 -2.20 -9.27
N MET D 282 -18.32 -2.27 -10.14
CA MET D 282 -16.95 -2.50 -9.68
C MET D 282 -16.41 -1.27 -8.96
N PRO D 283 -15.74 -1.45 -7.83
CA PRO D 283 -15.23 -0.29 -7.08
C PRO D 283 -14.03 0.34 -7.74
N SER D 284 -13.79 1.60 -7.38
CA SER D 284 -12.66 2.37 -7.84
C SER D 284 -11.91 2.96 -6.65
N ALA D 285 -10.64 3.30 -6.88
CA ALA D 285 -9.78 3.85 -5.84
C ALA D 285 -9.87 3.04 -4.56
N VAL D 286 -10.25 3.69 -3.46
CA VAL D 286 -10.45 2.96 -2.18
C VAL D 286 -11.91 2.56 -2.15
N GLY D 287 -12.23 1.50 -2.89
CA GLY D 287 -13.57 0.94 -2.85
C GLY D 287 -14.70 1.84 -3.30
N TYR D 288 -14.41 3.11 -3.60
CA TYR D 288 -15.46 4.07 -3.90
C TYR D 288 -16.17 3.71 -5.20
N GLN D 289 -17.29 4.39 -5.44
CA GLN D 289 -18.05 4.15 -6.65
C GLN D 289 -17.27 4.65 -7.87
N PRO D 290 -17.38 3.97 -9.01
CA PRO D 290 -16.71 4.47 -10.22
C PRO D 290 -17.19 5.85 -10.63
N THR D 291 -18.49 6.15 -10.41
CA THR D 291 -19.09 7.40 -10.85
C THR D 291 -19.06 8.47 -9.76
N LEU D 292 -18.04 8.46 -8.90
CA LEU D 292 -17.99 9.42 -7.80
C LEU D 292 -17.89 10.84 -8.31
N ALA D 293 -16.99 11.09 -9.26
CA ALA D 293 -16.80 12.44 -9.78
C ALA D 293 -18.07 12.93 -10.46
N THR D 294 -18.74 12.06 -11.22
CA THR D 294 -19.97 12.45 -11.90
C THR D 294 -21.04 12.85 -10.89
N GLU D 295 -21.19 12.07 -9.81
CA GLU D 295 -22.22 12.38 -8.82
C GLU D 295 -21.91 13.67 -8.07
N MET D 296 -20.66 13.86 -7.66
CA MET D 296 -20.30 15.10 -6.99
C MET D 296 -20.48 16.30 -7.89
N GLY D 297 -20.13 16.17 -9.17
CA GLY D 297 -20.39 17.26 -10.09
C GLY D 297 -21.86 17.56 -10.23
N GLN D 298 -22.67 16.51 -10.40
CA GLN D 298 -24.11 16.70 -10.54
C GLN D 298 -24.73 17.35 -9.30
N LEU D 299 -24.12 17.16 -8.14
CA LEU D 299 -24.55 17.92 -6.96
C LEU D 299 -24.07 19.36 -7.05
N GLN D 300 -22.75 19.56 -7.10
CA GLN D 300 -22.15 20.87 -6.92
C GLN D 300 -22.33 21.80 -8.12
N GLU D 301 -22.73 21.28 -9.28
CA GLU D 301 -22.91 22.12 -10.46
C GLU D 301 -24.28 22.79 -10.52
N ARG D 302 -25.25 22.31 -9.73
CA ARG D 302 -26.53 23.00 -9.64
C ARG D 302 -26.49 24.12 -8.62
N ILE D 303 -25.43 24.21 -7.82
CA ILE D 303 -25.26 25.29 -6.85
C ILE D 303 -24.46 26.38 -7.57
N THR D 304 -25.17 27.23 -8.30
CA THR D 304 -24.54 28.30 -9.04
C THR D 304 -25.40 29.54 -8.98
N SER D 305 -24.76 30.70 -9.15
CA SER D 305 -25.46 31.96 -9.25
C SER D 305 -25.86 32.20 -10.70
N THR D 306 -27.14 32.46 -10.92
CA THR D 306 -27.67 32.65 -12.27
C THR D 306 -28.21 34.07 -12.41
N ALA D 307 -28.88 34.32 -13.53
CA ALA D 307 -29.46 35.64 -13.76
C ALA D 307 -30.60 35.92 -12.79
N LYS D 308 -31.34 34.90 -12.37
CA LYS D 308 -32.45 35.10 -11.45
C LYS D 308 -31.96 35.36 -10.04
N GLY D 309 -30.90 34.68 -9.61
CA GLY D 309 -30.44 34.84 -8.25
C GLY D 309 -29.15 34.08 -8.02
N SER D 310 -28.85 33.84 -6.74
CA SER D 310 -27.61 33.21 -6.33
C SER D 310 -27.88 32.19 -5.23
N ILE D 311 -27.07 31.13 -5.21
CA ILE D 311 -27.08 30.16 -4.12
C ILE D 311 -25.67 30.07 -3.58
N THR D 312 -25.46 30.54 -2.35
CA THR D 312 -24.23 30.27 -1.63
C THR D 312 -24.36 28.93 -0.93
N SER D 313 -23.26 28.18 -0.89
CA SER D 313 -23.26 26.86 -0.27
C SER D 313 -22.11 26.76 0.71
N ILE D 314 -22.39 26.22 1.89
CA ILE D 314 -21.37 25.90 2.88
C ILE D 314 -21.50 24.41 3.19
N GLN D 315 -20.44 23.66 2.95
CA GLN D 315 -20.45 22.22 3.10
C GLN D 315 -19.32 21.81 4.02
N ALA D 316 -19.63 20.98 5.01
CA ALA D 316 -18.62 20.40 5.89
C ALA D 316 -18.14 19.09 5.30
N ILE D 317 -16.83 18.88 5.30
CA ILE D 317 -16.23 17.66 4.77
C ILE D 317 -15.38 17.02 5.86
N TYR D 318 -15.70 15.78 6.20
CA TYR D 318 -14.92 14.98 7.13
C TYR D 318 -13.76 14.33 6.40
N VAL D 319 -12.54 14.57 6.87
CA VAL D 319 -11.35 14.00 6.26
C VAL D 319 -10.89 12.82 7.10
N PRO D 320 -11.06 11.59 6.64
CA PRO D 320 -10.71 10.42 7.47
C PRO D 320 -9.21 10.31 7.69
N ALA D 321 -8.83 10.09 8.95
CA ALA D 321 -7.44 9.83 9.34
C ALA D 321 -6.50 10.94 8.88
N ASP D 322 -7.02 12.14 8.67
CA ASP D 322 -6.26 13.25 8.10
C ASP D 322 -5.66 12.88 6.75
N ASP D 323 -6.43 12.17 5.94
CA ASP D 323 -6.03 11.75 4.59
C ASP D 323 -6.77 12.66 3.61
N TYR D 324 -6.15 13.78 3.25
CA TYR D 324 -6.74 14.68 2.27
C TYR D 324 -6.73 14.12 0.85
N THR D 325 -5.95 13.07 0.60
CA THR D 325 -5.94 12.42 -0.69
C THR D 325 -7.04 11.39 -0.85
N ASP D 326 -7.92 11.28 0.13
CA ASP D 326 -9.08 10.41 0.01
C ASP D 326 -9.96 10.91 -1.13
N PRO D 327 -10.61 10.01 -1.86
CA PRO D 327 -11.40 10.45 -3.02
C PRO D 327 -12.46 11.49 -2.72
N ALA D 328 -13.16 11.38 -1.59
CA ALA D 328 -14.21 12.34 -1.29
C ALA D 328 -13.69 13.76 -1.10
N PRO D 329 -12.74 14.03 -0.18
CA PRO D 329 -12.25 15.42 -0.06
C PRO D 329 -11.50 15.91 -1.28
N ALA D 330 -10.70 15.04 -1.92
CA ALA D 330 -9.97 15.47 -3.11
C ALA D 330 -10.91 15.84 -4.24
N THR D 331 -12.00 15.08 -4.41
CA THR D 331 -12.96 15.39 -5.45
C THR D 331 -13.77 16.64 -5.09
N THR D 332 -14.04 16.83 -3.80
CA THR D 332 -14.72 18.06 -3.39
C THR D 332 -13.86 19.28 -3.65
N PHE D 333 -12.54 19.13 -3.55
CA PHE D 333 -11.64 20.28 -3.70
C PHE D 333 -11.79 20.97 -5.04
N SER D 334 -12.27 20.26 -6.06
CA SER D 334 -12.36 20.81 -7.41
C SER D 334 -13.59 21.67 -7.64
N HIS D 335 -14.47 21.80 -6.66
CA HIS D 335 -15.66 22.63 -6.79
C HIS D 335 -15.70 23.81 -5.83
N LEU D 336 -14.75 23.92 -4.91
CA LEU D 336 -14.84 24.88 -3.82
C LEU D 336 -14.10 26.15 -4.18
N ASP D 337 -14.82 27.27 -4.21
CA ASP D 337 -14.17 28.57 -4.35
C ASP D 337 -13.32 28.88 -3.13
N ALA D 338 -13.85 28.59 -1.94
CA ALA D 338 -13.13 28.82 -0.70
C ALA D 338 -13.12 27.54 0.11
N THR D 339 -11.95 27.23 0.68
CA THR D 339 -11.79 26.07 1.54
C THR D 339 -11.23 26.51 2.89
N THR D 340 -11.90 26.11 3.96
CA THR D 340 -11.47 26.42 5.31
C THR D 340 -11.10 25.12 6.02
N ASN D 341 -9.90 25.08 6.57
CA ASN D 341 -9.37 23.88 7.23
C ASN D 341 -9.51 24.02 8.73
N LEU D 342 -10.26 23.12 9.35
CA LEU D 342 -10.44 23.12 10.79
C LEU D 342 -9.46 22.13 11.41
N GLU D 343 -8.60 22.61 12.30
CA GLU D 343 -7.51 21.83 12.85
C GLU D 343 -7.80 21.52 14.32
N ARG D 344 -7.62 20.24 14.69
CA ARG D 344 -7.85 19.84 16.08
C ARG D 344 -6.83 20.46 17.02
N LYS D 345 -5.63 20.75 16.54
CA LYS D 345 -4.59 21.28 17.42
C LYS D 345 -5.01 22.64 17.99
N LEU D 346 -5.58 23.50 17.16
CA LEU D 346 -6.09 24.78 17.65
C LEU D 346 -7.26 24.57 18.60
N ALA D 347 -8.18 23.66 18.26
CA ALA D 347 -9.35 23.43 19.09
C ALA D 347 -8.96 23.00 20.50
N GLU D 348 -7.98 22.11 20.61
CA GLU D 348 -7.50 21.71 21.92
C GLU D 348 -6.91 22.88 22.69
N MET D 349 -6.43 23.91 22.00
CA MET D 349 -5.87 25.09 22.63
C MET D 349 -6.93 26.12 22.99
N GLY D 350 -8.20 25.86 22.66
CA GLY D 350 -9.26 26.81 22.91
C GLY D 350 -9.56 27.73 21.75
N ILE D 351 -8.72 27.73 20.72
CA ILE D 351 -8.96 28.58 19.55
C ILE D 351 -10.15 28.04 18.77
N TYR D 352 -11.20 28.84 18.67
CA TYR D 352 -12.36 28.44 17.89
C TYR D 352 -12.67 29.54 16.90
N PRO D 353 -13.15 29.23 15.69
CA PRO D 353 -13.61 27.92 15.18
C PRO D 353 -12.51 26.92 14.80
N ALA D 354 -11.32 26.99 15.39
CA ALA D 354 -10.22 26.09 15.04
C ALA D 354 -9.89 26.16 13.55
N VAL D 355 -10.09 27.32 12.95
CA VAL D 355 -9.77 27.51 11.54
C VAL D 355 -8.27 27.61 11.37
N ASP D 356 -7.72 26.80 10.47
CA ASP D 356 -6.29 26.88 10.20
C ASP D 356 -6.01 28.14 9.41
N PRO D 357 -5.26 29.11 9.96
CA PRO D 357 -5.02 30.36 9.22
C PRO D 357 -4.24 30.16 7.94
N LEU D 358 -3.31 29.22 7.91
CA LEU D 358 -2.41 29.07 6.77
C LEU D 358 -2.93 28.09 5.73
N ALA D 359 -3.75 27.13 6.13
CA ALA D 359 -4.31 26.17 5.19
C ALA D 359 -5.65 26.61 4.61
N SER D 360 -6.19 27.74 5.06
CA SER D 360 -7.46 28.25 4.57
C SER D 360 -7.22 29.11 3.34
N THR D 361 -7.85 28.75 2.24
CA THR D 361 -7.68 29.43 0.97
C THR D 361 -9.02 29.92 0.44
N SER D 362 -8.99 31.06 -0.24
CA SER D 362 -10.19 31.63 -0.83
C SER D 362 -9.88 32.10 -2.23
N ARG D 363 -10.87 31.98 -3.12
CA ARG D 363 -10.73 32.50 -4.47
C ARG D 363 -10.64 34.02 -4.48
N ALA D 364 -11.23 34.68 -3.49
CA ALA D 364 -11.39 36.13 -3.49
C ALA D 364 -10.49 36.82 -2.48
N LEU D 365 -9.28 36.30 -2.26
CA LEU D 365 -8.30 37.01 -1.43
C LEU D 365 -7.32 37.77 -2.32
N ALA D 366 -7.86 38.74 -3.06
CA ALA D 366 -7.09 39.58 -3.96
C ALA D 366 -7.65 41.00 -3.89
N PRO D 367 -6.83 42.01 -4.16
CA PRO D 367 -7.31 43.39 -4.03
C PRO D 367 -8.51 43.71 -4.89
N GLU D 368 -8.65 43.08 -6.05
CA GLU D 368 -9.72 43.42 -6.97
C GLU D 368 -11.10 43.07 -6.44
N ILE D 369 -11.19 42.19 -5.45
CA ILE D 369 -12.46 41.77 -4.89
C ILE D 369 -12.69 42.35 -3.50
N VAL D 370 -11.67 42.38 -2.66
CA VAL D 370 -11.81 42.83 -1.28
C VAL D 370 -11.14 44.16 -1.00
N GLY D 371 -10.38 44.69 -1.93
CA GLY D 371 -9.72 45.96 -1.69
C GLY D 371 -8.27 45.79 -1.30
N GLU D 372 -7.47 46.83 -1.56
CA GLU D 372 -6.04 46.75 -1.29
C GLU D 372 -5.77 46.63 0.20
N GLU D 373 -6.52 47.37 1.03
CA GLU D 373 -6.28 47.32 2.47
C GLU D 373 -6.58 45.94 3.03
N HIS D 374 -7.71 45.35 2.63
CA HIS D 374 -8.08 44.03 3.14
C HIS D 374 -7.05 42.99 2.74
N TYR D 375 -6.66 42.98 1.46
CA TYR D 375 -5.69 42.01 0.98
C TYR D 375 -4.34 42.20 1.67
N GLN D 376 -3.90 43.45 1.82
CA GLN D 376 -2.63 43.71 2.47
C GLN D 376 -2.64 43.23 3.92
N VAL D 377 -3.74 43.50 4.64
CA VAL D 377 -3.82 43.08 6.03
C VAL D 377 -3.82 41.56 6.14
N ALA D 378 -4.59 40.90 5.27
CA ALA D 378 -4.64 39.44 5.30
C ALA D 378 -3.27 38.84 4.99
N ARG D 379 -2.57 39.39 4.00
CA ARG D 379 -1.25 38.85 3.66
C ARG D 379 -0.24 39.10 4.78
N LYS D 380 -0.30 40.27 5.42
CA LYS D 380 0.61 40.53 6.52
C LYS D 380 0.35 39.57 7.68
N VAL D 381 -0.92 39.28 7.97
CA VAL D 381 -1.24 38.33 9.02
C VAL D 381 -0.72 36.94 8.66
N GLN D 382 -0.90 36.54 7.40
CA GLN D 382 -0.40 35.23 6.96
C GLN D 382 1.11 35.16 7.11
N GLN D 383 1.83 36.21 6.72
CA GLN D 383 3.29 36.21 6.83
C GLN D 383 3.72 36.13 8.29
N THR D 384 3.07 36.89 9.17
CA THR D 384 3.44 36.88 10.58
C THR D 384 3.20 35.50 11.19
N LEU D 385 2.07 34.87 10.86
CA LEU D 385 1.78 33.54 11.40
C LEU D 385 2.76 32.50 10.85
N GLN D 386 3.13 32.61 9.57
CA GLN D 386 4.11 31.69 9.00
C GLN D 386 5.46 31.84 9.70
N ARG D 387 5.89 33.08 9.94
CA ARG D 387 7.16 33.30 10.64
C ARG D 387 7.12 32.73 12.05
N TYR D 388 5.99 32.91 12.74
CA TYR D 388 5.86 32.34 14.08
C TYR D 388 5.92 30.82 14.04
N LYS D 389 5.26 30.21 13.05
CA LYS D 389 5.33 28.76 12.92
C LYS D 389 6.76 28.29 12.68
N GLU D 390 7.51 29.02 11.85
CA GLU D 390 8.90 28.68 11.62
C GLU D 390 9.72 28.81 12.89
N LEU D 391 9.45 29.84 13.69
CA LEU D 391 10.20 30.10 14.92
C LEU D 391 9.77 29.22 16.09
N GLN D 392 8.69 28.44 15.92
CA GLN D 392 8.22 27.57 17.00
C GLN D 392 9.33 26.69 17.57
N ASP D 393 10.08 26.02 16.71
CA ASP D 393 11.11 25.08 17.20
C ASP D 393 12.20 25.81 17.97
N ILE D 394 12.64 26.95 17.46
CA ILE D 394 13.72 27.69 18.13
C ILE D 394 13.24 28.22 19.48
N ILE D 395 12.02 28.75 19.54
CA ILE D 395 11.52 29.25 20.82
C ILE D 395 11.26 28.11 21.78
N ALA D 396 10.97 26.90 21.27
CA ALA D 396 10.77 25.75 22.14
C ALA D 396 12.09 25.27 22.74
N ILE D 397 13.13 25.17 21.92
CA ILE D 397 14.41 24.68 22.43
C ILE D 397 15.19 25.81 23.10
N LEU D 398 15.53 26.85 22.34
CA LEU D 398 16.22 28.00 22.91
C LEU D 398 15.22 28.94 23.58
N GLY D 399 15.74 29.79 24.45
CA GLY D 399 14.91 30.80 25.07
C GLY D 399 14.54 31.90 24.10
N MET D 400 13.54 32.69 24.48
CA MET D 400 13.15 33.83 23.66
C MET D 400 14.26 34.86 23.56
N ASP D 401 15.22 34.84 24.49
CA ASP D 401 16.34 35.76 24.43
C ASP D 401 17.19 35.54 23.18
N GLU D 402 17.29 34.30 22.71
CA GLU D 402 18.13 34.01 21.54
C GLU D 402 17.60 34.68 20.29
N LEU D 403 16.29 34.93 20.23
CA LEU D 403 15.72 35.60 19.07
C LEU D 403 16.17 37.06 19.00
N SER D 404 16.24 37.58 17.79
CA SER D 404 16.56 38.99 17.60
C SER D 404 15.37 39.85 18.02
N ASP D 405 15.55 41.17 17.93
CA ASP D 405 14.47 42.08 18.30
C ASP D 405 13.29 41.93 17.35
N GLU D 406 13.55 41.79 16.05
CA GLU D 406 12.46 41.62 15.10
C GLU D 406 11.74 40.29 15.30
N ASP D 407 12.47 39.22 15.59
CA ASP D 407 11.84 37.94 15.88
C ASP D 407 11.00 38.02 17.15
N LYS D 408 11.52 38.68 18.18
CA LYS D 408 10.75 38.88 19.39
C LYS D 408 9.46 39.62 19.10
N LEU D 409 9.55 40.70 18.30
CA LEU D 409 8.36 41.46 17.95
C LEU D 409 7.37 40.61 17.15
N VAL D 410 7.87 39.80 16.23
CA VAL D 410 6.97 39.03 15.37
C VAL D 410 6.25 37.97 16.18
N VAL D 411 6.93 37.33 17.14
CA VAL D 411 6.25 36.37 17.99
C VAL D 411 5.29 37.07 18.94
N HIS D 412 5.71 38.22 19.48
CA HIS D 412 4.88 39.03 20.36
C HIS D 412 3.55 39.37 19.70
N ARG D 413 3.60 39.85 18.46
CA ARG D 413 2.38 40.14 17.73
C ARG D 413 1.66 38.87 17.30
N ALA D 414 2.42 37.82 16.98
CA ALA D 414 1.83 36.62 16.40
C ALA D 414 0.91 35.92 17.40
N ARG D 415 1.31 35.88 18.68
CA ARG D 415 0.40 35.30 19.67
C ARG D 415 -0.89 36.10 19.77
N ARG D 416 -0.79 37.44 19.73
CA ARG D 416 -1.96 38.30 19.79
C ARG D 416 -2.90 38.02 18.63
N ILE D 417 -2.37 37.95 17.41
CA ILE D 417 -3.21 37.61 16.26
C ILE D 417 -3.78 36.21 16.42
N GLN D 418 -2.96 35.27 16.87
CA GLN D 418 -3.39 33.88 16.95
C GLN D 418 -4.62 33.73 17.83
N PHE D 419 -4.59 34.36 19.01
CA PHE D 419 -5.80 34.33 19.84
C PHE D 419 -6.90 35.21 19.26
N PHE D 420 -6.53 36.33 18.63
CA PHE D 420 -7.55 37.28 18.18
C PHE D 420 -8.42 36.72 17.07
N LEU D 421 -7.91 35.77 16.29
CA LEU D 421 -8.75 35.16 15.26
C LEU D 421 -9.89 34.37 15.84
N SER D 422 -9.82 34.01 17.12
CA SER D 422 -10.91 33.31 17.79
C SER D 422 -11.94 34.30 18.32
N GLN D 423 -13.21 33.98 18.14
CA GLN D 423 -14.29 34.86 18.56
C GLN D 423 -15.36 34.06 19.29
N ASN D 424 -16.03 34.72 20.24
CA ASN D 424 -17.09 34.08 20.97
C ASN D 424 -18.25 33.75 20.03
N PHE D 425 -18.81 32.56 20.18
CA PHE D 425 -19.81 32.06 19.25
C PHE D 425 -21.21 32.22 19.83
N HIS D 426 -22.13 32.70 18.98
CA HIS D 426 -23.52 32.82 19.38
C HIS D 426 -24.09 31.47 19.81
N VAL D 427 -23.63 30.39 19.18
CA VAL D 427 -24.08 29.06 19.55
C VAL D 427 -23.25 28.46 20.68
N ALA D 428 -22.01 28.92 20.88
CA ALA D 428 -21.20 28.43 21.98
C ALA D 428 -21.74 28.83 23.34
N GLU D 429 -22.71 29.75 23.41
CA GLU D 429 -23.40 29.98 24.67
C GLU D 429 -24.06 28.70 25.16
N GLN D 430 -24.39 27.78 24.25
CA GLN D 430 -24.86 26.47 24.67
C GLN D 430 -23.78 25.72 25.44
N PHE D 431 -22.54 25.81 24.98
CA PHE D 431 -21.45 25.07 25.58
C PHE D 431 -20.79 25.82 26.73
N THR D 432 -20.34 27.04 26.48
CA THR D 432 -19.57 27.79 27.46
C THR D 432 -20.36 28.88 28.17
N GLY D 433 -21.56 29.20 27.69
CA GLY D 433 -22.43 30.15 28.36
C GLY D 433 -22.18 31.60 27.99
N GLN D 434 -20.95 31.95 27.62
CA GLN D 434 -20.65 33.33 27.27
C GLN D 434 -21.45 33.73 26.03
N PRO D 435 -22.04 34.93 26.02
CA PRO D 435 -22.72 35.40 24.81
C PRO D 435 -21.73 35.64 23.68
N GLY D 436 -22.21 35.48 22.45
CA GLY D 436 -21.39 35.61 21.27
C GLY D 436 -21.33 37.03 20.76
N SER D 437 -20.89 37.18 19.51
CA SER D 437 -20.70 38.49 18.91
C SER D 437 -20.73 38.36 17.40
N TYR D 438 -20.97 39.48 16.74
CA TYR D 438 -20.94 39.59 15.28
C TYR D 438 -20.02 40.74 14.92
N VAL D 439 -19.03 40.47 14.08
CA VAL D 439 -17.98 41.42 13.76
C VAL D 439 -18.06 41.77 12.29
N PRO D 440 -18.32 43.03 11.93
CA PRO D 440 -18.30 43.41 10.51
C PRO D 440 -16.90 43.29 9.94
N VAL D 441 -16.85 43.05 8.63
CA VAL D 441 -15.56 42.85 7.96
C VAL D 441 -14.69 44.09 8.10
N LYS D 442 -15.28 45.27 7.99
CA LYS D 442 -14.51 46.50 8.14
C LYS D 442 -13.88 46.59 9.52
N GLU D 443 -14.65 46.30 10.56
CA GLU D 443 -14.11 46.32 11.90
C GLU D 443 -13.10 45.20 12.11
N THR D 444 -13.28 44.06 11.43
CA THR D 444 -12.30 42.98 11.49
C THR D 444 -10.94 43.45 10.96
N VAL D 445 -10.93 44.03 9.76
CA VAL D 445 -9.66 44.46 9.18
C VAL D 445 -9.09 45.62 9.98
N ARG D 446 -9.95 46.49 10.53
CA ARG D 446 -9.44 47.57 11.38
C ARG D 446 -8.74 47.02 12.61
N GLY D 447 -9.35 46.01 13.25
CA GLY D 447 -8.74 45.43 14.43
C GLY D 447 -7.42 44.74 14.13
N PHE D 448 -7.38 43.96 13.05
CA PHE D 448 -6.13 43.29 12.70
C PHE D 448 -5.05 44.29 12.30
N LYS D 449 -5.43 45.36 11.60
CA LYS D 449 -4.46 46.40 11.27
C LYS D 449 -3.92 47.07 12.53
N GLU D 450 -4.80 47.36 13.49
CA GLU D 450 -4.36 47.97 14.74
C GLU D 450 -3.43 47.02 15.50
N ILE D 451 -3.72 45.73 15.47
CA ILE D 451 -2.85 44.74 16.12
C ILE D 451 -1.48 44.74 15.45
N LEU D 452 -1.47 44.72 14.12
CA LEU D 452 -0.20 44.70 13.38
C LEU D 452 0.57 46.01 13.51
N GLU D 453 -0.10 47.11 13.84
CA GLU D 453 0.56 48.40 13.98
C GLU D 453 1.29 48.56 15.31
N GLY D 454 1.13 47.62 16.25
CA GLY D 454 1.77 47.74 17.54
C GLY D 454 1.01 48.59 18.55
N LYS D 455 -0.25 48.93 18.27
CA LYS D 455 -1.02 49.75 19.19
C LYS D 455 -1.37 49.02 20.48
N TYR D 456 -1.25 47.70 20.51
CA TYR D 456 -1.70 46.92 21.65
C TYR D 456 -0.69 45.84 22.04
N ASP D 457 0.60 46.10 21.84
CA ASP D 457 1.62 45.18 22.30
C ASP D 457 1.73 45.13 23.82
N HIS D 458 1.09 46.07 24.52
CA HIS D 458 1.09 46.08 25.98
C HIS D 458 -0.11 45.37 26.58
N LEU D 459 -0.97 44.79 25.75
CA LEU D 459 -2.06 44.03 26.35
C LEU D 459 -1.68 42.56 26.44
N PRO D 460 -1.89 41.94 27.60
CA PRO D 460 -1.59 40.50 27.73
C PRO D 460 -2.46 39.67 26.78
N GLU D 461 -1.89 38.56 26.31
CA GLU D 461 -2.49 37.81 25.22
C GLU D 461 -3.88 37.28 25.58
N ASP D 462 -4.10 36.96 26.86
CA ASP D 462 -5.39 36.39 27.26
C ASP D 462 -6.54 37.36 27.02
N ALA D 463 -6.27 38.65 26.87
CA ALA D 463 -7.33 39.59 26.53
C ALA D 463 -7.93 39.29 25.16
N PHE D 464 -7.12 38.77 24.24
CA PHE D 464 -7.58 38.45 22.89
C PHE D 464 -8.15 37.05 22.78
N ARG D 465 -8.32 36.36 23.90
CA ARG D 465 -8.66 34.93 23.86
C ARG D 465 -9.96 34.68 23.12
N LEU D 466 -11.05 35.30 23.56
CA LEU D 466 -12.35 34.96 22.97
C LEU D 466 -13.24 36.21 23.06
N VAL D 467 -13.20 37.02 22.00
CA VAL D 467 -13.89 38.32 21.96
C VAL D 467 -14.38 38.55 20.53
N GLY D 468 -15.14 39.62 20.35
CA GLY D 468 -15.58 40.00 19.02
C GLY D 468 -14.76 41.09 18.37
N ARG D 469 -14.59 42.22 19.06
CA ARG D 469 -13.90 43.37 18.51
C ARG D 469 -12.66 43.68 19.35
N ILE D 470 -11.74 44.44 18.77
CA ILE D 470 -10.54 44.82 19.50
C ILE D 470 -10.91 45.77 20.64
N GLU D 471 -12.00 46.53 20.49
CA GLU D 471 -12.53 47.27 21.62
C GLU D 471 -12.95 46.33 22.74
N GLU D 472 -13.53 45.18 22.38
CA GLU D 472 -13.80 44.16 23.39
C GLU D 472 -12.50 43.63 24.00
N VAL D 473 -11.41 43.60 23.24
CA VAL D 473 -10.12 43.21 23.80
C VAL D 473 -9.70 44.21 24.87
N VAL D 474 -9.85 45.50 24.58
CA VAL D 474 -9.51 46.53 25.57
C VAL D 474 -10.40 46.40 26.79
N GLU D 475 -11.69 46.17 26.57
CA GLU D 475 -12.62 46.02 27.70
C GLU D 475 -12.26 44.83 28.56
N LYS D 476 -11.93 43.70 27.94
CA LYS D 476 -11.55 42.51 28.70
C LYS D 476 -10.23 42.74 29.46
N ALA D 477 -9.27 43.42 28.83
CA ALA D 477 -8.03 43.74 29.52
C ALA D 477 -8.30 44.61 30.74
N LYS D 478 -9.22 45.57 30.62
CA LYS D 478 -9.67 46.32 31.79
C LYS D 478 -10.32 45.40 32.82
N ALA D 479 -11.09 44.42 32.35
CA ALA D 479 -11.81 43.52 33.26
C ALA D 479 -10.84 42.71 34.10
N MET D 480 -9.76 42.21 33.50
CA MET D 480 -8.77 41.46 34.28
C MET D 480 -8.00 42.32 35.26
N GLY D 481 -8.11 43.64 35.15
CA GLY D 481 -7.41 44.54 36.06
C GLY D 481 -6.07 45.03 35.57
N VAL D 482 -5.85 45.06 34.26
CA VAL D 482 -4.59 45.53 33.70
C VAL D 482 -4.51 47.05 33.80
N ARG E 14 -11.89 -18.20 -45.75
CA ARG E 14 -12.82 -17.09 -45.64
C ARG E 14 -13.64 -17.17 -44.35
N GLY E 15 -13.54 -16.13 -43.53
CA GLY E 15 -14.30 -16.06 -42.30
C GLY E 15 -14.97 -14.70 -42.16
N ARG E 16 -15.94 -14.65 -41.25
CA ARG E 16 -16.75 -13.45 -41.05
C ARG E 16 -16.53 -12.87 -39.68
N VAL E 17 -16.40 -11.54 -39.61
CA VAL E 17 -16.30 -10.87 -38.33
C VAL E 17 -17.64 -10.96 -37.61
N ILE E 18 -17.60 -11.37 -36.33
CA ILE E 18 -18.82 -11.50 -35.55
C ILE E 18 -18.79 -10.75 -34.22
N GLN E 19 -17.63 -10.35 -33.71
CA GLN E 19 -17.54 -9.44 -32.58
C GLN E 19 -16.36 -8.50 -32.77
N VAL E 20 -16.56 -7.23 -32.42
CA VAL E 20 -15.49 -6.22 -32.43
C VAL E 20 -15.51 -5.55 -31.06
N MET E 21 -14.72 -6.08 -30.13
CA MET E 21 -14.63 -5.51 -28.79
C MET E 21 -13.47 -4.53 -28.68
N GLY E 22 -13.44 -3.56 -29.58
CA GLY E 22 -12.34 -2.62 -29.66
C GLY E 22 -11.21 -3.17 -30.51
N PRO E 23 -10.02 -3.24 -29.95
CA PRO E 23 -8.90 -3.88 -30.66
C PRO E 23 -8.91 -5.40 -30.62
N VAL E 24 -10.03 -6.01 -30.25
CA VAL E 24 -10.18 -7.46 -30.21
C VAL E 24 -11.31 -7.81 -31.17
N VAL E 25 -11.02 -8.68 -32.13
CA VAL E 25 -11.98 -9.04 -33.17
C VAL E 25 -12.15 -10.55 -33.17
N ASP E 26 -13.40 -11.01 -33.16
CA ASP E 26 -13.70 -12.43 -33.24
C ASP E 26 -14.17 -12.76 -34.65
N VAL E 27 -13.58 -13.80 -35.23
CA VAL E 27 -13.86 -14.20 -36.60
C VAL E 27 -14.34 -15.63 -36.61
N LYS E 28 -15.45 -15.89 -37.29
CA LYS E 28 -16.02 -17.22 -37.42
C LYS E 28 -15.65 -17.79 -38.79
N PHE E 29 -14.89 -18.89 -38.78
CA PHE E 29 -14.61 -19.68 -39.98
C PHE E 29 -15.52 -20.89 -39.95
N GLU E 30 -16.78 -20.67 -40.32
CA GLU E 30 -17.82 -21.68 -40.15
C GLU E 30 -17.62 -22.91 -41.03
N ASN E 31 -16.73 -22.84 -42.02
CA ASN E 31 -16.47 -24.01 -42.85
C ASN E 31 -15.75 -25.13 -42.10
N GLY E 32 -15.05 -24.81 -41.00
CA GLY E 32 -14.33 -25.81 -40.24
C GLY E 32 -12.87 -25.89 -40.62
N HIS E 33 -12.25 -24.76 -40.92
CA HIS E 33 -10.85 -24.66 -41.33
C HIS E 33 -10.16 -23.55 -40.55
N LEU E 34 -10.28 -23.59 -39.23
CA LEU E 34 -9.79 -22.52 -38.38
C LEU E 34 -8.29 -22.30 -38.58
N PRO E 35 -7.84 -21.05 -38.62
CA PRO E 35 -6.40 -20.79 -38.68
C PRO E 35 -5.73 -21.08 -37.35
N ALA E 36 -4.43 -21.35 -37.41
CA ALA E 36 -3.67 -21.66 -36.22
C ALA E 36 -3.46 -20.41 -35.38
N ILE E 37 -2.90 -20.61 -34.19
CA ILE E 37 -2.56 -19.48 -33.33
C ILE E 37 -1.43 -18.69 -33.96
N TYR E 38 -1.54 -17.36 -33.90
CA TYR E 38 -0.64 -16.37 -34.49
C TYR E 38 -0.76 -16.30 -36.01
N ASN E 39 -1.60 -17.12 -36.62
CA ASN E 39 -1.83 -17.03 -38.06
C ASN E 39 -2.47 -15.69 -38.40
N ALA E 40 -1.95 -15.06 -39.45
CA ALA E 40 -2.38 -13.71 -39.83
C ALA E 40 -3.60 -13.75 -40.73
N LEU E 41 -4.46 -12.76 -40.55
CA LEU E 41 -5.69 -12.61 -41.33
C LEU E 41 -5.74 -11.19 -41.87
N LYS E 42 -6.39 -11.03 -43.01
CA LYS E 42 -6.46 -9.73 -43.67
C LYS E 42 -7.90 -9.39 -44.02
N ILE E 43 -8.28 -8.14 -43.79
CA ILE E 43 -9.58 -7.60 -44.20
C ILE E 43 -9.30 -6.47 -45.18
N GLN E 44 -9.80 -6.63 -46.41
CA GLN E 44 -9.73 -5.60 -47.45
C GLN E 44 -11.15 -5.34 -47.90
N HIS E 45 -11.79 -4.32 -47.33
CA HIS E 45 -13.19 -4.04 -47.63
C HIS E 45 -13.33 -2.60 -48.11
N LYS E 46 -13.64 -2.44 -49.39
CA LYS E 46 -13.94 -1.11 -49.92
C LYS E 46 -15.41 -0.79 -49.68
N ALA E 47 -15.67 0.44 -49.22
CA ALA E 47 -17.02 0.82 -48.83
C ALA E 47 -17.99 0.72 -50.00
N ARG E 48 -19.12 0.07 -49.77
CA ARG E 48 -20.14 -0.02 -50.80
C ARG E 48 -20.90 1.29 -50.97
N ASN E 49 -21.24 1.93 -49.86
CA ASN E 49 -21.96 3.20 -49.86
C ASN E 49 -21.29 4.14 -48.87
N GLU E 50 -21.80 5.37 -48.81
CA GLU E 50 -21.25 6.37 -47.89
C GLU E 50 -21.46 6.00 -46.43
N ASN E 51 -22.32 5.03 -46.14
CA ASN E 51 -22.53 4.55 -44.78
C ASN E 51 -21.42 3.61 -44.31
N GLU E 52 -20.30 3.54 -45.03
CA GLU E 52 -19.17 2.70 -44.65
C GLU E 52 -17.88 3.46 -44.89
N VAL E 53 -16.77 2.85 -44.46
CA VAL E 53 -15.43 3.39 -44.69
C VAL E 53 -14.56 2.29 -45.25
N ASP E 54 -13.65 2.67 -46.15
CA ASP E 54 -12.70 1.71 -46.70
C ASP E 54 -11.74 1.26 -45.61
N ILE E 55 -11.60 -0.06 -45.46
CA ILE E 55 -10.81 -0.62 -44.36
C ILE E 55 -9.79 -1.61 -44.92
N ASP E 56 -8.54 -1.45 -44.50
CA ASP E 56 -7.44 -2.35 -44.82
C ASP E 56 -6.78 -2.70 -43.50
N LEU E 57 -7.14 -3.85 -42.94
CA LEU E 57 -6.77 -4.20 -41.57
C LEU E 57 -6.15 -5.58 -41.53
N THR E 58 -5.26 -5.79 -40.58
CA THR E 58 -4.62 -7.08 -40.37
C THR E 58 -4.81 -7.53 -38.92
N LEU E 59 -4.97 -8.84 -38.75
CA LEU E 59 -5.29 -9.44 -37.47
C LEU E 59 -4.38 -10.64 -37.25
N GLU E 60 -4.17 -10.99 -35.99
CA GLU E 60 -3.43 -12.21 -35.66
C GLU E 60 -4.21 -12.98 -34.60
N VAL E 61 -4.36 -14.29 -34.82
CA VAL E 61 -5.18 -15.10 -33.93
C VAL E 61 -4.49 -15.24 -32.58
N ALA E 62 -5.25 -15.06 -31.51
CA ALA E 62 -4.76 -15.22 -30.16
C ALA E 62 -5.36 -16.41 -29.42
N LEU E 63 -6.64 -16.70 -29.64
CA LEU E 63 -7.29 -17.82 -28.98
C LEU E 63 -8.25 -18.50 -29.94
N HIS E 64 -8.58 -19.75 -29.61
CA HIS E 64 -9.71 -20.44 -30.20
C HIS E 64 -10.80 -20.54 -29.15
N LEU E 65 -12.03 -20.17 -29.54
CA LEU E 65 -13.12 -20.04 -28.58
C LEU E 65 -14.21 -21.09 -28.77
N GLY E 66 -14.08 -21.98 -29.75
CA GLY E 66 -15.13 -22.93 -30.03
C GLY E 66 -16.17 -22.37 -30.97
N ASP E 67 -17.03 -23.27 -31.45
CA ASP E 67 -18.06 -22.93 -32.43
C ASP E 67 -17.43 -22.27 -33.66
N ASP E 68 -16.27 -22.77 -34.06
CA ASP E 68 -15.54 -22.30 -35.24
C ASP E 68 -15.14 -20.83 -35.12
N THR E 69 -15.12 -20.29 -33.91
CA THR E 69 -14.82 -18.88 -33.69
C THR E 69 -13.44 -18.73 -33.08
N VAL E 70 -12.63 -17.86 -33.68
CA VAL E 70 -11.30 -17.55 -33.16
C VAL E 70 -11.30 -16.09 -32.71
N ARG E 71 -10.48 -15.79 -31.72
CA ARG E 71 -10.34 -14.44 -31.19
C ARG E 71 -8.96 -13.91 -31.51
N THR E 72 -8.90 -12.74 -32.15
CA THR E 72 -7.70 -12.18 -32.71
C THR E 72 -7.52 -10.75 -32.24
N ILE E 73 -6.28 -10.26 -32.32
CA ILE E 73 -5.93 -8.90 -31.93
C ILE E 73 -5.47 -8.17 -33.19
N ALA E 74 -6.04 -6.98 -33.41
CA ALA E 74 -5.74 -6.20 -34.60
C ALA E 74 -4.45 -5.41 -34.41
N MET E 75 -3.74 -5.20 -35.53
CA MET E 75 -2.52 -4.40 -35.53
C MET E 75 -2.82 -2.91 -35.72
N ALA E 76 -3.83 -2.59 -36.51
CA ALA E 76 -4.27 -1.21 -36.74
C ALA E 76 -5.60 -0.98 -36.03
N SER E 77 -6.15 0.21 -36.22
CA SER E 77 -7.40 0.57 -35.58
C SER E 77 -8.58 -0.11 -36.27
N THR E 78 -9.54 -0.56 -35.47
CA THR E 78 -10.67 -1.34 -35.96
C THR E 78 -11.89 -0.50 -36.25
N ASP E 79 -11.77 0.83 -36.24
CA ASP E 79 -12.92 1.67 -36.53
C ASP E 79 -13.46 1.40 -37.92
N GLY E 80 -14.78 1.30 -38.03
CA GLY E 80 -15.42 1.00 -39.28
C GLY E 80 -15.71 -0.46 -39.52
N LEU E 81 -15.26 -1.35 -38.63
CA LEU E 81 -15.53 -2.77 -38.79
C LEU E 81 -17.04 -3.03 -38.68
N ILE E 82 -17.54 -3.86 -39.58
CA ILE E 82 -18.94 -4.23 -39.63
C ILE E 82 -19.06 -5.73 -39.38
N ARG E 83 -19.97 -6.12 -38.50
CA ARG E 83 -20.15 -7.53 -38.18
C ARG E 83 -20.67 -8.24 -39.43
N GLY E 84 -19.79 -8.98 -40.09
CA GLY E 84 -20.18 -9.72 -41.29
C GLY E 84 -19.20 -9.60 -42.43
N MET E 85 -18.32 -8.60 -42.39
CA MET E 85 -17.37 -8.40 -43.48
C MET E 85 -16.34 -9.52 -43.48
N GLU E 86 -15.97 -9.97 -44.68
CA GLU E 86 -15.20 -11.18 -44.85
C GLU E 86 -13.74 -10.99 -44.47
N VAL E 87 -13.14 -12.06 -43.97
CA VAL E 87 -11.74 -12.10 -43.60
C VAL E 87 -11.08 -13.27 -44.31
N ILE E 88 -9.87 -13.05 -44.83
CA ILE E 88 -9.12 -14.07 -45.56
C ILE E 88 -7.93 -14.48 -44.72
N ASP E 89 -7.73 -15.78 -44.56
CA ASP E 89 -6.64 -16.32 -43.76
C ASP E 89 -5.39 -16.41 -44.62
N THR E 90 -4.29 -15.79 -44.15
CA THR E 90 -3.05 -15.80 -44.91
C THR E 90 -2.35 -17.14 -44.90
N GLY E 91 -2.66 -18.00 -43.93
CA GLY E 91 -2.05 -19.31 -43.86
C GLY E 91 -0.70 -19.37 -43.19
N ALA E 92 -0.25 -18.26 -42.59
CA ALA E 92 1.06 -18.20 -41.95
C ALA E 92 1.04 -17.04 -40.97
N PRO E 93 1.99 -16.98 -40.04
CA PRO E 93 2.08 -15.81 -39.14
C PRO E 93 2.38 -14.54 -39.92
N ILE E 94 2.51 -13.42 -39.21
CA ILE E 94 2.78 -12.15 -39.88
C ILE E 94 4.12 -12.27 -40.58
N SER E 95 4.09 -12.32 -41.91
CA SER E 95 5.29 -12.50 -42.71
C SER E 95 5.89 -11.14 -43.03
N VAL E 96 7.20 -11.06 -42.92
CA VAL E 96 7.93 -9.79 -43.00
C VAL E 96 8.98 -9.91 -44.10
N PRO E 97 9.04 -8.97 -45.04
CA PRO E 97 10.14 -8.96 -46.01
C PRO E 97 11.48 -8.76 -45.29
N VAL E 98 12.40 -9.69 -45.50
CA VAL E 98 13.69 -9.69 -44.84
C VAL E 98 14.78 -9.99 -45.86
N GLY E 99 16.01 -9.61 -45.51
CA GLY E 99 17.15 -9.80 -46.35
C GLY E 99 17.95 -8.51 -46.45
N GLU E 100 18.73 -8.39 -47.52
CA GLU E 100 19.50 -7.18 -47.75
C GLU E 100 18.63 -5.99 -48.09
N VAL E 101 17.37 -6.22 -48.48
CA VAL E 101 16.49 -5.13 -48.87
C VAL E 101 16.13 -4.24 -47.68
N THR E 102 16.27 -4.73 -46.46
CA THR E 102 15.86 -3.99 -45.28
C THR E 102 16.96 -3.09 -44.72
N LEU E 103 18.15 -3.11 -45.29
CA LEU E 103 19.24 -2.28 -44.80
C LEU E 103 19.03 -0.84 -45.26
N GLY E 104 18.95 0.08 -44.31
CA GLY E 104 18.69 1.47 -44.61
C GLY E 104 17.23 1.85 -44.70
N ARG E 105 16.32 0.90 -44.56
CA ARG E 105 14.90 1.14 -44.66
C ARG E 105 14.28 1.27 -43.27
N VAL E 106 13.05 1.81 -43.24
CA VAL E 106 12.29 1.98 -42.01
C VAL E 106 10.95 1.30 -42.18
N PHE E 107 10.55 0.51 -41.17
CA PHE E 107 9.40 -0.36 -41.29
C PHE E 107 8.43 -0.12 -40.13
N ASN E 108 7.18 -0.52 -40.36
CA ASN E 108 6.21 -0.64 -39.28
C ASN E 108 6.21 -2.08 -38.78
N VAL E 109 5.20 -2.45 -37.99
CA VAL E 109 5.14 -3.81 -37.45
C VAL E 109 5.01 -4.83 -38.57
N LEU E 110 4.29 -4.51 -39.64
CA LEU E 110 3.99 -5.46 -40.69
C LEU E 110 5.09 -5.56 -41.73
N GLY E 111 6.21 -4.85 -41.56
CA GLY E 111 7.22 -4.83 -42.59
C GLY E 111 6.88 -3.96 -43.78
N GLU E 112 5.83 -3.16 -43.69
CA GLU E 112 5.54 -2.19 -44.73
C GLU E 112 6.38 -0.94 -44.51
N PRO E 113 7.16 -0.49 -45.50
CA PRO E 113 8.00 0.69 -45.30
C PRO E 113 7.15 1.92 -44.97
N ILE E 114 7.67 2.74 -44.06
CA ILE E 114 7.01 3.99 -43.69
C ILE E 114 7.75 5.21 -44.17
N ASP E 115 8.95 5.06 -44.74
CA ASP E 115 9.61 6.17 -45.41
C ASP E 115 9.11 6.27 -46.85
N LEU E 116 9.55 7.33 -47.54
CA LEU E 116 9.09 7.61 -48.90
C LEU E 116 10.04 7.07 -49.95
N GLU E 117 10.69 5.94 -49.69
CA GLU E 117 11.64 5.34 -50.61
C GLU E 117 11.03 4.22 -51.45
N GLY E 118 9.73 4.00 -51.34
CA GLY E 118 9.07 3.00 -52.15
C GLY E 118 8.92 1.67 -51.44
N ASP E 119 7.87 0.93 -51.79
CA ASP E 119 7.60 -0.34 -51.14
C ASP E 119 8.57 -1.41 -51.61
N ILE E 120 8.76 -2.42 -50.75
CA ILE E 120 9.64 -3.55 -51.03
C ILE E 120 9.01 -4.37 -52.16
N PRO E 121 9.80 -4.97 -53.04
CA PRO E 121 9.22 -5.85 -54.07
C PRO E 121 8.43 -6.99 -53.45
N ALA E 122 7.35 -7.37 -54.14
CA ALA E 122 6.44 -8.38 -53.59
C ALA E 122 7.08 -9.76 -53.54
N ASP E 123 8.02 -10.05 -54.42
CA ASP E 123 8.67 -11.35 -54.46
C ASP E 123 9.87 -11.46 -53.52
N ALA E 124 9.97 -10.56 -52.53
CA ALA E 124 11.11 -10.55 -51.64
C ALA E 124 11.05 -11.72 -50.67
N ARG E 125 12.16 -11.91 -49.95
CA ARG E 125 12.26 -12.97 -48.96
C ARG E 125 11.51 -12.56 -47.70
N ARG E 126 10.50 -13.33 -47.32
CA ARG E 126 9.67 -13.02 -46.16
C ARG E 126 9.80 -14.13 -45.13
N ASP E 127 10.04 -13.74 -43.91
CA ASP E 127 10.17 -14.62 -42.77
C ASP E 127 8.97 -14.48 -41.84
N PRO E 128 8.50 -15.57 -41.23
CA PRO E 128 7.49 -15.45 -40.19
C PRO E 128 8.03 -14.70 -38.99
N ILE E 129 7.15 -13.96 -38.32
CA ILE E 129 7.57 -13.20 -37.16
C ILE E 129 7.65 -14.10 -35.92
N HIS E 130 6.85 -15.15 -35.87
CA HIS E 130 6.79 -16.04 -34.72
C HIS E 130 7.42 -17.38 -35.08
N ARG E 131 8.40 -17.80 -34.30
CA ARG E 131 9.02 -19.11 -34.48
C ARG E 131 9.66 -19.52 -33.16
N PRO E 132 9.73 -20.81 -32.87
CA PRO E 132 10.37 -21.25 -31.62
C PRO E 132 11.85 -20.95 -31.62
N ALA E 133 12.37 -20.72 -30.41
CA ALA E 133 13.79 -20.45 -30.26
C ALA E 133 14.60 -21.68 -30.66
N PRO E 134 15.83 -21.49 -31.14
CA PRO E 134 16.64 -22.64 -31.54
C PRO E 134 16.87 -23.60 -30.37
N LYS E 135 16.85 -24.89 -30.68
CA LYS E 135 16.86 -25.91 -29.65
C LYS E 135 18.24 -26.00 -29.00
N PHE E 136 18.36 -26.94 -28.06
CA PHE E 136 19.51 -26.98 -27.16
C PHE E 136 20.80 -27.33 -27.87
N GLU E 137 20.74 -28.15 -28.93
CA GLU E 137 21.96 -28.62 -29.57
C GLU E 137 22.63 -27.57 -30.43
N GLU E 138 21.88 -26.61 -30.97
CA GLU E 138 22.47 -25.60 -31.86
C GLU E 138 23.07 -24.42 -31.12
N LEU E 139 22.89 -24.31 -29.82
CA LEU E 139 23.40 -23.16 -29.10
C LEU E 139 24.93 -23.22 -29.01
N ALA E 140 25.52 -22.13 -28.54
CA ALA E 140 26.97 -22.05 -28.41
C ALA E 140 27.43 -22.93 -27.26
N THR E 141 28.50 -23.71 -27.50
CA THR E 141 29.05 -24.56 -26.47
C THR E 141 29.76 -23.77 -25.38
N GLU E 142 30.10 -22.52 -25.64
CA GLU E 142 30.75 -21.67 -24.66
C GLU E 142 30.45 -20.21 -24.98
N VAL E 143 30.84 -19.33 -24.08
CA VAL E 143 30.61 -17.90 -24.23
C VAL E 143 31.88 -17.25 -24.74
N GLU E 144 31.71 -16.12 -25.43
CA GLU E 144 32.83 -15.32 -25.91
C GLU E 144 32.37 -13.87 -25.98
N ILE E 145 33.25 -12.96 -25.57
CA ILE E 145 32.87 -11.56 -25.49
C ILE E 145 32.84 -10.95 -26.90
N LEU E 146 32.11 -9.85 -27.02
CA LEU E 146 31.97 -9.13 -28.27
C LEU E 146 32.92 -7.93 -28.25
N GLU E 147 33.86 -7.89 -29.19
CA GLU E 147 34.84 -6.82 -29.26
C GLU E 147 34.15 -5.58 -29.86
N THR E 148 33.41 -4.89 -28.99
CA THR E 148 32.68 -3.70 -29.45
C THR E 148 33.61 -2.59 -29.90
N GLY E 149 34.84 -2.55 -29.37
CA GLY E 149 35.77 -1.51 -29.68
C GLY E 149 35.71 -0.32 -28.75
N ILE E 150 34.67 -0.22 -27.93
CA ILE E 150 34.60 0.83 -26.92
C ILE E 150 35.38 0.36 -25.71
N LYS E 151 36.37 1.16 -25.30
CA LYS E 151 37.31 0.69 -24.28
C LYS E 151 36.62 0.38 -22.96
N VAL E 152 35.73 1.26 -22.51
CA VAL E 152 35.07 1.05 -21.23
C VAL E 152 34.16 -0.16 -21.28
N VAL E 153 33.39 -0.30 -22.37
CA VAL E 153 32.49 -1.46 -22.50
C VAL E 153 33.29 -2.74 -22.60
N ASP E 154 34.37 -2.74 -23.39
CA ASP E 154 35.19 -3.94 -23.51
C ASP E 154 35.82 -4.31 -22.17
N LEU E 155 36.25 -3.33 -21.40
CA LEU E 155 37.00 -3.61 -20.17
C LEU E 155 36.08 -3.96 -19.01
N LEU E 156 35.24 -3.03 -18.59
CA LEU E 156 34.54 -3.15 -17.31
C LEU E 156 33.17 -3.79 -17.43
N ALA E 157 32.68 -4.08 -18.63
CA ALA E 157 31.41 -4.77 -18.79
C ALA E 157 31.33 -5.39 -20.17
N PRO E 158 32.17 -6.37 -20.49
CA PRO E 158 32.21 -6.90 -21.85
C PRO E 158 30.88 -7.50 -22.26
N TYR E 159 30.51 -7.29 -23.52
CA TYR E 159 29.27 -7.82 -24.06
C TYR E 159 29.51 -9.25 -24.52
N ILE E 160 28.71 -10.18 -24.01
CA ILE E 160 28.81 -11.58 -24.42
C ILE E 160 28.16 -11.73 -25.78
N LYS E 161 28.87 -12.37 -26.72
CA LYS E 161 28.31 -12.64 -28.03
C LYS E 161 27.06 -13.51 -27.90
N GLY E 162 25.91 -12.94 -28.25
CA GLY E 162 24.64 -13.58 -27.98
C GLY E 162 24.01 -13.19 -26.66
N GLY E 163 24.70 -12.40 -25.83
CA GLY E 163 24.13 -11.96 -24.57
C GLY E 163 23.28 -10.71 -24.71
N LYS E 164 22.50 -10.44 -23.67
CA LYS E 164 21.59 -9.31 -23.65
C LYS E 164 22.10 -8.25 -22.68
N ILE E 165 22.05 -6.99 -23.13
CA ILE E 165 22.60 -5.87 -22.39
C ILE E 165 21.48 -4.87 -22.16
N GLY E 166 21.35 -4.42 -20.92
CA GLY E 166 20.43 -3.36 -20.57
C GLY E 166 21.13 -2.02 -20.56
N LEU E 167 20.39 -0.95 -20.83
CA LEU E 167 20.91 0.40 -20.83
C LEU E 167 20.07 1.29 -19.93
N PHE E 168 20.76 2.07 -19.08
CA PHE E 168 20.08 2.94 -18.14
C PHE E 168 20.68 4.34 -18.18
N GLY E 172 19.20 13.06 -21.47
CA GLY E 172 20.06 12.97 -22.63
C GLY E 172 21.52 12.81 -22.27
N VAL E 173 21.91 11.59 -21.89
CA VAL E 173 23.28 11.34 -21.44
C VAL E 173 24.18 10.91 -22.59
N GLY E 174 23.61 10.57 -23.75
CA GLY E 174 24.39 10.08 -24.86
C GLY E 174 24.08 8.64 -25.20
N LYS E 175 22.82 8.24 -24.98
CA LYS E 175 22.37 6.93 -25.43
C LYS E 175 22.41 6.85 -26.95
N THR E 176 22.03 7.94 -27.62
CA THR E 176 21.96 7.93 -29.09
C THR E 176 23.33 7.72 -29.70
N VAL E 177 24.30 8.53 -29.29
CA VAL E 177 25.65 8.43 -29.82
C VAL E 177 26.25 7.06 -29.51
N LEU E 178 25.98 6.52 -28.33
CA LEU E 178 26.52 5.20 -27.97
C LEU E 178 25.93 4.12 -28.85
N ILE E 179 24.61 4.17 -29.10
CA ILE E 179 23.99 3.18 -29.98
C ILE E 179 24.58 3.27 -31.37
N GLN E 180 24.73 4.48 -31.90
CA GLN E 180 25.25 4.65 -33.25
C GLN E 180 26.70 4.19 -33.34
N GLU E 181 27.49 4.48 -32.31
CA GLU E 181 28.88 4.08 -32.30
C GLU E 181 29.02 2.57 -32.26
N LEU E 182 28.19 1.90 -31.45
CA LEU E 182 28.22 0.44 -31.44
C LEU E 182 27.84 -0.11 -32.81
N ILE E 183 26.81 0.46 -33.43
CA ILE E 183 26.40 0.02 -34.76
C ILE E 183 27.57 0.14 -35.74
N HIS E 184 28.23 1.30 -35.75
CA HIS E 184 29.28 1.54 -36.73
C HIS E 184 30.50 0.68 -36.46
N ASN E 185 30.88 0.50 -35.19
CA ASN E 185 32.01 -0.36 -34.87
C ASN E 185 31.74 -1.80 -35.30
N ILE E 186 30.56 -2.33 -34.98
CA ILE E 186 30.24 -3.70 -35.35
C ILE E 186 30.21 -3.85 -36.86
N ALA E 187 29.64 -2.86 -37.57
CA ALA E 187 29.58 -2.94 -39.02
C ALA E 187 30.96 -2.90 -39.65
N GLN E 188 31.86 -2.07 -39.11
CA GLN E 188 33.16 -1.90 -39.77
C GLN E 188 34.16 -2.99 -39.40
N GLU E 189 34.02 -3.61 -38.22
CA GLU E 189 35.02 -4.56 -37.77
C GLU E 189 34.53 -6.01 -37.73
N HIS E 190 33.23 -6.24 -37.87
CA HIS E 190 32.70 -7.60 -37.89
C HIS E 190 31.82 -7.91 -39.08
N GLY E 191 31.53 -6.93 -39.95
CA GLY E 191 30.60 -7.17 -41.03
C GLY E 191 29.19 -7.45 -40.59
N GLY E 192 28.86 -7.13 -39.34
CA GLY E 192 27.54 -7.40 -38.79
C GLY E 192 26.68 -6.15 -38.82
N ILE E 193 25.48 -6.31 -39.38
CA ILE E 193 24.52 -5.22 -39.46
C ILE E 193 23.93 -4.96 -38.08
N SER E 194 23.14 -3.90 -37.96
CA SER E 194 22.36 -3.62 -36.78
C SER E 194 20.89 -3.44 -37.15
N VAL E 195 20.01 -3.78 -36.21
CA VAL E 195 18.58 -3.56 -36.35
C VAL E 195 18.14 -2.75 -35.15
N PHE E 196 17.20 -1.82 -35.37
CA PHE E 196 16.63 -1.01 -34.30
C PHE E 196 15.11 -1.15 -34.33
N ALA E 197 14.54 -1.60 -33.23
CA ALA E 197 13.10 -1.71 -33.06
C ALA E 197 12.67 -0.71 -31.99
N GLY E 198 11.83 0.24 -32.38
CA GLY E 198 11.25 1.17 -31.44
C GLY E 198 9.93 0.66 -30.93
N VAL E 199 9.84 0.46 -29.62
CA VAL E 199 8.66 -0.11 -28.98
C VAL E 199 8.21 0.87 -27.91
N GLY E 200 7.06 1.51 -28.15
CA GLY E 200 6.47 2.38 -27.14
C GLY E 200 7.33 3.55 -26.72
N GLU E 201 7.97 4.21 -27.67
CA GLU E 201 8.71 5.44 -27.40
C GLU E 201 8.10 6.57 -28.20
N ARG E 202 8.47 7.81 -27.85
CA ARG E 202 7.94 8.97 -28.54
C ARG E 202 8.26 8.91 -30.02
N THR E 203 7.27 9.21 -30.85
CA THR E 203 7.48 9.23 -32.29
C THR E 203 8.52 10.27 -32.69
N ARG E 204 8.55 11.39 -31.97
CA ARG E 204 9.58 12.39 -32.20
C ARG E 204 10.97 11.84 -31.96
N GLU E 205 11.12 10.84 -31.08
CA GLU E 205 12.41 10.19 -30.91
C GLU E 205 12.72 9.24 -32.05
N GLY E 206 11.71 8.60 -32.62
CA GLY E 206 11.93 7.81 -33.81
C GLY E 206 12.18 8.62 -35.05
N ASN E 207 11.95 9.93 -35.00
CA ASN E 207 12.40 10.83 -36.05
C ASN E 207 13.79 11.40 -35.78
N ASP E 208 14.03 11.83 -34.54
CA ASP E 208 15.35 12.34 -34.17
C ASP E 208 16.44 11.30 -34.40
N LEU E 209 16.23 10.07 -33.92
CA LEU E 209 17.23 9.03 -34.12
C LEU E 209 17.46 8.76 -35.60
N TYR E 210 16.39 8.68 -36.38
CA TYR E 210 16.56 8.44 -37.81
C TYR E 210 17.43 9.52 -38.43
N HIS E 211 17.18 10.78 -38.08
CA HIS E 211 17.98 11.86 -38.63
C HIS E 211 19.43 11.77 -38.16
N GLU E 212 19.66 11.41 -36.90
CA GLU E 212 21.03 11.27 -36.41
C GLU E 212 21.77 10.14 -37.14
N MET E 213 21.10 9.02 -37.40
CA MET E 213 21.73 7.95 -38.17
C MET E 213 22.01 8.41 -39.60
N LYS E 214 21.07 9.15 -40.20
CA LYS E 214 21.30 9.66 -41.54
C LYS E 214 22.54 10.55 -41.58
N ASP E 215 22.70 11.40 -40.58
CA ASP E 215 23.87 12.28 -40.54
C ASP E 215 25.15 11.47 -40.26
N SER E 216 25.07 10.49 -39.37
CA SER E 216 26.27 9.80 -38.91
C SER E 216 26.83 8.83 -39.94
N GLY E 217 25.98 8.24 -40.77
CA GLY E 217 26.43 7.29 -41.76
C GLY E 217 26.25 5.83 -41.40
N VAL E 218 25.58 5.53 -40.28
CA VAL E 218 25.25 4.14 -39.94
C VAL E 218 23.96 3.69 -40.58
N ILE E 219 23.17 4.61 -41.15
CA ILE E 219 21.91 4.26 -41.79
C ILE E 219 22.14 3.21 -42.88
N SER E 220 23.29 3.26 -43.55
CA SER E 220 23.57 2.32 -44.62
C SER E 220 23.69 0.88 -44.15
N LYS E 221 23.82 0.65 -42.84
CA LYS E 221 23.95 -0.70 -42.31
C LYS E 221 22.84 -1.11 -41.36
N THR E 222 21.97 -0.18 -40.96
CA THR E 222 20.96 -0.45 -39.95
C THR E 222 19.58 -0.59 -40.60
N ALA E 223 18.82 -1.58 -40.14
CA ALA E 223 17.40 -1.69 -40.44
C ALA E 223 16.61 -1.11 -39.28
N MET E 224 15.41 -0.62 -39.59
CA MET E 224 14.57 0.01 -38.57
C MET E 224 13.15 -0.48 -38.66
N VAL E 225 12.53 -0.66 -37.50
CA VAL E 225 11.10 -0.92 -37.39
C VAL E 225 10.57 -0.12 -36.21
N PHE E 226 9.40 0.52 -36.39
CA PHE E 226 8.88 1.47 -35.42
C PHE E 226 7.41 1.15 -35.12
N GLY E 227 7.12 0.82 -33.86
CA GLY E 227 5.78 0.89 -33.34
C GLY E 227 5.83 1.71 -32.06
N GLN E 228 5.20 2.87 -32.07
CA GLN E 228 5.41 3.86 -31.02
C GLN E 228 4.16 3.97 -30.13
N MET E 229 4.18 4.96 -29.23
CA MET E 229 3.10 5.12 -28.27
C MET E 229 1.73 5.19 -28.93
N ASN E 230 1.64 5.88 -30.06
CA ASN E 230 0.36 6.07 -30.73
C ASN E 230 -0.21 4.78 -31.33
N GLU E 231 0.59 3.73 -31.44
CA GLU E 231 0.14 2.51 -32.09
C GLU E 231 -0.78 1.71 -31.17
N PRO E 232 -1.66 0.89 -31.76
CA PRO E 232 -2.51 0.02 -30.96
C PRO E 232 -1.68 -0.98 -30.17
N PRO E 233 -2.26 -1.64 -29.16
CA PRO E 233 -1.46 -2.55 -28.32
C PRO E 233 -0.79 -3.67 -29.09
N GLY E 234 -1.46 -4.22 -30.10
CA GLY E 234 -0.87 -5.34 -30.83
C GLY E 234 0.42 -4.96 -31.54
N ALA E 235 0.43 -3.80 -32.20
CA ALA E 235 1.64 -3.37 -32.91
C ALA E 235 2.80 -3.15 -31.95
N ARG E 236 2.53 -2.50 -30.81
CA ARG E 236 3.57 -2.31 -29.81
C ARG E 236 4.06 -3.64 -29.26
N MET E 237 3.19 -4.64 -29.18
CA MET E 237 3.61 -5.95 -28.70
C MET E 237 4.48 -6.67 -29.72
N ARG E 238 4.18 -6.51 -31.01
CA ARG E 238 4.82 -7.32 -32.04
C ARG E 238 6.01 -6.66 -32.73
N VAL E 239 6.27 -5.37 -32.48
CA VAL E 239 7.38 -4.72 -33.17
C VAL E 239 8.72 -5.29 -32.73
N ALA E 240 8.86 -5.64 -31.45
CA ALA E 240 10.11 -6.25 -31.00
C ALA E 240 10.35 -7.57 -31.71
N LEU E 241 9.30 -8.38 -31.86
CA LEU E 241 9.44 -9.66 -32.54
C LEU E 241 9.77 -9.48 -34.01
N THR E 242 9.19 -8.47 -34.68
CA THR E 242 9.51 -8.28 -36.09
C THR E 242 10.92 -7.71 -36.28
N GLY E 243 11.42 -6.93 -35.33
CA GLY E 243 12.83 -6.55 -35.40
C GLY E 243 13.74 -7.75 -35.18
N LEU E 244 13.38 -8.61 -34.25
CA LEU E 244 14.14 -9.84 -34.07
C LEU E 244 14.09 -10.70 -35.33
N THR E 245 12.98 -10.67 -36.06
CA THR E 245 12.89 -11.35 -37.35
C THR E 245 13.82 -10.69 -38.38
N MET E 246 13.92 -9.35 -38.35
CA MET E 246 14.94 -8.67 -39.14
C MET E 246 16.29 -9.31 -38.90
N ALA E 247 16.67 -9.44 -37.63
CA ALA E 247 18.02 -9.91 -37.29
C ALA E 247 18.20 -11.41 -37.52
N GLU E 248 17.12 -12.18 -37.52
CA GLU E 248 17.23 -13.63 -37.65
C GLU E 248 17.81 -14.04 -39.00
N TYR E 249 17.39 -13.37 -40.07
CA TYR E 249 17.90 -13.71 -41.40
C TYR E 249 19.42 -13.56 -41.46
N PHE E 250 19.93 -12.47 -40.89
CA PHE E 250 21.38 -12.25 -40.89
C PHE E 250 22.11 -13.14 -39.91
N ARG E 251 21.43 -13.62 -38.87
CA ARG E 251 22.07 -14.58 -37.97
C ARG E 251 22.17 -15.96 -38.60
N ASP E 252 21.14 -16.40 -39.31
CA ASP E 252 21.11 -17.77 -39.82
C ASP E 252 21.65 -17.91 -41.24
N GLU E 253 21.54 -16.87 -42.07
CA GLU E 253 22.05 -16.92 -43.43
C GLU E 253 23.40 -16.23 -43.56
N GLN E 254 23.45 -14.94 -43.21
CA GLN E 254 24.73 -14.23 -43.25
C GLN E 254 25.68 -14.76 -42.19
N GLY E 255 25.17 -15.05 -41.00
CA GLY E 255 25.98 -15.61 -39.93
C GLY E 255 27.02 -14.68 -39.35
N GLN E 256 26.68 -13.40 -39.18
CA GLN E 256 27.57 -12.43 -38.56
C GLN E 256 27.01 -11.99 -37.22
N ASP E 257 27.83 -11.22 -36.49
CA ASP E 257 27.48 -10.77 -35.14
C ASP E 257 26.47 -9.63 -35.25
N VAL E 258 25.20 -10.00 -35.43
CA VAL E 258 24.15 -9.01 -35.59
C VAL E 258 23.87 -8.35 -34.24
N LEU E 259 23.42 -7.10 -34.30
CA LEU E 259 22.96 -6.38 -33.12
C LEU E 259 21.47 -6.08 -33.26
N LEU E 260 20.74 -6.21 -32.15
CA LEU E 260 19.32 -5.89 -32.10
C LEU E 260 19.09 -4.92 -30.96
N PHE E 261 18.70 -3.69 -31.28
CA PHE E 261 18.43 -2.66 -30.32
C PHE E 261 16.93 -2.55 -30.09
N ILE E 262 16.53 -2.46 -28.83
CA ILE E 262 15.12 -2.32 -28.46
C ILE E 262 15.01 -1.11 -27.55
N ASP E 263 14.39 -0.04 -28.05
CA ASP E 263 14.37 1.23 -27.34
C ASP E 263 13.52 1.20 -26.07
N ASN E 264 12.66 0.20 -25.91
CA ASN E 264 12.01 -0.01 -24.62
C ASN E 264 11.41 -1.41 -24.59
N ILE E 265 11.84 -2.22 -23.62
CA ILE E 265 11.26 -3.53 -23.39
C ILE E 265 10.07 -3.45 -22.44
N PHE E 266 10.16 -2.57 -21.44
CA PHE E 266 9.05 -2.38 -20.53
C PHE E 266 7.79 -1.98 -21.26
N ARG E 267 7.92 -1.21 -22.34
CA ARG E 267 6.75 -0.90 -23.15
C ARG E 267 6.21 -2.14 -23.86
N PHE E 268 7.10 -3.06 -24.24
CA PHE E 268 6.64 -4.31 -24.85
C PHE E 268 5.83 -5.13 -23.86
N THR E 269 6.31 -5.23 -22.61
CA THR E 269 5.53 -5.95 -21.60
C THR E 269 4.26 -5.21 -21.22
N GLN E 270 4.28 -3.87 -21.25
CA GLN E 270 3.08 -3.09 -21.00
C GLN E 270 2.03 -3.33 -22.08
N ALA E 271 2.44 -3.35 -23.33
CA ALA E 271 1.53 -3.68 -24.42
C ALA E 271 1.01 -5.10 -24.27
N GLY E 272 1.86 -6.02 -23.82
CA GLY E 272 1.40 -7.37 -23.54
C GLY E 272 0.32 -7.40 -22.48
N SER E 273 0.52 -6.63 -21.39
CA SER E 273 -0.49 -6.57 -20.33
C SER E 273 -1.79 -5.99 -20.86
N GLU E 274 -1.72 -4.95 -21.68
CA GLU E 274 -2.92 -4.36 -22.24
C GLU E 274 -3.66 -5.35 -23.14
N VAL E 275 -2.91 -6.07 -23.99
CA VAL E 275 -3.53 -7.06 -24.87
C VAL E 275 -4.19 -8.17 -24.08
N SER E 276 -3.51 -8.65 -23.04
CA SER E 276 -4.07 -9.70 -22.21
C SER E 276 -5.34 -9.24 -21.51
N ALA E 277 -5.34 -7.99 -21.00
CA ALA E 277 -6.54 -7.46 -20.38
C ALA E 277 -7.68 -7.36 -21.37
N LEU E 278 -7.38 -6.95 -22.61
CA LEU E 278 -8.41 -6.88 -23.63
C LEU E 278 -8.96 -8.26 -23.97
N LEU E 279 -8.09 -9.27 -24.00
CA LEU E 279 -8.52 -10.63 -24.28
C LEU E 279 -9.37 -11.23 -23.17
N GLY E 280 -9.43 -10.59 -22.01
CA GLY E 280 -10.26 -11.06 -20.92
C GLY E 280 -9.55 -11.94 -19.92
N ARG E 281 -8.23 -12.03 -19.98
CA ARG E 281 -7.50 -12.85 -19.02
C ARG E 281 -7.53 -12.22 -17.64
N MET E 282 -7.36 -13.06 -16.63
CA MET E 282 -7.36 -12.60 -15.25
C MET E 282 -6.04 -11.91 -14.93
N PRO E 283 -6.07 -10.72 -14.34
CA PRO E 283 -4.82 -9.99 -14.08
C PRO E 283 -3.90 -10.69 -13.08
N SER E 284 -2.72 -10.12 -12.87
CA SER E 284 -1.73 -10.72 -11.99
C SER E 284 -0.79 -9.64 -11.48
N ALA E 285 -0.10 -9.96 -10.39
CA ALA E 285 0.95 -9.14 -9.79
C ALA E 285 0.43 -7.70 -9.71
N VAL E 286 1.16 -6.71 -10.23
CA VAL E 286 0.65 -5.33 -10.28
C VAL E 286 -0.06 -5.20 -11.62
N GLY E 287 -1.27 -5.75 -11.68
CA GLY E 287 -2.09 -5.68 -12.88
C GLY E 287 -1.52 -6.30 -14.14
N TYR E 288 -0.36 -6.96 -14.06
CA TYR E 288 0.27 -7.52 -15.24
C TYR E 288 -0.45 -8.79 -15.70
N GLN E 289 -0.10 -9.23 -16.90
CA GLN E 289 -0.71 -10.42 -17.46
C GLN E 289 -0.17 -11.67 -16.76
N PRO E 290 -0.93 -12.77 -16.80
CA PRO E 290 -0.37 -14.03 -16.29
C PRO E 290 0.87 -14.48 -17.03
N THR E 291 0.93 -14.21 -18.34
CA THR E 291 1.98 -14.75 -19.20
C THR E 291 3.15 -13.80 -19.36
N LEU E 292 3.46 -13.00 -18.34
CA LEU E 292 4.57 -12.06 -18.43
C LEU E 292 5.89 -12.79 -18.68
N ALA E 293 6.20 -13.77 -17.84
CA ALA E 293 7.46 -14.49 -17.97
C ALA E 293 7.52 -15.27 -19.28
N THR E 294 6.41 -15.91 -19.66
CA THR E 294 6.41 -16.70 -20.89
C THR E 294 6.64 -15.81 -22.11
N GLU E 295 5.94 -14.68 -22.17
CA GLU E 295 6.09 -13.76 -23.31
C GLU E 295 7.50 -13.22 -23.38
N MET E 296 8.02 -12.75 -22.24
CA MET E 296 9.34 -12.14 -22.24
C MET E 296 10.42 -13.17 -22.57
N GLY E 297 10.27 -14.39 -22.07
CA GLY E 297 11.22 -15.45 -22.43
C GLY E 297 11.14 -15.81 -23.90
N GLN E 298 9.93 -15.94 -24.43
CA GLN E 298 9.78 -16.22 -25.86
C GLN E 298 10.38 -15.12 -26.71
N LEU E 299 10.49 -13.90 -26.18
CA LEU E 299 11.24 -12.86 -26.87
C LEU E 299 12.75 -13.07 -26.72
N GLN E 300 13.24 -13.07 -25.48
CA GLN E 300 14.68 -13.03 -25.21
C GLN E 300 15.39 -14.35 -25.50
N GLU E 301 14.67 -15.45 -25.66
CA GLU E 301 15.33 -16.74 -25.90
C GLU E 301 15.67 -16.98 -27.36
N ARG E 302 15.17 -16.15 -28.28
CA ARG E 302 15.62 -16.19 -29.66
C ARG E 302 16.87 -15.35 -29.87
N ILE E 303 17.28 -14.59 -28.87
CA ILE E 303 18.47 -13.76 -28.94
C ILE E 303 19.58 -14.55 -28.28
N THR E 304 20.27 -15.38 -29.06
CA THR E 304 21.31 -16.25 -28.55
C THR E 304 22.35 -16.50 -29.65
N SER E 305 23.50 -17.02 -29.23
CA SER E 305 24.53 -17.41 -30.17
C SER E 305 24.21 -18.77 -30.78
N THR E 306 24.71 -18.99 -32.00
CA THR E 306 24.45 -20.22 -32.73
C THR E 306 25.70 -20.55 -33.52
N ALA E 307 25.82 -21.82 -33.94
CA ALA E 307 27.01 -22.27 -34.65
C ALA E 307 27.24 -21.53 -35.95
N LYS E 308 26.23 -20.88 -36.50
CA LYS E 308 26.36 -20.10 -37.72
C LYS E 308 26.58 -18.62 -37.45
N GLY E 309 25.91 -18.07 -36.45
CA GLY E 309 26.04 -16.66 -36.14
C GLY E 309 25.39 -16.35 -34.82
N SER E 310 25.36 -15.06 -34.48
CA SER E 310 24.83 -14.64 -33.19
C SER E 310 24.04 -13.34 -33.34
N ILE E 311 23.07 -13.18 -32.45
CA ILE E 311 22.33 -11.92 -32.30
C ILE E 311 22.60 -11.43 -30.88
N THR E 312 23.42 -10.40 -30.76
CA THR E 312 23.53 -9.70 -29.49
C THR E 312 22.40 -8.69 -29.39
N SER E 313 21.98 -8.40 -28.17
CA SER E 313 20.86 -7.50 -27.95
C SER E 313 21.26 -6.37 -27.00
N ILE E 314 20.76 -5.18 -27.30
CA ILE E 314 20.92 -4.00 -26.46
C ILE E 314 19.54 -3.40 -26.26
N GLN E 315 19.14 -3.26 -24.99
CA GLN E 315 17.77 -2.92 -24.65
C GLN E 315 17.75 -1.78 -23.64
N ALA E 316 16.94 -0.77 -23.92
CA ALA E 316 16.67 0.30 -22.97
C ALA E 316 15.50 -0.10 -22.09
N ILE E 317 15.69 0.00 -20.77
CA ILE E 317 14.73 -0.53 -19.82
C ILE E 317 14.22 0.58 -18.91
N TYR E 318 14.06 1.78 -19.46
CA TYR E 318 13.60 2.91 -18.66
C TYR E 318 12.32 2.55 -17.90
N VAL E 319 12.41 2.58 -16.58
CA VAL E 319 11.28 2.31 -15.69
C VAL E 319 10.79 3.64 -15.16
N PRO E 320 9.60 4.11 -15.56
CA PRO E 320 9.11 5.41 -15.07
C PRO E 320 8.93 5.45 -13.56
N ALA E 321 8.78 4.30 -12.90
CA ALA E 321 8.66 4.26 -11.45
C ALA E 321 10.00 4.09 -10.75
N ASP E 322 11.00 3.58 -11.45
CA ASP E 322 12.35 3.33 -10.93
C ASP E 322 12.37 2.30 -9.80
N ASP E 323 11.25 1.62 -9.56
CA ASP E 323 11.20 0.51 -8.62
C ASP E 323 11.53 -0.76 -9.40
N TYR E 324 12.81 -1.15 -9.37
CA TYR E 324 13.25 -2.30 -10.15
C TYR E 324 12.70 -3.63 -9.64
N THR E 325 12.10 -3.64 -8.46
CA THR E 325 11.45 -4.84 -7.94
C THR E 325 10.07 -5.06 -8.55
N ASP E 326 9.61 -4.13 -9.39
CA ASP E 326 8.36 -4.31 -10.11
C ASP E 326 8.46 -5.56 -11.00
N PRO E 327 7.34 -6.25 -11.24
CA PRO E 327 7.40 -7.48 -12.03
C PRO E 327 8.13 -7.36 -13.36
N ALA E 328 7.81 -6.35 -14.16
CA ALA E 328 8.46 -6.20 -15.46
C ALA E 328 9.96 -5.94 -15.35
N PRO E 329 10.43 -4.98 -14.54
CA PRO E 329 11.89 -4.83 -14.40
C PRO E 329 12.60 -6.08 -13.89
N ALA E 330 12.00 -6.79 -12.93
CA ALA E 330 12.65 -8.00 -12.41
C ALA E 330 12.72 -9.08 -13.47
N THR E 331 11.63 -9.28 -14.23
CA THR E 331 11.64 -10.25 -15.31
C THR E 331 12.64 -9.87 -16.38
N THR E 332 12.76 -8.57 -16.67
CA THR E 332 13.77 -8.13 -17.62
C THR E 332 15.17 -8.45 -17.14
N PHE E 333 15.45 -8.12 -15.87
CA PHE E 333 16.80 -8.32 -15.33
C PHE E 333 17.14 -9.80 -15.26
N SER E 334 16.14 -10.67 -15.10
CA SER E 334 16.40 -12.10 -15.07
C SER E 334 17.02 -12.60 -16.38
N HIS E 335 16.81 -11.88 -17.48
CA HIS E 335 17.35 -12.27 -18.77
C HIS E 335 18.67 -11.58 -19.12
N LEU E 336 18.97 -10.45 -18.51
CA LEU E 336 20.13 -9.67 -18.90
C LEU E 336 21.42 -10.38 -18.53
N ASP E 337 22.40 -10.31 -19.43
CA ASP E 337 23.75 -10.75 -19.14
C ASP E 337 24.69 -9.59 -18.83
N ALA E 338 24.35 -8.38 -19.25
CA ALA E 338 25.20 -7.23 -18.96
C ALA E 338 24.34 -5.99 -18.75
N THR E 339 24.90 -5.03 -18.03
CA THR E 339 24.18 -3.80 -17.71
C THR E 339 25.11 -2.61 -17.91
N THR E 340 24.65 -1.61 -18.65
CA THR E 340 25.40 -0.40 -18.93
C THR E 340 24.62 0.79 -18.40
N ASN E 341 25.23 1.54 -17.50
CA ASN E 341 24.61 2.69 -16.87
C ASN E 341 25.30 3.97 -17.31
N LEU E 342 24.52 4.93 -17.77
CA LEU E 342 25.02 6.22 -18.22
C LEU E 342 24.70 7.27 -17.18
N GLU E 343 25.72 8.03 -16.77
CA GLU E 343 25.61 8.98 -15.69
C GLU E 343 25.67 10.40 -16.25
N ARG E 344 24.72 11.25 -15.84
CA ARG E 344 24.71 12.63 -16.31
C ARG E 344 25.92 13.40 -15.80
N LYS E 345 26.42 13.07 -14.61
CA LYS E 345 27.61 13.73 -14.09
C LYS E 345 28.82 13.49 -14.99
N LEU E 346 28.97 12.26 -15.48
CA LEU E 346 30.03 11.96 -16.43
C LEU E 346 29.83 12.71 -17.74
N ALA E 347 28.58 12.78 -18.22
CA ALA E 347 28.29 13.47 -19.48
C ALA E 347 28.63 14.95 -19.39
N GLU E 348 28.30 15.59 -18.29
CA GLU E 348 28.60 17.01 -18.12
C GLU E 348 30.05 17.27 -17.74
N MET E 349 30.84 16.22 -17.51
CA MET E 349 32.27 16.34 -17.28
C MET E 349 33.08 16.09 -18.56
N GLY E 350 32.41 15.97 -19.70
CA GLY E 350 33.09 15.72 -20.96
C GLY E 350 33.81 14.39 -20.98
N ILE E 351 33.13 13.33 -20.55
CA ILE E 351 33.74 12.02 -20.39
C ILE E 351 32.94 11.06 -21.27
N TYR E 352 32.49 11.56 -22.41
CA TYR E 352 31.73 10.72 -23.34
C TYR E 352 32.53 9.47 -23.69
N PRO E 353 31.89 8.30 -23.80
CA PRO E 353 30.44 8.04 -23.83
C PRO E 353 29.75 8.09 -22.46
N ALA E 354 30.47 8.46 -21.40
CA ALA E 354 29.88 8.69 -20.08
C ALA E 354 29.19 7.44 -19.54
N VAL E 355 29.87 6.30 -19.65
CA VAL E 355 29.39 5.05 -19.09
C VAL E 355 29.97 4.91 -17.69
N ASP E 356 29.10 4.64 -16.72
CA ASP E 356 29.53 4.57 -15.32
C ASP E 356 30.44 3.37 -15.12
N PRO E 357 31.68 3.57 -14.65
CA PRO E 357 32.58 2.43 -14.49
C PRO E 357 32.22 1.52 -13.33
N LEU E 358 31.60 2.06 -12.27
CA LEU E 358 31.32 1.30 -11.07
C LEU E 358 29.93 0.68 -11.10
N ALA E 359 28.95 1.41 -11.62
CA ALA E 359 27.58 0.89 -11.66
C ALA E 359 27.42 -0.17 -12.75
N SER E 360 28.20 -0.09 -13.82
CA SER E 360 28.10 -1.07 -14.89
C SER E 360 28.65 -2.41 -14.44
N THR E 361 27.88 -3.48 -14.66
CA THR E 361 28.28 -4.82 -14.27
C THR E 361 27.93 -5.79 -15.39
N SER E 362 28.73 -6.84 -15.50
CA SER E 362 28.50 -7.91 -16.46
C SER E 362 28.94 -9.22 -15.86
N ARG E 363 28.23 -10.29 -16.21
CA ARG E 363 28.63 -11.61 -15.74
C ARG E 363 29.88 -12.12 -16.45
N ALA E 364 30.36 -11.42 -17.47
CA ALA E 364 31.56 -11.81 -18.19
C ALA E 364 32.83 -11.25 -17.57
N LEU E 365 32.74 -10.42 -16.54
CA LEU E 365 33.92 -9.89 -15.86
C LEU E 365 34.38 -10.90 -14.82
N ALA E 366 34.83 -12.04 -15.32
CA ALA E 366 35.26 -13.17 -14.51
C ALA E 366 36.47 -13.80 -15.17
N PRO E 367 37.30 -14.51 -14.40
CA PRO E 367 38.57 -15.00 -14.96
C PRO E 367 38.41 -15.96 -16.13
N GLU E 368 37.37 -16.79 -16.14
CA GLU E 368 37.33 -17.87 -17.11
C GLU E 368 37.00 -17.39 -18.51
N ILE E 369 36.22 -16.32 -18.65
CA ILE E 369 35.82 -15.86 -19.97
C ILE E 369 36.90 -14.97 -20.59
N VAL E 370 37.34 -13.95 -19.84
CA VAL E 370 38.22 -12.93 -20.39
C VAL E 370 39.68 -13.17 -20.08
N GLY E 371 40.01 -14.21 -19.32
CA GLY E 371 41.38 -14.47 -18.95
C GLY E 371 41.77 -13.80 -17.65
N GLU E 372 42.90 -14.25 -17.10
CA GLU E 372 43.32 -13.75 -15.80
C GLU E 372 43.81 -12.30 -15.87
N GLU E 373 44.50 -11.93 -16.95
CA GLU E 373 45.03 -10.57 -17.04
C GLU E 373 43.91 -9.55 -17.19
N HIS E 374 42.95 -9.82 -18.07
CA HIS E 374 41.79 -8.95 -18.21
C HIS E 374 41.06 -8.81 -16.89
N TYR E 375 40.80 -9.95 -16.24
CA TYR E 375 40.10 -9.96 -14.96
C TYR E 375 40.82 -9.07 -13.94
N GLN E 376 42.12 -9.30 -13.75
CA GLN E 376 42.85 -8.57 -12.73
C GLN E 376 42.93 -7.09 -13.04
N VAL E 377 43.21 -6.72 -14.30
CA VAL E 377 43.34 -5.32 -14.63
C VAL E 377 42.00 -4.60 -14.45
N ALA E 378 40.91 -5.20 -14.93
CA ALA E 378 39.61 -4.56 -14.81
C ALA E 378 39.19 -4.42 -13.35
N ARG E 379 39.41 -5.47 -12.55
CA ARG E 379 39.03 -5.39 -11.14
C ARG E 379 39.86 -4.36 -10.39
N LYS E 380 41.17 -4.29 -10.67
CA LYS E 380 41.99 -3.30 -9.99
C LYS E 380 41.60 -1.89 -10.41
N VAL E 381 41.24 -1.70 -11.69
CA VAL E 381 40.78 -0.39 -12.14
C VAL E 381 39.49 -0.02 -11.43
N GLN E 382 38.56 -0.97 -11.31
CA GLN E 382 37.31 -0.70 -10.60
C GLN E 382 37.57 -0.32 -9.15
N GLN E 383 38.48 -1.04 -8.49
CA GLN E 383 38.83 -0.73 -7.11
C GLN E 383 39.43 0.66 -6.99
N THR E 384 40.30 1.03 -7.93
CA THR E 384 40.92 2.35 -7.87
C THR E 384 39.90 3.47 -8.04
N LEU E 385 38.99 3.32 -9.02
CA LEU E 385 37.98 4.36 -9.18
C LEU E 385 37.00 4.39 -8.01
N GLN E 386 36.70 3.24 -7.40
CA GLN E 386 35.85 3.26 -6.20
C GLN E 386 36.55 3.98 -5.05
N ARG E 387 37.86 3.75 -4.89
CA ARG E 387 38.61 4.46 -3.87
C ARG E 387 38.63 5.95 -4.15
N TYR E 388 38.75 6.33 -5.42
CA TYR E 388 38.66 7.75 -5.78
C TYR E 388 37.29 8.32 -5.43
N LYS E 389 36.23 7.57 -5.73
CA LYS E 389 34.87 8.05 -5.45
C LYS E 389 34.65 8.27 -3.97
N GLU E 390 35.13 7.34 -3.13
CA GLU E 390 34.96 7.54 -1.70
C GLU E 390 35.90 8.62 -1.17
N LEU E 391 37.05 8.82 -1.83
CA LEU E 391 38.02 9.81 -1.38
C LEU E 391 37.50 11.23 -1.61
N GLN E 392 36.66 11.43 -2.62
CA GLN E 392 36.14 12.76 -2.92
C GLN E 392 35.37 13.36 -1.75
N ASP E 393 34.88 12.52 -0.84
CA ASP E 393 34.19 12.99 0.35
C ASP E 393 35.09 13.88 1.20
N GLU E 402 46.10 17.69 3.96
CA GLU E 402 44.72 17.30 3.65
C GLU E 402 44.65 15.84 3.23
N LEU E 403 45.56 15.43 2.35
CA LEU E 403 45.61 14.07 1.83
C LEU E 403 47.01 13.51 1.99
N SER E 404 47.09 12.21 2.26
CA SER E 404 48.38 11.56 2.43
C SER E 404 49.04 11.31 1.07
N ASP E 405 50.29 10.86 1.12
CA ASP E 405 51.05 10.65 -0.11
C ASP E 405 50.44 9.54 -0.96
N GLU E 406 50.11 8.40 -0.34
CA GLU E 406 49.49 7.32 -1.09
C GLU E 406 48.10 7.70 -1.56
N ASP E 407 47.37 8.49 -0.76
CA ASP E 407 46.06 8.99 -1.20
C ASP E 407 46.21 9.88 -2.43
N LYS E 408 47.21 10.75 -2.43
CA LYS E 408 47.46 11.58 -3.60
C LYS E 408 47.83 10.72 -4.81
N LEU E 409 48.64 9.69 -4.60
CA LEU E 409 49.02 8.81 -5.69
C LEU E 409 47.80 8.12 -6.31
N VAL E 410 46.93 7.55 -5.46
CA VAL E 410 45.78 6.82 -6.00
C VAL E 410 44.80 7.80 -6.64
N VAL E 411 44.64 9.00 -6.06
CA VAL E 411 43.71 9.95 -6.65
C VAL E 411 44.21 10.42 -8.02
N HIS E 412 45.52 10.63 -8.15
CA HIS E 412 46.07 11.00 -9.45
C HIS E 412 45.87 9.89 -10.46
N ARG E 413 46.26 8.66 -10.10
CA ARG E 413 46.10 7.54 -11.01
C ARG E 413 44.65 7.36 -11.43
N ALA E 414 43.73 7.44 -10.47
CA ALA E 414 42.32 7.24 -10.75
C ALA E 414 41.78 8.34 -11.65
N ARG E 415 42.24 9.58 -11.46
CA ARG E 415 41.83 10.65 -12.38
C ARG E 415 42.31 10.37 -13.79
N ARG E 416 43.55 9.87 -13.93
CA ARG E 416 44.03 9.54 -15.27
C ARG E 416 43.21 8.41 -15.90
N ILE E 417 42.89 7.36 -15.13
CA ILE E 417 42.08 6.28 -15.70
C ILE E 417 40.70 6.78 -16.06
N GLN E 418 40.08 7.59 -15.20
CA GLN E 418 38.75 8.09 -15.46
C GLN E 418 38.72 8.94 -16.72
N PHE E 419 39.72 9.81 -16.89
CA PHE E 419 39.75 10.63 -18.09
C PHE E 419 40.05 9.79 -19.33
N PHE E 420 40.96 8.82 -19.20
CA PHE E 420 41.26 7.93 -20.30
C PHE E 420 40.10 7.01 -20.65
N LEU E 421 39.16 6.81 -19.73
CA LEU E 421 38.03 5.94 -20.03
C LEU E 421 37.17 6.49 -21.15
N SER E 422 37.32 7.77 -21.49
CA SER E 422 36.66 8.35 -22.64
C SER E 422 37.35 7.90 -23.93
N GLN E 423 36.67 8.12 -25.05
CA GLN E 423 37.14 7.61 -26.33
C GLN E 423 36.65 8.51 -27.46
N ASN E 424 37.55 8.87 -28.36
CA ASN E 424 37.14 9.54 -29.59
C ASN E 424 36.33 8.57 -30.45
N PHE E 425 35.29 9.09 -31.08
CA PHE E 425 34.29 8.26 -31.72
C PHE E 425 34.18 8.61 -33.20
N HIS E 426 33.81 7.61 -34.01
CA HIS E 426 33.60 7.83 -35.43
C HIS E 426 32.41 8.74 -35.69
N VAL E 427 31.37 8.67 -34.84
CA VAL E 427 30.15 9.45 -35.06
C VAL E 427 30.28 10.89 -34.56
N ALA E 428 31.43 11.27 -34.02
CA ALA E 428 31.62 12.63 -33.52
C ALA E 428 32.47 13.44 -34.50
N PRO E 435 38.32 12.34 -36.36
CA PRO E 435 38.55 10.91 -36.60
C PRO E 435 38.29 10.06 -35.36
N GLY E 436 37.58 8.95 -35.54
CA GLY E 436 37.23 8.06 -34.45
C GLY E 436 38.27 6.98 -34.23
N SER E 437 37.85 5.94 -33.50
CA SER E 437 38.77 4.88 -33.10
C SER E 437 38.00 3.60 -32.82
N TYR E 438 38.66 2.46 -33.07
CA TYR E 438 38.19 1.13 -32.69
C TYR E 438 39.36 0.46 -31.97
N VAL E 439 39.41 0.61 -30.64
CA VAL E 439 40.53 0.11 -29.84
C VAL E 439 40.22 -1.33 -29.47
N PRO E 440 41.05 -2.30 -29.85
CA PRO E 440 40.77 -3.70 -29.52
C PRO E 440 40.91 -3.96 -28.02
N VAL E 441 40.12 -4.92 -27.54
CA VAL E 441 40.05 -5.19 -26.11
C VAL E 441 41.40 -5.62 -25.55
N LYS E 442 42.19 -6.33 -26.35
CA LYS E 442 43.55 -6.68 -25.93
C LYS E 442 44.36 -5.43 -25.64
N GLU E 443 44.27 -4.44 -26.53
CA GLU E 443 44.99 -3.19 -26.33
C GLU E 443 44.43 -2.41 -25.15
N THR E 444 43.11 -2.45 -24.94
CA THR E 444 42.53 -1.83 -23.75
C THR E 444 43.14 -2.41 -22.48
N VAL E 445 43.19 -3.74 -22.40
CA VAL E 445 43.71 -4.39 -21.20
C VAL E 445 45.18 -4.05 -21.02
N ARG E 446 45.97 -4.13 -22.09
CA ARG E 446 47.39 -3.82 -21.98
C ARG E 446 47.62 -2.38 -21.53
N GLY E 447 46.88 -1.44 -22.12
CA GLY E 447 47.07 -0.05 -21.78
C GLY E 447 46.61 0.28 -20.38
N PHE E 448 45.49 -0.31 -19.94
CA PHE E 448 45.06 -0.05 -18.57
C PHE E 448 46.00 -0.68 -17.57
N LYS E 449 46.58 -1.84 -17.89
CA LYS E 449 47.62 -2.40 -17.03
C LYS E 449 48.83 -1.46 -16.96
N GLU E 450 49.24 -0.90 -18.10
CA GLU E 450 50.37 0.01 -18.10
C GLU E 450 50.08 1.28 -17.31
N ILE E 451 48.86 1.81 -17.43
CA ILE E 451 48.47 2.96 -16.63
C ILE E 451 48.49 2.61 -15.14
N LEU E 452 48.03 1.41 -14.80
CA LEU E 452 47.99 0.99 -13.41
C LEU E 452 49.38 0.93 -12.79
N GLU E 453 50.36 0.41 -13.53
CA GLU E 453 51.69 0.18 -13.01
C GLU E 453 52.53 1.45 -12.90
N GLY E 454 51.93 2.63 -13.03
CA GLY E 454 52.66 3.88 -12.88
C GLY E 454 53.38 4.35 -14.12
N LYS E 455 53.31 3.60 -15.21
CA LYS E 455 53.93 4.04 -16.45
C LYS E 455 53.23 5.28 -16.98
N TYR E 456 53.99 6.15 -17.64
CA TYR E 456 53.50 7.42 -18.17
C TYR E 456 52.98 8.33 -17.06
N ASP E 457 53.53 8.21 -15.86
CA ASP E 457 53.08 9.04 -14.74
C ASP E 457 53.43 10.50 -14.96
N HIS E 458 54.50 10.78 -15.71
CA HIS E 458 54.99 12.15 -15.82
C HIS E 458 54.10 13.00 -16.73
N LEU E 459 53.59 12.41 -17.81
CA LEU E 459 52.84 13.18 -18.78
C LEU E 459 51.52 13.69 -18.17
N PRO E 460 50.99 14.79 -18.68
CA PRO E 460 49.86 15.45 -17.99
C PRO E 460 48.60 14.60 -18.00
N GLU E 461 47.77 14.83 -16.98
CA GLU E 461 46.47 14.16 -16.90
C GLU E 461 45.52 14.63 -17.99
N ASP E 462 45.75 15.81 -18.58
CA ASP E 462 44.93 16.27 -19.70
C ASP E 462 45.24 15.53 -20.99
N ALA E 463 46.26 14.68 -20.99
CA ALA E 463 46.62 13.92 -22.19
C ALA E 463 45.67 12.76 -22.48
N PHE E 464 44.68 12.51 -21.62
CA PHE E 464 43.77 11.38 -21.79
C PHE E 464 42.35 11.79 -22.13
N ARG E 465 42.14 13.02 -22.63
CA ARG E 465 40.79 13.56 -22.81
C ARG E 465 39.87 12.65 -23.62
N LEU E 466 40.14 12.55 -24.92
CA LEU E 466 39.38 11.70 -25.83
C LEU E 466 40.27 10.75 -26.62
N VAL E 467 41.55 11.07 -26.78
CA VAL E 467 42.53 10.19 -27.38
C VAL E 467 42.60 8.87 -26.63
N GLY E 468 42.80 7.77 -27.37
CA GLY E 468 43.00 6.47 -26.78
C GLY E 468 44.26 5.77 -27.27
N ARG E 469 44.33 4.45 -27.10
CA ARG E 469 45.38 3.58 -27.62
C ARG E 469 46.74 3.78 -26.94
N ILE E 470 46.81 4.53 -25.84
CA ILE E 470 48.05 4.68 -25.08
C ILE E 470 49.13 5.39 -25.88
N GLU E 471 49.53 4.77 -26.99
CA GLU E 471 50.64 5.31 -27.77
C GLU E 471 50.25 6.66 -28.36
N GLU E 472 49.02 6.78 -28.87
CA GLU E 472 48.60 8.06 -29.43
C GLU E 472 48.30 9.06 -28.31
N VAL E 473 47.97 8.56 -27.10
CA VAL E 473 47.91 9.42 -25.92
C VAL E 473 49.28 10.03 -25.65
N VAL E 474 50.34 9.21 -25.72
CA VAL E 474 51.70 9.70 -25.52
C VAL E 474 52.07 10.69 -26.61
N GLU E 475 51.68 10.40 -27.86
CA GLU E 475 51.91 11.32 -28.96
C GLU E 475 51.29 12.69 -28.67
N LYS E 476 50.03 12.70 -28.24
CA LYS E 476 49.37 13.95 -27.90
C LYS E 476 50.08 14.65 -26.74
N ALA E 477 50.47 13.90 -25.71
CA ALA E 477 51.11 14.49 -24.55
C ALA E 477 52.43 15.17 -24.94
N LYS E 478 53.22 14.51 -25.79
CA LYS E 478 54.46 15.13 -26.25
C LYS E 478 54.17 16.28 -27.22
N ALA E 479 53.03 16.25 -27.90
CA ALA E 479 52.71 17.30 -28.86
C ALA E 479 52.49 18.64 -28.18
N MET E 480 51.67 18.67 -27.12
CA MET E 480 51.41 19.91 -26.41
C MET E 480 52.46 20.15 -25.34
N THR F 13 -27.53 -47.70 -1.85
CA THR F 13 -27.53 -46.29 -2.22
C THR F 13 -26.17 -45.88 -2.78
N ARG F 14 -25.80 -46.48 -3.90
CA ARG F 14 -24.53 -46.18 -4.54
C ARG F 14 -24.59 -44.82 -5.23
N GLY F 15 -23.45 -44.11 -5.22
CA GLY F 15 -23.32 -42.85 -5.90
C GLY F 15 -22.37 -42.97 -7.09
N ARG F 16 -22.33 -41.89 -7.88
CA ARG F 16 -21.50 -41.84 -9.07
C ARG F 16 -20.72 -40.53 -9.10
N VAL F 17 -19.43 -40.61 -9.42
CA VAL F 17 -18.61 -39.42 -9.51
C VAL F 17 -18.89 -38.74 -10.85
N ILE F 18 -19.28 -37.46 -10.80
CA ILE F 18 -19.63 -36.71 -12.00
C ILE F 18 -18.54 -35.75 -12.40
N GLN F 19 -17.93 -35.06 -11.43
CA GLN F 19 -16.82 -34.16 -11.69
C GLN F 19 -15.66 -34.52 -10.79
N VAL F 20 -14.45 -34.31 -11.28
CA VAL F 20 -13.24 -34.52 -10.51
C VAL F 20 -12.35 -33.29 -10.65
N MET F 21 -11.95 -32.73 -9.52
CA MET F 21 -10.93 -31.71 -9.46
C MET F 21 -9.79 -32.21 -8.59
N GLY F 22 -8.81 -31.34 -8.34
CA GLY F 22 -7.67 -31.71 -7.53
C GLY F 22 -8.08 -32.22 -6.16
N PRO F 23 -8.53 -31.31 -5.31
CA PRO F 23 -8.92 -31.70 -3.95
C PRO F 23 -10.41 -31.94 -3.73
N VAL F 24 -11.26 -31.64 -4.71
CA VAL F 24 -12.70 -31.76 -4.52
C VAL F 24 -13.29 -32.66 -5.59
N VAL F 25 -14.38 -33.34 -5.23
CA VAL F 25 -15.04 -34.31 -6.10
C VAL F 25 -16.55 -34.13 -5.95
N ASP F 26 -17.27 -34.16 -7.08
CA ASP F 26 -18.72 -34.06 -7.07
C ASP F 26 -19.33 -35.43 -7.30
N VAL F 27 -20.33 -35.77 -6.48
CA VAL F 27 -20.98 -37.08 -6.52
C VAL F 27 -22.47 -36.88 -6.73
N LYS F 28 -23.09 -37.88 -7.35
CA LYS F 28 -24.50 -37.88 -7.70
C LYS F 28 -25.16 -39.13 -7.14
N PHE F 29 -26.26 -38.94 -6.41
CA PHE F 29 -27.03 -40.04 -5.82
C PHE F 29 -28.42 -39.99 -6.44
N GLU F 30 -28.59 -40.72 -7.55
CA GLU F 30 -29.81 -40.60 -8.35
C GLU F 30 -31.04 -41.19 -7.67
N ASN F 31 -30.85 -41.98 -6.62
CA ASN F 31 -31.98 -42.63 -5.97
C ASN F 31 -32.65 -41.76 -4.92
N GLY F 32 -32.33 -40.47 -4.88
CA GLY F 32 -32.95 -39.57 -3.93
C GLY F 32 -32.64 -39.87 -2.48
N HIS F 33 -31.45 -40.41 -2.21
CA HIS F 33 -30.99 -40.70 -0.85
C HIS F 33 -29.60 -40.12 -0.70
N LEU F 34 -29.53 -38.87 -0.38
CA LEU F 34 -28.27 -38.15 -0.28
C LEU F 34 -27.65 -38.34 1.10
N PRO F 35 -26.32 -38.25 1.18
CA PRO F 35 -25.68 -38.25 2.51
C PRO F 35 -25.82 -36.90 3.17
N ALA F 36 -25.76 -36.92 4.51
CA ALA F 36 -25.72 -35.68 5.25
C ALA F 36 -24.38 -34.99 5.06
N ILE F 37 -24.30 -33.74 5.47
CA ILE F 37 -23.04 -33.03 5.44
C ILE F 37 -22.08 -33.65 6.44
N TYR F 38 -20.82 -33.77 6.06
CA TYR F 38 -19.71 -34.38 6.78
C TYR F 38 -19.78 -35.91 6.75
N ASN F 39 -20.76 -36.49 6.08
CA ASN F 39 -20.80 -37.94 5.90
C ASN F 39 -19.58 -38.39 5.11
N ALA F 40 -19.07 -39.57 5.45
CA ALA F 40 -17.91 -40.13 4.76
C ALA F 40 -18.35 -40.97 3.58
N LEU F 41 -17.60 -40.86 2.48
CA LEU F 41 -17.86 -41.59 1.25
C LEU F 41 -16.60 -42.36 0.88
N LYS F 42 -16.78 -43.48 0.19
CA LYS F 42 -15.68 -44.37 -0.16
C LYS F 42 -15.67 -44.64 -1.66
N ILE F 43 -14.52 -44.43 -2.28
CA ILE F 43 -14.21 -44.93 -3.61
C ILE F 43 -13.35 -46.17 -3.42
N GLN F 44 -13.87 -47.33 -3.80
CA GLN F 44 -13.12 -48.59 -3.66
C GLN F 44 -13.29 -49.34 -4.99
N HIS F 45 -12.39 -49.07 -5.93
CA HIS F 45 -12.53 -49.58 -7.28
C HIS F 45 -11.26 -50.32 -7.68
N LYS F 46 -11.45 -51.45 -8.35
CA LYS F 46 -10.35 -52.27 -8.85
C LYS F 46 -10.27 -52.12 -10.35
N ALA F 47 -9.06 -51.91 -10.87
CA ALA F 47 -8.86 -51.69 -12.29
C ALA F 47 -9.39 -52.86 -13.11
N ARG F 48 -10.45 -52.61 -13.87
CA ARG F 48 -11.08 -53.67 -14.66
C ARG F 48 -10.31 -54.01 -15.92
N ASN F 49 -9.35 -53.18 -16.32
CA ASN F 49 -8.45 -53.51 -17.42
C ASN F 49 -7.19 -52.68 -17.26
N GLU F 50 -6.30 -52.79 -18.25
CA GLU F 50 -4.99 -52.16 -18.19
C GLU F 50 -5.05 -50.64 -18.26
N ASN F 51 -6.21 -50.06 -18.57
CA ASN F 51 -6.32 -48.63 -18.80
C ASN F 51 -6.94 -47.90 -17.61
N GLU F 52 -7.00 -48.53 -16.44
CA GLU F 52 -7.42 -47.87 -15.22
C GLU F 52 -6.43 -48.18 -14.11
N VAL F 53 -6.64 -47.55 -12.95
CA VAL F 53 -5.79 -47.72 -11.79
C VAL F 53 -6.69 -48.03 -10.59
N ASP F 54 -6.34 -49.07 -9.83
CA ASP F 54 -7.09 -49.38 -8.63
C ASP F 54 -6.98 -48.24 -7.63
N ILE F 55 -8.11 -47.86 -7.04
CA ILE F 55 -8.21 -46.67 -6.21
C ILE F 55 -8.95 -47.00 -4.92
N ASP F 56 -8.41 -46.49 -3.81
CA ASP F 56 -9.01 -46.61 -2.48
C ASP F 56 -8.94 -45.23 -1.84
N LEU F 57 -10.04 -44.48 -1.91
CA LEU F 57 -10.07 -43.08 -1.53
C LEU F 57 -11.25 -42.81 -0.61
N THR F 58 -11.04 -41.86 0.31
CA THR F 58 -12.08 -41.45 1.25
C THR F 58 -12.43 -40.00 0.98
N LEU F 59 -13.73 -39.71 0.89
CA LEU F 59 -14.25 -38.38 0.64
C LEU F 59 -15.07 -37.92 1.83
N GLU F 60 -15.09 -36.61 2.06
CA GLU F 60 -15.88 -36.01 3.12
C GLU F 60 -16.84 -35.00 2.52
N VAL F 61 -18.14 -35.26 2.65
CA VAL F 61 -19.14 -34.37 2.06
C VAL F 61 -19.05 -32.99 2.69
N ALA F 62 -19.04 -31.96 1.85
CA ALA F 62 -18.92 -30.58 2.31
C ALA F 62 -20.16 -29.76 2.00
N LEU F 63 -20.68 -29.84 0.78
CA LEU F 63 -21.83 -29.04 0.39
C LEU F 63 -22.85 -29.92 -0.34
N HIS F 64 -24.09 -29.46 -0.35
CA HIS F 64 -25.13 -30.00 -1.20
C HIS F 64 -25.40 -29.05 -2.36
N LEU F 65 -25.77 -29.61 -3.50
CA LEU F 65 -26.11 -28.84 -4.69
C LEU F 65 -27.45 -29.32 -5.22
N GLY F 66 -27.93 -28.69 -6.28
CA GLY F 66 -29.18 -29.10 -6.87
C GLY F 66 -29.06 -30.42 -7.60
N ASP F 67 -30.22 -31.07 -7.76
CA ASP F 67 -30.35 -32.30 -8.56
C ASP F 67 -29.49 -33.43 -8.00
N ASP F 68 -29.64 -33.68 -6.70
CA ASP F 68 -29.09 -34.86 -6.04
C ASP F 68 -27.56 -34.93 -6.19
N THR F 69 -26.90 -33.83 -5.85
CA THR F 69 -25.46 -33.73 -6.01
C THR F 69 -24.81 -33.23 -4.73
N VAL F 70 -23.62 -33.73 -4.45
CA VAL F 70 -22.88 -33.36 -3.25
C VAL F 70 -21.43 -33.06 -3.63
N ARG F 71 -20.90 -31.97 -3.07
CA ARG F 71 -19.50 -31.61 -3.22
C ARG F 71 -18.75 -32.10 -1.99
N THR F 72 -17.71 -32.90 -2.22
CA THR F 72 -16.92 -33.51 -1.16
C THR F 72 -15.46 -33.15 -1.35
N ILE F 73 -14.70 -33.25 -0.26
CA ILE F 73 -13.27 -32.98 -0.27
C ILE F 73 -12.55 -34.30 -0.04
N ALA F 74 -11.80 -34.75 -1.04
CA ALA F 74 -11.10 -36.02 -0.95
C ALA F 74 -10.00 -35.95 0.09
N MET F 75 -9.73 -37.10 0.72
CA MET F 75 -8.75 -37.20 1.79
C MET F 75 -7.38 -37.67 1.33
N ALA F 76 -7.25 -38.08 0.07
CA ALA F 76 -5.98 -38.50 -0.49
C ALA F 76 -5.94 -38.03 -1.95
N SER F 77 -4.93 -38.49 -2.68
CA SER F 77 -4.75 -38.06 -4.06
C SER F 77 -5.91 -38.54 -4.92
N THR F 78 -6.45 -37.64 -5.73
CA THR F 78 -7.57 -37.94 -6.61
C THR F 78 -7.13 -38.45 -7.98
N ASP F 79 -5.83 -38.54 -8.22
CA ASP F 79 -5.34 -39.00 -9.52
C ASP F 79 -5.77 -40.43 -9.77
N GLY F 80 -6.29 -40.69 -10.96
CA GLY F 80 -6.86 -41.97 -11.31
C GLY F 80 -8.36 -42.04 -11.21
N LEU F 81 -9.00 -41.00 -10.68
CA LEU F 81 -10.46 -40.99 -10.59
C LEU F 81 -11.08 -40.83 -11.97
N ILE F 82 -12.16 -41.58 -12.21
CA ILE F 82 -12.82 -41.61 -13.50
C ILE F 82 -14.29 -41.29 -13.28
N ARG F 83 -14.84 -40.40 -14.12
CA ARG F 83 -16.24 -40.04 -14.01
C ARG F 83 -17.12 -41.27 -14.20
N GLY F 84 -18.16 -41.37 -13.37
CA GLY F 84 -19.01 -42.53 -13.37
C GLY F 84 -18.61 -43.62 -12.42
N MET F 85 -17.68 -43.35 -11.51
CA MET F 85 -17.17 -44.35 -10.60
C MET F 85 -18.16 -44.59 -9.47
N GLU F 86 -18.15 -45.81 -8.92
CA GLU F 86 -19.09 -46.17 -7.88
C GLU F 86 -18.69 -45.56 -6.54
N VAL F 87 -19.70 -45.17 -5.76
CA VAL F 87 -19.50 -44.51 -4.47
C VAL F 87 -20.24 -45.30 -3.40
N ILE F 88 -19.60 -45.53 -2.26
CA ILE F 88 -20.23 -46.15 -1.10
C ILE F 88 -20.42 -45.09 -0.04
N ASP F 89 -21.58 -45.08 0.60
CA ASP F 89 -21.89 -44.14 1.67
C ASP F 89 -21.82 -44.85 3.01
N THR F 90 -20.97 -44.35 3.90
CA THR F 90 -20.77 -44.99 5.19
C THR F 90 -21.88 -44.68 6.19
N GLY F 91 -22.70 -43.67 5.92
CA GLY F 91 -23.81 -43.34 6.81
C GLY F 91 -23.43 -42.60 8.07
N ALA F 92 -22.17 -42.19 8.21
CA ALA F 92 -21.72 -41.50 9.41
C ALA F 92 -20.47 -40.71 9.06
N PRO F 93 -20.12 -39.69 9.85
CA PRO F 93 -18.86 -38.99 9.61
C PRO F 93 -17.65 -39.89 9.83
N ILE F 94 -16.46 -39.33 9.65
CA ILE F 94 -15.23 -40.12 9.77
C ILE F 94 -15.05 -40.51 11.22
N SER F 95 -15.24 -41.79 11.52
CA SER F 95 -15.14 -42.29 12.88
C SER F 95 -13.73 -42.83 13.11
N VAL F 96 -13.02 -42.23 14.06
CA VAL F 96 -11.65 -42.64 14.36
C VAL F 96 -11.66 -43.52 15.61
N PRO F 97 -10.77 -44.51 15.71
CA PRO F 97 -10.79 -45.40 16.88
C PRO F 97 -10.19 -44.70 18.08
N VAL F 98 -10.93 -44.70 19.19
CA VAL F 98 -10.54 -43.93 20.36
C VAL F 98 -10.67 -44.81 21.59
N GLY F 99 -9.93 -44.44 22.63
CA GLY F 99 -9.91 -45.21 23.86
C GLY F 99 -8.51 -45.52 24.33
N GLU F 100 -8.32 -46.70 24.92
CA GLU F 100 -7.00 -47.11 25.37
C GLU F 100 -6.10 -47.50 24.21
N VAL F 101 -6.68 -47.96 23.10
CA VAL F 101 -5.90 -48.44 21.97
C VAL F 101 -5.05 -47.32 21.37
N THR F 102 -5.51 -46.06 21.48
CA THR F 102 -4.78 -44.96 20.88
C THR F 102 -3.43 -44.73 21.56
N LEU F 103 -3.30 -45.11 22.83
CA LEU F 103 -2.08 -44.80 23.57
C LEU F 103 -0.90 -45.57 23.00
N GLY F 104 0.20 -44.86 22.76
CA GLY F 104 1.38 -45.49 22.21
C GLY F 104 1.29 -45.86 20.75
N ARG F 105 0.45 -45.17 19.98
CA ARG F 105 0.27 -45.50 18.58
C ARG F 105 0.24 -44.21 17.75
N VAL F 106 0.46 -44.39 16.45
CA VAL F 106 0.48 -43.31 15.48
C VAL F 106 -0.54 -43.61 14.40
N PHE F 107 -1.38 -42.63 14.08
CA PHE F 107 -2.46 -42.78 13.13
C PHE F 107 -2.36 -41.73 12.04
N ASN F 108 -2.91 -42.05 10.88
CA ASN F 108 -3.10 -41.07 9.81
C ASN F 108 -4.40 -40.33 10.08
N VAL F 109 -4.91 -39.62 9.07
CA VAL F 109 -6.14 -38.84 9.25
C VAL F 109 -7.28 -39.74 9.71
N LEU F 110 -7.49 -40.85 9.02
CA LEU F 110 -8.64 -41.71 9.23
C LEU F 110 -8.52 -42.58 10.48
N GLY F 111 -7.52 -42.33 11.33
CA GLY F 111 -7.34 -43.12 12.52
C GLY F 111 -6.76 -44.50 12.28
N GLU F 112 -6.27 -44.76 11.08
CA GLU F 112 -5.65 -46.04 10.77
C GLU F 112 -4.17 -46.00 11.14
N PRO F 113 -3.67 -46.98 11.90
CA PRO F 113 -2.28 -46.91 12.36
C PRO F 113 -1.30 -46.98 11.20
N ILE F 114 -0.17 -46.28 11.37
CA ILE F 114 0.87 -46.26 10.35
C ILE F 114 2.21 -46.58 10.98
N ASP F 115 2.20 -46.96 12.26
CA ASP F 115 3.43 -47.19 13.00
C ASP F 115 3.96 -48.61 12.89
N LEU F 116 3.36 -49.43 12.02
CA LEU F 116 3.79 -50.82 11.81
C LEU F 116 3.74 -51.62 13.12
N GLU F 117 2.76 -51.31 13.96
CA GLU F 117 2.55 -52.02 15.21
C GLU F 117 1.34 -52.94 15.17
N GLY F 118 0.69 -53.06 14.02
CA GLY F 118 -0.46 -53.92 13.87
C GLY F 118 -1.74 -53.13 13.62
N ASP F 119 -2.76 -53.85 13.18
CA ASP F 119 -4.05 -53.24 12.87
C ASP F 119 -4.88 -53.10 14.13
N ILE F 120 -5.50 -51.94 14.32
CA ILE F 120 -6.39 -51.73 15.45
C ILE F 120 -7.58 -52.68 15.33
N PRO F 121 -8.01 -53.34 16.41
CA PRO F 121 -9.14 -54.26 16.30
C PRO F 121 -10.39 -53.55 15.78
N ALA F 122 -11.14 -54.27 14.94
CA ALA F 122 -12.30 -53.65 14.30
C ALA F 122 -13.35 -53.24 15.31
N ASP F 123 -13.60 -54.08 16.31
CA ASP F 123 -14.66 -53.84 17.28
C ASP F 123 -14.29 -52.79 18.32
N ALA F 124 -13.21 -52.06 18.13
CA ALA F 124 -12.83 -51.00 19.06
C ALA F 124 -13.83 -49.85 18.98
N ARG F 125 -13.92 -49.10 20.08
CA ARG F 125 -14.83 -47.96 20.12
C ARG F 125 -14.34 -46.87 19.19
N ARG F 126 -15.23 -46.36 18.35
CA ARG F 126 -14.90 -45.29 17.41
C ARG F 126 -15.76 -44.07 17.71
N ASP F 127 -15.18 -42.90 17.53
CA ASP F 127 -15.91 -41.66 17.75
C ASP F 127 -15.82 -40.77 16.52
N PRO F 128 -16.89 -40.06 16.18
CA PRO F 128 -16.84 -39.11 15.06
C PRO F 128 -15.94 -37.93 15.37
N ILE F 129 -15.40 -37.34 14.31
CA ILE F 129 -14.53 -36.17 14.47
C ILE F 129 -15.28 -34.85 14.45
N HIS F 130 -16.57 -34.86 14.15
CA HIS F 130 -17.38 -33.65 14.09
C HIS F 130 -18.41 -33.70 15.21
N ARG F 131 -18.28 -32.78 16.16
CA ARG F 131 -19.24 -32.65 17.25
C ARG F 131 -19.27 -31.20 17.70
N PRO F 132 -20.37 -30.74 18.28
CA PRO F 132 -20.42 -29.36 18.79
C PRO F 132 -19.55 -29.19 20.03
N ALA F 133 -19.13 -27.96 20.24
CA ALA F 133 -18.29 -27.63 21.38
C ALA F 133 -19.08 -27.72 22.68
N PRO F 134 -18.39 -27.81 23.82
CA PRO F 134 -19.11 -27.81 25.10
C PRO F 134 -19.90 -26.53 25.30
N LYS F 135 -21.07 -26.66 25.90
CA LYS F 135 -21.96 -25.53 26.11
C LYS F 135 -21.48 -24.69 27.29
N PHE F 136 -22.11 -23.54 27.47
CA PHE F 136 -21.63 -22.53 28.42
C PHE F 136 -21.58 -23.08 29.84
N GLU F 137 -22.60 -23.84 30.24
CA GLU F 137 -22.63 -24.38 31.60
C GLU F 137 -21.63 -25.51 31.81
N GLU F 138 -20.93 -25.94 30.77
CA GLU F 138 -20.00 -27.07 30.87
C GLU F 138 -18.55 -26.65 31.06
N LEU F 139 -18.10 -25.58 30.41
CA LEU F 139 -16.71 -25.19 30.55
C LEU F 139 -16.40 -24.78 31.98
N ALA F 140 -15.16 -25.03 32.39
CA ALA F 140 -14.65 -24.61 33.68
C ALA F 140 -13.55 -23.58 33.46
N THR F 141 -13.69 -22.41 34.07
CA THR F 141 -12.71 -21.35 33.96
C THR F 141 -11.96 -21.22 35.27
N GLU F 142 -10.64 -21.36 35.20
CA GLU F 142 -9.77 -21.23 36.36
C GLU F 142 -8.35 -21.13 35.87
N VAL F 143 -7.58 -20.22 36.45
CA VAL F 143 -6.22 -19.91 35.99
C VAL F 143 -5.24 -20.46 37.02
N GLU F 144 -4.43 -21.43 36.59
CA GLU F 144 -3.33 -21.95 37.39
C GLU F 144 -2.07 -21.94 36.52
N ILE F 145 -0.98 -21.44 37.08
CA ILE F 145 0.24 -21.23 36.30
C ILE F 145 0.87 -22.58 35.97
N LEU F 146 1.19 -22.77 34.69
CA LEU F 146 1.88 -23.96 34.22
C LEU F 146 3.35 -23.63 34.00
N GLU F 147 4.22 -24.28 34.76
CA GLU F 147 5.65 -23.97 34.74
C GLU F 147 6.31 -24.68 33.57
N THR F 148 6.85 -23.91 32.64
CA THR F 148 7.55 -24.45 31.48
C THR F 148 9.06 -24.47 31.63
N GLY F 149 9.61 -23.66 32.54
CA GLY F 149 11.04 -23.55 32.69
C GLY F 149 11.70 -22.60 31.73
N ILE F 150 10.95 -22.00 30.81
CA ILE F 150 11.48 -21.06 29.84
C ILE F 150 11.34 -19.66 30.41
N LYS F 151 12.46 -18.92 30.46
CA LYS F 151 12.50 -17.68 31.22
C LYS F 151 11.48 -16.67 30.71
N VAL F 152 11.51 -16.38 29.41
CA VAL F 152 10.63 -15.35 28.88
C VAL F 152 9.17 -15.78 28.94
N VAL F 153 8.90 -17.06 28.67
CA VAL F 153 7.53 -17.54 28.68
C VAL F 153 6.95 -17.50 30.08
N ASP F 154 7.69 -18.03 31.06
CA ASP F 154 7.17 -18.03 32.43
C ASP F 154 7.20 -16.67 33.08
N LEU F 155 7.94 -15.71 32.53
CA LEU F 155 7.98 -14.37 33.12
C LEU F 155 6.97 -13.42 32.49
N LEU F 156 7.09 -13.17 31.20
CA LEU F 156 6.32 -12.12 30.55
C LEU F 156 4.98 -12.58 30.01
N ALA F 157 4.72 -13.88 29.97
CA ALA F 157 3.44 -14.38 29.49
C ALA F 157 3.23 -15.80 29.99
N PRO F 158 3.00 -15.99 31.29
CA PRO F 158 2.93 -17.35 31.83
C PRO F 158 1.78 -18.14 31.21
N TYR F 159 2.01 -19.43 31.04
CA TYR F 159 1.00 -20.32 30.46
C TYR F 159 0.06 -20.82 31.55
N ILE F 160 -1.16 -21.13 31.15
CA ILE F 160 -2.22 -21.53 32.07
C ILE F 160 -2.45 -23.02 31.91
N LYS F 161 -2.41 -23.75 33.02
CA LYS F 161 -2.77 -25.16 33.00
C LYS F 161 -4.24 -25.31 32.67
N GLY F 162 -4.54 -26.08 31.63
CA GLY F 162 -5.91 -26.19 31.16
C GLY F 162 -6.35 -25.09 30.21
N GLY F 163 -5.49 -24.10 29.95
CA GLY F 163 -5.81 -23.04 29.03
C GLY F 163 -5.37 -23.36 27.62
N LYS F 164 -5.41 -22.33 26.77
CA LYS F 164 -5.02 -22.45 25.37
C LYS F 164 -3.85 -21.51 25.11
N ILE F 165 -2.79 -22.04 24.51
CA ILE F 165 -1.54 -21.32 24.29
C ILE F 165 -1.23 -21.33 22.80
N GLY F 166 -0.81 -20.17 22.29
CA GLY F 166 -0.45 -20.05 20.90
C GLY F 166 0.94 -19.49 20.68
N LEU F 167 1.77 -20.24 19.96
CA LEU F 167 3.11 -19.81 19.57
C LEU F 167 3.02 -19.29 18.14
N PHE F 168 2.92 -17.98 18.00
CA PHE F 168 2.79 -17.36 16.68
C PHE F 168 4.17 -17.12 16.10
N GLY F 169 4.39 -17.57 14.87
CA GLY F 169 5.69 -17.39 14.26
C GLY F 169 5.64 -17.38 12.75
N GLY F 170 6.68 -16.82 12.16
CA GLY F 170 6.87 -16.89 10.73
C GLY F 170 7.59 -18.17 10.35
N ALA F 171 8.19 -18.16 9.16
CA ALA F 171 8.90 -19.33 8.67
C ALA F 171 10.30 -19.36 9.28
N GLY F 172 10.62 -20.48 9.93
CA GLY F 172 11.96 -20.66 10.48
C GLY F 172 12.32 -19.74 11.62
N VAL F 173 11.42 -19.54 12.58
CA VAL F 173 11.70 -18.69 13.72
C VAL F 173 11.84 -19.47 15.02
N GLY F 174 11.33 -20.70 15.09
CA GLY F 174 11.50 -21.49 16.30
C GLY F 174 10.23 -22.07 16.88
N LYS F 175 9.18 -22.18 16.07
CA LYS F 175 7.94 -22.77 16.55
C LYS F 175 8.13 -24.24 16.92
N THR F 176 8.75 -25.01 16.03
CA THR F 176 8.90 -26.45 16.28
C THR F 176 9.90 -26.72 17.40
N VAL F 177 10.99 -25.95 17.46
CA VAL F 177 11.96 -26.13 18.53
C VAL F 177 11.31 -25.80 19.87
N LEU F 178 10.52 -24.73 19.92
CA LEU F 178 9.80 -24.39 21.13
C LEU F 178 8.81 -25.49 21.51
N ILE F 179 8.11 -26.05 20.53
CA ILE F 179 7.19 -27.16 20.80
C ILE F 179 7.95 -28.34 21.41
N GLN F 180 9.13 -28.64 20.85
CA GLN F 180 9.92 -29.75 21.37
C GLN F 180 10.37 -29.48 22.81
N GLU F 181 10.78 -28.25 23.13
CA GLU F 181 11.15 -28.00 24.52
C GLU F 181 9.95 -28.04 25.46
N LEU F 182 8.78 -27.60 25.01
CA LEU F 182 7.61 -27.75 25.86
C LEU F 182 7.29 -29.22 26.10
N ILE F 183 7.49 -30.07 25.10
CA ILE F 183 7.27 -31.50 25.32
C ILE F 183 8.33 -32.07 26.26
N HIS F 184 9.59 -31.65 26.08
CA HIS F 184 10.68 -32.21 26.88
C HIS F 184 10.64 -31.72 28.32
N ASN F 185 10.10 -30.54 28.56
CA ASN F 185 10.08 -29.96 29.89
C ASN F 185 8.79 -30.21 30.64
N ILE F 186 7.68 -30.35 29.94
CA ILE F 186 6.36 -30.43 30.55
C ILE F 186 5.76 -31.83 30.42
N ALA F 187 5.63 -32.33 29.19
CA ALA F 187 4.94 -33.60 28.98
C ALA F 187 5.67 -34.77 29.62
N GLN F 188 7.00 -34.71 29.69
CA GLN F 188 7.75 -35.82 30.26
C GLN F 188 7.43 -36.03 31.73
N GLU F 189 7.34 -34.94 32.50
CA GLU F 189 7.19 -35.02 33.95
C GLU F 189 5.75 -34.96 34.43
N HIS F 190 4.78 -34.94 33.52
CA HIS F 190 3.37 -34.84 33.89
C HIS F 190 2.70 -36.21 33.83
N GLY F 191 1.93 -36.52 34.86
CA GLY F 191 1.26 -37.79 35.03
C GLY F 191 -0.10 -37.91 34.37
N GLY F 192 -0.49 -36.94 33.55
CA GLY F 192 -1.74 -37.03 32.83
C GLY F 192 -1.63 -37.89 31.58
N ILE F 193 -2.15 -37.39 30.47
CA ILE F 193 -2.07 -38.07 29.18
C ILE F 193 -1.73 -37.03 28.12
N SER F 194 -1.20 -37.49 27.00
CA SER F 194 -0.71 -36.57 25.98
C SER F 194 -1.19 -37.00 24.60
N VAL F 195 -1.43 -36.01 23.74
CA VAL F 195 -1.76 -36.23 22.34
C VAL F 195 -1.00 -35.20 21.51
N PHE F 196 -0.37 -35.67 20.43
CA PHE F 196 0.30 -34.80 19.47
C PHE F 196 -0.36 -34.97 18.12
N ALA F 197 -0.75 -33.87 17.50
CA ALA F 197 -1.39 -33.88 16.19
C ALA F 197 -0.56 -33.01 15.26
N GLY F 198 0.10 -33.64 14.29
CA GLY F 198 0.89 -32.92 13.32
C GLY F 198 0.05 -32.46 12.14
N VAL F 199 -0.31 -31.18 12.13
CA VAL F 199 -1.16 -30.60 11.10
C VAL F 199 -0.28 -29.78 10.17
N GLY F 200 -0.04 -30.30 8.97
CA GLY F 200 0.70 -29.54 7.98
C GLY F 200 2.15 -29.28 8.30
N GLU F 201 2.74 -30.08 9.19
CA GLU F 201 4.15 -29.95 9.52
C GLU F 201 4.97 -30.88 8.63
N ARG F 202 6.28 -30.87 8.82
CA ARG F 202 7.17 -31.70 8.02
C ARG F 202 7.14 -33.14 8.51
N THR F 203 7.17 -34.09 7.57
CA THR F 203 7.22 -35.50 7.93
C THR F 203 8.53 -35.84 8.65
N ARG F 204 9.62 -35.16 8.28
CA ARG F 204 10.87 -35.34 9.01
C ARG F 204 10.71 -34.94 10.47
N GLU F 205 10.03 -33.82 10.72
CA GLU F 205 9.78 -33.39 12.09
C GLU F 205 8.96 -34.42 12.84
N GLY F 206 7.93 -34.97 12.18
CA GLY F 206 7.10 -35.97 12.84
C GLY F 206 7.89 -37.22 13.20
N ASN F 207 8.71 -37.70 12.28
CA ASN F 207 9.51 -38.90 12.55
C ASN F 207 10.53 -38.64 13.65
N ASP F 208 11.22 -37.50 13.60
CA ASP F 208 12.20 -37.18 14.63
C ASP F 208 11.56 -37.05 15.99
N LEU F 209 10.41 -36.37 16.06
CA LEU F 209 9.72 -36.23 17.33
C LEU F 209 9.21 -37.57 17.84
N TYR F 210 8.74 -38.43 16.93
CA TYR F 210 8.31 -39.78 17.34
C TYR F 210 9.46 -40.55 17.96
N HIS F 211 10.65 -40.48 17.34
CA HIS F 211 11.80 -41.16 17.92
C HIS F 211 12.19 -40.56 19.27
N GLU F 212 12.18 -39.22 19.37
CA GLU F 212 12.50 -38.57 20.64
C GLU F 212 11.50 -38.92 21.73
N MET F 213 10.25 -39.16 21.33
CA MET F 213 9.20 -39.54 22.27
C MET F 213 9.37 -40.99 22.72
N LYS F 214 9.73 -41.87 21.80
CA LYS F 214 9.91 -43.27 22.14
C LYS F 214 11.13 -43.48 23.02
N ASP F 215 12.28 -42.92 22.63
CA ASP F 215 13.50 -43.19 23.40
C ASP F 215 13.50 -42.51 24.76
N SER F 216 12.58 -41.58 24.99
CA SER F 216 12.43 -40.95 26.30
C SER F 216 11.40 -41.65 27.17
N GLY F 217 10.78 -42.72 26.68
CA GLY F 217 9.81 -43.46 27.46
C GLY F 217 8.48 -42.76 27.66
N VAL F 218 8.19 -41.73 26.87
CA VAL F 218 6.94 -40.99 27.02
C VAL F 218 5.86 -41.49 26.05
N ILE F 219 6.25 -42.11 24.93
CA ILE F 219 5.29 -42.62 23.97
C ILE F 219 4.31 -43.60 24.61
N SER F 220 4.65 -44.16 25.77
CA SER F 220 3.76 -45.09 26.44
C SER F 220 2.44 -44.43 26.84
N LYS F 221 2.46 -43.12 27.06
CA LYS F 221 1.29 -42.34 27.45
C LYS F 221 1.00 -41.24 26.44
N THR F 222 1.11 -41.55 25.15
CA THR F 222 0.92 -40.56 24.10
C THR F 222 0.31 -41.23 22.87
N ALA F 223 -0.58 -40.50 22.20
CA ALA F 223 -1.11 -40.87 20.90
C ALA F 223 -0.69 -39.83 19.88
N MET F 224 -0.54 -40.25 18.62
CA MET F 224 -0.08 -39.34 17.59
C MET F 224 -0.97 -39.42 16.36
N VAL F 225 -1.19 -38.27 15.73
CA VAL F 225 -1.90 -38.17 14.47
C VAL F 225 -1.03 -37.37 13.51
N PHE F 226 -0.81 -37.89 12.31
CA PHE F 226 0.10 -37.26 11.36
C PHE F 226 -0.55 -37.17 9.97
N GLY F 227 -0.88 -35.95 9.56
CA GLY F 227 -1.17 -35.64 8.18
C GLY F 227 -0.40 -34.39 7.77
N GLN F 228 0.55 -34.53 6.86
CA GLN F 228 1.60 -33.54 6.70
C GLN F 228 1.44 -32.78 5.39
N MET F 229 2.44 -31.96 5.07
CA MET F 229 2.38 -31.09 3.90
C MET F 229 2.27 -31.89 2.61
N ASN F 230 2.81 -33.10 2.58
CA ASN F 230 2.71 -33.91 1.38
C ASN F 230 1.31 -34.45 1.14
N GLU F 231 0.33 -34.09 1.97
CA GLU F 231 -0.99 -34.67 1.86
C GLU F 231 -2.00 -33.64 1.35
N PRO F 232 -3.07 -34.10 0.69
CA PRO F 232 -4.03 -33.17 0.09
C PRO F 232 -4.69 -32.29 1.14
N PRO F 233 -5.39 -31.23 0.71
CA PRO F 233 -5.97 -30.30 1.70
C PRO F 233 -6.92 -30.95 2.70
N GLY F 234 -7.71 -31.95 2.28
CA GLY F 234 -8.66 -32.55 3.21
C GLY F 234 -7.97 -33.20 4.40
N ALA F 235 -6.84 -33.87 4.15
CA ALA F 235 -6.08 -34.47 5.25
C ALA F 235 -5.62 -33.42 6.24
N ARG F 236 -5.07 -32.32 5.74
CA ARG F 236 -4.60 -31.24 6.61
C ARG F 236 -5.76 -30.54 7.31
N MET F 237 -6.97 -30.60 6.75
CA MET F 237 -8.12 -30.03 7.43
C MET F 237 -8.59 -30.91 8.57
N ARG F 238 -8.56 -32.23 8.40
CA ARG F 238 -9.19 -33.10 9.38
C ARG F 238 -8.21 -33.75 10.37
N VAL F 239 -6.89 -33.57 10.20
CA VAL F 239 -5.96 -34.06 11.21
C VAL F 239 -6.25 -33.44 12.57
N ALA F 240 -6.48 -32.13 12.59
CA ALA F 240 -6.72 -31.44 13.85
C ALA F 240 -7.97 -31.97 14.52
N LEU F 241 -9.02 -32.23 13.75
CA LEU F 241 -10.25 -32.74 14.33
C LEU F 241 -10.08 -34.16 14.85
N THR F 242 -9.31 -35.00 14.14
CA THR F 242 -9.07 -36.35 14.64
C THR F 242 -8.29 -36.32 15.95
N GLY F 243 -7.23 -35.53 16.01
CA GLY F 243 -6.48 -35.41 17.25
C GLY F 243 -7.31 -34.83 18.38
N LEU F 244 -8.16 -33.86 18.06
CA LEU F 244 -9.05 -33.29 19.06
C LEU F 244 -10.01 -34.34 19.59
N THR F 245 -10.54 -35.19 18.72
CA THR F 245 -11.41 -36.27 19.18
C THR F 245 -10.67 -37.20 20.13
N MET F 246 -9.43 -37.55 19.77
CA MET F 246 -8.65 -38.45 20.61
C MET F 246 -8.41 -37.84 22.00
N ALA F 247 -8.08 -36.54 22.05
CA ALA F 247 -7.88 -35.90 23.35
C ALA F 247 -9.19 -35.71 24.09
N GLU F 248 -10.28 -35.48 23.37
CA GLU F 248 -11.57 -35.21 23.99
C GLU F 248 -12.16 -36.45 24.64
N TYR F 249 -11.88 -37.64 24.10
CA TYR F 249 -12.31 -38.85 24.79
C TYR F 249 -11.63 -38.97 26.14
N PHE F 250 -10.33 -38.67 26.19
CA PHE F 250 -9.60 -38.73 27.45
C PHE F 250 -10.11 -37.70 28.44
N ARG F 251 -10.42 -36.49 27.94
CA ARG F 251 -10.96 -35.46 28.82
C ARG F 251 -12.33 -35.82 29.35
N ASP F 252 -13.21 -36.35 28.51
CA ASP F 252 -14.61 -36.54 28.87
C ASP F 252 -14.90 -37.91 29.46
N GLU F 253 -14.50 -38.97 28.77
CA GLU F 253 -14.82 -40.33 29.20
C GLU F 253 -13.82 -40.89 30.20
N GLN F 254 -12.77 -40.15 30.53
CA GLN F 254 -11.81 -40.60 31.54
C GLN F 254 -11.58 -39.52 32.59
N GLY F 255 -11.70 -38.26 32.19
CA GLY F 255 -11.49 -37.17 33.11
C GLY F 255 -10.06 -36.91 33.48
N GLN F 256 -9.10 -37.36 32.66
CA GLN F 256 -7.69 -37.17 32.92
C GLN F 256 -7.21 -35.84 32.33
N ASP F 257 -6.20 -35.26 32.97
CA ASP F 257 -5.55 -34.10 32.40
C ASP F 257 -4.91 -34.49 31.06
N VAL F 258 -5.04 -33.61 30.08
CA VAL F 258 -4.58 -33.87 28.72
C VAL F 258 -3.63 -32.75 28.31
N LEU F 259 -2.58 -33.12 27.58
CA LEU F 259 -1.70 -32.16 26.92
C LEU F 259 -1.84 -32.35 25.43
N LEU F 260 -2.44 -31.39 24.74
CA LEU F 260 -2.70 -31.49 23.31
C LEU F 260 -1.77 -30.54 22.58
N PHE F 261 -0.85 -31.09 21.80
CA PHE F 261 0.09 -30.32 21.01
C PHE F 261 -0.33 -30.34 19.55
N ILE F 262 -0.30 -29.17 18.90
CA ILE F 262 -0.62 -29.06 17.48
C ILE F 262 0.46 -28.20 16.85
N ASP F 263 1.34 -28.82 16.06
CA ASP F 263 2.55 -28.13 15.59
C ASP F 263 2.27 -27.09 14.50
N ASN F 264 1.12 -27.15 13.82
CA ASN F 264 0.71 -26.01 13.01
C ASN F 264 -0.81 -26.09 12.80
N ILE F 265 -1.55 -25.30 13.59
CA ILE F 265 -2.99 -25.21 13.40
C ILE F 265 -3.34 -24.29 12.24
N PHE F 266 -2.40 -23.46 11.78
CA PHE F 266 -2.66 -22.58 10.66
C PHE F 266 -2.89 -23.36 9.37
N ARG F 267 -2.24 -24.52 9.22
CA ARG F 267 -2.39 -25.29 8.01
C ARG F 267 -3.81 -25.80 7.81
N PHE F 268 -4.58 -25.94 8.89
CA PHE F 268 -6.00 -26.27 8.75
C PHE F 268 -6.74 -25.16 8.01
N THR F 269 -6.53 -23.91 8.44
CA THR F 269 -7.11 -22.77 7.75
C THR F 269 -6.60 -22.67 6.32
N GLN F 270 -5.31 -22.87 6.13
CA GLN F 270 -4.73 -22.76 4.79
C GLN F 270 -5.31 -23.80 3.84
N ALA F 271 -5.50 -25.03 4.32
CA ALA F 271 -6.08 -26.07 3.48
C ALA F 271 -7.55 -25.83 3.23
N GLY F 272 -8.27 -25.26 4.19
CA GLY F 272 -9.63 -24.84 3.93
C GLY F 272 -9.70 -23.75 2.87
N SER F 273 -8.70 -22.86 2.87
CA SER F 273 -8.64 -21.80 1.86
C SER F 273 -8.29 -22.36 0.49
N GLU F 274 -7.47 -23.42 0.45
CA GLU F 274 -7.09 -24.01 -0.83
C GLU F 274 -8.30 -24.52 -1.60
N VAL F 275 -9.24 -25.16 -0.88
CA VAL F 275 -10.43 -25.72 -1.51
C VAL F 275 -11.60 -24.75 -1.50
N SER F 276 -11.42 -23.54 -1.00
CA SER F 276 -12.54 -22.59 -0.88
C SER F 276 -13.09 -22.24 -2.26
N ALA F 277 -12.22 -21.86 -3.19
CA ALA F 277 -12.68 -21.44 -4.51
C ALA F 277 -13.35 -22.58 -5.26
N LEU F 278 -12.78 -23.79 -5.16
CA LEU F 278 -13.32 -24.91 -5.91
C LEU F 278 -14.67 -25.37 -5.36
N LEU F 279 -14.92 -25.14 -4.07
CA LEU F 279 -16.21 -25.50 -3.50
C LEU F 279 -17.34 -24.64 -4.08
N GLY F 280 -17.02 -23.40 -4.45
CA GLY F 280 -18.01 -22.53 -5.05
C GLY F 280 -18.30 -21.30 -4.21
N ARG F 281 -17.33 -20.87 -3.42
CA ARG F 281 -17.50 -19.76 -2.50
C ARG F 281 -16.70 -18.56 -2.98
N MET F 282 -17.33 -17.39 -2.96
CA MET F 282 -16.67 -16.18 -3.45
C MET F 282 -15.47 -15.85 -2.57
N PRO F 283 -14.42 -15.28 -3.15
CA PRO F 283 -13.25 -14.93 -2.34
C PRO F 283 -13.57 -13.87 -1.29
N SER F 284 -13.00 -14.04 -0.11
CA SER F 284 -13.07 -13.04 0.94
C SER F 284 -11.83 -12.15 0.85
N ALA F 285 -11.57 -11.38 1.90
CA ALA F 285 -10.36 -10.56 1.93
C ALA F 285 -9.12 -11.43 1.88
N VAL F 286 -8.11 -10.97 1.13
CA VAL F 286 -6.83 -11.65 0.95
C VAL F 286 -7.05 -13.07 0.42
N GLY F 287 -8.16 -13.27 -0.30
CA GLY F 287 -8.41 -14.54 -0.94
C GLY F 287 -8.77 -15.68 0.00
N TYR F 288 -8.93 -15.42 1.29
CA TYR F 288 -9.29 -16.47 2.23
C TYR F 288 -10.72 -16.90 2.00
N GLN F 289 -11.17 -17.89 2.78
CA GLN F 289 -12.55 -18.30 2.72
C GLN F 289 -13.45 -17.20 3.27
N PRO F 290 -14.67 -17.06 2.74
CA PRO F 290 -15.64 -16.18 3.41
C PRO F 290 -15.92 -16.62 4.83
N THR F 291 -15.86 -17.92 5.10
CA THR F 291 -16.18 -18.49 6.41
C THR F 291 -14.93 -18.90 7.18
N LEU F 292 -13.87 -18.09 7.10
CA LEU F 292 -12.66 -18.36 7.85
C LEU F 292 -12.94 -18.40 9.35
N ALA F 293 -13.58 -17.36 9.87
CA ALA F 293 -13.79 -17.24 11.31
C ALA F 293 -14.69 -18.34 11.85
N THR F 294 -15.78 -18.65 11.13
CA THR F 294 -16.70 -19.67 11.61
C THR F 294 -16.07 -21.06 11.59
N GLU F 295 -15.35 -21.37 10.51
CA GLU F 295 -14.69 -22.67 10.41
C GLU F 295 -13.62 -22.83 11.48
N MET F 296 -12.86 -21.76 11.75
CA MET F 296 -11.86 -21.83 12.81
C MET F 296 -12.51 -21.95 14.18
N GLY F 297 -13.60 -21.22 14.42
CA GLY F 297 -14.24 -21.27 15.71
C GLY F 297 -14.88 -22.61 16.01
N GLN F 298 -15.43 -23.27 14.98
CA GLN F 298 -16.02 -24.59 15.18
C GLN F 298 -14.98 -25.63 15.59
N LEU F 299 -13.69 -25.34 15.42
CA LEU F 299 -12.61 -26.19 15.85
C LEU F 299 -11.99 -25.74 17.17
N GLN F 300 -11.64 -24.46 17.27
CA GLN F 300 -10.95 -23.96 18.46
C GLN F 300 -11.83 -23.98 19.70
N GLU F 301 -13.15 -23.97 19.54
CA GLU F 301 -14.05 -24.03 20.68
C GLU F 301 -14.17 -25.42 21.26
N ARG F 302 -13.85 -26.46 20.47
CA ARG F 302 -13.81 -27.80 21.01
C ARG F 302 -12.57 -28.03 21.86
N ILE F 303 -11.49 -27.33 21.55
CA ILE F 303 -10.26 -27.40 22.35
C ILE F 303 -10.50 -26.55 23.59
N THR F 304 -10.95 -27.17 24.67
CA THR F 304 -11.25 -26.40 25.86
C THR F 304 -11.32 -27.33 27.07
N SER F 305 -11.16 -26.74 28.24
CA SER F 305 -11.30 -27.48 29.48
C SER F 305 -12.77 -27.54 29.88
N THR F 306 -13.12 -28.60 30.60
CA THR F 306 -14.49 -28.84 31.02
C THR F 306 -14.46 -29.28 32.48
N ALA F 307 -15.63 -29.28 33.12
CA ALA F 307 -15.72 -29.75 34.49
C ALA F 307 -15.31 -31.22 34.61
N LYS F 308 -15.33 -31.97 33.50
CA LYS F 308 -14.89 -33.36 33.55
C LYS F 308 -13.36 -33.44 33.65
N GLY F 309 -12.66 -32.60 32.91
CA GLY F 309 -11.20 -32.63 32.94
C GLY F 309 -10.62 -31.45 32.20
N SER F 310 -9.36 -31.17 32.49
CA SER F 310 -8.65 -30.06 31.88
C SER F 310 -7.88 -30.51 30.65
N ILE F 311 -7.71 -29.60 29.71
CA ILE F 311 -6.87 -29.80 28.53
C ILE F 311 -5.93 -28.60 28.44
N THR F 312 -4.63 -28.85 28.58
CA THR F 312 -3.62 -27.84 28.29
C THR F 312 -3.25 -28.00 26.82
N SER F 313 -3.62 -27.02 26.01
CA SER F 313 -3.44 -27.08 24.57
C SER F 313 -2.37 -26.08 24.15
N ILE F 314 -1.40 -26.54 23.38
CA ILE F 314 -0.34 -25.69 22.85
C ILE F 314 -0.35 -25.84 21.34
N GLN F 315 -0.64 -24.74 20.64
CA GLN F 315 -0.73 -24.73 19.19
C GLN F 315 0.31 -23.76 18.64
N ALA F 316 1.05 -24.19 17.63
CA ALA F 316 1.94 -23.30 16.90
C ALA F 316 1.21 -22.79 15.66
N ILE F 317 1.24 -21.48 15.45
CA ILE F 317 0.49 -20.84 14.38
C ILE F 317 1.48 -20.16 13.44
N TYR F 318 1.48 -20.61 12.19
CA TYR F 318 2.35 -20.03 11.17
C TYR F 318 1.78 -18.70 10.69
N VAL F 319 2.65 -17.73 10.51
CA VAL F 319 2.26 -16.37 10.10
C VAL F 319 2.76 -16.16 8.67
N PRO F 320 1.87 -16.12 7.68
CA PRO F 320 2.33 -15.94 6.29
C PRO F 320 3.04 -14.60 6.10
N ALA F 321 4.14 -14.66 5.36
CA ALA F 321 4.88 -13.47 4.93
C ALA F 321 5.24 -12.56 6.09
N ASP F 322 5.35 -13.12 7.29
CA ASP F 322 5.73 -12.38 8.49
C ASP F 322 4.81 -11.18 8.72
N ASP F 323 3.51 -11.39 8.50
CA ASP F 323 2.51 -10.33 8.65
C ASP F 323 1.48 -10.78 9.67
N TYR F 324 1.57 -10.24 10.89
CA TYR F 324 0.66 -10.62 11.96
C TYR F 324 -0.77 -10.13 11.71
N THR F 325 -0.95 -9.19 10.80
CA THR F 325 -2.28 -8.67 10.47
C THR F 325 -2.98 -9.51 9.41
N ASP F 326 -2.42 -10.66 9.06
CA ASP F 326 -3.06 -11.57 8.12
C ASP F 326 -4.36 -12.09 8.73
N PRO F 327 -5.38 -12.32 7.92
CA PRO F 327 -6.68 -12.74 8.47
C PRO F 327 -6.63 -13.98 9.35
N ALA F 328 -5.81 -14.98 9.00
CA ALA F 328 -5.80 -16.20 9.80
C ALA F 328 -5.18 -16.01 11.17
N PRO F 329 -3.95 -15.49 11.32
CA PRO F 329 -3.43 -15.24 12.67
C PRO F 329 -4.27 -14.24 13.46
N ALA F 330 -4.78 -13.21 12.79
CA ALA F 330 -5.61 -12.23 13.47
C ALA F 330 -6.88 -12.86 14.01
N THR F 331 -7.52 -13.72 13.23
CA THR F 331 -8.71 -14.42 13.72
C THR F 331 -8.36 -15.43 14.79
N THR F 332 -7.15 -15.99 14.75
CA THR F 332 -6.77 -16.97 15.76
C THR F 332 -6.44 -16.31 17.09
N PHE F 333 -6.02 -15.05 17.07
CA PHE F 333 -5.60 -14.38 18.30
C PHE F 333 -6.71 -14.31 19.33
N SER F 334 -7.97 -14.42 18.93
CA SER F 334 -9.10 -14.30 19.84
C SER F 334 -9.52 -15.64 20.44
N HIS F 335 -8.76 -16.70 20.19
CA HIS F 335 -9.11 -18.04 20.66
C HIS F 335 -8.13 -18.59 21.68
N LEU F 336 -7.19 -17.79 22.17
CA LEU F 336 -6.10 -18.30 22.97
C LEU F 336 -5.94 -17.50 24.25
N ASP F 337 -5.69 -18.21 25.36
CA ASP F 337 -5.44 -17.55 26.63
C ASP F 337 -4.06 -16.90 26.65
N ALA F 338 -3.01 -17.71 26.50
CA ALA F 338 -1.65 -17.22 26.43
C ALA F 338 -1.20 -17.19 24.99
N THR F 339 -0.42 -16.17 24.63
CA THR F 339 0.08 -16.02 23.27
C THR F 339 1.57 -15.72 23.30
N THR F 340 2.33 -16.43 22.49
CA THR F 340 3.76 -16.20 22.32
C THR F 340 3.99 -15.78 20.87
N ASN F 341 4.59 -14.62 20.67
CA ASN F 341 4.86 -14.09 19.34
C ASN F 341 6.35 -14.24 19.05
N LEU F 342 6.67 -14.98 18.01
CA LEU F 342 8.06 -15.20 17.60
C LEU F 342 8.41 -14.22 16.48
N GLU F 343 9.51 -13.48 16.67
CA GLU F 343 9.90 -12.41 15.78
C GLU F 343 11.12 -12.82 14.97
N ARG F 344 11.07 -12.57 13.66
CA ARG F 344 12.21 -12.84 12.80
C ARG F 344 13.39 -11.94 13.16
N LYS F 345 13.12 -10.68 13.52
CA LYS F 345 14.20 -9.76 13.86
C LYS F 345 14.98 -10.24 15.07
N LEU F 346 14.28 -10.75 16.08
CA LEU F 346 14.97 -11.28 17.25
C LEU F 346 15.74 -12.55 16.92
N ALA F 347 15.18 -13.39 16.04
CA ALA F 347 15.88 -14.61 15.63
C ALA F 347 17.17 -14.28 14.91
N GLU F 348 17.16 -13.29 14.02
CA GLU F 348 18.37 -12.91 13.30
C GLU F 348 19.45 -12.39 14.23
N MET F 349 19.09 -11.92 15.41
CA MET F 349 20.06 -11.36 16.35
C MET F 349 20.64 -12.42 17.29
N GLY F 350 20.32 -13.68 17.08
CA GLY F 350 20.78 -14.74 17.96
C GLY F 350 19.98 -14.90 19.23
N ILE F 351 18.91 -14.12 19.41
CA ILE F 351 18.07 -14.19 20.60
C ILE F 351 17.04 -15.30 20.35
N TYR F 352 17.28 -16.46 20.92
CA TYR F 352 16.27 -17.51 20.91
C TYR F 352 15.72 -17.72 22.32
N PRO F 353 14.43 -18.03 22.48
CA PRO F 353 13.43 -18.51 21.51
C PRO F 353 12.85 -17.47 20.55
N ALA F 354 13.44 -16.28 20.45
CA ALA F 354 12.93 -15.22 19.59
C ALA F 354 11.50 -14.83 19.96
N VAL F 355 11.21 -14.85 21.26
CA VAL F 355 9.90 -14.47 21.76
C VAL F 355 9.84 -12.95 21.87
N ASP F 356 8.81 -12.37 21.27
CA ASP F 356 8.62 -10.92 21.36
C ASP F 356 8.24 -10.56 22.80
N PRO F 357 9.07 -9.81 23.52
CA PRO F 357 8.78 -9.56 24.94
C PRO F 357 7.60 -8.65 25.17
N LEU F 358 7.13 -7.93 24.15
CA LEU F 358 6.04 -6.98 24.30
C LEU F 358 4.74 -7.49 23.69
N ALA F 359 4.75 -7.87 22.42
CA ALA F 359 3.52 -8.24 21.74
C ALA F 359 2.90 -9.54 22.25
N SER F 360 3.62 -10.30 23.07
CA SER F 360 3.12 -11.55 23.61
C SER F 360 2.60 -11.32 25.01
N THR F 361 1.30 -11.54 25.21
CA THR F 361 0.65 -11.32 26.49
C THR F 361 -0.29 -12.47 26.79
N SER F 362 -0.46 -12.75 28.08
CA SER F 362 -1.29 -13.87 28.54
C SER F 362 -2.26 -13.38 29.60
N ARG F 363 -3.42 -14.07 29.68
CA ARG F 363 -4.42 -13.71 30.68
C ARG F 363 -3.93 -13.95 32.10
N ALA F 364 -2.91 -14.79 32.29
CA ALA F 364 -2.46 -15.15 33.62
C ALA F 364 -1.60 -14.07 34.27
N LEU F 365 -1.13 -13.08 33.52
CA LEU F 365 -0.26 -12.05 34.09
C LEU F 365 -1.13 -11.07 34.86
N ALA F 366 -1.47 -11.45 36.09
CA ALA F 366 -2.26 -10.64 37.00
C ALA F 366 -1.62 -10.67 38.38
N PRO F 367 -1.75 -9.60 39.16
CA PRO F 367 -1.15 -9.60 40.50
C PRO F 367 -1.71 -10.67 41.42
N GLU F 368 -2.96 -11.08 41.22
CA GLU F 368 -3.57 -12.09 42.08
C GLU F 368 -3.33 -13.51 41.61
N ILE F 369 -2.78 -13.69 40.41
CA ILE F 369 -2.53 -15.02 39.87
C ILE F 369 -1.07 -15.42 40.00
N VAL F 370 -0.15 -14.51 39.66
CA VAL F 370 1.28 -14.79 39.72
C VAL F 370 1.96 -14.06 40.87
N GLY F 371 1.21 -13.31 41.67
CA GLY F 371 1.79 -12.57 42.78
C GLY F 371 2.15 -11.15 42.42
N GLU F 372 2.38 -10.34 43.45
CA GLU F 372 2.70 -8.94 43.23
C GLU F 372 4.13 -8.76 42.73
N GLU F 373 5.07 -9.53 43.28
CA GLU F 373 6.47 -9.39 42.87
C GLU F 373 6.66 -9.76 41.40
N HIS F 374 6.06 -10.87 40.98
CA HIS F 374 6.18 -11.31 39.60
C HIS F 374 5.55 -10.29 38.66
N TYR F 375 4.36 -9.81 38.99
CA TYR F 375 3.69 -8.82 38.14
C TYR F 375 4.51 -7.54 38.05
N GLN F 376 5.05 -7.08 39.18
CA GLN F 376 5.84 -5.86 39.19
C GLN F 376 7.09 -5.99 38.32
N VAL F 377 7.81 -7.10 38.47
CA VAL F 377 9.05 -7.25 37.71
C VAL F 377 8.76 -7.43 36.22
N ALA F 378 7.69 -8.18 35.88
CA ALA F 378 7.34 -8.35 34.48
C ALA F 378 6.95 -7.03 33.84
N ARG F 379 6.13 -6.24 34.53
CA ARG F 379 5.71 -4.95 33.98
C ARG F 379 6.88 -3.99 33.87
N LYS F 380 7.78 -3.98 34.85
CA LYS F 380 8.95 -3.11 34.77
C LYS F 380 9.86 -3.52 33.60
N VAL F 381 10.03 -4.83 33.39
CA VAL F 381 10.84 -5.29 32.27
C VAL F 381 10.21 -4.86 30.95
N GLN F 382 8.89 -5.03 30.82
CA GLN F 382 8.23 -4.64 29.58
C GLN F 382 8.31 -3.14 29.35
N GLN F 383 8.15 -2.34 30.41
CA GLN F 383 8.27 -0.89 30.27
C GLN F 383 9.67 -0.50 29.84
N THR F 384 10.69 -1.12 30.43
CA THR F 384 12.07 -0.82 30.05
C THR F 384 12.32 -1.17 28.58
N LEU F 385 11.83 -2.33 28.13
CA LEU F 385 12.05 -2.73 26.75
C LEU F 385 11.32 -1.82 25.77
N GLN F 386 10.09 -1.41 26.11
CA GLN F 386 9.37 -0.47 25.26
C GLN F 386 10.08 0.89 25.21
N ARG F 387 10.59 1.34 26.35
CA ARG F 387 11.33 2.60 26.38
C ARG F 387 12.58 2.50 25.51
N TYR F 388 13.28 1.37 25.56
CA TYR F 388 14.45 1.18 24.70
C TYR F 388 14.06 1.19 23.23
N LYS F 389 12.95 0.52 22.89
CA LYS F 389 12.50 0.50 21.50
C LYS F 389 12.20 1.91 21.02
N GLU F 390 11.56 2.73 21.85
CA GLU F 390 11.27 4.10 21.44
C GLU F 390 12.54 4.95 21.40
N LEU F 391 13.51 4.69 22.28
CA LEU F 391 14.75 5.44 22.28
C LEU F 391 15.65 5.07 21.11
N GLN F 392 15.40 3.92 20.46
CA GLN F 392 16.29 3.48 19.39
C GLN F 392 16.33 4.47 18.24
N ASP F 393 15.20 5.11 17.92
CA ASP F 393 15.19 6.08 16.82
C ASP F 393 16.01 7.31 17.16
N ILE F 394 15.90 7.80 18.40
CA ILE F 394 16.69 8.94 18.84
C ILE F 394 18.17 8.58 18.82
N ILE F 395 18.51 7.36 19.24
CA ILE F 395 19.90 6.93 19.20
C ILE F 395 20.41 6.88 17.77
N ALA F 396 19.58 6.40 16.85
CA ALA F 396 19.98 6.34 15.45
C ALA F 396 20.22 7.74 14.89
N ILE F 397 19.32 8.67 15.18
CA ILE F 397 19.41 10.00 14.60
C ILE F 397 20.44 10.85 15.35
N LEU F 398 20.21 11.10 16.63
CA LEU F 398 21.12 11.96 17.38
C LEU F 398 22.41 11.23 17.71
N GLY F 399 22.31 10.12 18.44
CA GLY F 399 23.47 9.35 18.83
C GLY F 399 23.27 8.78 20.21
N MET F 400 24.36 8.23 20.76
CA MET F 400 24.33 7.67 22.10
C MET F 400 24.72 8.69 23.15
N ASP F 401 25.68 9.56 22.83
CA ASP F 401 26.16 10.53 23.81
C ASP F 401 25.11 11.56 24.17
N GLU F 402 24.23 11.91 23.22
CA GLU F 402 23.22 12.92 23.47
C GLU F 402 22.12 12.44 24.42
N LEU F 403 22.08 11.15 24.74
CA LEU F 403 21.09 10.64 25.66
C LEU F 403 21.38 11.10 27.09
N SER F 404 20.32 11.23 27.88
CA SER F 404 20.48 11.57 29.28
C SER F 404 20.99 10.36 30.06
N ASP F 405 21.39 10.62 31.31
CA ASP F 405 21.91 9.55 32.14
C ASP F 405 20.86 8.49 32.43
N GLU F 406 19.62 8.92 32.69
CA GLU F 406 18.54 7.97 32.88
C GLU F 406 18.30 7.14 31.64
N ASP F 407 18.33 7.77 30.46
CA ASP F 407 18.16 7.02 29.22
C ASP F 407 19.34 6.10 28.97
N LYS F 408 20.56 6.51 29.35
CA LYS F 408 21.71 5.62 29.21
C LYS F 408 21.56 4.39 30.10
N LEU F 409 21.11 4.58 31.34
CA LEU F 409 20.86 3.44 32.21
C LEU F 409 19.76 2.56 31.65
N VAL F 410 18.72 3.17 31.08
CA VAL F 410 17.63 2.40 30.49
C VAL F 410 18.15 1.55 29.34
N VAL F 411 18.99 2.12 28.48
CA VAL F 411 19.52 1.36 27.35
C VAL F 411 20.42 0.23 27.85
N HIS F 412 21.26 0.52 28.84
CA HIS F 412 22.12 -0.51 29.43
C HIS F 412 21.30 -1.69 29.93
N ARG F 413 20.37 -1.41 30.85
CA ARG F 413 19.59 -2.49 31.45
C ARG F 413 18.67 -3.15 30.44
N ALA F 414 18.26 -2.43 29.39
CA ALA F 414 17.41 -3.02 28.37
C ALA F 414 18.17 -4.01 27.51
N ARG F 415 19.40 -3.66 27.13
CA ARG F 415 20.24 -4.63 26.43
C ARG F 415 20.50 -5.85 27.30
N ARG F 416 20.82 -5.62 28.59
CA ARG F 416 21.06 -6.74 29.50
C ARG F 416 19.83 -7.63 29.60
N ILE F 417 18.64 -7.04 29.74
CA ILE F 417 17.42 -7.82 29.88
C ILE F 417 17.12 -8.58 28.59
N GLN F 418 17.24 -7.91 27.45
CA GLN F 418 16.90 -8.54 26.18
C GLN F 418 17.81 -9.73 25.91
N PHE F 419 19.09 -9.61 26.26
CA PHE F 419 19.97 -10.77 26.15
C PHE F 419 19.61 -11.85 27.17
N PHE F 420 19.36 -11.45 28.42
CA PHE F 420 19.07 -12.39 29.49
C PHE F 420 17.74 -13.10 29.30
N LEU F 421 16.84 -12.56 28.48
CA LEU F 421 15.59 -13.25 28.20
C LEU F 421 15.80 -14.48 27.35
N SER F 422 16.96 -14.61 26.71
CA SER F 422 17.31 -15.80 25.95
C SER F 422 17.91 -16.85 26.88
N GLN F 423 17.74 -18.12 26.50
CA GLN F 423 18.29 -19.20 27.30
C GLN F 423 18.63 -20.37 26.39
N ASN F 424 19.65 -21.14 26.80
CA ASN F 424 20.05 -22.32 26.05
C ASN F 424 18.96 -23.39 26.14
N PHE F 425 18.61 -23.97 25.01
CA PHE F 425 17.54 -24.96 24.97
C PHE F 425 18.12 -26.37 25.11
N HIS F 426 17.30 -27.29 25.61
CA HIS F 426 17.67 -28.69 25.54
C HIS F 426 17.74 -29.16 24.09
N VAL F 427 16.66 -28.92 23.34
CA VAL F 427 16.62 -29.28 21.93
C VAL F 427 17.67 -28.54 21.11
N ALA F 428 18.29 -27.51 21.69
CA ALA F 428 19.37 -26.79 21.01
C ALA F 428 20.69 -27.55 21.03
N GLU F 429 20.76 -28.69 21.71
CA GLU F 429 22.00 -29.49 21.73
C GLU F 429 22.54 -29.68 20.31
N GLN F 430 21.75 -30.32 19.45
CA GLN F 430 22.19 -30.57 18.08
C GLN F 430 22.43 -29.29 17.30
N PHE F 431 21.88 -28.17 17.74
CA PHE F 431 22.13 -26.90 17.09
C PHE F 431 23.24 -26.10 17.76
N THR F 432 23.64 -26.46 18.97
CA THR F 432 24.64 -25.69 19.70
C THR F 432 25.74 -26.54 20.34
N GLY F 433 25.51 -27.82 20.60
CA GLY F 433 26.49 -28.60 21.33
C GLY F 433 26.53 -28.31 22.82
N GLN F 434 25.58 -27.53 23.32
CA GLN F 434 25.48 -27.09 24.70
C GLN F 434 24.27 -27.73 25.38
N PRO F 435 24.42 -28.20 26.61
CA PRO F 435 23.27 -28.76 27.33
C PRO F 435 22.24 -27.68 27.66
N GLY F 436 20.99 -28.10 27.75
CA GLY F 436 19.91 -27.20 28.04
C GLY F 436 19.85 -26.81 29.51
N SER F 437 18.90 -25.92 29.81
CA SER F 437 18.73 -25.42 31.16
C SER F 437 17.24 -25.37 31.50
N TYR F 438 16.95 -25.49 32.79
CA TYR F 438 15.59 -25.38 33.32
C TYR F 438 15.62 -24.34 34.43
N VAL F 439 14.88 -23.26 34.25
CA VAL F 439 14.90 -22.13 35.18
C VAL F 439 13.57 -22.10 35.92
N PRO F 440 13.56 -22.27 37.24
CA PRO F 440 12.31 -22.12 37.99
C PRO F 440 11.82 -20.68 37.95
N VAL F 441 10.51 -20.51 38.09
CA VAL F 441 9.91 -19.17 38.00
C VAL F 441 10.49 -18.27 39.08
N LYS F 442 10.72 -18.81 40.27
CA LYS F 442 11.34 -18.02 41.33
C LYS F 442 12.72 -17.53 40.90
N GLU F 443 13.51 -18.39 40.28
CA GLU F 443 14.83 -17.98 39.82
C GLU F 443 14.73 -16.91 38.74
N THR F 444 13.78 -17.06 37.81
CA THR F 444 13.60 -16.05 36.77
C THR F 444 13.26 -14.70 37.36
N VAL F 445 12.28 -14.67 38.28
CA VAL F 445 11.85 -13.42 38.87
C VAL F 445 12.97 -12.79 39.69
N ARG F 446 13.69 -13.61 40.47
CA ARG F 446 14.80 -13.08 41.26
C ARG F 446 15.89 -12.51 40.35
N GLY F 447 16.22 -13.22 39.28
CA GLY F 447 17.25 -12.74 38.37
C GLY F 447 16.87 -11.43 37.72
N PHE F 448 15.63 -11.31 37.25
CA PHE F 448 15.23 -10.07 36.58
C PHE F 448 15.09 -8.92 37.57
N LYS F 449 14.63 -9.21 38.79
CA LYS F 449 14.57 -8.17 39.82
C LYS F 449 15.96 -7.68 40.16
N GLU F 450 16.95 -8.57 40.17
CA GLU F 450 18.32 -8.16 40.44
C GLU F 450 18.92 -7.42 39.25
N ILE F 451 18.56 -7.80 38.03
CA ILE F 451 19.04 -7.08 36.84
C ILE F 451 18.53 -5.66 36.84
N LEU F 452 17.24 -5.48 37.11
CA LEU F 452 16.67 -4.14 37.13
C LEU F 452 17.24 -3.29 38.26
N GLU F 453 17.53 -3.91 39.41
CA GLU F 453 18.10 -3.17 40.54
C GLU F 453 19.49 -2.61 40.24
N GLY F 454 20.21 -3.22 39.31
CA GLY F 454 21.58 -2.83 39.02
C GLY F 454 22.64 -3.69 39.67
N LYS F 455 22.26 -4.84 40.23
CA LYS F 455 23.22 -5.73 40.87
C LYS F 455 24.23 -6.26 39.88
N TYR F 456 23.83 -6.42 38.62
CA TYR F 456 24.73 -6.99 37.61
C TYR F 456 24.93 -6.01 36.47
N ASP F 457 25.22 -4.74 36.82
CA ASP F 457 25.48 -3.73 35.82
C ASP F 457 26.83 -3.94 35.14
N HIS F 458 27.86 -4.31 35.90
CA HIS F 458 29.22 -4.34 35.39
C HIS F 458 29.49 -5.52 34.46
N LEU F 459 28.65 -6.55 34.49
CA LEU F 459 28.92 -7.73 33.67
C LEU F 459 28.70 -7.41 32.20
N PRO F 460 29.61 -7.81 31.31
CA PRO F 460 29.42 -7.54 29.89
C PRO F 460 28.17 -8.21 29.36
N GLU F 461 27.53 -7.55 28.39
CA GLU F 461 26.26 -8.04 27.87
C GLU F 461 26.39 -9.40 27.21
N ASP F 462 27.58 -9.71 26.67
CA ASP F 462 27.78 -10.99 26.01
C ASP F 462 27.50 -12.16 26.93
N ALA F 463 27.76 -12.01 28.22
CA ALA F 463 27.53 -13.08 29.19
C ALA F 463 26.06 -13.41 29.37
N PHE F 464 25.15 -12.57 28.88
CA PHE F 464 23.72 -12.76 29.14
C PHE F 464 23.03 -13.57 28.07
N ARG F 465 23.73 -14.02 27.04
CA ARG F 465 23.11 -14.72 25.92
C ARG F 465 23.20 -16.23 26.12
N LEU F 466 22.09 -16.92 25.87
CA LEU F 466 22.02 -18.38 25.92
C LEU F 466 22.55 -18.90 27.25
N VAL F 467 21.84 -18.52 28.32
CA VAL F 467 22.27 -18.76 29.68
C VAL F 467 21.10 -19.32 30.47
N GLY F 468 21.40 -19.93 31.60
CA GLY F 468 20.36 -20.46 32.46
C GLY F 468 19.94 -19.48 33.54
N ARG F 469 20.22 -19.81 34.79
CA ARG F 469 19.93 -18.91 35.89
C ARG F 469 20.92 -17.75 35.88
N ILE F 470 20.69 -16.79 36.79
CA ILE F 470 21.50 -15.57 36.79
C ILE F 470 22.93 -15.85 37.22
N GLU F 471 23.16 -16.84 38.08
CA GLU F 471 24.52 -17.19 38.46
C GLU F 471 25.30 -17.78 37.28
N GLU F 472 24.60 -18.42 36.34
CA GLU F 472 25.27 -18.89 35.13
C GLU F 472 25.81 -17.71 34.33
N VAL F 473 25.22 -16.53 34.47
CA VAL F 473 25.74 -15.34 33.80
C VAL F 473 27.11 -14.98 34.35
N VAL F 474 27.25 -14.95 35.67
CA VAL F 474 28.56 -14.61 36.23
C VAL F 474 29.55 -15.74 35.94
N GLU F 475 29.08 -16.99 35.90
CA GLU F 475 29.97 -18.09 35.53
C GLU F 475 30.50 -17.93 34.11
N LYS F 476 29.63 -17.54 33.18
CA LYS F 476 30.08 -17.24 31.82
C LYS F 476 31.04 -16.06 31.81
N ALA F 477 30.79 -15.06 32.67
CA ALA F 477 31.67 -13.89 32.73
C ALA F 477 33.07 -14.26 33.20
N LYS F 478 33.18 -15.24 34.11
CA LYS F 478 34.52 -15.68 34.51
C LYS F 478 35.32 -16.21 33.33
N ALA F 479 34.65 -16.68 32.28
CA ALA F 479 35.32 -17.17 31.09
C ALA F 479 35.88 -16.05 30.22
N MET F 480 35.71 -14.79 30.62
CA MET F 480 36.27 -13.67 29.89
C MET F 480 37.15 -12.82 30.79
N ILE G 3 3.29 3.24 10.99
CA ILE G 3 4.45 3.67 10.23
C ILE G 3 4.32 5.14 9.86
N LYS G 4 3.08 5.57 9.59
CA LYS G 4 2.85 6.97 9.24
C LYS G 4 3.23 7.89 10.39
N THR G 5 2.87 7.51 11.62
CA THR G 5 3.28 8.31 12.78
C THR G 5 4.80 8.31 12.92
N ARG G 6 5.45 7.18 12.65
CA ARG G 6 6.89 7.10 12.77
C ARG G 6 7.59 8.00 11.76
N ILE G 7 7.16 7.94 10.50
CA ILE G 7 7.79 8.77 9.48
C ILE G 7 7.51 10.24 9.74
N ASN G 8 6.31 10.57 10.21
CA ASN G 8 6.00 11.96 10.52
C ASN G 8 6.85 12.48 11.67
N ALA G 9 7.03 11.68 12.72
CA ALA G 9 7.86 12.10 13.84
C ALA G 9 9.30 12.27 13.43
N THR G 10 9.82 11.35 12.59
CA THR G 10 11.19 11.49 12.12
C THR G 10 11.35 12.72 11.23
N LYS G 11 10.36 13.01 10.39
CA LYS G 11 10.41 14.21 9.56
C LYS G 11 10.39 15.48 10.42
N LYS G 12 9.57 15.50 11.46
CA LYS G 12 9.55 16.64 12.36
C LYS G 12 10.88 16.81 13.07
N THR G 13 11.48 15.69 13.50
CA THR G 13 12.80 15.75 14.13
C THR G 13 13.85 16.27 13.15
N SER G 14 13.75 15.86 11.89
CA SER G 14 14.66 16.37 10.87
C SER G 14 14.51 17.87 10.69
N GLN G 15 13.26 18.36 10.69
CA GLN G 15 13.04 19.80 10.56
C GLN G 15 13.60 20.54 11.77
N ILE G 16 13.43 19.98 12.97
CA ILE G 16 13.99 20.60 14.17
C ILE G 16 15.51 20.67 14.08
N THR G 17 16.13 19.58 13.62
CA THR G 17 17.58 19.58 13.46
C THR G 17 18.03 20.59 12.41
N LYS G 18 17.26 20.73 11.33
CA LYS G 18 17.59 21.72 10.30
C LYS G 18 17.55 23.13 10.89
N ALA G 19 16.51 23.44 11.66
CA ALA G 19 16.44 24.74 12.29
C ALA G 19 17.60 24.96 13.25
N MET G 20 17.95 23.93 14.04
CA MET G 20 19.05 24.04 14.97
C MET G 20 20.37 24.29 14.26
N GLU G 21 20.60 23.60 13.15
CA GLU G 21 21.88 23.76 12.45
C GLU G 21 21.95 25.09 11.71
N MET G 22 20.83 25.59 11.20
CA MET G 22 20.85 26.94 10.63
C MET G 22 21.16 27.99 11.69
N VAL G 23 20.52 27.87 12.86
CA VAL G 23 20.82 28.79 13.96
C VAL G 23 22.28 28.67 14.35
N SER G 24 22.80 27.45 14.38
CA SER G 24 24.20 27.23 14.73
C SER G 24 25.13 27.87 13.71
N THR G 25 24.79 27.78 12.43
CA THR G 25 25.60 28.41 11.39
C THR G 25 25.65 29.93 11.58
N SER G 26 24.47 30.54 11.82
CA SER G 26 24.44 31.97 12.02
C SER G 26 25.23 32.39 13.25
N LYS G 27 25.07 31.65 14.35
CA LYS G 27 25.79 31.97 15.57
C LYS G 27 27.30 31.75 15.41
N LEU G 28 27.71 30.74 14.63
CA LEU G 28 29.13 30.55 14.37
C LEU G 28 29.69 31.71 13.54
N ASN G 29 28.93 32.17 12.56
CA ASN G 29 29.37 33.35 11.79
C ASN G 29 29.60 34.53 12.72
N ARG G 30 28.61 34.83 13.58
CA ARG G 30 28.80 35.93 14.52
C ARG G 30 29.99 35.69 15.43
N ALA G 31 30.15 34.47 15.92
CA ALA G 31 31.20 34.16 16.88
C ALA G 31 32.59 34.32 16.28
N GLU G 32 32.80 33.78 15.07
CA GLU G 32 34.14 33.88 14.51
C GLU G 32 34.40 35.28 13.96
N GLN G 33 33.35 36.02 13.58
CA GLN G 33 33.54 37.44 13.28
C GLN G 33 34.05 38.18 14.51
N ASN G 34 33.43 37.93 15.67
CA ASN G 34 33.90 38.56 16.90
C ASN G 34 35.33 38.12 17.23
N ALA G 35 35.62 36.83 17.05
CA ALA G 35 36.95 36.32 17.36
C ALA G 35 38.01 36.98 16.49
N LYS G 36 37.77 37.03 15.18
CA LYS G 36 38.73 37.66 14.28
C LYS G 36 38.80 39.17 14.48
N SER G 37 37.74 39.78 15.02
CA SER G 37 37.86 41.15 15.50
C SER G 37 38.86 41.23 16.64
N PHE G 38 38.75 40.31 17.60
CA PHE G 38 39.75 40.25 18.67
C PHE G 38 41.09 39.74 18.14
N VAL G 39 41.05 38.80 17.21
CA VAL G 39 42.26 38.24 16.63
C VAL G 39 42.50 38.81 15.24
N TYR G 74 43.69 24.29 38.03
CA TYR G 74 43.15 23.81 36.76
C TYR G 74 41.95 24.63 36.30
N LEU G 75 41.76 24.70 34.99
CA LEU G 75 40.63 25.41 34.40
C LEU G 75 40.15 24.63 33.18
N VAL G 76 38.82 24.50 33.07
CA VAL G 76 38.19 23.78 31.97
C VAL G 76 37.07 24.64 31.41
N ILE G 77 37.07 24.85 30.10
CA ILE G 77 36.06 25.66 29.44
C ILE G 77 35.15 24.73 28.64
N THR G 78 33.88 24.68 29.01
CA THR G 78 32.91 23.82 28.37
C THR G 78 31.60 24.57 28.19
N SER G 79 30.77 24.05 27.29
CA SER G 79 29.52 24.71 26.94
C SER G 79 28.46 24.51 28.01
N ASP G 80 27.41 25.33 27.94
CA ASP G 80 26.24 25.12 28.78
C ASP G 80 25.31 24.08 28.18
N ARG G 81 24.83 24.34 26.97
CA ARG G 81 23.93 23.43 26.29
C ARG G 81 24.74 22.36 25.54
N GLY G 82 24.17 21.17 25.45
CA GLY G 82 24.82 20.08 24.76
C GLY G 82 24.61 20.11 23.26
N LEU G 83 24.24 18.98 22.69
CA LEU G 83 23.96 18.81 21.26
C LEU G 83 25.16 19.12 20.37
N ALA G 84 26.35 19.25 20.96
CA ALA G 84 27.56 19.57 20.21
C ALA G 84 28.35 18.33 19.81
N GLY G 85 27.69 17.19 19.70
CA GLY G 85 28.39 15.97 19.34
C GLY G 85 29.44 15.62 20.37
N ALA G 86 30.66 15.38 19.90
CA ALA G 86 31.78 15.03 20.77
C ALA G 86 32.58 16.24 21.21
N TYR G 87 32.03 17.44 21.05
CA TYR G 87 32.74 18.66 21.48
C TYR G 87 33.05 18.62 22.96
N ASN G 88 32.04 18.30 23.78
CA ASN G 88 32.25 18.24 25.22
C ASN G 88 32.96 16.95 25.63
N SER G 89 32.63 15.85 24.96
CA SER G 89 33.14 14.54 25.37
C SER G 89 34.66 14.48 25.29
N ASN G 90 35.24 15.01 24.21
CA ASN G 90 36.68 14.97 24.04
C ASN G 90 37.39 15.70 25.18
N VAL G 91 36.94 16.91 25.49
CA VAL G 91 37.58 17.70 26.53
C VAL G 91 37.40 17.01 27.88
N LEU G 92 36.21 16.49 28.16
CA LEU G 92 35.98 15.87 29.46
C LEU G 92 36.84 14.62 29.64
N ARG G 93 36.89 13.75 28.62
CA ARG G 93 37.70 12.55 28.76
C ARG G 93 39.19 12.90 28.87
N LEU G 94 39.67 13.87 28.08
CA LEU G 94 41.08 14.21 28.14
C LEU G 94 41.44 14.83 29.48
N VAL G 95 40.60 15.70 30.02
CA VAL G 95 40.89 16.29 31.32
C VAL G 95 40.80 15.23 32.41
N TYR G 96 39.91 14.25 32.26
CA TYR G 96 39.87 13.14 33.22
C TYR G 96 41.19 12.39 33.22
N GLN G 97 41.69 12.04 32.03
CA GLN G 97 42.96 11.31 31.97
C GLN G 97 44.11 12.14 32.53
N THR G 98 44.15 13.43 32.19
CA THR G 98 45.26 14.26 32.63
C THR G 98 45.21 14.52 34.13
N ILE G 99 44.01 14.62 34.71
CA ILE G 99 43.91 14.79 36.16
C ILE G 99 44.28 13.49 36.87
N GLN G 100 43.83 12.35 36.35
CA GLN G 100 44.13 11.08 36.98
C GLN G 100 45.61 10.75 36.90
N LYS G 101 46.30 11.17 35.83
CA LYS G 101 47.71 10.87 35.71
C LYS G 101 48.59 11.92 36.39
N ARG G 102 48.41 13.19 36.05
CA ARG G 102 49.28 14.24 36.57
C ARG G 102 48.92 14.61 38.00
N HIS G 103 47.64 14.86 38.26
CA HIS G 103 47.18 15.28 39.59
C HIS G 103 46.87 14.11 40.50
N ALA G 104 46.92 12.88 39.99
CA ALA G 104 46.67 11.68 40.79
C ALA G 104 45.34 11.73 41.53
N ARG G 116 24.59 23.27 31.58
CA ARG G 116 25.37 22.86 32.75
C ARG G 116 26.11 21.55 32.48
N VAL G 117 26.44 21.31 31.21
CA VAL G 117 27.06 20.04 30.83
C VAL G 117 28.52 19.94 31.25
N GLY G 118 29.12 21.03 31.72
CA GLY G 118 30.49 20.99 32.18
C GLY G 118 30.60 20.58 33.63
N LEU G 119 29.85 21.25 34.50
CA LEU G 119 29.90 20.95 35.93
C LEU G 119 29.15 19.67 36.26
N SER G 120 28.18 19.28 35.44
CA SER G 120 27.46 18.03 35.69
C SER G 120 28.40 16.83 35.59
N PHE G 121 29.35 16.89 34.65
CA PHE G 121 30.32 15.80 34.53
C PHE G 121 31.14 15.66 35.80
N PHE G 122 31.63 16.78 36.34
CA PHE G 122 32.45 16.73 37.55
C PHE G 122 31.61 16.27 38.74
N ARG G 123 30.38 16.75 38.86
CA ARG G 123 29.52 16.33 39.96
C ARG G 123 29.26 14.83 39.90
N LYS G 124 28.96 14.31 38.70
CA LYS G 124 28.81 12.87 38.52
C LYS G 124 30.14 12.14 38.71
N ARG G 125 31.27 12.82 38.51
CA ARG G 125 32.56 12.28 38.87
C ARG G 125 32.87 12.47 40.35
N ASN G 126 32.06 13.24 41.07
CA ASN G 126 32.23 13.49 42.50
C ASN G 126 33.61 14.07 42.79
N MET G 127 33.82 15.29 42.28
CA MET G 127 35.07 16.00 42.43
C MET G 127 34.81 17.40 42.96
N PRO G 128 35.77 17.98 43.68
CA PRO G 128 35.62 19.35 44.16
C PRO G 128 36.22 20.41 43.24
N VAL G 129 35.48 21.50 43.07
CA VAL G 129 35.90 22.61 42.23
C VAL G 129 35.78 23.90 43.03
N ILE G 130 36.54 24.91 42.61
CA ILE G 130 36.62 26.16 43.36
C ILE G 130 35.65 27.17 42.79
N LEU G 131 35.73 27.44 41.49
CA LEU G 131 34.96 28.50 40.85
C LEU G 131 34.17 27.97 39.68
N ASP G 132 32.92 28.41 39.56
CA ASP G 132 32.05 28.06 38.45
C ASP G 132 31.43 29.31 37.86
N ILE G 133 31.37 29.37 36.53
CA ILE G 133 30.81 30.50 35.80
C ILE G 133 29.77 29.96 34.83
N THR G 134 29.07 28.91 35.26
CA THR G 134 28.24 28.06 34.40
C THR G 134 27.49 28.83 33.31
N ARG G 135 26.62 29.75 33.71
CA ARG G 135 25.85 30.54 32.75
C ARG G 135 26.70 31.69 32.24
N LEU G 136 26.82 31.80 30.91
CA LEU G 136 27.72 32.77 30.32
C LEU G 136 27.14 33.31 29.03
N PRO G 137 27.25 34.62 28.78
CA PRO G 137 26.70 35.18 27.54
C PRO G 137 27.45 34.69 26.31
N ASP G 138 26.73 34.68 25.19
CA ASP G 138 27.37 34.30 23.92
C ASP G 138 28.48 35.27 23.55
N GLN G 139 28.24 36.56 23.73
CA GLN G 139 29.24 37.60 23.46
C GLN G 139 29.62 38.27 24.78
N PRO G 140 30.72 37.86 25.41
CA PRO G 140 31.02 38.38 26.74
C PRO G 140 31.79 39.68 26.72
N SER G 141 31.32 40.67 27.47
CA SER G 141 32.08 41.89 27.68
C SER G 141 33.31 41.59 28.51
N PHE G 142 34.33 42.46 28.40
CA PHE G 142 35.57 42.20 29.12
C PHE G 142 35.33 42.23 30.62
N ALA G 143 34.45 43.12 31.09
CA ALA G 143 34.13 43.16 32.52
C ALA G 143 33.37 41.93 32.98
N ASP G 144 32.65 41.26 32.06
CA ASP G 144 31.84 40.11 32.42
C ASP G 144 32.70 38.99 32.99
N ILE G 145 33.74 38.58 32.25
CA ILE G 145 34.62 37.51 32.69
C ILE G 145 35.89 38.05 33.35
N LYS G 146 36.03 39.38 33.41
CA LYS G 146 37.18 39.98 34.08
C LYS G 146 37.24 39.57 35.55
N GLU G 147 36.10 39.62 36.25
CA GLU G 147 36.10 39.25 37.67
C GLU G 147 36.44 37.78 37.86
N ILE G 148 35.90 36.92 36.98
CA ILE G 148 36.20 35.49 37.07
C ILE G 148 37.69 35.25 36.87
N ALA G 149 38.28 35.94 35.89
CA ALA G 149 39.72 35.82 35.66
C ALA G 149 40.51 36.31 36.86
N ARG G 150 40.05 37.40 37.48
CA ARG G 150 40.75 37.94 38.65
C ARG G 150 40.74 36.94 39.80
N LYS G 151 39.59 36.32 40.07
CA LYS G 151 39.54 35.37 41.17
C LYS G 151 40.31 34.08 40.84
N THR G 152 40.31 33.65 39.58
CA THR G 152 41.07 32.47 39.21
C THR G 152 42.57 32.72 39.33
N VAL G 153 43.03 33.90 38.91
CA VAL G 153 44.45 34.21 38.91
C VAL G 153 44.98 34.62 40.27
N GLY G 154 44.09 34.86 41.24
CA GLY G 154 44.52 35.24 42.57
C GLY G 154 45.07 34.09 43.39
N TYR G 165 47.48 26.36 33.46
CA TYR G 165 46.74 25.10 33.48
C TYR G 165 45.26 25.30 33.15
N MET G 166 44.98 25.55 31.88
CA MET G 166 43.63 25.59 31.35
C MET G 166 43.56 24.74 30.09
N TYR G 167 42.40 24.11 29.90
CA TYR G 167 42.17 23.17 28.81
C TYR G 167 40.97 23.66 28.02
N TYR G 168 41.11 23.74 26.70
CA TYR G 168 39.99 24.27 25.92
C TYR G 168 40.11 23.82 24.47
N ASN G 169 38.98 23.86 23.78
CA ASN G 169 38.98 23.53 22.36
C ASN G 169 39.55 24.67 21.54
N HIS G 170 40.09 24.32 20.37
CA HIS G 170 40.67 25.26 19.43
C HIS G 170 40.05 25.00 18.07
N TYR G 171 39.83 26.10 17.33
CA TYR G 171 38.96 26.09 16.17
C TYR G 171 39.76 25.79 14.90
N VAL G 172 39.44 24.67 14.27
CA VAL G 172 39.75 24.42 12.86
C VAL G 172 38.47 23.90 12.23
N SER G 173 38.01 24.55 11.16
CA SER G 173 36.69 24.29 10.63
C SER G 173 36.59 22.88 10.06
N ALA G 174 35.36 22.49 9.72
CA ALA G 174 35.04 21.21 9.09
C ALA G 174 35.45 20.04 9.98
N ILE G 175 34.86 20.01 11.18
CA ILE G 175 35.01 18.91 12.14
C ILE G 175 36.48 18.72 12.50
N GLN G 176 37.23 19.80 12.65
CA GLN G 176 38.66 19.71 12.95
C GLN G 176 39.04 20.46 14.22
N GLN G 177 38.09 20.71 15.12
CA GLN G 177 38.40 21.36 16.38
C GLN G 177 39.14 20.40 17.31
N GLU G 178 40.17 20.91 17.99
CA GLU G 178 41.05 20.02 18.76
C GLU G 178 41.32 20.60 20.14
N VAL G 179 41.50 19.70 21.12
CA VAL G 179 41.74 20.13 22.49
C VAL G 179 43.15 20.70 22.63
N THR G 180 43.31 21.62 23.58
CA THR G 180 44.57 22.31 23.78
C THR G 180 44.78 22.61 25.26
N GLU G 181 46.06 22.74 25.62
CA GLU G 181 46.55 22.95 26.98
C GLU G 181 47.30 24.28 27.08
N ARG G 182 47.30 24.86 28.29
CA ARG G 182 48.22 25.95 28.56
C ARG G 182 48.52 26.04 30.06
N LYS G 183 49.81 25.99 30.40
CA LYS G 183 50.29 26.25 31.76
C LYS G 183 50.75 27.70 31.85
N LEU G 184 50.28 28.41 32.88
CA LEU G 184 50.56 29.82 33.04
C LEU G 184 51.42 30.12 34.25
N LEU G 185 51.00 29.69 35.43
CA LEU G 185 51.75 29.95 36.66
C LEU G 185 52.13 28.64 37.35
N TYR G 223 47.79 40.75 30.69
CA TYR G 223 48.51 39.48 30.85
C TYR G 223 47.57 38.29 30.76
N ALA G 224 47.64 37.38 31.74
CA ALA G 224 46.97 36.09 31.65
C ALA G 224 45.48 36.21 31.34
N GLU G 225 44.83 37.27 31.86
CA GLU G 225 43.41 37.43 31.61
C GLU G 225 43.11 37.54 30.13
N SER G 226 44.00 38.18 29.37
CA SER G 226 43.83 38.27 27.93
C SER G 226 43.88 36.89 27.27
N LEU G 227 44.80 36.03 27.73
CA LEU G 227 44.88 34.69 27.16
C LEU G 227 43.65 33.86 27.54
N ILE G 228 43.12 34.03 28.75
CA ILE G 228 41.87 33.37 29.09
C ILE G 228 40.74 33.87 28.21
N TYR G 229 40.72 35.17 27.91
CA TYR G 229 39.69 35.68 26.99
C TYR G 229 39.83 35.07 25.61
N GLY G 230 41.06 35.00 25.10
CA GLY G 230 41.27 34.38 23.80
C GLY G 230 40.84 32.93 23.79
N ALA G 231 41.16 32.20 24.86
CA ALA G 231 40.74 30.80 24.98
C ALA G 231 39.23 30.69 25.01
N LEU G 232 38.56 31.57 25.75
CA LEU G 232 37.11 31.50 25.85
C LEU G 232 36.45 31.80 24.50
N LEU G 233 36.95 32.82 23.80
CA LEU G 233 36.38 33.12 22.48
C LEU G 233 36.63 31.97 21.50
N ASP G 234 37.83 31.40 21.53
CA ASP G 234 38.11 30.23 20.70
C ASP G 234 37.17 29.09 21.05
N ALA G 235 36.92 28.87 22.33
CA ALA G 235 36.04 27.81 22.77
C ALA G 235 34.61 28.03 22.30
N LYS G 236 34.13 29.27 22.37
CA LYS G 236 32.77 29.55 21.91
C LYS G 236 32.65 29.32 20.40
N ALA G 237 33.64 29.79 19.63
CA ALA G 237 33.61 29.57 18.19
C ALA G 237 33.65 28.08 17.86
N SER G 238 34.52 27.34 18.53
CA SER G 238 34.63 25.91 18.28
C SER G 238 33.34 25.19 18.69
N GLU G 239 32.72 25.63 19.79
CA GLU G 239 31.46 25.03 20.21
C GLU G 239 30.37 25.25 19.18
N HIS G 240 30.26 26.48 18.65
CA HIS G 240 29.24 26.73 17.63
C HIS G 240 29.49 25.91 16.38
N ALA G 241 30.76 25.83 15.95
CA ALA G 241 31.08 25.03 14.78
C ALA G 241 30.78 23.56 15.02
N ALA G 242 31.12 23.05 16.20
CA ALA G 242 30.87 21.65 16.52
C ALA G 242 29.39 21.35 16.57
N ARG G 243 28.59 22.26 17.13
CA ARG G 243 27.15 22.05 17.15
C ARG G 243 26.58 22.05 15.74
N MET G 244 27.07 22.94 14.88
CA MET G 244 26.60 22.93 13.50
C MET G 244 26.93 21.61 12.81
N THR G 245 28.17 21.14 12.96
CA THR G 245 28.57 19.91 12.31
C THR G 245 27.77 18.72 12.83
N ALA G 246 27.62 18.63 14.16
CA ALA G 246 26.90 17.51 14.75
C ALA G 246 25.43 17.54 14.36
N MET G 247 24.84 18.74 14.31
CA MET G 247 23.42 18.84 13.97
C MET G 247 23.19 18.54 12.50
N LYS G 248 24.13 18.93 11.63
CA LYS G 248 24.04 18.55 10.23
C LYS G 248 24.17 17.04 10.07
N ASN G 249 25.07 16.42 10.84
CA ASN G 249 25.18 14.96 10.82
C ASN G 249 23.88 14.31 11.27
N ALA G 250 23.26 14.85 12.33
CA ALA G 250 21.98 14.34 12.78
C ALA G 250 20.90 14.50 11.71
N THR G 251 20.94 15.62 10.98
CA THR G 251 19.98 15.83 9.91
C THR G 251 20.14 14.80 8.79
N ASP G 252 21.39 14.51 8.42
CA ASP G 252 21.63 13.46 7.42
C ASP G 252 21.23 12.09 7.94
N ASN G 253 21.45 11.80 9.22
CA ASN G 253 21.00 10.53 9.77
C ASN G 253 19.49 10.40 9.72
N ALA G 254 18.77 11.47 10.07
CA ALA G 254 17.32 11.46 10.00
C ALA G 254 16.85 11.32 8.56
N ASN G 255 17.54 11.98 7.62
CA ASN G 255 17.15 11.87 6.22
C ASN G 255 17.41 10.48 5.68
N GLU G 256 18.49 9.83 6.12
CA GLU G 256 18.73 8.44 5.75
C GLU G 256 17.64 7.54 6.29
N LEU G 257 17.23 7.76 7.55
CA LEU G 257 16.17 6.96 8.13
C LEU G 257 14.85 7.14 7.37
N ILE G 258 14.53 8.39 7.02
CA ILE G 258 13.31 8.65 6.27
C ILE G 258 13.39 8.13 4.84
N ARG G 259 14.60 8.01 4.28
CA ARG G 259 14.74 7.42 2.96
C ARG G 259 14.56 5.91 3.02
N THR G 260 15.11 5.27 4.05
CA THR G 260 14.92 3.83 4.22
C THR G 260 13.44 3.51 4.44
N LEU G 261 12.75 4.32 5.24
CA LEU G 261 11.33 4.12 5.50
C LEU G 261 10.50 4.58 4.31
#